data_7DNK
#
_entry.id   7DNK
#
loop_
_entity.id
_entity.type
_entity.pdbx_description
1 polymer 'The light chain of 5G9 Fab fragment'
2 polymer 'The heavy chain of 5G9 Fab fragment'
3 polymer 'Major capsid protein L1'
#
loop_
_entity_poly.entity_id
_entity_poly.type
_entity_poly.pdbx_seq_one_letter_code
_entity_poly.pdbx_strand_id
1 'polypeptide(L)'
;DVQITQSPSYLAASPGETITINCRASKSINKYLAWYQEKPGTTNKLLIYSGSTLQSGIPSRFSGRGSGTDFTLTISSLEP
EDLAVYYCQQYNEYPWTFGGGTKLEIKRADAAPTVSIFPPSSEQLTSGGASVVCFLNNFYPKDINVKWKIDGSERQNGVL
NSWTDQDSKDSTYSMSSTLTLTKDEYERHNSYTCEATHKTSTSPIVKSFNRNEC
;
L
2 'polypeptide(L)'
;EVMLVESGGGLVKPGGSLKLSCVASGFTFSDYAMSWGRQTPEKRLEWVATISSGGVSTYHPDSVKGRFTMSRDNAKNTLY
LQMSSLRSEDTAKYYCARGGGRYAMDYWGQGTSVTVSAKTTPPSVYPLAPGCGDTTGSSVTSGCLVKGYFPEPVTVTWNS
GSLSSSVHTFPALLQSGLYTMSSSVTVPSSTWPSQTVTCSVAHPASSTTVDKKL
;
H
3 'polypeptide(L)'
;MVLILCCTLAILFCVADVNVFHIFLQMSVWRPSEATVYLPPVPVSKVVSTDEYVSRTSIYYYAGSSRLLAVGNPYFSIKS
PNNNKKVLVPKVSGLQYRVFRVRLPDPNKFGFPDTSFYNPDTQRLVWACVGLEIGRGQPLGVGVSGHPYLNKFDDTETSN
RYPAQPGSDNRECLSMDYKQTQLCLIGCKPPTGEHWGKGVACNNNAAATDCPPLELFNSIIEDGDMVDTGFGCMDFGTLQ
ANKSDVPIDICNSTCKYPDYLKMASEPYGDSLFFFLRREQMFVRHFFNRAGKLGEAVPDDLYIKGSGNTAVIQSSAFFPT
PSGSIVTSESQLFNKPYWLQRAQGHNNGICWGNQLFVTVVDTTRSTNMTLCTEVTKEGTYKNDNFKEYVRHVEEYDLQFV
FQLCKITLTAEIMTYIHTMDSNILEDWQFGLTPPPSASLQDTYRFVTSQAITCQKTAPPKEKEDPLNKYTFWEVNLKEKF
SADLDQFPLGRKFLLQSGLKAKPRLKRSAPTTRAPSTKRKKVKK
;
B,A,C,D,E
#
# COMPACT_ATOMS: atom_id res chain seq x y z
N ASP A 1 30.48 -30.17 -31.45
CA ASP A 1 30.41 -29.28 -30.30
C ASP A 1 31.66 -28.44 -30.18
N VAL A 2 31.71 -27.56 -29.18
CA VAL A 2 32.95 -26.88 -28.84
C VAL A 2 33.80 -27.87 -28.05
N GLN A 3 34.94 -28.26 -28.60
CA GLN A 3 35.79 -29.27 -28.00
C GLN A 3 37.12 -28.65 -27.59
N ILE A 4 37.16 -28.07 -26.39
CA ILE A 4 38.35 -27.42 -25.87
C ILE A 4 39.07 -28.39 -24.95
N THR A 5 40.40 -28.32 -24.97
CA THR A 5 41.25 -29.25 -24.25
C THR A 5 42.26 -28.41 -23.46
N GLN A 6 42.70 -28.93 -22.31
CA GLN A 6 43.51 -28.16 -21.36
C GLN A 6 44.93 -28.71 -21.31
N SER A 7 45.90 -27.84 -21.58
CA SER A 7 47.29 -28.23 -21.71
C SER A 7 48.18 -27.13 -21.13
N PRO A 8 49.27 -27.48 -20.43
CA PRO A 8 49.70 -28.83 -20.03
C PRO A 8 48.90 -29.37 -18.85
N SER A 9 48.67 -30.68 -18.82
CA SER A 9 47.70 -31.23 -17.88
C SER A 9 48.27 -31.38 -16.48
N TYR A 10 49.57 -31.23 -16.31
CA TYR A 10 50.19 -31.42 -15.00
C TYR A 10 51.19 -30.31 -14.73
N LEU A 11 51.17 -29.80 -13.49
CA LEU A 11 52.14 -28.80 -13.06
C LEU A 11 52.74 -29.21 -11.72
N ALA A 12 54.03 -29.53 -11.76
CA ALA A 12 54.86 -29.59 -10.57
C ALA A 12 55.64 -28.29 -10.47
N ALA A 13 55.59 -27.66 -9.29
CA ALA A 13 56.18 -26.33 -9.17
C ALA A 13 56.64 -26.10 -7.75
N SER A 14 57.54 -25.13 -7.60
CA SER A 14 57.86 -24.58 -6.29
C SER A 14 57.33 -23.17 -6.28
N PRO A 15 56.76 -22.71 -5.15
CA PRO A 15 56.07 -21.41 -5.14
C PRO A 15 57.04 -20.24 -5.23
N GLY A 16 56.47 -19.05 -5.47
CA GLY A 16 57.25 -17.87 -5.75
C GLY A 16 57.62 -17.69 -7.21
N GLU A 17 57.74 -18.78 -7.97
CA GLU A 17 57.99 -18.71 -9.39
C GLU A 17 56.69 -18.45 -10.14
N THR A 18 56.81 -18.31 -11.45
CA THR A 18 55.71 -17.91 -12.31
C THR A 18 55.29 -19.09 -13.18
N ILE A 19 54.01 -19.44 -13.09
CA ILE A 19 53.50 -20.68 -13.68
C ILE A 19 52.40 -20.33 -14.68
N THR A 20 52.48 -20.93 -15.87
CA THR A 20 51.60 -20.61 -16.99
C THR A 20 50.73 -21.81 -17.35
N ILE A 21 49.48 -21.53 -17.71
CA ILE A 21 48.53 -22.54 -18.18
C ILE A 21 47.82 -22.00 -19.41
N ASN A 22 47.33 -22.90 -20.26
CA ASN A 22 46.72 -22.52 -21.53
C ASN A 22 45.46 -23.34 -21.80
N CYS A 23 44.58 -22.78 -22.64
CA CYS A 23 43.42 -23.46 -23.19
C CYS A 23 43.13 -22.88 -24.57
N ARG A 24 43.09 -23.73 -25.58
CA ARG A 24 42.84 -23.31 -26.96
C ARG A 24 41.45 -23.75 -27.39
N ALA A 25 40.93 -23.11 -28.44
CA ALA A 25 39.51 -23.17 -28.77
C ALA A 25 39.27 -23.83 -30.12
N SER A 26 38.09 -24.44 -30.26
CA SER A 26 37.67 -24.99 -31.55
C SER A 26 36.97 -23.95 -32.39
N LYS A 27 36.17 -23.09 -31.77
CA LYS A 27 35.46 -22.03 -32.45
C LYS A 27 35.97 -20.69 -31.96
N SER A 28 35.60 -19.63 -32.69
CA SER A 28 35.83 -18.30 -32.16
C SER A 28 34.81 -18.04 -31.04
N ILE A 29 35.23 -18.34 -29.82
CA ILE A 29 34.37 -18.33 -28.65
C ILE A 29 34.89 -17.24 -27.72
N ASN A 30 35.12 -16.05 -28.30
CA ASN A 30 35.78 -14.83 -27.83
C ASN A 30 35.26 -14.42 -26.43
N LYS A 31 35.94 -13.48 -25.78
CA LYS A 31 36.43 -13.58 -24.41
C LYS A 31 35.33 -13.78 -23.36
N TYR A 32 34.68 -14.96 -23.39
CA TYR A 32 33.75 -15.41 -22.36
C TYR A 32 34.31 -16.72 -21.83
N LEU A 33 35.14 -16.65 -20.78
CA LEU A 33 35.82 -17.83 -20.25
C LEU A 33 36.11 -17.69 -18.77
N ALA A 34 35.68 -18.69 -17.99
CA ALA A 34 35.93 -18.74 -16.55
C ALA A 34 36.88 -19.87 -16.23
N TRP A 35 37.33 -19.91 -14.97
CA TRP A 35 38.32 -20.87 -14.51
C TRP A 35 37.98 -21.31 -13.09
N TYR A 36 38.16 -22.59 -12.81
CA TYR A 36 37.69 -23.20 -11.57
C TYR A 36 38.79 -24.06 -10.94
N GLN A 37 38.46 -24.65 -9.80
CA GLN A 37 39.34 -25.56 -9.08
C GLN A 37 38.53 -26.50 -8.19
N GLU A 38 38.98 -27.73 -8.03
CA GLU A 38 38.28 -28.71 -7.22
C GLU A 38 39.16 -29.18 -6.06
N LYS A 39 38.77 -28.78 -4.85
CA LYS A 39 39.34 -29.33 -3.63
C LYS A 39 38.28 -30.24 -3.01
N PRO A 40 38.64 -31.46 -2.63
CA PRO A 40 37.64 -32.37 -2.06
C PRO A 40 37.25 -31.97 -0.65
N GLY A 41 35.96 -32.12 -0.35
CA GLY A 41 35.40 -31.73 0.93
C GLY A 41 35.00 -30.28 1.04
N THR A 42 35.54 -29.41 0.21
CA THR A 42 35.20 -28.00 0.20
C THR A 42 34.59 -27.66 -1.16
N THR A 43 34.39 -26.36 -1.37
CA THR A 43 33.67 -25.88 -2.53
C THR A 43 34.61 -25.50 -3.66
N ASN A 44 34.07 -25.53 -4.88
CA ASN A 44 34.80 -25.02 -6.03
C ASN A 44 34.94 -23.50 -5.92
N LYS A 45 36.02 -22.97 -6.48
CA LYS A 45 36.25 -21.53 -6.49
C LYS A 45 36.35 -21.02 -7.92
N LEU A 46 35.61 -19.94 -8.19
CA LEU A 46 35.77 -19.17 -9.41
C LEU A 46 36.87 -18.14 -9.17
N LEU A 47 37.98 -18.26 -9.90
CA LEU A 47 39.03 -17.27 -9.76
C LEU A 47 38.77 -16.05 -10.66
N ILE A 48 38.67 -16.25 -11.97
CA ILE A 48 38.47 -15.16 -12.92
C ILE A 48 37.42 -15.58 -13.92
N TYR A 49 36.35 -14.79 -14.01
CA TYR A 49 35.35 -14.98 -15.05
C TYR A 49 35.73 -14.12 -16.26
N SER A 50 35.17 -14.49 -17.42
CA SER A 50 35.31 -13.77 -18.70
C SER A 50 36.76 -13.60 -19.13
N GLY A 51 37.63 -14.49 -18.67
CA GLY A 51 39.04 -14.41 -19.01
C GLY A 51 39.89 -13.43 -18.22
N SER A 52 39.32 -12.26 -17.88
CA SER A 52 40.14 -11.17 -17.35
C SER A 52 39.52 -10.40 -16.19
N THR A 53 38.29 -10.72 -15.76
CA THR A 53 37.58 -9.88 -14.81
C THR A 53 37.31 -10.67 -13.53
N LEU A 54 37.37 -9.99 -12.39
CA LEU A 54 37.66 -10.63 -11.11
C LEU A 54 36.44 -10.75 -10.20
N GLN A 55 36.38 -11.84 -9.44
CA GLN A 55 35.29 -12.16 -8.52
C GLN A 55 35.58 -11.60 -7.12
N SER A 56 34.53 -11.52 -6.31
CA SER A 56 34.63 -11.04 -4.94
C SER A 56 35.50 -11.94 -4.08
N GLY A 57 36.47 -11.33 -3.41
CA GLY A 57 37.40 -12.06 -2.56
C GLY A 57 38.60 -12.62 -3.28
N ILE A 58 38.70 -12.43 -4.58
CA ILE A 58 39.78 -12.99 -5.40
C ILE A 58 40.93 -12.00 -5.41
N PRO A 59 42.16 -12.41 -5.08
CA PRO A 59 43.29 -11.48 -5.08
C PRO A 59 43.88 -11.30 -6.47
N SER A 60 44.98 -10.54 -6.52
CA SER A 60 45.50 -9.99 -7.78
C SER A 60 46.64 -10.80 -8.39
N ARG A 61 47.09 -11.88 -7.77
CA ARG A 61 48.24 -12.61 -8.29
C ARG A 61 47.91 -13.43 -9.53
N PHE A 62 46.63 -13.68 -9.79
CA PHE A 62 46.19 -14.34 -11.01
C PHE A 62 46.25 -13.36 -12.18
N SER A 63 46.37 -13.91 -13.40
CA SER A 63 46.39 -13.11 -14.62
C SER A 63 46.04 -13.99 -15.81
N GLY A 64 44.99 -13.64 -16.52
CA GLY A 64 44.54 -14.41 -17.67
C GLY A 64 44.12 -13.50 -18.81
N ARG A 65 44.36 -13.97 -20.02
CA ARG A 65 44.23 -13.12 -21.20
C ARG A 65 44.11 -13.98 -22.45
N GLY A 66 43.43 -13.44 -23.44
CA GLY A 66 43.32 -14.07 -24.75
C GLY A 66 42.02 -13.73 -25.45
N SER A 67 42.03 -13.85 -26.78
CA SER A 67 40.86 -13.56 -27.60
C SER A 67 40.93 -14.41 -28.86
N GLY A 68 39.76 -14.58 -29.49
CA GLY A 68 39.72 -15.40 -30.70
C GLY A 68 39.73 -16.87 -30.35
N THR A 69 40.88 -17.51 -30.60
CA THR A 69 41.04 -18.92 -30.26
C THR A 69 42.25 -19.15 -29.37
N ASP A 70 43.06 -18.12 -29.15
CA ASP A 70 44.25 -18.21 -28.31
C ASP A 70 43.98 -17.59 -26.95
N PHE A 71 44.47 -18.23 -25.89
CA PHE A 71 44.32 -17.74 -24.52
C PHE A 71 45.61 -18.04 -23.76
N THR A 72 45.89 -17.21 -22.74
CA THR A 72 47.02 -17.41 -21.86
C THR A 72 46.65 -17.02 -20.44
N LEU A 73 47.01 -17.86 -19.48
CA LEU A 73 46.80 -17.55 -18.07
C LEU A 73 48.06 -17.88 -17.30
N THR A 74 48.44 -17.00 -16.36
CA THR A 74 49.72 -17.08 -15.68
C THR A 74 49.56 -16.73 -14.20
N ILE A 75 50.23 -17.48 -13.34
CA ILE A 75 50.10 -17.33 -11.88
C ILE A 75 51.49 -17.39 -11.25
N SER A 76 51.75 -16.45 -10.34
CA SER A 76 52.91 -16.48 -9.46
C SER A 76 52.49 -16.26 -8.01
N SER A 77 53.47 -16.43 -7.11
CA SER A 77 53.33 -16.23 -5.66
C SER A 77 52.23 -17.13 -5.06
N LEU A 78 52.49 -18.43 -5.14
CA LEU A 78 51.48 -19.43 -4.78
C LEU A 78 51.29 -19.52 -3.26
N GLU A 79 50.23 -20.22 -2.86
CA GLU A 79 49.79 -20.36 -1.47
C GLU A 79 49.34 -21.80 -1.27
N PRO A 80 49.57 -22.42 -0.09
CA PRO A 80 49.42 -23.90 0.03
C PRO A 80 48.00 -24.45 -0.12
N GLU A 81 46.97 -23.63 -0.32
CA GLU A 81 45.65 -24.18 -0.61
C GLU A 81 45.44 -24.42 -2.10
N ASP A 82 46.46 -24.25 -2.94
CA ASP A 82 46.26 -24.26 -4.39
C ASP A 82 46.24 -25.66 -4.99
N LEU A 83 46.76 -26.66 -4.29
CA LEU A 83 46.97 -27.99 -4.86
C LEU A 83 45.62 -28.67 -5.10
N ALA A 84 45.20 -28.65 -6.36
CA ALA A 84 43.85 -29.01 -6.79
C ALA A 84 43.89 -29.19 -8.29
N VAL A 85 42.74 -29.48 -8.90
CA VAL A 85 42.65 -29.67 -10.34
C VAL A 85 41.86 -28.50 -10.92
N TYR A 86 42.40 -27.89 -11.98
CA TYR A 86 41.89 -26.64 -12.52
C TYR A 86 41.32 -26.86 -13.91
N TYR A 87 40.21 -26.19 -14.20
CA TYR A 87 39.49 -26.39 -15.46
C TYR A 87 39.24 -25.05 -16.15
N CYS A 88 39.27 -25.09 -17.48
CA CYS A 88 38.67 -24.06 -18.30
C CYS A 88 37.36 -24.59 -18.88
N GLN A 89 36.45 -23.66 -19.17
CA GLN A 89 35.10 -24.01 -19.55
C GLN A 89 34.50 -22.91 -20.40
N GLN A 90 34.01 -23.27 -21.59
CA GLN A 90 33.31 -22.36 -22.47
C GLN A 90 31.87 -22.25 -22.01
N TYR A 91 31.29 -21.07 -22.18
CA TYR A 91 29.86 -20.90 -22.00
C TYR A 91 29.35 -19.94 -23.04
N ASN A 92 30.10 -19.78 -24.13
CA ASN A 92 29.68 -18.94 -25.24
C ASN A 92 28.43 -19.49 -25.92
N GLU A 93 28.32 -20.82 -25.98
CA GLU A 93 27.08 -21.45 -26.40
C GLU A 93 26.92 -22.77 -25.67
N TYR A 94 25.67 -23.12 -25.40
CA TYR A 94 25.26 -24.41 -24.85
C TYR A 94 25.47 -25.50 -25.90
N PRO A 95 26.01 -26.68 -25.52
CA PRO A 95 26.33 -27.15 -24.18
C PRO A 95 27.65 -26.61 -23.64
N TRP A 96 27.69 -26.43 -22.33
CA TRP A 96 28.88 -25.89 -21.70
C TRP A 96 29.93 -26.97 -21.52
N THR A 97 30.85 -27.05 -22.47
CA THR A 97 31.91 -28.03 -22.44
C THR A 97 33.10 -27.46 -21.68
N PHE A 98 33.99 -28.35 -21.24
CA PHE A 98 35.06 -27.99 -20.34
C PHE A 98 36.41 -28.27 -21.01
N GLY A 99 37.47 -27.83 -20.33
CA GLY A 99 38.79 -28.30 -20.65
C GLY A 99 39.07 -29.63 -19.99
N GLY A 100 40.19 -30.24 -20.36
CA GLY A 100 40.54 -31.55 -19.84
C GLY A 100 40.88 -31.56 -18.37
N GLY A 101 41.44 -30.47 -17.86
CA GLY A 101 41.78 -30.40 -16.46
C GLY A 101 43.28 -30.35 -16.24
N THR A 102 43.69 -29.57 -15.25
CA THR A 102 45.10 -29.45 -14.86
C THR A 102 45.24 -29.51 -13.35
N LYS A 103 45.94 -30.54 -12.86
CA LYS A 103 46.27 -30.69 -11.45
C LYS A 103 47.59 -29.98 -11.17
N LEU A 104 47.60 -29.13 -10.15
CA LEU A 104 48.81 -28.45 -9.72
C LEU A 104 49.39 -29.21 -8.54
N GLU A 105 50.64 -29.63 -8.67
CA GLU A 105 51.38 -30.28 -7.60
C GLU A 105 52.53 -29.39 -7.18
N ILE A 106 52.89 -29.47 -5.90
CA ILE A 106 54.02 -28.75 -5.34
C ILE A 106 55.25 -29.64 -5.47
N LYS A 107 56.41 -29.04 -5.72
CA LYS A 107 57.64 -29.80 -5.82
C LYS A 107 58.36 -29.86 -4.48
N ARG A 108 58.96 -31.00 -4.20
CA ARG A 108 59.61 -31.24 -2.92
C ARG A 108 60.90 -32.02 -3.16
N ALA A 109 61.58 -32.34 -2.07
CA ALA A 109 62.71 -33.26 -2.15
C ALA A 109 62.22 -34.67 -2.45
N ASP A 110 62.96 -35.36 -3.31
CA ASP A 110 62.53 -36.67 -3.77
C ASP A 110 62.75 -37.72 -2.68
N ALA A 111 62.01 -38.83 -2.79
CA ALA A 111 62.03 -39.87 -1.77
C ALA A 111 61.72 -41.23 -2.38
N ALA A 112 62.19 -42.29 -1.71
CA ALA A 112 62.06 -43.67 -2.16
C ALA A 112 60.90 -44.36 -1.46
N PRO A 113 60.28 -45.36 -2.09
CA PRO A 113 59.17 -46.08 -1.44
C PRO A 113 59.60 -46.89 -0.22
N THR A 114 58.89 -46.66 0.87
CA THR A 114 59.04 -47.42 2.10
C THR A 114 58.24 -48.71 1.97
N VAL A 115 58.94 -49.83 1.84
CA VAL A 115 58.34 -51.11 1.47
C VAL A 115 58.20 -52.00 2.70
N SER A 116 56.99 -52.49 2.92
CA SER A 116 56.68 -53.46 3.97
C SER A 116 55.66 -54.46 3.44
N ILE A 117 56.05 -55.73 3.38
CA ILE A 117 55.27 -56.76 2.72
C ILE A 117 54.61 -57.64 3.79
N PHE A 118 53.40 -58.12 3.49
CA PHE A 118 52.60 -58.91 4.42
C PHE A 118 51.96 -60.07 3.65
N PRO A 119 51.70 -61.20 4.31
CA PRO A 119 50.85 -62.22 3.70
C PRO A 119 49.39 -61.83 3.85
N PRO A 120 48.48 -62.46 3.10
CA PRO A 120 47.08 -62.46 3.52
C PRO A 120 46.96 -63.23 4.82
N SER A 121 46.48 -62.55 5.85
CA SER A 121 46.42 -63.14 7.18
C SER A 121 45.36 -64.23 7.24
N SER A 122 45.35 -64.96 8.36
CA SER A 122 44.58 -66.20 8.46
C SER A 122 43.08 -65.93 8.51
N GLU A 123 42.66 -64.68 8.74
CA GLU A 123 41.26 -64.32 8.57
C GLU A 123 40.88 -64.32 7.09
N GLN A 124 41.77 -63.82 6.24
CA GLN A 124 41.52 -63.88 4.79
C GLN A 124 41.80 -65.28 4.24
N LEU A 125 42.62 -66.06 4.94
CA LEU A 125 42.87 -67.44 4.50
C LEU A 125 41.70 -68.36 4.81
N THR A 126 40.69 -67.86 5.51
CA THR A 126 39.46 -68.63 5.70
C THR A 126 38.28 -67.97 5.00
N SER A 127 38.46 -66.74 4.49
CA SER A 127 37.35 -66.00 3.90
C SER A 127 37.06 -66.43 2.46
N GLY A 128 38.09 -66.74 1.68
CA GLY A 128 37.92 -67.14 0.30
C GLY A 128 38.86 -66.47 -0.68
N GLY A 129 39.41 -65.30 -0.34
CA GLY A 129 40.41 -64.66 -1.16
C GLY A 129 41.81 -64.86 -0.62
N ALA A 130 42.78 -64.32 -1.35
CA ALA A 130 44.18 -64.36 -0.92
C ALA A 130 44.88 -63.14 -1.50
N SER A 131 44.97 -62.08 -0.72
CA SER A 131 45.60 -60.85 -1.19
C SER A 131 46.93 -60.65 -0.49
N VAL A 132 48.01 -60.79 -1.26
CA VAL A 132 49.36 -60.54 -0.77
C VAL A 132 49.57 -59.03 -0.78
N VAL A 133 49.38 -58.41 0.39
CA VAL A 133 49.40 -56.96 0.53
C VAL A 133 50.82 -56.51 0.84
N CYS A 134 51.20 -55.36 0.29
CA CYS A 134 52.51 -54.77 0.49
C CYS A 134 52.41 -53.28 0.26
N PHE A 135 52.81 -52.50 1.26
CA PHE A 135 52.65 -51.06 1.22
C PHE A 135 53.94 -50.39 0.77
N LEU A 136 53.84 -49.52 -0.23
CA LEU A 136 54.96 -48.71 -0.73
C LEU A 136 54.64 -47.27 -0.38
N ASN A 137 55.37 -46.71 0.58
CA ASN A 137 55.00 -45.44 1.19
C ASN A 137 56.14 -44.43 1.10
N ASN A 138 55.76 -43.15 1.25
CA ASN A 138 56.68 -42.03 1.46
C ASN A 138 57.68 -41.86 0.32
N PHE A 139 57.17 -41.82 -0.91
CA PHE A 139 58.03 -41.59 -2.07
C PHE A 139 57.57 -40.36 -2.85
N TYR A 140 58.43 -39.95 -3.79
CA TYR A 140 58.22 -38.83 -4.68
C TYR A 140 59.10 -39.07 -5.90
N PRO A 141 58.57 -38.84 -7.12
CA PRO A 141 57.21 -38.44 -7.47
C PRO A 141 56.23 -39.60 -7.55
N LYS A 142 55.13 -39.40 -8.27
CA LYS A 142 54.09 -40.41 -8.38
C LYS A 142 54.56 -41.63 -9.16
N ASP A 143 55.50 -41.44 -10.09
CA ASP A 143 55.89 -42.48 -11.03
C ASP A 143 56.72 -43.58 -10.36
N ILE A 144 56.08 -44.73 -10.13
CA ILE A 144 56.76 -45.95 -9.69
C ILE A 144 56.27 -47.11 -10.54
N ASN A 145 56.98 -48.23 -10.45
CA ASN A 145 56.49 -49.52 -10.89
C ASN A 145 56.85 -50.56 -9.82
N VAL A 146 55.91 -51.44 -9.52
CA VAL A 146 56.16 -52.55 -8.61
C VAL A 146 56.11 -53.84 -9.42
N LYS A 147 56.91 -54.82 -8.99
CA LYS A 147 56.94 -56.13 -9.65
C LYS A 147 56.58 -57.17 -8.62
N TRP A 148 55.59 -57.99 -8.94
CA TRP A 148 55.19 -59.11 -8.10
C TRP A 148 55.67 -60.41 -8.74
N LYS A 149 56.37 -61.22 -7.95
CA LYS A 149 56.93 -62.45 -8.47
C LYS A 149 56.37 -63.64 -7.70
N ILE A 150 55.44 -64.35 -8.35
CA ILE A 150 54.81 -65.54 -7.78
C ILE A 150 55.69 -66.73 -8.15
N ASP A 151 56.56 -67.13 -7.22
CA ASP A 151 57.53 -68.21 -7.38
C ASP A 151 58.42 -68.00 -8.62
N GLY A 152 58.81 -66.75 -8.86
CA GLY A 152 59.58 -66.41 -10.02
C GLY A 152 58.78 -66.04 -11.26
N SER A 153 57.50 -66.42 -11.31
CA SER A 153 56.66 -66.14 -12.46
C SER A 153 55.84 -64.87 -12.20
N GLU A 154 55.85 -63.96 -13.18
CA GLU A 154 55.13 -62.70 -13.04
C GLU A 154 53.65 -62.91 -13.33
N ARG A 155 52.80 -62.14 -12.65
CA ARG A 155 51.36 -62.16 -12.86
C ARG A 155 50.88 -60.74 -13.09
N GLN A 156 50.16 -60.52 -14.19
CA GLN A 156 49.60 -59.20 -14.48
C GLN A 156 48.08 -59.20 -14.42
N ASN A 157 47.44 -60.37 -14.52
CA ASN A 157 46.00 -60.45 -14.35
C ASN A 157 45.63 -60.27 -12.88
N GLY A 158 44.60 -59.46 -12.63
CA GLY A 158 44.21 -59.14 -11.29
C GLY A 158 45.09 -58.14 -10.57
N VAL A 159 46.01 -57.50 -11.29
CA VAL A 159 46.90 -56.49 -10.71
C VAL A 159 46.12 -55.19 -10.58
N LEU A 160 46.05 -54.67 -9.36
CA LEU A 160 45.32 -53.45 -9.06
C LEU A 160 46.33 -52.31 -8.92
N ASN A 161 46.07 -51.20 -9.58
CA ASN A 161 46.94 -50.04 -9.56
C ASN A 161 46.15 -48.80 -9.18
N SER A 162 46.39 -48.28 -7.99
CA SER A 162 45.70 -47.09 -7.50
C SER A 162 46.65 -46.30 -6.61
N TRP A 163 46.92 -45.07 -7.01
CA TRP A 163 47.88 -44.21 -6.33
C TRP A 163 47.15 -43.30 -5.34
N THR A 164 47.85 -42.91 -4.28
CA THR A 164 47.27 -42.01 -3.29
C THR A 164 47.31 -40.56 -3.78
N ASP A 165 47.04 -39.66 -2.85
CA ASP A 165 47.12 -38.25 -3.10
C ASP A 165 48.52 -37.73 -2.82
N GLN A 166 48.69 -36.42 -3.03
CA GLN A 166 49.66 -35.67 -2.27
C GLN A 166 49.20 -35.60 -0.82
N ASP A 167 50.04 -36.05 0.09
CA ASP A 167 49.61 -36.22 1.48
C ASP A 167 49.54 -34.88 2.21
N SER A 168 49.16 -34.93 3.48
CA SER A 168 48.84 -33.71 4.21
C SER A 168 50.11 -33.01 4.71
N LYS A 169 50.89 -33.69 5.55
CA LYS A 169 52.08 -33.05 6.11
C LYS A 169 53.32 -33.38 5.30
N ASP A 170 53.55 -34.66 5.00
CA ASP A 170 54.76 -35.07 4.30
C ASP A 170 54.61 -35.01 2.78
N SER A 171 53.38 -34.91 2.27
CA SER A 171 53.05 -34.62 0.87
C SER A 171 53.62 -35.63 -0.12
N THR A 172 53.80 -36.87 0.30
CA THR A 172 54.37 -37.91 -0.56
C THR A 172 53.24 -38.64 -1.28
N TYR A 173 53.58 -39.80 -1.85
CA TYR A 173 52.62 -40.62 -2.57
C TYR A 173 52.77 -42.07 -2.15
N SER A 174 51.69 -42.83 -2.33
CA SER A 174 51.68 -44.26 -2.09
C SER A 174 50.79 -44.91 -3.14
N MET A 175 51.05 -46.19 -3.41
CA MET A 175 50.30 -46.93 -4.41
C MET A 175 49.98 -48.31 -3.88
N SER A 176 48.74 -48.78 -4.14
CA SER A 176 48.26 -50.06 -3.65
C SER A 176 48.60 -51.17 -4.63
N SER A 177 49.33 -52.16 -4.14
CA SER A 177 49.70 -53.35 -4.90
C SER A 177 49.16 -54.58 -4.18
N THR A 178 47.91 -54.93 -4.45
CA THR A 178 47.27 -56.08 -3.85
C THR A 178 47.21 -57.21 -4.87
N LEU A 179 47.84 -58.33 -4.54
CA LEU A 179 47.96 -59.49 -5.42
C LEU A 179 46.72 -60.36 -5.21
N THR A 180 45.72 -60.17 -6.05
CA THR A 180 44.44 -60.85 -5.92
C THR A 180 44.56 -62.30 -6.36
N LEU A 181 44.59 -63.22 -5.38
CA LEU A 181 44.70 -64.64 -5.64
C LEU A 181 43.60 -65.41 -4.93
N THR A 182 43.42 -66.67 -5.30
CA THR A 182 42.48 -67.57 -4.65
C THR A 182 43.23 -68.57 -3.79
N LYS A 183 42.50 -69.54 -3.23
CA LYS A 183 43.04 -70.33 -2.14
C LYS A 183 43.99 -71.42 -2.64
N ASP A 184 43.62 -72.13 -3.70
CA ASP A 184 44.46 -73.24 -4.16
C ASP A 184 45.72 -72.73 -4.86
N GLU A 185 45.66 -71.55 -5.45
CA GLU A 185 46.87 -70.96 -6.03
C GLU A 185 47.79 -70.43 -4.94
N TYR A 186 47.22 -69.90 -3.86
CA TYR A 186 48.02 -69.53 -2.70
C TYR A 186 48.51 -70.77 -1.97
N GLU A 187 47.79 -71.89 -2.10
CA GLU A 187 48.28 -73.17 -1.60
C GLU A 187 49.45 -73.68 -2.44
N ARG A 188 49.41 -73.42 -3.76
CA ARG A 188 50.46 -73.90 -4.65
C ARG A 188 51.75 -73.12 -4.48
N HIS A 189 51.66 -71.81 -4.30
CA HIS A 189 52.83 -70.93 -4.35
C HIS A 189 53.04 -70.27 -2.99
N ASN A 190 54.31 -70.13 -2.62
CA ASN A 190 54.62 -69.66 -1.28
C ASN A 190 55.33 -68.31 -1.31
N SER A 191 56.21 -68.09 -2.28
CA SER A 191 57.05 -66.91 -2.34
C SER A 191 56.37 -65.84 -3.18
N TYR A 192 56.20 -64.66 -2.59
CA TYR A 192 55.64 -63.49 -3.25
C TYR A 192 56.46 -62.30 -2.80
N THR A 193 56.85 -61.44 -3.75
CA THR A 193 57.65 -60.28 -3.41
C THR A 193 57.21 -59.08 -4.21
N CYS A 194 56.86 -58.00 -3.50
CA CYS A 194 56.67 -56.71 -4.12
C CYS A 194 58.04 -56.13 -4.42
N GLU A 195 58.33 -55.92 -5.70
CA GLU A 195 59.60 -55.38 -6.11
C GLU A 195 59.36 -54.02 -6.74
N ALA A 196 59.28 -52.99 -5.88
CA ALA A 196 59.05 -51.62 -6.31
C ALA A 196 60.28 -51.08 -7.01
N THR A 197 60.06 -50.35 -8.09
CA THR A 197 61.14 -49.66 -8.80
C THR A 197 60.93 -48.18 -8.62
N HIS A 198 62.02 -47.42 -8.54
CA HIS A 198 61.95 -45.98 -8.41
C HIS A 198 63.20 -45.37 -9.03
N LYS A 199 63.19 -44.04 -9.17
CA LYS A 199 64.30 -43.35 -9.80
C LYS A 199 65.49 -43.19 -8.86
N THR A 200 65.35 -43.62 -7.61
CA THR A 200 66.46 -43.51 -6.66
C THR A 200 67.52 -44.58 -6.91
N SER A 201 67.12 -45.76 -7.37
CA SER A 201 68.04 -46.88 -7.50
C SER A 201 67.78 -47.64 -8.79
N THR A 202 68.88 -48.09 -9.42
CA THR A 202 68.76 -48.98 -10.57
C THR A 202 68.32 -50.38 -10.14
N SER A 203 68.69 -50.79 -8.93
CA SER A 203 68.13 -52.03 -8.44
C SER A 203 66.75 -51.79 -7.85
N PRO A 204 65.76 -52.58 -8.22
CA PRO A 204 64.43 -52.43 -7.64
C PRO A 204 64.41 -52.79 -6.17
N ILE A 205 63.51 -52.15 -5.44
CA ILE A 205 63.41 -52.35 -4.01
C ILE A 205 62.59 -53.61 -3.74
N VAL A 206 63.28 -54.67 -3.32
CA VAL A 206 62.71 -56.00 -3.25
C VAL A 206 62.58 -56.39 -1.78
N LYS A 207 61.35 -56.67 -1.35
CA LYS A 207 61.07 -57.20 -0.02
C LYS A 207 60.23 -58.45 -0.15
N SER A 208 60.54 -59.46 0.66
CA SER A 208 59.93 -60.77 0.51
C SER A 208 59.49 -61.28 1.88
N PHE A 209 58.88 -62.47 1.85
CA PHE A 209 58.41 -63.14 3.06
C PHE A 209 58.28 -64.63 2.77
N ASN A 210 58.29 -65.42 3.83
CA ASN A 210 58.15 -66.87 3.72
C ASN A 210 57.06 -67.34 4.69
N ARG A 211 56.15 -68.17 4.19
CA ARG A 211 55.14 -68.78 5.06
C ARG A 211 55.75 -69.83 5.98
N ASN A 212 56.91 -70.37 5.60
CA ASN A 212 57.68 -71.21 6.53
C ASN A 212 58.18 -70.39 7.71
N GLU A 213 58.51 -69.11 7.47
CA GLU A 213 58.92 -68.23 8.56
C GLU A 213 57.71 -67.79 9.39
N CYS A 214 56.75 -67.12 8.74
CA CYS A 214 55.58 -66.62 9.45
C CYS A 214 54.35 -66.60 8.55
N GLU B 1 27.06 -17.91 6.26
CA GLU B 1 27.15 -19.34 6.04
C GLU B 1 26.43 -19.75 4.75
N VAL B 2 27.19 -19.94 3.67
CA VAL B 2 26.66 -20.37 2.38
C VAL B 2 27.19 -21.77 2.11
N MET B 3 26.28 -22.74 2.04
CA MET B 3 26.66 -24.13 1.85
C MET B 3 25.52 -24.88 1.20
N LEU B 4 25.84 -25.56 0.10
CA LEU B 4 24.87 -26.30 -0.68
C LEU B 4 24.96 -27.78 -0.34
N VAL B 5 23.97 -28.27 0.41
CA VAL B 5 24.00 -29.64 0.95
C VAL B 5 23.25 -30.54 -0.03
N GLU B 6 23.94 -31.56 -0.54
CA GLU B 6 23.37 -32.48 -1.50
C GLU B 6 22.58 -33.58 -0.79
N SER B 7 21.51 -34.02 -1.43
CA SER B 7 20.65 -35.07 -0.91
C SER B 7 19.84 -35.69 -2.04
N GLY B 8 19.85 -37.02 -2.10
CA GLY B 8 19.00 -37.75 -3.03
C GLY B 8 19.73 -38.59 -4.05
N GLY B 9 21.05 -38.72 -3.95
CA GLY B 9 21.80 -39.45 -4.95
C GLY B 9 22.31 -40.79 -4.44
N GLY B 10 22.06 -41.82 -5.23
CA GLY B 10 22.45 -43.17 -4.85
C GLY B 10 22.02 -44.17 -5.91
N LEU B 11 21.60 -45.34 -5.44
CA LEU B 11 21.24 -46.46 -6.31
C LEU B 11 19.83 -46.30 -6.86
N VAL B 12 19.64 -46.75 -8.10
CA VAL B 12 18.39 -46.58 -8.84
C VAL B 12 18.40 -47.58 -9.99
N LYS B 13 17.22 -48.19 -10.26
CA LYS B 13 17.05 -49.19 -11.30
C LYS B 13 17.31 -48.59 -12.68
N PRO B 14 17.90 -49.37 -13.59
CA PRO B 14 18.05 -48.89 -14.98
C PRO B 14 16.70 -48.83 -15.67
N GLY B 15 16.40 -47.65 -16.23
CA GLY B 15 15.06 -47.35 -16.69
C GLY B 15 14.16 -46.76 -15.62
N GLY B 16 14.72 -46.40 -14.45
CA GLY B 16 13.95 -45.84 -13.37
C GLY B 16 14.22 -44.36 -13.15
N SER B 17 13.67 -43.85 -12.06
CA SER B 17 13.75 -42.44 -11.70
C SER B 17 14.19 -42.28 -10.26
N LEU B 18 14.58 -41.05 -9.91
CA LEU B 18 15.02 -40.72 -8.57
C LEU B 18 14.87 -39.21 -8.39
N LYS B 19 14.86 -38.75 -7.14
CA LYS B 19 14.70 -37.34 -6.81
C LYS B 19 15.93 -36.84 -6.05
N LEU B 20 16.63 -35.88 -6.64
CA LEU B 20 17.73 -35.19 -6.00
C LEU B 20 17.23 -33.91 -5.34
N SER B 21 18.00 -33.43 -4.36
CA SER B 21 17.65 -32.20 -3.65
C SER B 21 18.92 -31.58 -3.09
N CYS B 22 19.22 -30.36 -3.57
CA CYS B 22 20.41 -29.64 -3.13
C CYS B 22 19.97 -28.49 -2.24
N VAL B 23 19.85 -28.78 -0.94
CA VAL B 23 19.41 -27.78 0.03
C VAL B 23 20.57 -26.85 0.37
N ALA B 24 20.31 -25.55 0.25
CA ALA B 24 21.27 -24.55 0.66
C ALA B 24 20.99 -24.18 2.11
N SER B 25 22.05 -23.87 2.85
CA SER B 25 21.88 -23.56 4.26
C SER B 25 21.38 -22.12 4.44
N GLY B 26 22.19 -21.14 4.06
CA GLY B 26 21.72 -19.77 4.11
C GLY B 26 22.21 -18.80 3.05
N PHE B 27 21.27 -18.26 2.27
CA PHE B 27 21.31 -17.01 1.52
C PHE B 27 19.91 -16.80 0.97
N THR B 28 19.77 -15.76 0.15
CA THR B 28 18.51 -15.54 -0.56
C THR B 28 18.58 -16.29 -1.89
N PHE B 29 17.76 -17.34 -2.00
CA PHE B 29 17.80 -18.25 -3.15
C PHE B 29 17.32 -17.58 -4.44
N SER B 30 16.54 -16.51 -4.34
CA SER B 30 16.02 -15.86 -5.54
C SER B 30 17.01 -14.90 -6.17
N ASP B 31 18.17 -14.68 -5.53
CA ASP B 31 19.08 -13.66 -6.04
C ASP B 31 20.11 -14.23 -7.01
N TYR B 32 20.44 -15.50 -6.89
CA TYR B 32 21.63 -16.06 -7.51
C TYR B 32 21.27 -17.28 -8.35
N ALA B 33 22.06 -17.51 -9.39
CA ALA B 33 21.87 -18.65 -10.27
C ALA B 33 22.22 -19.95 -9.53
N MET B 34 21.65 -21.04 -10.03
CA MET B 34 21.92 -22.36 -9.46
C MET B 34 22.11 -23.35 -10.60
N SER B 35 22.88 -24.41 -10.36
CA SER B 35 23.23 -25.30 -11.45
C SER B 35 23.52 -26.70 -10.94
N TRP B 36 23.52 -27.65 -11.88
CA TRP B 36 23.89 -29.04 -11.63
C TRP B 36 25.04 -29.42 -12.56
N GLY B 37 26.09 -30.04 -12.01
CA GLY B 37 27.19 -30.54 -12.80
C GLY B 37 27.80 -31.77 -12.16
N ARG B 38 28.18 -32.72 -13.00
CA ARG B 38 28.70 -33.99 -12.53
C ARG B 38 30.13 -34.18 -12.99
N GLN B 39 30.87 -35.04 -12.30
CA GLN B 39 32.19 -35.46 -12.74
C GLN B 39 32.19 -36.96 -13.01
N THR B 40 32.41 -37.32 -14.26
CA THR B 40 32.61 -38.68 -14.69
C THR B 40 34.10 -39.00 -14.78
N PRO B 41 34.51 -40.22 -14.40
CA PRO B 41 35.94 -40.56 -14.40
C PRO B 41 36.50 -40.68 -15.81
N GLU B 42 37.78 -40.29 -15.95
CA GLU B 42 38.57 -40.20 -17.19
C GLU B 42 37.97 -39.17 -18.18
N LYS B 43 37.02 -38.36 -17.74
CA LYS B 43 36.35 -37.38 -18.58
C LYS B 43 36.33 -36.04 -17.86
N ARG B 44 35.71 -35.07 -18.50
CA ARG B 44 35.62 -33.73 -17.94
C ARG B 44 34.53 -33.66 -16.88
N LEU B 45 34.48 -32.52 -16.19
CA LEU B 45 33.28 -32.18 -15.44
C LEU B 45 32.14 -31.95 -16.42
N GLU B 46 31.02 -32.62 -16.18
CA GLU B 46 29.90 -32.59 -17.11
C GLU B 46 28.78 -31.74 -16.55
N TRP B 47 28.53 -30.61 -17.22
CA TRP B 47 27.43 -29.71 -16.83
C TRP B 47 26.10 -30.39 -17.15
N VAL B 48 25.31 -30.64 -16.12
CA VAL B 48 24.05 -31.35 -16.29
C VAL B 48 22.88 -30.39 -16.45
N ALA B 49 22.81 -29.37 -15.61
CA ALA B 49 21.69 -28.43 -15.65
C ALA B 49 22.13 -27.11 -15.06
N THR B 50 21.52 -26.04 -15.57
CA THR B 50 21.74 -24.70 -15.04
C THR B 50 20.39 -24.03 -14.86
N ILE B 51 20.30 -23.12 -13.89
CA ILE B 51 19.11 -22.31 -13.74
C ILE B 51 19.56 -20.91 -13.32
N SER B 52 18.70 -19.93 -13.54
CA SER B 52 19.05 -18.54 -13.31
C SER B 52 18.76 -18.14 -11.86
N SER B 53 18.75 -16.83 -11.63
CA SER B 53 18.53 -16.30 -10.28
C SER B 53 17.14 -16.61 -9.74
N GLY B 54 16.11 -16.48 -10.55
CA GLY B 54 14.77 -16.79 -10.11
C GLY B 54 14.29 -18.15 -10.56
N GLY B 55 14.76 -18.59 -11.73
CA GLY B 55 14.30 -19.81 -12.35
C GLY B 55 13.81 -19.65 -13.78
N VAL B 56 14.20 -18.57 -14.46
CA VAL B 56 13.68 -18.28 -15.79
C VAL B 56 14.33 -19.19 -16.84
N SER B 57 15.64 -19.43 -16.71
CA SER B 57 16.45 -19.95 -17.82
C SER B 57 17.10 -21.27 -17.42
N THR B 58 16.53 -22.38 -17.91
CA THR B 58 17.06 -23.70 -17.61
C THR B 58 17.46 -24.42 -18.89
N TYR B 59 18.58 -25.16 -18.81
CA TYR B 59 19.16 -25.80 -19.98
C TYR B 59 19.88 -27.08 -19.59
N HIS B 60 20.02 -27.98 -20.56
CA HIS B 60 20.63 -29.28 -20.43
C HIS B 60 21.44 -29.57 -21.70
N PRO B 61 22.51 -30.35 -21.60
CA PRO B 61 23.30 -30.67 -22.79
C PRO B 61 22.63 -31.73 -23.65
N ASP B 62 23.38 -32.16 -24.68
CA ASP B 62 22.87 -33.15 -25.63
C ASP B 62 22.72 -34.53 -25.01
N SER B 63 23.38 -34.78 -23.87
CA SER B 63 23.36 -36.12 -23.29
C SER B 63 22.03 -36.41 -22.61
N VAL B 64 21.44 -35.42 -21.96
CA VAL B 64 20.23 -35.66 -21.16
C VAL B 64 19.01 -34.94 -21.72
N LYS B 65 18.96 -34.69 -23.03
CA LYS B 65 17.83 -33.99 -23.63
C LYS B 65 16.58 -34.87 -23.64
N GLY B 66 15.50 -34.34 -23.05
CA GLY B 66 14.23 -35.05 -23.03
C GLY B 66 14.07 -35.96 -21.83
N ARG B 67 15.18 -36.33 -21.21
CA ARG B 67 15.17 -37.33 -20.15
C ARG B 67 15.21 -36.69 -18.76
N PHE B 68 15.77 -35.49 -18.67
CA PHE B 68 16.05 -34.85 -17.38
C PHE B 68 15.24 -33.56 -17.26
N THR B 69 14.74 -33.29 -16.07
CA THR B 69 13.97 -32.08 -15.79
C THR B 69 14.46 -31.46 -14.49
N MET B 70 14.90 -30.20 -14.58
CA MET B 70 15.49 -29.49 -13.45
C MET B 70 14.43 -28.66 -12.74
N SER B 71 14.54 -28.58 -11.41
CA SER B 71 13.65 -27.74 -10.62
C SER B 71 14.45 -27.07 -9.52
N ARG B 72 13.77 -26.21 -8.75
CA ARG B 72 14.37 -25.48 -7.64
C ARG B 72 13.27 -25.02 -6.69
N ASP B 73 13.63 -24.90 -5.42
CA ASP B 73 12.76 -24.31 -4.39
C ASP B 73 13.49 -23.10 -3.81
N ASN B 74 12.80 -21.97 -3.76
CA ASN B 74 13.40 -20.74 -3.28
C ASN B 74 13.19 -20.55 -1.78
N ALA B 75 12.14 -21.17 -1.22
CA ALA B 75 11.83 -20.98 0.19
C ALA B 75 12.53 -22.02 1.06
N LYS B 76 12.56 -23.27 0.59
CA LYS B 76 13.31 -24.31 1.30
C LYS B 76 14.78 -24.30 0.91
N ASN B 77 15.16 -23.37 0.01
CA ASN B 77 16.54 -23.13 -0.43
C ASN B 77 17.13 -24.37 -1.08
N THR B 78 16.37 -25.00 -1.97
CA THR B 78 16.72 -26.31 -2.49
C THR B 78 16.62 -26.35 -4.00
N LEU B 79 17.69 -26.83 -4.64
CA LEU B 79 17.74 -27.04 -6.07
C LEU B 79 17.50 -28.51 -6.37
N TYR B 80 16.81 -28.78 -7.47
CA TYR B 80 16.31 -30.12 -7.74
C TYR B 80 16.73 -30.58 -9.13
N LEU B 81 16.54 -31.88 -9.37
CA LEU B 81 16.81 -32.52 -10.65
C LEU B 81 15.96 -33.78 -10.75
N GLN B 82 14.87 -33.70 -11.52
CA GLN B 82 14.00 -34.85 -11.74
C GLN B 82 14.38 -35.52 -13.06
N MET B 83 14.98 -36.70 -12.98
CA MET B 83 15.43 -37.42 -14.15
C MET B 83 14.57 -38.67 -14.37
N SER B 84 14.57 -39.15 -15.61
CA SER B 84 13.74 -40.29 -15.98
C SER B 84 14.55 -41.26 -16.83
N SER B 85 14.31 -42.56 -16.57
CA SER B 85 14.83 -43.68 -17.37
C SER B 85 16.36 -43.70 -17.43
N LEU B 86 16.98 -43.90 -16.26
CA LEU B 86 18.43 -43.78 -16.15
C LEU B 86 19.14 -45.00 -16.71
N ARG B 87 20.36 -44.79 -17.17
CA ARG B 87 21.22 -45.85 -17.71
C ARG B 87 22.53 -45.89 -16.93
N SER B 88 23.40 -46.81 -17.36
CA SER B 88 24.64 -47.05 -16.62
C SER B 88 25.63 -45.90 -16.77
N GLU B 89 25.47 -45.07 -17.79
CA GLU B 89 26.33 -43.91 -17.98
C GLU B 89 26.08 -42.84 -16.92
N ASP B 90 24.89 -42.82 -16.32
CA ASP B 90 24.57 -41.84 -15.29
C ASP B 90 25.21 -42.15 -13.94
N THR B 91 25.89 -43.30 -13.84
CA THR B 91 26.71 -43.58 -12.67
C THR B 91 27.91 -42.64 -12.61
N ALA B 92 27.89 -41.72 -11.66
CA ALA B 92 28.98 -40.76 -11.44
C ALA B 92 28.78 -40.11 -10.08
N LYS B 93 29.65 -39.14 -9.79
CA LYS B 93 29.53 -38.27 -8.64
C LYS B 93 29.04 -36.90 -9.10
N TYR B 94 28.00 -36.40 -8.43
CA TYR B 94 27.24 -35.25 -8.93
C TYR B 94 27.34 -34.09 -7.94
N TYR B 95 27.53 -32.89 -8.49
CA TYR B 95 27.55 -31.65 -7.71
C TYR B 95 26.34 -30.80 -8.08
N CYS B 96 25.86 -30.03 -7.11
CA CYS B 96 24.98 -28.91 -7.38
C CYS B 96 25.77 -27.62 -7.19
N ALA B 97 25.35 -26.57 -7.89
CA ALA B 97 26.18 -25.38 -8.00
C ALA B 97 25.40 -24.11 -7.66
N ARG B 98 26.12 -23.11 -7.18
CA ARG B 98 25.59 -21.77 -6.96
C ARG B 98 26.21 -20.84 -7.99
N GLY B 99 25.37 -20.10 -8.70
CA GLY B 99 25.90 -19.14 -9.66
C GLY B 99 25.95 -17.71 -9.16
N GLY B 100 27.11 -17.30 -8.66
CA GLY B 100 27.33 -15.93 -8.24
C GLY B 100 27.98 -15.03 -9.28
N GLY B 101 27.33 -14.82 -10.41
CA GLY B 101 27.93 -13.96 -11.42
C GLY B 101 27.21 -14.06 -12.76
N ARG B 102 27.96 -13.75 -13.81
CA ARG B 102 27.48 -13.74 -15.19
C ARG B 102 27.48 -15.19 -15.70
N TYR B 103 26.57 -16.00 -15.15
CA TYR B 103 26.52 -17.45 -15.30
C TYR B 103 27.87 -18.10 -14.99
N ALA B 104 28.44 -17.83 -13.82
CA ALA B 104 29.71 -18.39 -13.41
C ALA B 104 29.57 -18.97 -12.00
N MET B 105 30.26 -20.07 -11.75
CA MET B 105 29.99 -20.95 -10.61
C MET B 105 31.08 -20.80 -9.55
N ASP B 106 30.65 -20.61 -8.29
CA ASP B 106 31.62 -20.40 -7.21
C ASP B 106 31.38 -21.35 -6.05
N TYR B 107 30.60 -22.41 -6.26
CA TYR B 107 30.25 -23.32 -5.18
C TYR B 107 29.89 -24.71 -5.67
N TRP B 108 30.29 -25.72 -4.89
CA TRP B 108 29.56 -26.98 -4.82
C TRP B 108 29.77 -27.60 -3.46
N GLY B 109 28.88 -28.50 -3.08
CA GLY B 109 28.97 -29.21 -1.83
C GLY B 109 29.95 -30.37 -1.89
N GLN B 110 29.83 -31.26 -0.89
CA GLN B 110 30.66 -32.45 -0.87
C GLN B 110 30.15 -33.50 -1.86
N GLY B 111 28.89 -33.39 -2.27
CA GLY B 111 28.33 -34.23 -3.30
C GLY B 111 27.88 -35.58 -2.76
N THR B 112 27.23 -36.36 -3.63
CA THR B 112 26.86 -37.74 -3.34
C THR B 112 27.03 -38.56 -4.61
N SER B 113 27.38 -39.83 -4.43
CA SER B 113 27.59 -40.74 -5.55
C SER B 113 26.22 -41.16 -6.09
N VAL B 114 25.91 -40.72 -7.31
CA VAL B 114 24.67 -41.05 -7.97
C VAL B 114 25.00 -42.17 -8.96
N THR B 115 24.83 -43.41 -8.53
CA THR B 115 25.30 -44.57 -9.26
C THR B 115 24.11 -45.40 -9.70
N VAL B 116 23.96 -45.56 -11.01
CA VAL B 116 22.90 -46.39 -11.57
C VAL B 116 23.47 -47.78 -11.82
N SER B 117 23.26 -48.69 -10.87
CA SER B 117 23.74 -50.06 -10.97
C SER B 117 22.72 -50.96 -10.29
N ALA B 118 23.12 -52.21 -10.05
CA ALA B 118 22.15 -53.24 -9.69
C ALA B 118 21.90 -53.33 -8.19
N LYS B 119 22.94 -53.62 -7.41
CA LYS B 119 22.73 -53.94 -6.01
C LYS B 119 23.95 -53.50 -5.20
N THR B 120 23.75 -53.42 -3.89
CA THR B 120 24.81 -53.16 -2.93
C THR B 120 25.29 -54.46 -2.30
N THR B 121 26.45 -54.38 -1.63
CA THR B 121 27.06 -55.52 -0.96
C THR B 121 27.72 -55.00 0.32
N PRO B 122 27.33 -55.49 1.49
CA PRO B 122 28.01 -55.10 2.73
C PRO B 122 29.44 -55.62 2.77
N PRO B 123 30.39 -54.79 3.16
CA PRO B 123 31.79 -55.19 3.10
C PRO B 123 32.20 -56.11 4.24
N SER B 124 32.93 -57.15 3.86
CA SER B 124 33.58 -58.06 4.81
C SER B 124 35.00 -57.57 5.07
N VAL B 125 35.25 -57.15 6.31
CA VAL B 125 36.44 -56.40 6.67
C VAL B 125 37.49 -57.36 7.22
N TYR B 126 38.76 -57.13 6.85
CA TYR B 126 39.91 -57.92 7.26
C TYR B 126 41.07 -57.00 7.62
N PRO B 127 41.60 -57.10 8.83
CA PRO B 127 42.73 -56.26 9.22
C PRO B 127 44.06 -56.83 8.76
N LEU B 128 45.08 -55.98 8.79
CA LEU B 128 46.45 -56.37 8.46
C LEU B 128 47.37 -55.88 9.56
N ALA B 129 47.51 -56.69 10.61
CA ALA B 129 48.28 -56.32 11.79
C ALA B 129 49.57 -57.13 11.81
N PRO B 130 50.61 -56.64 12.48
CA PRO B 130 51.80 -57.46 12.71
C PRO B 130 51.51 -58.72 13.51
N GLY B 131 52.01 -59.84 12.99
CA GLY B 131 51.70 -61.14 13.54
C GLY B 131 52.83 -61.76 14.33
N CYS B 132 52.99 -63.07 14.15
CA CYS B 132 53.99 -63.83 14.88
C CYS B 132 55.41 -63.46 14.45
N GLY B 133 56.28 -63.35 15.43
CA GLY B 133 57.62 -62.87 15.20
C GLY B 133 57.86 -61.63 16.03
N ASP B 134 59.13 -61.27 16.13
CA ASP B 134 59.50 -60.08 16.89
C ASP B 134 59.19 -58.82 16.09
N THR B 135 58.68 -57.81 16.77
CA THR B 135 58.47 -56.50 16.20
C THR B 135 59.79 -55.76 16.15
N THR B 136 60.13 -55.26 14.96
CA THR B 136 61.42 -54.61 14.75
C THR B 136 61.17 -53.20 14.23
N GLY B 137 62.17 -52.35 14.42
CA GLY B 137 62.08 -50.97 13.98
C GLY B 137 61.34 -50.08 14.96
N SER B 138 61.69 -48.79 14.98
CA SER B 138 61.01 -47.85 15.86
C SER B 138 59.67 -47.40 15.30
N SER B 139 59.41 -47.66 14.01
CA SER B 139 58.13 -47.41 13.39
C SER B 139 57.67 -48.67 12.66
N VAL B 140 56.35 -48.84 12.58
CA VAL B 140 55.74 -50.01 11.95
C VAL B 140 54.66 -49.53 10.98
N THR B 141 54.74 -50.02 9.74
CA THR B 141 53.68 -49.84 8.75
C THR B 141 52.74 -51.04 8.80
N SER B 142 51.46 -50.78 9.04
CA SER B 142 50.43 -51.81 9.07
C SER B 142 49.24 -51.35 8.24
N GLY B 143 48.17 -52.15 8.26
CA GLY B 143 47.02 -51.82 7.44
C GLY B 143 45.75 -52.50 7.87
N CYS B 144 44.73 -52.34 7.02
CA CYS B 144 43.48 -53.08 7.12
C CYS B 144 42.85 -53.13 5.74
N LEU B 145 42.41 -54.32 5.33
CA LEU B 145 42.01 -54.61 3.96
C LEU B 145 40.49 -54.58 3.83
N VAL B 146 40.00 -54.03 2.73
CA VAL B 146 38.58 -54.05 2.40
C VAL B 146 38.41 -54.87 1.13
N LYS B 147 37.57 -55.89 1.18
CA LYS B 147 37.36 -56.78 0.04
C LYS B 147 35.88 -56.86 -0.32
N GLY B 148 35.59 -56.60 -1.60
CA GLY B 148 34.28 -56.87 -2.17
C GLY B 148 33.16 -55.90 -1.90
N TYR B 149 33.28 -54.66 -2.40
CA TYR B 149 32.17 -53.73 -2.38
C TYR B 149 31.90 -53.20 -3.78
N PHE B 150 30.65 -52.77 -4.01
CA PHE B 150 30.19 -52.22 -5.27
C PHE B 150 28.93 -51.44 -5.00
N PRO B 151 28.80 -50.19 -5.50
CA PRO B 151 29.83 -49.44 -6.24
C PRO B 151 30.65 -48.50 -5.37
N GLU B 152 31.33 -47.54 -6.01
CA GLU B 152 32.15 -46.55 -5.34
C GLU B 152 31.29 -45.61 -4.50
N PRO B 153 31.88 -44.94 -3.48
CA PRO B 153 33.21 -44.99 -2.86
C PRO B 153 33.27 -45.52 -1.42
N VAL B 154 34.48 -45.61 -0.87
CA VAL B 154 34.73 -45.87 0.54
C VAL B 154 35.83 -44.93 1.01
N THR B 155 35.97 -44.80 2.34
CA THR B 155 36.95 -43.91 2.96
C THR B 155 37.38 -44.48 4.31
N VAL B 156 38.70 -44.58 4.51
CA VAL B 156 39.26 -45.10 5.76
C VAL B 156 39.91 -43.94 6.51
N THR B 157 39.56 -43.80 7.78
CA THR B 157 40.19 -42.85 8.68
C THR B 157 40.69 -43.59 9.91
N TRP B 158 41.94 -43.33 10.30
CA TRP B 158 42.60 -44.04 11.38
C TRP B 158 42.64 -43.16 12.62
N ASN B 159 42.06 -43.66 13.72
CA ASN B 159 42.12 -43.07 15.06
C ASN B 159 41.58 -41.64 15.09
N SER B 160 40.41 -41.48 14.42
CA SER B 160 39.63 -40.23 14.39
C SER B 160 40.40 -39.04 13.83
N GLY B 161 41.32 -39.29 12.91
CA GLY B 161 41.99 -38.23 12.19
C GLY B 161 43.06 -37.48 12.95
N SER B 162 43.44 -37.95 14.14
CA SER B 162 44.56 -37.30 14.84
C SER B 162 45.89 -37.67 14.19
N LEU B 163 46.00 -38.90 13.72
CA LEU B 163 47.17 -39.35 12.98
C LEU B 163 47.05 -39.13 11.49
N SER B 164 46.15 -38.23 11.05
CA SER B 164 45.94 -37.91 9.63
C SER B 164 47.12 -37.18 9.01
N SER B 165 48.07 -36.76 9.85
CA SER B 165 49.40 -36.38 9.36
C SER B 165 50.08 -37.54 8.65
N SER B 166 49.78 -38.78 9.04
CA SER B 166 50.44 -39.96 8.49
C SER B 166 49.46 -41.03 7.97
N VAL B 167 48.16 -40.73 7.85
CA VAL B 167 47.16 -41.70 7.41
C VAL B 167 47.25 -41.86 5.90
N HIS B 168 47.31 -43.11 5.44
CA HIS B 168 47.28 -43.44 4.01
C HIS B 168 45.99 -44.20 3.70
N THR B 169 45.42 -43.92 2.53
CA THR B 169 44.20 -44.58 2.04
C THR B 169 44.27 -44.65 0.52
N PHE B 170 43.90 -45.81 -0.05
CA PHE B 170 44.09 -46.04 -1.48
C PHE B 170 42.77 -46.07 -2.22
N PRO B 171 42.73 -45.71 -3.49
CA PRO B 171 41.52 -45.96 -4.29
C PRO B 171 41.38 -47.44 -4.63
N ALA B 172 40.22 -47.77 -5.19
CA ALA B 172 39.92 -49.15 -5.57
C ALA B 172 39.83 -49.30 -7.08
N LEU B 173 39.67 -50.54 -7.53
CA LEU B 173 39.55 -50.86 -8.95
C LEU B 173 38.43 -51.86 -9.16
N LEU B 174 37.81 -51.81 -10.34
CA LEU B 174 36.70 -52.68 -10.69
C LEU B 174 37.22 -54.01 -11.23
N GLN B 175 37.14 -55.05 -10.39
CA GLN B 175 37.46 -56.41 -10.81
C GLN B 175 36.24 -57.29 -10.61
N SER B 176 35.66 -57.75 -11.73
CA SER B 176 34.45 -58.59 -11.78
C SER B 176 33.28 -57.99 -10.99
N GLY B 177 32.95 -56.74 -11.32
CA GLY B 177 31.78 -56.10 -10.75
C GLY B 177 31.88 -55.74 -9.30
N LEU B 178 33.08 -55.60 -8.75
CA LEU B 178 33.29 -55.23 -7.36
C LEU B 178 34.60 -54.46 -7.22
N TYR B 179 34.70 -53.69 -6.15
CA TYR B 179 35.86 -52.85 -5.87
C TYR B 179 36.60 -53.38 -4.65
N THR B 180 37.93 -53.29 -4.68
CA THR B 180 38.79 -53.77 -3.61
C THR B 180 39.91 -52.77 -3.34
N MET B 181 40.16 -52.51 -2.05
CA MET B 181 41.04 -51.42 -1.63
C MET B 181 41.74 -51.79 -0.34
N SER B 182 42.56 -50.87 0.15
CA SER B 182 43.26 -51.00 1.42
C SER B 182 43.63 -49.61 1.94
N SER B 183 44.32 -49.58 3.07
CA SER B 183 44.72 -48.35 3.73
C SER B 183 45.88 -48.62 4.68
N SER B 184 46.61 -47.57 5.04
CA SER B 184 47.80 -47.72 5.88
C SER B 184 47.95 -46.51 6.81
N VAL B 185 48.98 -46.57 7.66
CA VAL B 185 49.43 -45.45 8.47
C VAL B 185 50.85 -45.77 8.93
N THR B 186 51.70 -44.73 9.00
CA THR B 186 53.06 -44.86 9.51
C THR B 186 53.14 -44.19 10.87
N VAL B 187 53.07 -45.01 11.92
CA VAL B 187 53.09 -44.56 13.31
C VAL B 187 54.35 -45.13 13.94
N PRO B 188 55.06 -44.40 14.80
CA PRO B 188 56.15 -45.00 15.58
C PRO B 188 55.63 -46.10 16.52
N SER B 189 56.54 -47.00 16.91
CA SER B 189 56.12 -48.22 17.61
C SER B 189 55.91 -48.00 19.09
N SER B 190 55.94 -46.75 19.56
CA SER B 190 55.58 -46.48 20.95
C SER B 190 54.07 -46.62 21.16
N THR B 191 53.29 -46.45 20.09
CA THR B 191 51.83 -46.55 20.20
C THR B 191 51.35 -48.00 20.18
N TRP B 192 51.72 -48.76 19.14
CA TRP B 192 51.21 -50.10 18.88
C TRP B 192 52.18 -51.17 19.41
N PRO B 193 51.67 -52.27 19.99
CA PRO B 193 50.28 -52.60 20.29
C PRO B 193 49.88 -52.35 21.74
N SER B 194 50.69 -51.57 22.48
CA SER B 194 50.34 -51.25 23.85
C SER B 194 49.09 -50.37 23.92
N GLN B 195 49.03 -49.35 23.08
CA GLN B 195 47.81 -48.60 22.86
C GLN B 195 47.22 -49.02 21.52
N THR B 196 45.95 -49.41 21.54
CA THR B 196 45.32 -50.00 20.37
C THR B 196 45.02 -48.94 19.32
N VAL B 197 44.98 -49.37 18.06
CA VAL B 197 44.83 -48.48 16.92
C VAL B 197 43.71 -49.03 16.04
N THR B 198 42.75 -48.18 15.69
CA THR B 198 41.60 -48.61 14.90
C THR B 198 41.50 -47.81 13.61
N CYS B 199 41.16 -48.50 12.53
CA CYS B 199 40.81 -47.87 11.26
C CYS B 199 39.29 -47.92 11.08
N SER B 200 38.72 -46.84 10.57
CA SER B 200 37.28 -46.69 10.46
C SER B 200 36.86 -46.79 9.00
N VAL B 201 36.19 -47.89 8.66
CA VAL B 201 35.71 -48.14 7.31
C VAL B 201 34.19 -48.28 7.37
N ALA B 202 33.49 -47.56 6.48
CA ALA B 202 32.05 -47.63 6.38
C ALA B 202 31.65 -47.95 4.94
N HIS B 203 30.33 -48.03 4.69
CA HIS B 203 29.80 -48.28 3.36
C HIS B 203 28.48 -47.53 3.21
N PRO B 204 28.38 -46.61 2.25
CA PRO B 204 27.15 -45.83 2.11
C PRO B 204 26.01 -46.59 1.46
N ALA B 205 26.32 -47.61 0.65
CA ALA B 205 25.28 -48.24 -0.15
C ALA B 205 24.53 -49.31 0.63
N SER B 206 25.26 -50.15 1.37
CA SER B 206 24.59 -51.15 2.20
C SER B 206 24.25 -50.61 3.59
N SER B 207 24.76 -49.42 3.95
CA SER B 207 24.66 -48.84 5.29
C SER B 207 25.12 -49.82 6.37
N THR B 208 26.27 -50.45 6.15
CA THR B 208 26.78 -51.48 7.03
C THR B 208 28.18 -51.11 7.50
N THR B 209 28.33 -50.93 8.82
CA THR B 209 29.59 -50.52 9.43
C THR B 209 30.03 -51.56 10.44
N VAL B 210 31.29 -51.98 10.34
CA VAL B 210 31.91 -52.88 11.31
C VAL B 210 33.23 -52.27 11.74
N ASP B 211 33.35 -51.97 13.04
CA ASP B 211 34.54 -51.36 13.60
C ASP B 211 35.42 -52.43 14.25
N LYS B 212 36.73 -52.34 13.99
CA LYS B 212 37.72 -53.25 14.54
C LYS B 212 38.92 -52.43 15.00
N LYS B 213 39.59 -52.86 16.06
CA LYS B 213 40.79 -52.21 16.55
C LYS B 213 41.97 -53.17 16.48
N LEU B 214 43.09 -52.66 15.97
CA LEU B 214 44.31 -53.47 15.84
C LEU B 214 45.05 -53.51 17.17
N SER C 28 -56.39 -8.48 47.99
CA SER C 28 -56.86 -9.69 48.65
C SER C 28 -56.84 -9.51 50.17
N VAL C 29 -56.47 -10.58 50.88
CA VAL C 29 -56.15 -10.47 52.30
C VAL C 29 -54.93 -9.58 52.44
N TRP C 30 -54.99 -8.64 53.40
CA TRP C 30 -53.95 -7.64 53.56
C TRP C 30 -52.63 -8.27 53.94
N ARG C 31 -51.57 -7.85 53.25
CA ARG C 31 -50.28 -8.51 53.29
C ARG C 31 -49.44 -7.94 54.42
N PRO C 32 -48.76 -8.81 55.16
CA PRO C 32 -47.72 -8.32 56.08
C PRO C 32 -46.36 -8.22 55.39
N SER C 33 -46.21 -8.91 54.27
CA SER C 33 -44.93 -8.94 53.56
C SER C 33 -44.86 -7.79 52.55
N GLU C 34 -43.78 -7.02 52.66
CA GLU C 34 -43.58 -5.84 51.83
C GLU C 34 -42.18 -5.87 51.21
N ALA C 35 -41.86 -4.85 50.43
CA ALA C 35 -40.54 -4.70 49.85
C ALA C 35 -39.94 -3.36 50.25
N THR C 36 -38.76 -3.07 49.69
CA THR C 36 -38.08 -1.81 49.96
C THR C 36 -38.51 -0.74 48.97
N VAL C 37 -37.85 0.42 49.03
CA VAL C 37 -38.20 1.58 48.23
C VAL C 37 -36.94 2.43 48.05
N TYR C 38 -36.86 3.15 46.93
CA TYR C 38 -35.90 4.24 46.79
C TYR C 38 -36.64 5.56 46.94
N LEU C 39 -36.38 6.22 47.95
CA LEU C 39 -36.84 7.54 48.35
C LEU C 39 -36.12 8.61 47.55
N PRO C 40 -36.64 9.84 47.46
CA PRO C 40 -35.82 10.95 46.98
C PRO C 40 -34.75 11.27 48.02
N PRO C 41 -33.49 11.34 47.62
CA PRO C 41 -32.39 11.25 48.59
C PRO C 41 -32.06 12.60 49.21
N VAL C 42 -31.10 12.55 50.14
CA VAL C 42 -30.58 13.78 50.76
C VAL C 42 -29.73 14.52 49.73
N PRO C 43 -29.85 15.85 49.64
CA PRO C 43 -29.00 16.60 48.71
C PRO C 43 -27.53 16.56 49.06
N VAL C 44 -26.67 16.67 48.05
CA VAL C 44 -25.24 16.56 48.21
C VAL C 44 -24.62 17.93 47.93
N SER C 45 -23.42 18.19 48.48
CA SER C 45 -22.65 19.37 48.13
C SER C 45 -22.29 19.30 46.65
N LYS C 46 -22.88 20.18 45.84
CA LYS C 46 -22.76 20.13 44.40
C LYS C 46 -21.79 21.19 43.88
N VAL C 47 -21.18 20.89 42.73
CA VAL C 47 -20.33 21.85 42.05
C VAL C 47 -21.12 22.54 40.95
N VAL C 48 -21.06 23.87 40.94
CA VAL C 48 -21.70 24.66 39.89
C VAL C 48 -20.61 25.27 39.02
N SER C 49 -20.92 25.46 37.74
CA SER C 49 -19.93 25.97 36.80
C SER C 49 -19.71 27.46 37.01
N THR C 50 -18.73 27.98 36.27
CA THR C 50 -18.21 29.34 36.46
C THR C 50 -19.09 30.42 35.84
N ASP C 51 -20.32 30.10 35.46
CA ASP C 51 -21.27 31.10 35.00
C ASP C 51 -21.84 31.93 36.15
N GLU C 52 -22.01 31.33 37.32
CA GLU C 52 -22.74 31.98 38.40
C GLU C 52 -21.88 33.02 39.11
N TYR C 53 -20.59 32.73 39.28
CA TYR C 53 -19.78 33.51 40.22
C TYR C 53 -18.64 34.26 39.53
N VAL C 54 -18.08 33.71 38.46
CA VAL C 54 -16.98 34.39 37.78
C VAL C 54 -17.53 35.51 36.93
N SER C 55 -16.93 36.69 37.04
CA SER C 55 -17.22 37.83 36.21
C SER C 55 -16.43 37.72 34.90
N ARG C 56 -16.36 38.81 34.15
CA ARG C 56 -15.57 38.85 32.93
C ARG C 56 -15.11 40.28 32.68
N THR C 57 -13.80 40.43 32.45
CA THR C 57 -13.24 41.72 32.11
C THR C 57 -13.00 41.78 30.61
N SER C 58 -12.67 42.95 30.07
CA SER C 58 -12.31 43.01 28.66
C SER C 58 -10.84 43.36 28.54
N ILE C 59 -10.02 42.80 29.42
CA ILE C 59 -8.64 43.21 29.59
C ILE C 59 -7.78 42.04 29.17
N TYR C 60 -7.23 42.12 27.96
CA TYR C 60 -6.50 41.03 27.35
C TYR C 60 -4.99 41.25 27.49
N TYR C 61 -4.24 40.15 27.41
CA TYR C 61 -2.80 40.22 27.65
C TYR C 61 -2.03 39.27 26.75
N TYR C 62 -0.82 39.67 26.39
CA TYR C 62 0.07 38.84 25.59
C TYR C 62 0.99 38.01 26.49
N ALA C 63 1.42 36.86 25.97
CA ALA C 63 2.40 36.00 26.65
C ALA C 63 3.09 35.17 25.57
N GLY C 64 4.36 35.49 25.32
CA GLY C 64 5.12 34.81 24.29
C GLY C 64 6.59 34.62 24.67
N SER C 65 7.05 33.38 24.50
CA SER C 65 8.41 33.05 24.88
C SER C 65 9.36 33.20 23.70
N SER C 66 10.66 33.14 24.01
CA SER C 66 11.70 33.16 23.00
C SER C 66 12.11 31.73 22.63
N ARG C 67 13.23 31.62 21.92
CA ARG C 67 13.74 30.35 21.45
C ARG C 67 14.29 29.52 22.60
N LEU C 68 14.19 28.20 22.46
CA LEU C 68 14.54 27.24 23.49
C LEU C 68 15.73 26.38 23.05
N LEU C 69 16.55 25.97 24.01
CA LEU C 69 17.59 24.97 23.79
C LEU C 69 17.00 23.58 24.10
N ALA C 70 17.04 22.70 23.11
CA ALA C 70 16.56 21.34 23.23
C ALA C 70 17.23 20.48 22.18
N VAL C 71 18.15 19.62 22.62
CA VAL C 71 19.01 18.84 21.74
C VAL C 71 19.62 17.71 22.58
N GLY C 72 19.88 16.57 21.96
CA GLY C 72 20.70 15.59 22.64
C GLY C 72 20.51 14.13 22.26
N ASN C 73 20.69 13.27 23.26
CA ASN C 73 20.84 11.88 22.87
C ASN C 73 19.49 11.18 22.77
N PRO C 74 19.25 10.52 21.64
CA PRO C 74 18.00 9.75 21.48
C PRO C 74 17.84 8.56 22.43
N TYR C 75 18.90 7.91 22.86
CA TYR C 75 18.77 6.56 23.40
C TYR C 75 18.87 6.49 24.92
N PHE C 76 19.86 7.12 25.54
CA PHE C 76 19.99 7.06 27.00
C PHE C 76 20.86 8.19 27.52
N SER C 77 20.57 8.58 28.75
CA SER C 77 21.44 9.51 29.47
C SER C 77 22.78 8.85 29.75
N ILE C 78 23.84 9.64 29.73
CA ILE C 78 25.18 9.13 30.00
C ILE C 78 25.72 9.83 31.25
N LYS C 79 25.91 9.05 32.30
CA LYS C 79 26.48 9.52 33.55
C LYS C 79 27.97 9.76 33.38
N SER C 80 28.54 10.50 34.32
CA SER C 80 29.99 10.61 34.36
C SER C 80 30.59 9.29 34.80
N PRO C 81 31.53 8.74 34.05
CA PRO C 81 32.18 7.49 34.45
C PRO C 81 33.01 7.70 35.71
N ASN C 82 32.89 6.73 36.62
CA ASN C 82 33.46 6.63 37.97
C ASN C 82 32.99 7.73 38.92
N ASN C 83 32.10 8.61 38.47
CA ASN C 83 31.33 9.46 39.37
C ASN C 83 29.90 8.97 39.49
N ASN C 84 29.18 8.90 38.36
CA ASN C 84 27.85 8.31 38.22
C ASN C 84 26.82 8.96 39.13
N LYS C 85 27.02 10.24 39.47
CA LYS C 85 26.04 11.01 40.20
C LYS C 85 25.49 12.17 39.37
N LYS C 86 26.28 12.69 38.46
CA LYS C 86 25.82 13.62 37.45
C LYS C 86 25.82 12.90 36.10
N VAL C 87 25.30 13.58 35.08
CA VAL C 87 25.23 13.03 33.74
C VAL C 87 25.96 13.94 32.77
N LEU C 88 26.51 13.36 31.71
CA LEU C 88 27.19 14.13 30.67
C LEU C 88 26.17 14.71 29.69
N VAL C 89 25.39 13.84 29.06
CA VAL C 89 24.38 14.20 28.09
C VAL C 89 23.11 13.41 28.42
N PRO C 90 21.96 14.04 28.58
CA PRO C 90 20.76 13.29 28.93
C PRO C 90 20.15 12.58 27.73
N LYS C 91 19.21 11.68 28.03
CA LYS C 91 18.39 11.09 26.99
C LYS C 91 17.40 12.13 26.51
N VAL C 92 17.54 12.56 25.27
CA VAL C 92 16.65 13.55 24.66
C VAL C 92 15.92 12.85 23.52
N SER C 93 14.64 12.56 23.74
CA SER C 93 13.85 11.77 22.81
C SER C 93 12.46 12.37 22.70
N GLY C 94 11.93 12.39 21.46
CA GLY C 94 10.68 13.07 21.21
C GLY C 94 9.44 12.23 21.48
N LEU C 95 9.58 10.90 21.40
CA LEU C 95 8.44 10.02 21.64
C LEU C 95 8.02 9.98 23.10
N GLN C 96 8.87 10.47 24.01
CA GLN C 96 8.47 10.65 25.39
C GLN C 96 7.42 11.75 25.50
N TYR C 97 6.72 11.75 26.63
CA TYR C 97 5.81 12.84 26.95
C TYR C 97 6.59 14.13 27.17
N ARG C 98 5.90 15.26 27.02
CA ARG C 98 6.56 16.57 27.03
C ARG C 98 5.76 17.54 27.88
N VAL C 99 6.18 17.72 29.14
CA VAL C 99 5.52 18.68 30.02
C VAL C 99 6.48 19.85 30.23
N PHE C 100 5.92 21.04 30.44
CA PHE C 100 6.69 22.22 30.79
C PHE C 100 5.93 23.04 31.82
N ARG C 101 6.60 23.38 32.91
CA ARG C 101 5.93 24.12 33.98
C ARG C 101 6.13 25.61 33.68
N VAL C 102 5.12 26.20 33.06
CA VAL C 102 5.18 27.63 32.77
C VAL C 102 4.94 28.40 34.06
N ARG C 103 5.55 29.58 34.15
CA ARG C 103 5.39 30.44 35.31
C ARG C 103 4.71 31.72 34.89
N LEU C 104 3.52 31.93 35.43
CA LEU C 104 2.74 33.10 35.08
C LEU C 104 2.61 34.03 36.28
N PRO C 105 2.51 35.34 36.05
CA PRO C 105 2.43 36.27 37.19
C PRO C 105 1.11 36.16 37.95
N ASP C 106 1.09 36.78 39.12
CA ASP C 106 -0.13 36.92 39.88
C ASP C 106 -0.81 38.22 39.49
N PRO C 107 -2.14 38.26 39.37
CA PRO C 107 -2.78 39.51 38.93
C PRO C 107 -2.92 40.51 40.05
N ASN C 108 -2.58 40.10 41.28
CA ASN C 108 -2.68 40.98 42.43
C ASN C 108 -1.37 41.69 42.74
N LYS C 109 -0.30 41.44 41.98
CA LYS C 109 0.97 42.10 42.22
C LYS C 109 1.43 42.88 40.98
N PHE C 110 0.47 43.43 40.24
CA PHE C 110 0.73 43.92 38.90
C PHE C 110 1.08 45.41 38.93
N GLY C 111 1.91 45.79 37.98
CA GLY C 111 2.22 47.18 37.69
C GLY C 111 1.14 47.78 36.82
N PHE C 112 0.01 48.13 37.44
CA PHE C 112 -1.20 48.48 36.69
C PHE C 112 -1.03 49.83 36.00
N PRO C 113 -1.47 49.96 34.76
CA PRO C 113 -1.74 51.30 34.21
C PRO C 113 -3.03 51.91 34.72
N ASP C 114 -3.96 51.09 35.21
CA ASP C 114 -5.27 51.60 35.62
C ASP C 114 -5.85 50.66 36.67
N THR C 115 -6.45 51.23 37.72
CA THR C 115 -7.17 50.50 38.77
C THR C 115 -8.53 51.09 39.07
N SER C 116 -9.03 51.97 38.20
CA SER C 116 -10.11 52.89 38.56
C SER C 116 -11.50 52.33 38.25
N PHE C 117 -11.66 51.02 38.35
CA PHE C 117 -12.92 50.39 38.00
C PHE C 117 -13.42 49.39 39.04
N TYR C 118 -12.75 49.26 40.18
CA TYR C 118 -13.05 48.19 41.13
C TYR C 118 -12.58 48.59 42.51
N ASN C 119 -12.74 47.68 43.46
CA ASN C 119 -12.23 47.86 44.80
C ASN C 119 -11.44 46.64 45.21
N PRO C 120 -10.11 46.72 45.32
CA PRO C 120 -9.28 45.52 45.56
C PRO C 120 -9.47 44.88 46.92
N ASP C 121 -10.08 45.59 47.87
CA ASP C 121 -10.23 45.08 49.23
C ASP C 121 -11.16 43.86 49.29
N THR C 122 -12.22 43.85 48.48
CA THR C 122 -13.19 42.76 48.53
C THR C 122 -13.27 42.04 47.20
N GLN C 123 -12.51 42.47 46.19
CA GLN C 123 -12.59 41.89 44.86
C GLN C 123 -11.23 41.36 44.48
N ARG C 124 -11.19 40.06 44.18
CA ARG C 124 -9.95 39.36 43.90
C ARG C 124 -9.87 39.08 42.42
N LEU C 125 -8.64 39.06 41.91
CA LEU C 125 -8.39 39.00 40.48
C LEU C 125 -7.82 37.64 40.12
N VAL C 126 -8.16 37.16 38.92
CA VAL C 126 -7.60 35.93 38.39
C VAL C 126 -7.53 36.05 36.87
N TRP C 127 -6.44 35.53 36.31
CA TRP C 127 -6.30 35.48 34.86
C TRP C 127 -7.29 34.48 34.28
N ALA C 128 -7.56 34.62 32.98
CA ALA C 128 -8.49 33.73 32.30
C ALA C 128 -8.03 33.57 30.85
N CYS C 129 -7.70 32.34 30.46
CA CYS C 129 -7.23 32.09 29.12
C CYS C 129 -8.35 32.25 28.11
N VAL C 130 -7.98 32.61 26.88
CA VAL C 130 -8.96 32.81 25.81
C VAL C 130 -8.61 32.03 24.55
N GLY C 131 -7.36 31.68 24.34
CA GLY C 131 -6.97 31.02 23.10
C GLY C 131 -5.61 30.39 23.22
N LEU C 132 -5.17 29.77 22.12
CA LEU C 132 -3.94 29.00 22.16
C LEU C 132 -3.28 28.96 20.79
N GLU C 133 -1.97 28.74 20.82
CA GLU C 133 -1.13 28.61 19.64
C GLU C 133 0.18 27.94 20.05
N ILE C 134 0.70 27.07 19.19
CA ILE C 134 1.86 26.27 19.49
C ILE C 134 2.88 26.45 18.36
N GLY C 135 4.13 26.71 18.73
CA GLY C 135 5.20 26.76 17.75
C GLY C 135 6.24 25.68 17.95
N ARG C 136 6.67 25.11 16.84
CA ARG C 136 7.66 24.04 16.84
C ARG C 136 8.34 23.98 15.47
N GLY C 137 9.65 24.15 15.43
CA GLY C 137 10.31 24.08 14.13
C GLY C 137 11.20 22.88 13.96
N GLN C 138 10.73 21.89 13.22
CA GLN C 138 11.45 20.65 12.92
C GLN C 138 10.97 20.12 11.57
N PRO C 139 11.81 19.40 10.85
CA PRO C 139 11.30 18.66 9.69
C PRO C 139 10.47 17.47 10.13
N LEU C 140 9.82 16.81 9.18
CA LEU C 140 8.83 15.78 9.47
C LEU C 140 9.45 14.39 9.49
N GLY C 141 10.73 14.31 9.87
CA GLY C 141 11.38 13.01 9.99
C GLY C 141 11.03 12.33 11.30
N VAL C 142 10.98 11.00 11.25
CA VAL C 142 10.65 10.18 12.41
C VAL C 142 11.86 9.28 12.68
N GLY C 143 12.07 8.88 13.95
CA GLY C 143 13.24 8.12 14.30
C GLY C 143 13.07 6.62 14.40
N VAL C 144 14.12 5.89 14.03
CA VAL C 144 14.10 4.43 13.92
C VAL C 144 14.81 3.83 15.13
N SER C 145 14.31 2.70 15.62
CA SER C 145 14.80 2.11 16.85
C SER C 145 14.91 0.59 16.73
N GLY C 146 15.70 0.00 17.62
CA GLY C 146 15.89 -1.43 17.62
C GLY C 146 16.66 -1.92 18.83
N HIS C 147 17.19 -3.14 18.71
CA HIS C 147 17.87 -3.82 19.80
C HIS C 147 18.84 -4.80 19.17
N PRO C 148 20.13 -4.73 19.50
CA PRO C 148 21.10 -5.61 18.81
C PRO C 148 21.05 -7.05 19.27
N TYR C 149 20.53 -7.31 20.47
CA TYR C 149 20.37 -8.64 21.03
C TYR C 149 18.90 -8.95 21.18
N LEU C 150 18.13 -8.67 20.14
CA LEU C 150 16.69 -8.84 20.20
C LEU C 150 16.30 -10.26 19.82
N ASN C 151 15.49 -10.89 20.69
CA ASN C 151 15.17 -12.31 20.58
C ASN C 151 14.22 -12.55 19.41
N LYS C 152 14.60 -13.53 18.58
CA LYS C 152 13.86 -13.90 17.39
C LYS C 152 13.74 -15.42 17.32
N PHE C 153 12.55 -15.93 16.98
CA PHE C 153 12.42 -17.33 16.60
C PHE C 153 12.46 -17.48 15.08
N ASP C 154 11.48 -16.90 14.39
CA ASP C 154 11.36 -17.04 12.93
C ASP C 154 10.35 -16.03 12.38
N ASP C 155 10.09 -16.11 11.08
CA ASP C 155 8.91 -15.51 10.47
C ASP C 155 7.82 -16.55 10.40
N THR C 156 6.66 -16.22 10.94
CA THR C 156 5.52 -17.13 10.95
C THR C 156 4.43 -16.64 10.01
N GLU C 157 4.86 -16.00 8.92
CA GLU C 157 3.95 -15.41 7.96
C GLU C 157 3.91 -16.14 6.63
N THR C 158 5.07 -16.50 6.07
CA THR C 158 5.07 -17.05 4.72
C THR C 158 5.41 -18.54 4.65
N SER C 159 6.33 -19.05 5.46
CA SER C 159 6.68 -20.47 5.41
C SER C 159 7.31 -20.87 6.73
N ASN C 160 7.16 -22.14 7.10
CA ASN C 160 7.87 -22.74 8.22
C ASN C 160 8.35 -24.12 7.85
N ARG C 161 9.11 -24.26 6.78
CA ARG C 161 9.65 -25.57 6.42
C ARG C 161 10.68 -25.98 7.47
N TYR C 162 10.21 -26.74 8.46
CA TYR C 162 10.90 -26.82 9.72
C TYR C 162 11.13 -28.23 10.25
N PRO C 163 12.28 -28.48 10.87
CA PRO C 163 12.33 -29.35 12.03
C PRO C 163 12.24 -28.47 13.28
N ALA C 164 12.07 -29.12 14.43
CA ALA C 164 12.18 -28.37 15.67
C ALA C 164 13.65 -27.99 15.89
N GLN C 165 13.98 -26.77 15.48
CA GLN C 165 15.36 -26.35 15.34
C GLN C 165 15.93 -25.95 16.68
N PRO C 166 16.95 -26.65 17.17
CA PRO C 166 17.54 -26.31 18.46
C PRO C 166 18.52 -25.15 18.34
N GLY C 167 19.21 -24.89 19.44
CA GLY C 167 20.16 -23.80 19.54
C GLY C 167 19.69 -22.75 20.53
N SER C 168 20.60 -22.40 21.43
CA SER C 168 20.30 -21.47 22.50
C SER C 168 20.41 -20.02 22.03
N ASP C 169 21.51 -19.66 21.38
CA ASP C 169 21.72 -18.30 20.89
C ASP C 169 20.84 -18.03 19.67
N ASN C 170 19.81 -17.21 19.88
CA ASN C 170 18.85 -16.92 18.82
C ASN C 170 18.53 -15.43 18.70
N ARG C 171 19.23 -14.57 19.44
CA ARG C 171 18.91 -13.15 19.41
C ARG C 171 19.56 -12.50 18.18
N GLU C 172 18.89 -11.48 17.65
CA GLU C 172 19.32 -10.85 16.41
C GLU C 172 19.31 -9.33 16.55
N CYS C 173 19.88 -8.65 15.56
CA CYS C 173 20.03 -7.20 15.55
C CYS C 173 19.17 -6.63 14.44
N LEU C 174 17.92 -6.35 14.73
CA LEU C 174 17.00 -5.76 13.77
C LEU C 174 16.54 -4.40 14.27
N SER C 175 15.71 -3.74 13.46
CA SER C 175 15.30 -2.38 13.78
C SER C 175 13.86 -2.16 13.32
N MET C 176 13.25 -1.07 13.80
CA MET C 176 11.84 -0.83 13.54
C MET C 176 11.50 0.63 13.87
N ASP C 177 10.62 1.21 13.05
CA ASP C 177 10.04 2.50 13.37
C ASP C 177 8.64 2.28 13.94
N TYR C 178 7.93 3.35 14.28
CA TYR C 178 6.68 3.22 15.01
C TYR C 178 5.61 4.12 14.40
N LYS C 179 4.53 4.25 15.15
CA LYS C 179 3.30 4.84 14.67
C LYS C 179 3.29 6.33 14.96
N GLN C 180 2.80 7.12 14.00
CA GLN C 180 2.77 8.56 14.21
C GLN C 180 1.56 8.93 15.05
N THR C 181 1.69 10.02 15.80
CA THR C 181 0.62 10.55 16.63
C THR C 181 0.96 11.97 17.03
N GLN C 182 0.00 12.88 16.78
CA GLN C 182 0.01 14.19 17.40
C GLN C 182 -1.09 14.22 18.45
N LEU C 183 -0.84 14.96 19.53
CA LEU C 183 -1.81 15.05 20.62
C LEU C 183 -1.52 16.31 21.42
N CYS C 184 -2.53 16.77 22.15
CA CYS C 184 -2.40 17.93 23.03
C CYS C 184 -3.46 17.87 24.13
N LEU C 185 -3.35 18.80 25.07
CA LEU C 185 -4.24 18.86 26.22
C LEU C 185 -4.18 20.27 26.77
N ILE C 186 -5.24 20.71 27.44
CA ILE C 186 -5.21 21.93 28.23
C ILE C 186 -5.79 21.62 29.60
N GLY C 187 -4.99 21.86 30.65
CA GLY C 187 -5.44 21.63 31.99
C GLY C 187 -4.69 22.41 33.05
N CYS C 188 -5.43 22.97 34.01
CA CYS C 188 -4.86 23.71 35.13
C CYS C 188 -4.32 22.78 36.20
N LYS C 189 -4.64 21.49 36.14
CA LYS C 189 -4.16 20.48 37.05
C LYS C 189 -3.38 19.44 36.25
N PRO C 190 -2.44 18.73 36.88
CA PRO C 190 -1.57 17.80 36.14
C PRO C 190 -2.34 16.61 35.59
N PRO C 191 -1.90 16.07 34.47
CA PRO C 191 -2.67 15.00 33.82
C PRO C 191 -2.46 13.65 34.49
N THR C 192 -3.45 12.79 34.35
CA THR C 192 -3.43 11.46 34.95
C THR C 192 -3.18 10.44 33.84
N GLY C 193 -2.12 9.64 34.00
CA GLY C 193 -1.88 8.52 33.14
C GLY C 193 -2.28 7.22 33.81
N GLU C 194 -2.10 6.13 33.08
CA GLU C 194 -2.41 4.83 33.65
C GLU C 194 -1.57 3.78 32.97
N HIS C 195 -1.44 2.62 33.64
CA HIS C 195 -0.59 1.54 33.18
C HIS C 195 -0.91 0.31 34.01
N TRP C 196 -0.68 -0.85 33.40
CA TRP C 196 -0.83 -2.09 34.12
C TRP C 196 0.48 -2.48 34.80
N GLY C 197 0.40 -3.49 35.65
CA GLY C 197 1.56 -3.94 36.37
C GLY C 197 1.15 -4.93 37.43
N LYS C 198 2.14 -5.53 38.06
CA LYS C 198 1.94 -6.67 38.96
C LYS C 198 1.17 -6.27 40.21
N GLY C 199 0.05 -6.96 40.43
CA GLY C 199 -0.75 -6.75 41.61
C GLY C 199 -0.47 -7.77 42.68
N VAL C 200 -1.49 -8.09 43.47
CA VAL C 200 -1.35 -9.07 44.54
C VAL C 200 -1.20 -10.47 43.96
N ALA C 201 -0.18 -11.18 44.40
CA ALA C 201 0.05 -12.56 43.97
C ALA C 201 -0.79 -13.56 44.73
N CYS C 202 -1.41 -13.14 45.84
CA CYS C 202 -2.38 -13.86 46.67
C CYS C 202 -1.79 -15.03 47.46
N ASN C 203 -0.50 -15.35 47.21
CA ASN C 203 0.39 -16.22 48.00
C ASN C 203 -0.24 -17.54 48.45
N ASN C 204 -1.18 -18.08 47.66
CA ASN C 204 -1.94 -19.22 48.14
C ASN C 204 -2.31 -20.07 46.92
N ASN C 205 -3.21 -21.03 47.14
CA ASN C 205 -4.01 -21.78 46.16
C ASN C 205 -3.20 -22.62 45.17
N ALA C 206 -1.87 -22.65 45.30
CA ALA C 206 -0.93 -23.47 44.51
C ALA C 206 -1.09 -23.18 43.00
N ALA C 207 -0.77 -21.95 42.64
CA ALA C 207 -0.92 -21.48 41.26
C ALA C 207 0.12 -22.17 40.38
N ALA C 208 -0.33 -23.13 39.57
CA ALA C 208 0.57 -23.81 38.66
C ALA C 208 0.99 -22.92 37.50
N THR C 209 0.14 -21.98 37.10
CA THR C 209 0.46 -21.01 36.07
C THR C 209 1.01 -19.76 36.73
N ASP C 210 2.32 -19.56 36.63
CA ASP C 210 2.99 -18.50 37.38
C ASP C 210 2.99 -17.18 36.61
N CYS C 211 1.82 -16.77 36.16
CA CYS C 211 1.78 -15.38 35.75
C CYS C 211 1.46 -14.50 36.95
N PRO C 212 2.27 -13.47 37.21
CA PRO C 212 1.95 -12.51 38.27
C PRO C 212 0.66 -11.78 37.95
N PRO C 213 -0.28 -11.75 38.89
CA PRO C 213 -1.57 -11.11 38.62
C PRO C 213 -1.43 -9.61 38.50
N LEU C 214 -2.26 -9.04 37.64
CA LEU C 214 -2.03 -7.68 37.17
C LEU C 214 -2.76 -6.67 38.06
N GLU C 215 -2.47 -5.39 37.79
CA GLU C 215 -3.12 -4.28 38.47
C GLU C 215 -2.94 -3.05 37.60
N LEU C 216 -4.05 -2.42 37.26
CA LEU C 216 -4.01 -1.16 36.52
C LEU C 216 -3.67 -0.09 37.54
N PHE C 217 -2.44 0.40 37.46
CA PHE C 217 -2.09 1.56 38.24
C PHE C 217 -2.45 2.82 37.45
N ASN C 218 -2.61 3.91 38.17
CA ASN C 218 -3.02 5.17 37.54
C ASN C 218 -2.07 6.25 38.01
N SER C 219 -1.30 6.78 37.07
CA SER C 219 -0.13 7.60 37.39
C SER C 219 -0.40 9.03 36.95
N ILE C 220 0.50 9.94 37.31
CA ILE C 220 0.46 11.32 36.86
C ILE C 220 1.56 11.48 35.81
N ILE C 221 1.21 12.05 34.66
CA ILE C 221 2.12 12.12 33.54
C ILE C 221 3.12 13.26 33.74
N GLU C 222 4.40 12.93 33.59
CA GLU C 222 5.47 13.92 33.48
C GLU C 222 6.17 13.72 32.14
N ASP C 223 7.25 14.44 31.94
CA ASP C 223 8.06 14.26 30.75
C ASP C 223 9.19 13.28 31.01
N GLY C 224 9.67 12.64 29.94
CA GLY C 224 10.77 11.71 30.01
C GLY C 224 10.37 10.26 29.79
N ASP C 225 9.27 9.82 30.36
CA ASP C 225 8.70 8.51 30.10
C ASP C 225 8.02 8.51 28.74
N MET C 226 8.02 7.35 28.10
CA MET C 226 7.55 7.22 26.73
C MET C 226 6.12 6.70 26.66
N VAL C 227 5.60 6.66 25.44
CA VAL C 227 4.27 6.14 25.15
C VAL C 227 4.48 4.74 24.56
N ASP C 228 3.45 3.89 24.60
CA ASP C 228 3.59 2.51 24.16
C ASP C 228 3.69 2.41 22.64
N THR C 229 4.47 1.44 22.17
CA THR C 229 4.75 1.23 20.75
C THR C 229 3.99 0.04 20.19
N GLY C 230 2.76 -0.17 20.66
CA GLY C 230 1.96 -1.27 20.16
C GLY C 230 2.20 -2.59 20.83
N PHE C 231 2.64 -2.59 22.10
CA PHE C 231 2.92 -3.83 22.81
C PHE C 231 2.19 -3.92 24.15
N GLY C 232 1.24 -3.02 24.42
CA GLY C 232 0.49 -3.07 25.64
C GLY C 232 1.12 -2.28 26.78
N CYS C 233 0.31 -1.44 27.44
CA CYS C 233 0.81 -0.54 28.46
C CYS C 233 1.23 -1.29 29.73
N MET C 234 2.49 -1.70 29.77
CA MET C 234 3.03 -2.49 30.86
C MET C 234 4.33 -1.87 31.35
N ASP C 235 4.86 -2.44 32.43
CA ASP C 235 6.20 -2.12 32.90
C ASP C 235 7.15 -3.17 32.33
N PHE C 236 8.09 -2.73 31.50
CA PHE C 236 9.04 -3.64 30.91
C PHE C 236 10.11 -4.08 31.89
N GLY C 237 10.24 -3.43 33.03
CA GLY C 237 11.22 -3.82 34.02
C GLY C 237 10.87 -5.08 34.77
N THR C 238 9.81 -5.03 35.58
CA THR C 238 9.47 -6.15 36.45
C THR C 238 8.67 -7.23 35.76
N LEU C 239 8.04 -6.94 34.62
CA LEU C 239 7.16 -7.90 33.99
C LEU C 239 7.77 -8.56 32.76
N GLN C 240 8.92 -8.10 32.31
CA GLN C 240 9.70 -8.79 31.30
C GLN C 240 10.98 -9.32 31.90
N ALA C 241 11.59 -10.28 31.23
CA ALA C 241 12.78 -10.92 31.79
C ALA C 241 13.92 -11.05 30.79
N ASN C 242 13.62 -11.05 29.50
CA ASN C 242 14.67 -11.37 28.54
C ASN C 242 15.53 -10.18 28.15
N LYS C 243 15.01 -8.94 28.32
CA LYS C 243 15.60 -7.70 27.79
C LYS C 243 15.80 -7.77 26.27
N SER C 244 15.01 -8.61 25.62
CA SER C 244 15.19 -8.99 24.24
C SER C 244 13.86 -9.13 23.55
N ASP C 245 12.80 -8.63 24.18
CA ASP C 245 11.48 -8.58 23.58
C ASP C 245 11.14 -7.16 23.14
N VAL C 246 11.88 -6.18 23.66
CA VAL C 246 11.62 -4.77 23.39
C VAL C 246 12.93 -4.15 22.91
N PRO C 247 12.89 -3.06 22.14
CA PRO C 247 14.11 -2.33 21.84
C PRO C 247 14.67 -1.63 23.07
N ILE C 248 15.92 -1.16 22.93
CA ILE C 248 16.70 -0.70 24.07
C ILE C 248 16.16 0.58 24.70
N ASP C 249 15.32 1.34 23.99
CA ASP C 249 14.71 2.51 24.58
C ASP C 249 13.69 2.14 25.65
N ILE C 250 12.95 1.06 25.42
CA ILE C 250 11.90 0.64 26.33
C ILE C 250 12.35 -0.62 27.05
N CYS C 251 13.65 -0.76 27.25
CA CYS C 251 14.15 -2.02 27.78
C CYS C 251 14.32 -1.99 29.30
N ASN C 252 14.54 -0.81 29.88
CA ASN C 252 14.53 -0.66 31.34
C ASN C 252 13.68 0.54 31.73
N SER C 253 12.49 0.61 31.14
CA SER C 253 11.58 1.73 31.40
C SER C 253 10.16 1.21 31.31
N THR C 254 9.20 2.13 31.45
CA THR C 254 7.78 1.78 31.48
C THR C 254 7.02 2.79 30.63
N CYS C 255 6.27 2.29 29.66
CA CYS C 255 5.39 3.12 28.85
C CYS C 255 4.15 3.46 29.66
N LYS C 256 3.55 4.62 29.38
CA LYS C 256 2.31 5.01 30.03
C LYS C 256 1.23 5.28 29.00
N TYR C 257 -0.02 5.43 29.46
CA TYR C 257 -1.15 5.77 28.62
C TYR C 257 -2.02 6.70 29.44
N PRO C 258 -2.55 7.78 28.87
CA PRO C 258 -3.33 8.72 29.66
C PRO C 258 -4.70 8.17 30.01
N ASP C 259 -5.28 8.79 31.04
CA ASP C 259 -6.55 8.36 31.63
C ASP C 259 -7.57 9.47 31.40
N TYR C 260 -8.33 9.35 30.32
CA TYR C 260 -9.15 10.46 29.84
C TYR C 260 -10.50 10.53 30.53
N LEU C 261 -11.26 9.44 30.49
CA LEU C 261 -12.64 9.44 30.94
C LEU C 261 -12.79 9.60 32.44
N LYS C 262 -11.79 9.21 33.22
CA LYS C 262 -11.86 9.48 34.65
C LYS C 262 -11.43 10.92 34.95
N MET C 263 -10.56 11.49 34.12
CA MET C 263 -10.39 12.94 34.14
C MET C 263 -11.65 13.65 33.67
N ALA C 264 -12.43 13.04 32.79
CA ALA C 264 -13.71 13.59 32.40
C ALA C 264 -14.75 13.50 33.51
N SER C 265 -14.54 12.61 34.48
CA SER C 265 -15.41 12.51 35.65
C SER C 265 -14.74 13.05 36.91
N GLU C 266 -13.75 13.94 36.76
CA GLU C 266 -13.22 14.63 37.92
C GLU C 266 -14.29 15.58 38.46
N PRO C 267 -14.41 15.71 39.80
CA PRO C 267 -15.45 16.58 40.39
C PRO C 267 -15.40 18.05 39.99
N TYR C 268 -14.23 18.53 39.56
CA TYR C 268 -14.17 19.90 39.06
C TYR C 268 -13.79 19.98 37.59
N GLY C 269 -13.06 19.00 37.08
CA GLY C 269 -12.64 19.03 35.69
C GLY C 269 -11.56 20.05 35.39
N ASP C 270 -10.63 20.24 36.32
CA ASP C 270 -9.62 21.29 36.22
C ASP C 270 -8.33 20.81 35.56
N SER C 271 -8.34 19.62 35.00
CA SER C 271 -7.19 19.13 34.25
C SER C 271 -7.51 18.88 32.79
N LEU C 272 -8.78 18.97 32.39
CA LEU C 272 -9.15 18.86 30.98
C LEU C 272 -10.07 20.03 30.67
N PHE C 273 -9.50 21.07 30.08
CA PHE C 273 -10.33 22.06 29.40
C PHE C 273 -10.55 21.66 27.96
N PHE C 274 -9.53 21.10 27.33
CA PHE C 274 -9.54 20.76 25.92
C PHE C 274 -8.38 19.80 25.67
N PHE C 275 -8.55 18.96 24.65
CA PHE C 275 -7.53 18.01 24.25
C PHE C 275 -7.77 17.64 22.79
N LEU C 276 -6.75 17.07 22.16
CA LEU C 276 -6.87 16.44 20.86
C LEU C 276 -6.05 15.17 20.82
N ARG C 277 -6.36 14.32 19.84
CA ARG C 277 -5.69 13.04 19.68
C ARG C 277 -5.88 12.58 18.24
N ARG C 278 -4.81 12.02 17.68
CA ARG C 278 -4.82 11.67 16.25
C ARG C 278 -3.81 10.55 16.04
N GLU C 279 -4.30 9.37 15.66
CA GLU C 279 -3.49 8.16 15.70
C GLU C 279 -3.71 7.34 14.44
N GLN C 280 -2.65 6.68 14.01
CA GLN C 280 -2.74 5.69 12.95
C GLN C 280 -1.72 4.60 13.23
N MET C 281 -2.11 3.36 12.94
CA MET C 281 -1.27 2.21 13.23
C MET C 281 -1.70 1.02 12.39
N PHE C 282 -0.71 0.26 11.91
CA PHE C 282 -0.92 -1.01 11.24
C PHE C 282 0.39 -1.78 11.23
N VAL C 283 0.29 -3.10 11.12
CA VAL C 283 1.44 -3.99 11.26
C VAL C 283 2.27 -3.94 9.98
N ARG C 284 3.50 -4.44 10.05
CA ARG C 284 4.26 -4.72 8.85
C ARG C 284 4.47 -6.21 8.64
N HIS C 285 5.02 -6.92 9.61
CA HIS C 285 5.42 -8.31 9.44
C HIS C 285 4.95 -9.13 10.63
N PHE C 286 5.11 -10.45 10.50
CA PHE C 286 4.65 -11.42 11.50
C PHE C 286 5.82 -12.30 11.92
N PHE C 287 6.16 -12.28 13.20
CA PHE C 287 7.25 -13.09 13.71
C PHE C 287 6.80 -13.78 14.98
N ASN C 288 7.62 -14.69 15.48
CA ASN C 288 7.27 -15.41 16.69
C ASN C 288 8.41 -15.41 17.70
N ARG C 289 8.09 -15.75 18.93
CA ARG C 289 9.06 -15.79 20.01
C ARG C 289 9.55 -17.21 20.23
N ALA C 290 10.68 -17.34 20.93
CA ALA C 290 11.41 -18.61 21.02
C ALA C 290 11.40 -19.24 22.39
N GLY C 291 10.84 -18.56 23.39
CA GLY C 291 10.89 -19.06 24.75
C GLY C 291 9.99 -20.27 24.98
N LYS C 292 10.36 -21.03 26.01
CA LYS C 292 9.56 -22.18 26.44
C LYS C 292 8.30 -21.66 27.11
N LEU C 293 7.18 -21.72 26.40
CA LEU C 293 5.96 -21.06 26.85
C LEU C 293 5.36 -21.78 28.06
N GLY C 294 4.47 -21.09 28.75
CA GLY C 294 3.85 -21.60 29.94
C GLY C 294 2.81 -22.68 29.69
N GLU C 295 1.80 -22.36 28.91
CA GLU C 295 0.62 -23.20 28.79
C GLU C 295 0.74 -24.12 27.59
N ALA C 296 0.74 -25.42 27.84
CA ALA C 296 0.67 -26.41 26.78
C ALA C 296 -0.69 -26.36 26.11
N VAL C 297 -0.72 -26.77 24.85
CA VAL C 297 -1.96 -26.70 24.07
C VAL C 297 -2.86 -27.86 24.45
N PRO C 298 -4.17 -27.65 24.56
CA PRO C 298 -5.10 -28.78 24.66
C PRO C 298 -5.04 -29.65 23.42
N ASP C 299 -4.82 -30.94 23.66
CA ASP C 299 -4.54 -31.92 22.62
C ASP C 299 -5.71 -32.15 21.67
N ASP C 300 -6.94 -31.90 22.12
CA ASP C 300 -8.16 -32.17 21.35
C ASP C 300 -8.31 -31.28 20.14
N LEU C 301 -7.64 -30.13 20.13
CA LEU C 301 -7.82 -29.13 19.08
C LEU C 301 -7.17 -29.48 17.75
N TYR C 302 -6.52 -30.63 17.64
CA TYR C 302 -5.69 -30.96 16.49
C TYR C 302 -5.46 -32.46 16.47
N ILE C 303 -4.84 -32.93 15.40
CA ILE C 303 -4.35 -34.30 15.34
C ILE C 303 -2.86 -34.30 15.67
N LYS C 304 -2.41 -35.35 16.36
CA LYS C 304 -1.01 -35.47 16.75
C LYS C 304 -0.09 -35.55 15.54
N GLY C 305 1.14 -35.09 15.74
CA GLY C 305 2.12 -35.00 14.67
C GLY C 305 2.67 -36.35 14.25
N SER C 306 3.57 -36.30 13.27
CA SER C 306 4.20 -37.50 12.75
C SER C 306 5.61 -37.16 12.31
N GLY C 307 6.57 -37.92 12.82
CA GLY C 307 7.96 -37.72 12.46
C GLY C 307 8.53 -36.41 12.95
N ASN C 308 8.90 -35.53 12.02
CA ASN C 308 9.40 -34.22 12.40
C ASN C 308 8.29 -33.30 12.87
N THR C 309 7.05 -33.62 12.53
CA THR C 309 5.89 -32.90 13.05
C THR C 309 5.43 -33.46 14.39
N ALA C 310 5.96 -34.61 14.80
CA ALA C 310 5.64 -35.13 16.12
C ALA C 310 6.27 -34.27 17.21
N VAL C 311 7.49 -33.78 16.98
CA VAL C 311 8.09 -32.82 17.90
C VAL C 311 7.53 -31.44 17.59
N ILE C 312 7.32 -30.64 18.63
CA ILE C 312 6.52 -29.43 18.55
C ILE C 312 7.42 -28.21 18.52
N GLN C 313 7.09 -27.28 17.63
CA GLN C 313 7.74 -25.98 17.53
C GLN C 313 7.07 -25.00 18.50
N SER C 314 7.59 -23.77 18.53
CA SER C 314 6.95 -22.72 19.32
C SER C 314 5.76 -22.15 18.58
N SER C 315 4.92 -21.41 19.30
CA SER C 315 3.72 -20.81 18.72
C SER C 315 3.45 -19.43 19.30
N ALA C 316 4.46 -18.79 19.87
CA ALA C 316 4.31 -17.51 20.56
C ALA C 316 4.60 -16.38 19.57
N PHE C 317 3.59 -16.03 18.78
CA PHE C 317 3.72 -15.01 17.74
C PHE C 317 3.78 -13.62 18.36
N PHE C 318 4.38 -12.69 17.61
CA PHE C 318 4.37 -11.30 18.01
C PHE C 318 4.47 -10.42 16.78
N PRO C 319 3.75 -9.32 16.75
CA PRO C 319 3.72 -8.48 15.55
C PRO C 319 4.75 -7.36 15.57
N THR C 320 4.87 -6.65 14.45
CA THR C 320 5.60 -5.40 14.43
C THR C 320 4.73 -4.29 13.84
N PRO C 321 4.18 -3.40 14.66
CA PRO C 321 3.30 -2.34 14.15
C PRO C 321 4.11 -1.19 13.57
N SER C 322 3.40 -0.31 12.86
CA SER C 322 4.06 0.75 12.13
C SER C 322 3.08 1.86 11.83
N GLY C 323 3.62 3.05 11.62
CA GLY C 323 2.86 4.14 11.06
C GLY C 323 2.89 4.07 9.55
N SER C 324 2.51 5.18 8.93
CA SER C 324 2.38 5.22 7.48
C SER C 324 2.92 6.57 7.01
N ILE C 325 2.51 6.95 5.80
CA ILE C 325 2.77 8.26 5.21
C ILE C 325 2.48 9.41 6.16
N VAL C 326 3.50 10.24 6.39
CA VAL C 326 3.31 11.48 7.09
C VAL C 326 2.98 12.57 6.06
N THR C 327 1.98 13.39 6.38
CA THR C 327 1.54 14.45 5.50
C THR C 327 1.99 15.80 6.06
N SER C 328 1.55 16.88 5.44
CA SER C 328 1.78 18.23 5.95
C SER C 328 0.46 18.95 6.22
N GLU C 329 -0.66 18.23 6.21
CA GLU C 329 -1.98 18.83 6.30
C GLU C 329 -2.80 18.26 7.44
N SER C 330 -2.31 17.25 8.14
CA SER C 330 -2.99 16.64 9.27
C SER C 330 -2.40 17.17 10.56
N GLN C 331 -2.06 18.45 10.57
CA GLN C 331 -1.24 19.02 11.62
C GLN C 331 -2.12 19.69 12.67
N LEU C 332 -2.02 19.16 13.90
CA LEU C 332 -2.69 19.73 15.05
C LEU C 332 -2.07 21.05 15.51
N PHE C 333 -0.89 21.38 15.01
CA PHE C 333 -0.12 22.50 15.50
C PHE C 333 -0.19 23.65 14.51
N ASN C 334 0.39 24.77 14.93
CA ASN C 334 0.74 25.90 14.06
C ASN C 334 -0.49 26.56 13.43
N LYS C 335 -1.64 26.39 14.05
CA LYS C 335 -2.82 27.15 13.71
C LYS C 335 -3.57 27.29 15.03
N PRO C 336 -4.24 28.41 15.26
CA PRO C 336 -4.77 28.67 16.60
C PRO C 336 -6.17 28.12 16.79
N TYR C 337 -6.48 27.81 18.04
CA TYR C 337 -7.78 27.31 18.45
C TYR C 337 -8.32 28.20 19.55
N TRP C 338 -9.62 28.12 19.77
CA TRP C 338 -10.31 29.09 20.62
C TRP C 338 -11.10 28.32 21.66
N LEU C 339 -10.84 28.61 22.92
CA LEU C 339 -11.66 28.06 23.99
C LEU C 339 -12.99 28.80 23.98
N GLN C 340 -13.91 28.34 23.15
CA GLN C 340 -15.27 28.87 23.15
C GLN C 340 -16.23 28.03 23.96
N ARG C 341 -16.02 26.71 23.99
CA ARG C 341 -16.89 25.87 24.79
C ARG C 341 -16.02 24.85 25.52
N ALA C 342 -15.79 25.09 26.79
CA ALA C 342 -15.06 24.16 27.63
C ALA C 342 -15.88 22.90 27.87
N GLN C 343 -15.20 21.84 28.27
CA GLN C 343 -15.89 20.59 28.55
C GLN C 343 -16.26 20.46 30.03
N GLY C 344 -15.68 21.30 30.89
CA GLY C 344 -15.95 21.23 32.32
C GLY C 344 -16.59 22.47 32.89
N HIS C 345 -16.70 22.53 34.23
CA HIS C 345 -17.23 23.66 34.97
C HIS C 345 -16.50 24.96 34.70
N ASN C 346 -15.17 24.91 34.71
CA ASN C 346 -14.34 26.09 34.60
C ASN C 346 -14.10 26.45 33.14
N ASN C 347 -14.44 27.68 32.78
CA ASN C 347 -14.19 28.19 31.44
C ASN C 347 -12.87 28.94 31.35
N GLY C 348 -11.79 28.28 31.77
CA GLY C 348 -10.45 28.80 31.59
C GLY C 348 -9.84 29.51 32.78
N ILE C 349 -10.23 29.17 34.01
CA ILE C 349 -9.67 29.84 35.17
C ILE C 349 -8.41 29.12 35.61
N CYS C 350 -7.48 29.86 36.23
CA CYS C 350 -6.16 29.34 36.57
C CYS C 350 -5.98 29.35 38.08
N TRP C 351 -5.29 28.34 38.60
CA TRP C 351 -4.86 28.35 39.98
C TRP C 351 -3.38 28.01 40.08
N GLY C 352 -2.65 28.83 40.83
CA GLY C 352 -1.22 28.70 40.92
C GLY C 352 -0.45 29.40 39.82
N ASN C 353 -1.13 29.83 38.76
CA ASN C 353 -0.58 30.53 37.59
C ASN C 353 0.51 29.68 36.93
N GLN C 354 0.13 28.43 36.68
CA GLN C 354 1.01 27.44 36.06
C GLN C 354 0.15 26.37 35.41
N LEU C 355 0.47 26.07 34.15
CA LEU C 355 -0.41 25.33 33.26
C LEU C 355 0.21 23.98 32.92
N PHE C 356 -0.66 22.99 32.66
CA PHE C 356 -0.22 21.63 32.37
C PHE C 356 -0.69 21.29 30.95
N VAL C 357 0.23 21.43 30.00
CA VAL C 357 -0.03 21.07 28.62
C VAL C 357 1.04 20.08 28.15
N THR C 358 0.58 18.97 27.58
CA THR C 358 1.51 17.90 27.23
C THR C 358 1.29 17.51 25.78
N VAL C 359 2.38 17.38 25.04
CA VAL C 359 2.36 16.94 23.66
C VAL C 359 3.22 15.68 23.55
N VAL C 360 2.78 14.75 22.71
CA VAL C 360 3.64 13.74 22.13
C VAL C 360 3.47 13.80 20.63
N ASP C 361 4.46 14.35 19.95
CA ASP C 361 4.47 14.35 18.50
C ASP C 361 5.69 13.59 18.03
N THR C 362 5.45 12.48 17.35
CA THR C 362 6.54 11.65 16.88
C THR C 362 6.68 11.79 15.37
N THR C 363 5.88 12.66 14.77
CA THR C 363 6.02 12.96 13.36
C THR C 363 7.27 13.77 13.06
N ARG C 364 7.70 14.62 13.98
CA ARG C 364 8.92 15.38 13.79
C ARG C 364 10.00 14.86 14.72
N SER C 365 10.07 13.55 14.86
CA SER C 365 11.01 12.88 15.77
C SER C 365 12.25 12.41 15.04
N THR C 366 12.74 13.22 14.10
CA THR C 366 13.95 12.90 13.35
C THR C 366 15.18 12.89 14.25
N ASN C 367 16.22 12.21 13.78
CA ASN C 367 17.50 12.13 14.48
C ASN C 367 18.60 12.39 13.47
N MET C 368 19.74 12.89 13.94
CA MET C 368 20.89 13.10 13.07
C MET C 368 21.94 12.05 13.39
N THR C 369 23.02 12.04 12.62
CA THR C 369 24.09 11.05 12.79
C THR C 369 25.39 11.68 12.34
N LEU C 370 26.39 11.70 13.23
CA LEU C 370 27.68 12.29 12.94
C LEU C 370 28.58 11.31 12.20
N CYS C 371 29.60 11.88 11.55
CA CYS C 371 30.71 11.09 11.02
C CYS C 371 32.00 11.77 11.46
N THR C 372 32.67 11.19 12.44
CA THR C 372 33.96 11.68 12.88
C THR C 372 35.05 10.70 12.45
N GLU C 373 36.29 11.17 12.48
CA GLU C 373 37.43 10.43 11.94
C GLU C 373 38.34 9.99 13.07
N VAL C 374 39.28 9.10 12.73
CA VAL C 374 40.33 8.70 13.66
C VAL C 374 41.65 9.20 13.10
N THR C 375 42.00 8.78 11.89
CA THR C 375 43.17 9.28 11.19
C THR C 375 42.79 9.69 9.77
N LYS C 376 43.80 10.05 8.98
CA LYS C 376 43.60 10.57 7.65
C LYS C 376 44.40 9.77 6.63
N GLU C 377 43.73 9.30 5.59
CA GLU C 377 44.35 8.56 4.51
C GLU C 377 43.60 8.87 3.21
N GLY C 378 43.86 8.10 2.17
CA GLY C 378 43.11 8.21 0.94
C GLY C 378 42.37 6.92 0.64
N THR C 379 42.30 6.05 1.64
CA THR C 379 41.68 4.74 1.49
C THR C 379 40.52 4.61 2.46
N TYR C 380 39.56 3.76 2.12
CA TYR C 380 38.40 3.59 2.98
C TYR C 380 38.58 2.42 3.93
N LYS C 381 38.81 2.75 5.20
CA LYS C 381 38.86 1.75 6.26
C LYS C 381 37.98 2.22 7.40
N ASN C 382 37.07 1.35 7.82
CA ASN C 382 36.05 1.68 8.81
C ASN C 382 36.63 1.97 10.19
N ASP C 383 37.83 1.47 10.51
CA ASP C 383 38.43 1.76 11.80
C ASP C 383 38.96 3.19 11.88
N ASN C 384 39.05 3.87 10.73
CA ASN C 384 39.48 5.26 10.71
C ASN C 384 38.33 6.19 11.07
N PHE C 385 37.15 5.66 11.32
CA PHE C 385 35.98 6.46 11.63
C PHE C 385 35.33 6.00 12.92
N LYS C 386 34.78 6.95 13.67
CA LYS C 386 33.87 6.68 14.77
C LYS C 386 32.69 7.64 14.63
N GLU C 387 31.51 7.22 15.10
CA GLU C 387 30.29 7.93 14.79
C GLU C 387 29.57 8.40 16.06
N TYR C 388 28.68 9.38 15.88
CA TYR C 388 27.74 9.84 16.89
C TYR C 388 26.38 10.05 16.24
N VAL C 389 25.33 10.17 17.06
CA VAL C 389 23.98 10.50 16.61
C VAL C 389 23.44 11.63 17.48
N ARG C 390 22.48 12.38 16.94
CA ARG C 390 21.92 13.51 17.68
C ARG C 390 20.44 13.67 17.40
N HIS C 391 19.70 13.88 18.49
CA HIS C 391 18.31 14.29 18.40
C HIS C 391 18.22 15.75 18.80
N VAL C 392 17.33 16.48 18.12
CA VAL C 392 17.16 17.91 18.36
C VAL C 392 15.72 18.29 18.08
N GLU C 393 15.17 19.14 18.94
CA GLU C 393 13.77 19.58 18.84
C GLU C 393 13.73 21.09 19.05
N GLU C 394 12.86 21.78 18.35
CA GLU C 394 12.59 23.18 18.64
C GLU C 394 11.16 23.33 19.09
N TYR C 395 10.95 24.21 20.07
CA TYR C 395 9.62 24.61 20.51
C TYR C 395 9.59 26.10 20.80
N ASP C 396 8.41 26.67 20.70
CA ASP C 396 8.13 27.99 21.25
C ASP C 396 6.65 28.03 21.57
N LEU C 397 6.25 29.00 22.39
CA LEU C 397 4.91 28.92 22.94
C LEU C 397 4.29 30.31 22.94
N GLN C 398 3.04 30.36 22.49
CA GLN C 398 2.38 31.61 22.17
C GLN C 398 0.93 31.53 22.61
N PHE C 399 0.61 32.21 23.71
CA PHE C 399 -0.73 32.07 24.28
C PHE C 399 -1.22 33.43 24.74
N VAL C 400 -2.53 33.50 24.95
CA VAL C 400 -3.25 34.77 25.14
C VAL C 400 -4.29 34.57 26.23
N PHE C 401 -4.56 35.63 26.99
CA PHE C 401 -5.36 35.56 28.19
C PHE C 401 -6.33 36.73 28.30
N GLN C 402 -7.07 36.71 29.40
CA GLN C 402 -7.93 37.79 29.86
C GLN C 402 -7.88 37.80 31.38
N LEU C 403 -8.70 38.63 32.01
CA LEU C 403 -8.78 38.72 33.46
C LEU C 403 -10.21 38.44 33.90
N CYS C 404 -10.34 37.98 35.13
CA CYS C 404 -11.65 37.76 35.73
C CYS C 404 -11.60 38.20 37.18
N LYS C 405 -12.68 38.82 37.64
CA LYS C 405 -12.76 39.42 38.96
C LYS C 405 -13.61 38.53 39.85
N ILE C 406 -13.14 38.31 41.08
CA ILE C 406 -13.84 37.49 42.06
C ILE C 406 -14.11 38.34 43.29
N THR C 407 -15.38 38.64 43.54
CA THR C 407 -15.77 39.39 44.73
C THR C 407 -15.80 38.42 45.91
N LEU C 408 -15.07 38.75 46.96
CA LEU C 408 -14.87 37.85 48.10
C LEU C 408 -16.13 37.86 48.97
N THR C 409 -17.15 37.13 48.55
CA THR C 409 -18.25 36.81 49.43
C THR C 409 -17.93 35.49 50.13
N ALA C 410 -18.59 35.25 51.26
CA ALA C 410 -18.28 34.06 52.05
C ALA C 410 -18.74 32.79 51.34
N GLU C 411 -19.74 32.89 50.47
CA GLU C 411 -20.22 31.73 49.73
C GLU C 411 -19.18 31.25 48.73
N ILE C 412 -18.56 32.18 48.01
CA ILE C 412 -17.51 31.79 47.08
C ILE C 412 -16.22 31.49 47.85
N MET C 413 -16.09 32.03 49.07
CA MET C 413 -14.92 31.75 49.89
C MET C 413 -14.86 30.30 50.32
N THR C 414 -15.98 29.72 50.74
CA THR C 414 -15.98 28.30 51.08
C THR C 414 -16.13 27.42 49.85
N TYR C 415 -16.61 27.99 48.74
CA TYR C 415 -16.70 27.24 47.50
C TYR C 415 -15.33 26.85 47.00
N ILE C 416 -14.33 27.69 47.22
CA ILE C 416 -12.98 27.34 46.84
C ILE C 416 -12.19 26.81 48.04
N HIS C 417 -12.61 27.12 49.26
CA HIS C 417 -12.03 26.46 50.43
C HIS C 417 -12.31 24.97 50.43
N THR C 418 -13.50 24.56 49.98
CA THR C 418 -13.73 23.15 49.78
C THR C 418 -13.05 22.62 48.53
N MET C 419 -12.54 23.50 47.68
CA MET C 419 -11.65 23.07 46.59
C MET C 419 -10.21 22.99 47.09
N ASP C 420 -9.70 24.07 47.67
CA ASP C 420 -8.31 24.11 48.09
C ASP C 420 -8.13 25.12 49.23
N SER C 421 -7.17 24.82 50.10
CA SER C 421 -6.75 25.76 51.12
C SER C 421 -5.56 26.60 50.69
N ASN C 422 -4.75 26.11 49.77
CA ASN C 422 -3.45 26.70 49.45
C ASN C 422 -3.53 27.85 48.47
N ILE C 423 -4.70 28.44 48.25
CA ILE C 423 -4.87 29.53 47.29
C ILE C 423 -5.38 30.79 47.96
N LEU C 424 -6.52 30.69 48.66
CA LEU C 424 -7.04 31.81 49.43
C LEU C 424 -6.13 32.16 50.60
N GLU C 425 -5.39 31.19 51.13
CA GLU C 425 -4.35 31.49 52.10
C GLU C 425 -3.22 32.28 51.45
N ASP C 426 -2.88 31.92 50.21
CA ASP C 426 -1.96 32.75 49.44
C ASP C 426 -2.59 34.07 49.05
N TRP C 427 -3.91 34.08 48.83
CA TRP C 427 -4.60 35.36 48.64
C TRP C 427 -4.70 36.13 49.94
N GLN C 428 -4.70 35.41 51.07
CA GLN C 428 -4.65 35.93 52.47
C GLN C 428 -5.65 37.05 52.74
N PHE C 429 -6.79 37.02 52.05
CA PHE C 429 -7.85 38.00 52.26
C PHE C 429 -9.10 37.37 52.84
N GLY C 430 -9.10 36.04 52.97
CA GLY C 430 -10.02 35.39 53.87
C GLY C 430 -9.37 35.33 55.23
N LEU C 431 -9.97 35.99 56.22
CA LEU C 431 -9.35 36.10 57.53
C LEU C 431 -9.33 34.74 58.24
N THR C 432 -8.18 34.43 58.84
CA THR C 432 -7.88 33.07 59.28
C THR C 432 -8.59 32.77 60.60
N PRO C 433 -9.44 31.75 60.65
CA PRO C 433 -10.21 31.47 61.88
C PRO C 433 -9.37 30.87 63.01
N PRO C 434 -8.34 30.02 62.77
CA PRO C 434 -7.42 29.73 63.85
C PRO C 434 -6.59 30.96 64.19
N PRO C 435 -6.32 31.18 65.47
CA PRO C 435 -5.53 32.35 65.88
C PRO C 435 -4.05 32.12 65.63
N SER C 436 -3.25 33.04 66.15
CA SER C 436 -1.81 33.00 65.96
C SER C 436 -1.14 31.91 66.79
N ALA C 437 -1.39 30.66 66.42
CA ALA C 437 -0.82 29.53 67.12
C ALA C 437 -1.86 28.66 67.75
N SER C 438 -1.42 27.60 68.44
CA SER C 438 -2.32 26.78 69.24
C SER C 438 -2.65 27.41 70.58
N LEU C 439 -1.92 28.47 70.96
CA LEU C 439 -2.19 29.30 72.14
C LEU C 439 -2.13 28.49 73.43
N GLN C 440 -0.92 27.99 73.71
CA GLN C 440 -0.65 27.28 74.96
C GLN C 440 0.68 27.79 75.51
N ASP C 441 1.11 27.23 76.64
CA ASP C 441 2.37 27.58 77.27
C ASP C 441 3.19 26.32 77.47
N THR C 442 4.41 26.32 76.96
CA THR C 442 5.41 25.31 77.33
C THR C 442 6.57 26.06 77.97
N TYR C 443 6.91 25.67 79.19
CA TYR C 443 7.98 26.34 79.92
C TYR C 443 8.81 25.29 80.64
N ARG C 444 10.14 25.47 80.56
CA ARG C 444 11.01 24.93 81.58
C ARG C 444 12.23 25.85 81.71
N PHE C 445 12.76 25.90 82.93
CA PHE C 445 13.93 26.71 83.25
C PHE C 445 15.17 26.21 82.53
N VAL C 446 16.24 27.04 82.55
CA VAL C 446 17.48 26.70 81.87
C VAL C 446 18.13 25.51 82.56
N THR C 447 18.73 24.63 81.75
CA THR C 447 19.12 23.31 82.22
C THR C 447 20.54 23.30 82.79
N SER C 448 20.82 22.29 83.62
CA SER C 448 22.18 21.95 84.01
C SER C 448 22.53 20.52 83.61
N GLN C 449 21.69 19.54 83.95
CA GLN C 449 22.00 18.13 83.77
C GLN C 449 20.78 17.36 83.27
N ALA C 450 19.88 18.04 82.54
CA ALA C 450 18.56 17.50 82.28
C ALA C 450 18.44 16.96 80.86
N ILE C 451 17.32 16.27 80.62
CA ILE C 451 16.99 15.75 79.29
C ILE C 451 16.32 16.84 78.46
N THR C 452 16.43 16.72 77.14
CA THR C 452 15.72 17.54 76.13
C THR C 452 16.04 19.03 76.28
N CYS C 453 17.30 19.35 75.98
CA CYS C 453 17.87 20.65 76.32
C CYS C 453 17.20 21.81 75.57
N GLN C 454 17.17 21.77 74.24
CA GLN C 454 16.55 22.86 73.49
C GLN C 454 15.93 22.31 72.22
N LYS C 455 15.16 23.16 71.55
CA LYS C 455 14.59 22.82 70.26
C LYS C 455 15.65 22.96 69.17
N THR C 456 15.56 22.08 68.17
CA THR C 456 16.61 21.99 67.16
C THR C 456 16.11 22.21 65.74
N ALA C 457 14.80 22.15 65.49
CA ALA C 457 14.26 22.32 64.13
C ALA C 457 12.96 23.10 64.22
N PRO C 458 13.02 24.42 64.07
CA PRO C 458 11.80 25.20 63.82
C PRO C 458 11.12 24.84 62.51
N PRO C 459 11.79 24.93 61.30
CA PRO C 459 10.99 24.89 60.07
C PRO C 459 10.69 23.47 59.61
N LYS C 460 10.09 23.38 58.43
CA LYS C 460 9.62 22.24 57.65
C LYS C 460 10.22 22.30 56.25
N GLU C 461 10.24 21.19 55.49
CA GLU C 461 10.61 21.25 54.08
C GLU C 461 9.54 21.82 53.15
N LYS C 462 8.51 22.47 53.69
CA LYS C 462 7.53 23.38 53.07
C LYS C 462 6.61 22.73 52.03
N GLU C 463 6.80 21.43 51.77
CA GLU C 463 5.84 20.55 51.10
C GLU C 463 5.47 21.03 49.69
N ASP C 464 6.45 21.00 48.82
CA ASP C 464 6.16 21.04 47.39
C ASP C 464 6.05 19.62 46.85
N PRO C 465 4.85 19.09 46.66
CA PRO C 465 4.74 17.74 46.10
C PRO C 465 5.07 17.70 44.62
N LEU C 466 5.03 18.85 43.96
CA LEU C 466 5.49 18.94 42.58
C LEU C 466 7.00 18.78 42.48
N ASN C 467 7.74 19.16 43.52
CA ASN C 467 9.19 19.15 43.51
C ASN C 467 9.78 17.82 43.90
N LYS C 468 9.00 16.74 43.93
CA LYS C 468 9.57 15.41 44.04
C LYS C 468 9.56 14.67 42.70
N TYR C 469 9.09 15.32 41.64
CA TYR C 469 9.10 14.75 40.30
C TYR C 469 9.70 15.75 39.33
N THR C 470 9.92 15.32 38.08
CA THR C 470 10.80 16.05 37.18
C THR C 470 10.05 16.68 36.00
N PHE C 471 10.50 17.87 35.59
CA PHE C 471 9.95 18.59 34.44
C PHE C 471 11.01 19.48 33.79
N TRP C 472 10.58 20.39 32.92
CA TRP C 472 11.44 21.43 32.36
C TRP C 472 10.64 22.73 32.50
N GLU C 473 10.97 23.52 33.51
CA GLU C 473 10.28 24.76 33.78
C GLU C 473 10.59 25.77 32.68
N VAL C 474 9.55 26.40 32.17
CA VAL C 474 9.71 27.59 31.36
C VAL C 474 9.12 28.77 32.14
N ASN C 475 9.57 29.98 31.81
CA ASN C 475 9.24 31.15 32.63
C ASN C 475 8.64 32.26 31.76
N LEU C 476 7.41 32.64 32.04
CA LEU C 476 6.75 33.76 31.36
C LEU C 476 6.21 34.81 32.31
N LYS C 477 6.93 35.11 33.38
CA LYS C 477 6.58 36.27 34.20
C LYS C 477 6.81 37.57 33.44
N GLU C 478 7.73 37.55 32.49
CA GLU C 478 8.41 38.73 31.96
C GLU C 478 8.05 38.93 30.49
N LYS C 479 7.11 38.13 30.00
CA LYS C 479 6.82 38.06 28.58
C LYS C 479 5.49 38.70 28.23
N PHE C 480 5.11 39.76 28.95
CA PHE C 480 3.73 40.21 28.88
C PHE C 480 3.61 41.50 28.06
N SER C 481 2.38 41.76 27.61
CA SER C 481 2.00 42.96 26.89
C SER C 481 0.49 43.06 26.89
N ALA C 482 -0.01 44.29 26.79
CA ALA C 482 -1.44 44.54 26.72
C ALA C 482 -1.87 45.11 25.37
N ASP C 483 -0.96 45.72 24.63
CA ASP C 483 -1.19 46.06 23.23
C ASP C 483 -0.67 44.89 22.41
N LEU C 484 -1.57 44.25 21.65
CA LEU C 484 -1.33 42.88 21.22
C LEU C 484 -0.98 42.80 19.74
N ASP C 485 -1.40 43.80 18.96
CA ASP C 485 -1.19 43.82 17.51
C ASP C 485 0.27 44.02 17.10
N GLN C 486 1.19 44.07 18.05
CA GLN C 486 2.63 44.13 17.78
C GLN C 486 3.19 42.72 17.65
N PHE C 487 2.32 41.73 17.77
CA PHE C 487 2.63 40.32 17.72
C PHE C 487 1.64 39.68 16.77
N PRO C 488 2.02 38.60 16.09
CA PRO C 488 1.12 38.00 15.09
C PRO C 488 -0.17 37.49 15.67
N LEU C 489 -0.13 36.78 16.80
CA LEU C 489 -1.33 36.33 17.49
C LEU C 489 -2.28 37.43 17.89
N GLY C 490 -1.74 38.59 18.29
CA GLY C 490 -2.59 39.72 18.59
C GLY C 490 -3.29 40.26 17.36
N ARG C 491 -2.72 40.02 16.19
CA ARG C 491 -3.44 40.29 14.96
C ARG C 491 -4.38 39.16 14.59
N LYS C 492 -4.28 38.01 15.25
CA LYS C 492 -5.16 36.89 14.91
C LYS C 492 -6.44 36.89 15.74
N PHE C 493 -6.46 37.57 16.88
CA PHE C 493 -7.67 37.57 17.69
C PHE C 493 -8.63 38.68 17.29
N LEU C 494 -8.10 39.82 16.82
CA LEU C 494 -8.95 40.94 16.42
C LEU C 494 -9.84 40.59 15.23
N LEU C 495 -9.43 39.65 14.40
CA LEU C 495 -10.34 39.06 13.44
C LEU C 495 -11.28 38.06 14.10
N GLN C 496 -10.76 37.25 15.03
CA GLN C 496 -11.59 36.21 15.61
C GLN C 496 -12.52 36.75 16.69
N SER C 497 -12.11 37.80 17.38
CA SER C 497 -13.06 38.57 18.19
C SER C 497 -13.87 39.54 17.34
N GLY C 498 -13.46 39.76 16.09
CA GLY C 498 -14.20 40.65 15.21
C GLY C 498 -13.98 42.13 15.46
N LEU C 499 -12.99 42.48 16.26
CA LEU C 499 -12.72 43.88 16.56
C LEU C 499 -11.27 44.25 16.22
N VAL D 37 6.35 48.62 45.50
CA VAL D 37 5.43 49.20 44.53
C VAL D 37 5.86 48.76 43.13
N TYR D 38 4.89 48.50 42.26
CA TYR D 38 5.21 48.10 40.90
C TYR D 38 4.39 48.96 39.93
N LEU D 39 4.93 49.10 38.73
CA LEU D 39 4.48 50.08 37.77
C LEU D 39 4.68 49.49 36.38
N PRO D 40 4.02 50.02 35.36
CA PRO D 40 4.42 49.70 33.99
C PRO D 40 5.80 50.25 33.70
N PRO D 41 6.74 49.40 33.25
CA PRO D 41 8.15 49.84 33.11
C PRO D 41 8.37 50.91 32.06
N VAL D 42 7.94 50.67 30.82
CA VAL D 42 8.26 51.60 29.73
C VAL D 42 7.02 51.84 28.87
N PRO D 43 6.75 53.10 28.55
CA PRO D 43 5.80 53.40 27.47
C PRO D 43 6.53 53.55 26.15
N VAL D 44 5.94 52.98 25.09
CA VAL D 44 6.59 52.88 23.79
C VAL D 44 5.63 53.43 22.75
N SER D 45 6.19 54.18 21.79
CA SER D 45 5.42 54.67 20.65
C SER D 45 4.85 53.51 19.83
N LYS D 46 3.74 53.78 19.15
CA LYS D 46 2.92 52.74 18.55
C LYS D 46 3.34 52.51 17.10
N VAL D 47 3.21 51.26 16.64
CA VAL D 47 3.44 50.92 15.24
C VAL D 47 2.06 50.73 14.59
N VAL D 48 1.96 51.07 13.31
CA VAL D 48 0.69 51.03 12.59
C VAL D 48 0.94 50.36 11.23
N SER D 49 0.04 49.44 10.86
CA SER D 49 0.12 48.75 9.58
C SER D 49 -0.07 49.69 8.40
N THR D 50 0.30 49.22 7.22
CA THR D 50 0.27 50.02 6.01
C THR D 50 -1.09 50.08 5.37
N ASP D 51 -2.12 50.47 6.12
CA ASP D 51 -3.45 50.59 5.54
C ASP D 51 -3.95 52.03 5.63
N GLU D 52 -3.84 52.63 6.81
CA GLU D 52 -4.59 53.82 7.18
C GLU D 52 -4.01 55.10 6.64
N TYR D 53 -2.70 55.23 6.60
CA TYR D 53 -2.05 56.36 5.95
C TYR D 53 -1.85 56.11 4.47
N VAL D 54 -1.89 54.85 4.06
CA VAL D 54 -1.78 54.49 2.65
C VAL D 54 -3.04 54.89 1.91
N SER D 55 -2.91 55.82 0.97
CA SER D 55 -4.01 56.28 0.15
C SER D 55 -4.03 55.53 -1.17
N ARG D 56 -5.03 54.68 -1.34
CA ARG D 56 -5.17 53.81 -2.48
C ARG D 56 -5.90 54.53 -3.62
N THR D 57 -5.44 54.27 -4.83
CA THR D 57 -6.09 54.66 -6.07
C THR D 57 -6.82 53.45 -6.64
N SER D 58 -7.28 53.58 -7.88
CA SER D 58 -7.90 52.46 -8.58
C SER D 58 -7.36 52.30 -9.99
N ILE D 59 -6.04 52.32 -10.15
CA ILE D 59 -5.39 52.20 -11.45
C ILE D 59 -4.40 51.04 -11.33
N TYR D 60 -4.51 50.07 -12.24
CA TYR D 60 -3.81 48.80 -12.11
C TYR D 60 -2.84 48.58 -13.26
N TYR D 61 -1.76 47.84 -12.97
CA TYR D 61 -0.69 47.65 -13.94
C TYR D 61 -0.21 46.21 -13.93
N TYR D 62 0.08 45.68 -15.12
CA TYR D 62 0.30 44.27 -15.36
C TYR D 62 1.77 43.88 -15.19
N ALA D 63 2.00 42.62 -14.83
CA ALA D 63 3.30 41.99 -15.01
C ALA D 63 3.11 40.59 -15.58
N GLY D 64 4.09 40.16 -16.37
CA GLY D 64 4.07 38.85 -16.99
C GLY D 64 5.27 38.69 -17.90
N SER D 65 5.90 37.52 -17.87
CA SER D 65 7.17 37.37 -18.57
C SER D 65 7.07 36.30 -19.66
N SER D 66 8.13 36.23 -20.47
CA SER D 66 8.24 35.29 -21.55
C SER D 66 8.96 34.01 -21.09
N ARG D 67 9.35 33.20 -22.08
CA ARG D 67 9.86 31.85 -21.86
C ARG D 67 11.20 31.89 -21.13
N LEU D 68 11.32 31.07 -20.08
CA LEU D 68 12.54 31.03 -19.29
C LEU D 68 13.53 30.02 -19.86
N LEU D 69 14.81 30.37 -19.78
CA LEU D 69 15.88 29.52 -20.28
C LEU D 69 17.00 29.47 -19.24
N ALA D 70 17.09 28.34 -18.55
CA ALA D 70 18.16 28.06 -17.60
C ALA D 70 18.21 26.55 -17.38
N VAL D 71 19.41 25.99 -17.44
CA VAL D 71 19.58 24.53 -17.49
C VAL D 71 20.91 24.19 -16.80
N GLY D 72 21.13 22.91 -16.54
CA GLY D 72 22.35 22.45 -15.93
C GLY D 72 22.27 20.98 -15.55
N ASN D 73 23.40 20.47 -15.07
CA ASN D 73 23.55 19.09 -14.61
C ASN D 73 22.78 18.90 -13.29
N PRO D 74 22.22 17.73 -13.02
CA PRO D 74 21.49 17.56 -11.74
C PRO D 74 22.37 17.55 -10.50
N TYR D 75 23.66 17.23 -10.63
CA TYR D 75 24.47 16.95 -9.45
C TYR D 75 25.65 17.90 -9.28
N PHE D 76 26.30 18.33 -10.36
CA PHE D 76 27.50 19.14 -10.24
C PHE D 76 27.78 19.89 -11.53
N SER D 77 28.21 21.14 -11.39
CA SER D 77 28.61 21.93 -12.55
C SER D 77 29.89 21.36 -13.13
N ILE D 78 29.85 21.04 -14.41
CA ILE D 78 31.04 20.55 -15.10
C ILE D 78 32.01 21.71 -15.22
N LYS D 79 33.17 21.59 -14.59
CA LYS D 79 34.23 22.56 -14.81
C LYS D 79 34.89 22.25 -16.14
N SER D 80 35.45 23.27 -16.76
CA SER D 80 36.39 22.90 -17.79
C SER D 80 37.63 22.28 -17.14
N PRO D 81 38.12 21.16 -17.65
CA PRO D 81 39.21 20.46 -16.95
C PRO D 81 40.52 21.22 -16.97
N ASN D 82 40.70 22.12 -17.94
CA ASN D 82 41.87 22.99 -17.95
C ASN D 82 41.71 24.12 -16.94
N ASN D 83 40.70 24.95 -17.14
CA ASN D 83 40.40 26.02 -16.19
C ASN D 83 39.21 25.59 -15.34
N ASN D 84 39.48 25.06 -14.15
CA ASN D 84 38.45 24.52 -13.29
C ASN D 84 37.83 25.57 -12.39
N LYS D 85 37.92 26.85 -12.76
CA LYS D 85 37.05 27.88 -12.22
C LYS D 85 35.89 28.21 -13.12
N LYS D 86 36.10 28.28 -14.43
CA LYS D 86 35.00 28.53 -15.36
C LYS D 86 34.31 27.21 -15.67
N VAL D 87 33.00 27.29 -15.93
CA VAL D 87 32.16 26.11 -16.07
C VAL D 87 32.35 25.54 -17.47
N LEU D 88 32.06 24.25 -17.62
CA LEU D 88 31.85 23.63 -18.92
C LEU D 88 30.36 23.43 -19.19
N VAL D 89 29.67 22.78 -18.27
CA VAL D 89 28.20 22.67 -18.28
C VAL D 89 27.73 22.92 -16.84
N PRO D 90 26.74 23.79 -16.63
CA PRO D 90 26.36 24.17 -15.27
C PRO D 90 25.60 23.09 -14.54
N LYS D 91 25.12 23.45 -13.35
CA LYS D 91 24.35 22.57 -12.48
C LYS D 91 23.03 23.22 -12.13
N VAL D 92 21.95 22.43 -12.21
CA VAL D 92 20.68 22.81 -11.60
C VAL D 92 19.92 21.54 -11.23
N SER D 93 19.30 21.56 -10.06
CA SER D 93 18.44 20.46 -9.64
C SER D 93 17.17 21.06 -9.05
N GLY D 94 16.16 20.22 -8.89
CA GLY D 94 14.94 20.63 -8.21
C GLY D 94 15.19 20.70 -6.72
N LEU D 95 16.18 19.95 -6.26
CA LEU D 95 16.62 19.96 -4.87
C LEU D 95 17.37 21.24 -4.52
N GLN D 96 17.77 22.04 -5.50
CA GLN D 96 18.32 23.34 -5.22
C GLN D 96 17.23 24.31 -4.76
N TYR D 97 17.65 25.33 -4.02
CA TYR D 97 16.73 26.38 -3.62
C TYR D 97 16.39 27.26 -4.81
N ARG D 98 15.13 27.67 -4.90
CA ARG D 98 14.66 28.49 -6.01
C ARG D 98 14.05 29.80 -5.48
N VAL D 99 14.95 30.76 -5.28
CA VAL D 99 14.58 32.10 -4.82
C VAL D 99 14.87 33.09 -5.95
N PHE D 100 14.03 34.11 -6.07
CA PHE D 100 14.09 35.00 -7.22
C PHE D 100 13.98 36.45 -6.77
N ARG D 101 14.75 37.31 -7.45
CA ARG D 101 14.78 38.74 -7.14
C ARG D 101 14.32 39.48 -8.39
N VAL D 102 13.29 40.30 -8.23
CA VAL D 102 12.65 40.92 -9.38
C VAL D 102 12.98 42.42 -9.43
N ARG D 103 12.80 42.99 -10.62
CA ARG D 103 13.11 44.40 -10.87
C ARG D 103 11.95 45.07 -11.56
N LEU D 104 11.59 46.24 -11.05
CA LEU D 104 10.39 46.98 -11.41
C LEU D 104 10.75 48.42 -11.70
N PRO D 105 10.06 49.06 -12.65
CA PRO D 105 10.39 50.46 -12.99
C PRO D 105 9.84 51.47 -11.98
N ASP D 106 10.31 52.69 -12.13
CA ASP D 106 10.04 53.79 -11.21
C ASP D 106 8.65 54.37 -11.43
N PRO D 107 7.81 54.47 -10.40
CA PRO D 107 6.48 55.05 -10.57
C PRO D 107 6.52 56.55 -10.83
N ASN D 108 7.47 57.24 -10.21
CA ASN D 108 7.57 58.68 -10.37
C ASN D 108 8.20 59.06 -11.69
N LYS D 109 8.99 58.19 -12.29
CA LYS D 109 9.58 58.45 -13.59
C LYS D 109 8.69 57.95 -14.72
N PHE D 110 7.41 58.30 -14.69
CA PHE D 110 6.42 57.81 -15.63
C PHE D 110 5.64 58.97 -16.22
N GLY D 111 5.20 58.80 -17.47
CA GLY D 111 4.39 59.82 -18.13
C GLY D 111 2.91 59.55 -17.97
N PHE D 112 2.18 60.53 -17.43
CA PHE D 112 0.74 60.38 -17.24
C PHE D 112 0.00 61.63 -17.71
N PRO D 113 -1.18 61.45 -18.32
CA PRO D 113 -1.89 62.61 -18.87
C PRO D 113 -2.51 63.50 -17.81
N ASP D 114 -2.99 62.93 -16.71
CA ASP D 114 -3.76 63.68 -15.72
C ASP D 114 -3.23 63.37 -14.33
N THR D 115 -2.49 64.32 -13.76
CA THR D 115 -2.08 64.30 -12.36
C THR D 115 -3.07 65.02 -11.46
N SER D 116 -4.35 65.06 -11.83
CA SER D 116 -5.34 65.89 -11.17
C SER D 116 -5.69 65.41 -9.76
N PHE D 117 -5.58 64.11 -9.49
CA PHE D 117 -6.09 63.56 -8.24
C PHE D 117 -5.12 63.67 -7.07
N TYR D 118 -3.97 64.31 -7.26
CA TYR D 118 -2.95 64.38 -6.22
C TYR D 118 -1.94 65.46 -6.56
N ASN D 119 -1.25 65.96 -5.54
CA ASN D 119 -0.13 66.86 -5.78
C ASN D 119 1.13 66.02 -6.00
N PRO D 120 1.82 66.18 -7.15
CA PRO D 120 3.10 65.47 -7.33
C PRO D 120 4.17 65.87 -6.34
N ASP D 121 4.15 67.11 -5.84
CA ASP D 121 5.06 67.51 -4.78
C ASP D 121 4.74 66.82 -3.46
N THR D 122 3.48 66.88 -3.03
CA THR D 122 3.12 66.40 -1.71
C THR D 122 3.06 64.88 -1.66
N GLN D 123 2.80 64.21 -2.77
CA GLN D 123 2.64 62.76 -2.74
C GLN D 123 3.85 62.04 -3.33
N ARG D 124 4.05 60.81 -2.88
CA ARG D 124 4.94 59.86 -3.50
C ARG D 124 4.14 58.65 -3.91
N LEU D 125 4.76 57.78 -4.71
CA LEU D 125 4.08 56.67 -5.35
C LEU D 125 4.82 55.37 -5.07
N VAL D 126 4.07 54.29 -4.90
CA VAL D 126 4.65 53.00 -4.52
C VAL D 126 3.74 51.89 -5.01
N TRP D 127 4.32 50.69 -5.17
CA TRP D 127 3.63 49.52 -5.71
C TRP D 127 3.36 48.47 -4.63
N ALA D 128 2.21 47.82 -4.73
CA ALA D 128 1.91 46.61 -3.98
C ALA D 128 1.29 45.57 -4.91
N CYS D 129 1.64 44.31 -4.68
CA CYS D 129 1.12 43.21 -5.50
C CYS D 129 -0.20 42.73 -4.92
N VAL D 130 -1.21 42.62 -5.79
CA VAL D 130 -2.55 42.25 -5.36
C VAL D 130 -3.06 41.08 -6.19
N GLY D 131 -2.46 40.86 -7.36
CA GLY D 131 -2.91 39.80 -8.24
C GLY D 131 -1.71 38.96 -8.66
N LEU D 132 -1.86 37.66 -8.48
CA LEU D 132 -0.71 36.77 -8.54
C LEU D 132 -1.09 35.48 -9.25
N GLU D 133 -0.11 34.93 -9.98
CA GLU D 133 -0.25 33.66 -10.68
C GLU D 133 1.13 33.14 -11.02
N ILE D 134 1.39 31.89 -10.64
CA ILE D 134 2.62 31.18 -11.02
C ILE D 134 2.26 29.78 -11.51
N GLY D 135 2.69 29.42 -12.72
CA GLY D 135 2.53 28.07 -13.21
C GLY D 135 3.79 27.52 -13.86
N ARG D 136 3.72 26.26 -14.26
CA ARG D 136 4.82 25.60 -14.95
C ARG D 136 4.27 24.68 -16.04
N GLY D 137 4.81 24.84 -17.24
CA GLY D 137 4.31 24.10 -18.39
C GLY D 137 5.10 22.85 -18.68
N GLN D 138 5.51 22.14 -17.64
CA GLN D 138 6.15 20.84 -17.80
C GLN D 138 5.25 19.75 -17.25
N PRO D 139 5.45 18.51 -17.66
CA PRO D 139 4.78 17.41 -16.95
C PRO D 139 5.47 17.13 -15.62
N LEU D 140 4.93 16.19 -14.87
CA LEU D 140 5.41 15.91 -13.53
C LEU D 140 6.58 14.94 -13.63
N GLY D 141 7.00 14.39 -12.50
CA GLY D 141 8.07 13.42 -12.51
C GLY D 141 9.23 13.77 -11.60
N VAL D 142 9.61 12.82 -10.77
CA VAL D 142 10.65 13.06 -9.78
C VAL D 142 11.91 12.34 -10.24
N GLY D 143 13.06 12.99 -10.06
CA GLY D 143 14.35 12.39 -10.36
C GLY D 143 14.81 11.52 -9.21
N VAL D 144 15.58 10.49 -9.54
CA VAL D 144 16.11 9.57 -8.55
C VAL D 144 17.63 9.55 -8.68
N SER D 145 18.31 9.45 -7.55
CA SER D 145 19.78 9.42 -7.54
C SER D 145 20.23 8.64 -6.31
N GLY D 146 21.52 8.74 -6.00
CA GLY D 146 22.09 7.99 -4.91
C GLY D 146 23.56 8.34 -4.74
N HIS D 147 24.34 7.31 -4.43
CA HIS D 147 25.77 7.46 -4.22
C HIS D 147 26.47 6.13 -4.43
N PRO D 148 27.57 6.11 -5.18
CA PRO D 148 28.15 4.82 -5.59
C PRO D 148 29.03 4.15 -4.54
N TYR D 149 29.36 4.82 -3.44
CA TYR D 149 30.20 4.25 -2.40
C TYR D 149 29.49 4.32 -1.06
N LEU D 150 28.24 3.88 -1.02
CA LEU D 150 27.41 4.06 0.16
C LEU D 150 27.81 3.11 1.28
N ASN D 151 28.01 3.68 2.47
CA ASN D 151 28.50 2.94 3.64
C ASN D 151 27.39 2.14 4.33
N LYS D 152 26.90 1.10 3.66
CA LYS D 152 25.90 0.20 4.24
C LYS D 152 26.60 -0.94 4.95
N PHE D 153 25.94 -1.53 5.96
CA PHE D 153 26.49 -2.74 6.55
C PHE D 153 25.59 -3.96 6.34
N ASP D 154 24.37 -3.93 6.88
CA ASP D 154 23.47 -5.08 6.76
C ASP D 154 22.01 -4.63 6.74
N ASP D 155 21.14 -5.55 6.35
CA ASP D 155 19.72 -5.30 6.25
C ASP D 155 19.07 -5.37 7.62
N THR D 156 18.71 -4.22 8.16
CA THR D 156 17.99 -4.14 9.43
C THR D 156 16.49 -4.03 9.18
N GLU D 157 16.08 -4.32 7.95
CA GLU D 157 14.69 -4.36 7.56
C GLU D 157 14.00 -5.65 7.96
N THR D 158 14.55 -6.79 7.56
CA THR D 158 13.89 -8.07 7.83
C THR D 158 14.75 -9.10 8.54
N SER D 159 16.04 -9.21 8.24
CA SER D 159 16.83 -10.29 8.81
C SER D 159 18.27 -9.84 8.95
N ASN D 160 18.83 -10.03 10.14
CA ASN D 160 20.26 -9.91 10.37
C ASN D 160 20.67 -11.16 11.16
N ARG D 161 21.08 -12.18 10.43
CA ARG D 161 21.45 -13.44 11.04
C ARG D 161 22.83 -13.29 11.68
N TYR D 162 23.15 -14.18 12.61
CA TYR D 162 24.36 -14.03 13.40
C TYR D 162 25.33 -15.17 13.12
N PRO D 163 26.63 -14.86 13.01
CA PRO D 163 27.27 -13.55 13.19
C PRO D 163 27.24 -12.67 11.94
N ALA D 164 27.90 -11.51 12.01
CA ALA D 164 27.89 -10.55 10.93
C ALA D 164 29.17 -10.66 10.09
N GLN D 165 29.27 -9.79 9.08
CA GLN D 165 30.41 -9.82 8.19
C GLN D 165 31.53 -8.91 8.70
N PRO D 166 32.78 -9.25 8.41
CA PRO D 166 33.87 -8.29 8.56
C PRO D 166 34.07 -7.48 7.30
N GLY D 167 35.09 -6.63 7.34
CA GLY D 167 35.50 -5.92 6.15
C GLY D 167 36.04 -4.56 6.50
N SER D 168 37.11 -4.19 5.80
CA SER D 168 37.69 -2.86 5.90
C SER D 168 36.97 -1.85 5.02
N ASP D 169 36.65 -2.23 3.79
CA ASP D 169 35.85 -1.41 2.90
C ASP D 169 34.54 -2.15 2.63
N ASN D 170 33.44 -1.59 3.12
CA ASN D 170 32.11 -2.19 2.97
C ASN D 170 31.16 -1.20 2.33
N ARG D 171 31.58 -0.54 1.26
CA ARG D 171 30.75 0.42 0.57
C ARG D 171 30.13 -0.19 -0.68
N GLU D 172 29.02 0.38 -1.13
CA GLU D 172 28.26 -0.18 -2.25
C GLU D 172 27.63 0.94 -3.06
N CYS D 173 27.15 0.58 -4.25
CA CYS D 173 26.52 1.49 -5.18
C CYS D 173 25.00 1.34 -5.09
N LEU D 174 24.36 2.26 -4.37
CA LEU D 174 22.92 2.19 -4.20
C LEU D 174 22.28 3.55 -4.40
N SER D 175 20.97 3.54 -4.61
CA SER D 175 20.19 4.74 -4.89
C SER D 175 19.17 4.97 -3.79
N MET D 176 18.60 6.18 -3.79
CA MET D 176 17.69 6.60 -2.74
C MET D 176 16.72 7.64 -3.28
N ASP D 177 15.70 7.94 -2.49
CA ASP D 177 14.62 8.81 -2.93
C ASP D 177 14.46 9.97 -1.96
N TYR D 178 13.43 10.79 -2.16
CA TYR D 178 13.29 12.09 -1.53
C TYR D 178 11.85 12.32 -1.12
N LYS D 179 11.66 13.16 -0.11
CA LYS D 179 10.32 13.57 0.28
C LYS D 179 9.78 14.54 -0.76
N GLN D 180 8.47 14.47 -1.01
CA GLN D 180 7.86 15.31 -2.02
C GLN D 180 7.55 16.67 -1.42
N THR D 181 7.86 17.73 -2.16
CA THR D 181 7.84 19.08 -1.63
C THR D 181 7.14 20.03 -2.59
N GLN D 182 6.22 20.83 -2.05
CA GLN D 182 5.61 21.94 -2.75
C GLN D 182 5.46 23.11 -1.80
N LEU D 183 5.79 24.31 -2.28
CA LEU D 183 5.49 25.52 -1.52
C LEU D 183 5.43 26.70 -2.48
N CYS D 184 4.84 27.78 -1.99
CA CYS D 184 4.94 29.08 -2.66
C CYS D 184 4.82 30.16 -1.58
N LEU D 185 5.72 31.14 -1.65
CA LEU D 185 5.99 32.09 -0.58
C LEU D 185 6.35 33.41 -1.24
N ILE D 186 5.95 34.53 -0.63
CA ILE D 186 6.24 35.83 -1.22
C ILE D 186 6.39 36.91 -0.14
N GLY D 187 7.46 37.68 -0.28
CA GLY D 187 7.65 38.90 0.48
C GLY D 187 8.63 39.79 -0.24
N CYS D 188 8.67 41.05 0.18
CA CYS D 188 9.59 42.00 -0.43
C CYS D 188 11.03 41.79 0.02
N LYS D 189 11.24 41.13 1.16
CA LYS D 189 12.55 40.88 1.71
C LYS D 189 12.93 39.42 1.52
N PRO D 190 14.23 39.10 1.43
CA PRO D 190 14.62 37.74 1.07
C PRO D 190 14.34 36.77 2.19
N PRO D 191 14.06 35.50 1.88
CA PRO D 191 13.80 34.49 2.91
C PRO D 191 15.07 34.11 3.66
N THR D 192 14.89 33.84 4.94
CA THR D 192 16.01 33.59 5.84
C THR D 192 16.29 32.10 5.89
N GLY D 193 17.55 31.73 5.73
CA GLY D 193 17.99 30.38 5.98
C GLY D 193 18.42 30.19 7.41
N GLU D 194 18.28 28.95 7.87
CA GLU D 194 18.89 28.54 9.12
C GLU D 194 19.25 27.07 9.03
N HIS D 195 20.33 26.71 9.70
CA HIS D 195 21.16 25.61 9.25
C HIS D 195 22.12 25.22 10.36
N TRP D 196 22.49 23.94 10.38
CA TRP D 196 23.24 23.43 11.52
C TRP D 196 24.74 23.49 11.28
N GLY D 197 25.47 23.33 12.39
CA GLY D 197 26.91 23.34 12.38
C GLY D 197 27.38 23.27 13.82
N LYS D 198 28.70 23.23 13.98
CA LYS D 198 29.29 22.86 15.25
C LYS D 198 29.07 23.94 16.31
N GLY D 199 29.28 23.57 17.57
CA GLY D 199 28.78 24.40 18.65
C GLY D 199 29.75 24.87 19.70
N VAL D 200 29.21 25.50 20.73
CA VAL D 200 30.01 26.19 21.74
C VAL D 200 30.69 25.18 22.66
N ALA D 201 32.00 25.07 22.53
CA ALA D 201 32.77 24.14 23.32
C ALA D 201 33.17 24.78 24.64
N CYS D 202 33.93 24.07 25.44
CA CYS D 202 34.35 24.51 26.76
C CYS D 202 35.87 24.41 26.89
N ASN D 203 36.35 24.56 28.13
CA ASN D 203 37.78 24.56 28.40
C ASN D 203 38.31 23.13 28.42
N ASN D 204 39.53 22.98 28.93
CA ASN D 204 40.10 21.67 29.17
C ASN D 204 39.33 20.98 30.29
N ASN D 205 38.55 19.96 29.94
CA ASN D 205 37.68 19.25 30.88
C ASN D 205 37.97 17.76 30.79
N ALA D 206 37.60 17.02 31.85
CA ALA D 206 38.19 15.70 32.07
C ALA D 206 37.29 14.52 31.71
N ALA D 207 36.11 14.39 32.31
CA ALA D 207 35.44 13.10 32.42
C ALA D 207 34.44 12.82 31.31
N ALA D 208 34.48 13.56 30.21
CA ALA D 208 33.54 13.34 29.12
C ALA D 208 34.27 12.80 27.90
N THR D 209 33.51 12.16 27.01
CA THR D 209 33.98 11.86 25.67
C THR D 209 33.92 13.09 24.78
N ASP D 210 34.14 12.89 23.49
CA ASP D 210 33.77 13.92 22.54
C ASP D 210 32.25 13.94 22.47
N CYS D 211 31.64 14.79 23.29
CA CYS D 211 30.21 15.04 23.27
C CYS D 211 30.04 16.38 22.59
N PRO D 212 29.90 16.39 21.28
CA PRO D 212 30.12 17.61 20.51
C PRO D 212 28.94 18.56 20.63
N PRO D 213 29.17 19.76 21.13
CA PRO D 213 28.11 20.77 21.13
C PRO D 213 27.75 21.19 19.72
N LEU D 214 26.51 21.61 19.57
CA LEU D 214 25.96 21.93 18.27
C LEU D 214 25.18 23.23 18.39
N GLU D 215 25.51 24.21 17.54
CA GLU D 215 24.76 25.45 17.55
C GLU D 215 24.32 25.79 16.12
N LEU D 216 23.03 26.09 15.98
CA LEU D 216 22.44 26.51 14.73
C LEU D 216 22.99 27.87 14.34
N PHE D 217 23.02 28.16 13.05
CA PHE D 217 23.26 29.51 12.59
C PHE D 217 22.08 29.95 11.72
N ASN D 218 21.93 31.26 11.54
CA ASN D 218 20.93 31.80 10.65
C ASN D 218 21.61 32.39 9.43
N SER D 219 20.87 32.46 8.34
CA SER D 219 21.35 33.03 7.09
C SER D 219 20.16 33.59 6.34
N ILE D 220 20.38 33.89 5.06
CA ILE D 220 19.33 34.19 4.11
C ILE D 220 19.33 33.07 3.09
N ILE D 221 18.15 32.57 2.74
CA ILE D 221 18.02 31.54 1.70
C ILE D 221 18.53 32.13 0.39
N GLU D 222 19.58 31.51 -0.17
CA GLU D 222 20.19 31.94 -1.41
C GLU D 222 19.70 31.02 -2.52
N ASP D 223 20.21 31.17 -3.74
CA ASP D 223 19.74 30.41 -4.89
C ASP D 223 20.82 29.41 -5.29
N GLY D 224 20.40 28.20 -5.66
CA GLY D 224 21.30 27.16 -6.11
C GLY D 224 21.70 26.18 -5.03
N ASP D 225 21.70 26.59 -3.77
CA ASP D 225 22.05 25.69 -2.68
C ASP D 225 20.92 24.69 -2.43
N MET D 226 21.27 23.54 -1.85
CA MET D 226 20.38 22.40 -1.76
C MET D 226 19.38 22.55 -0.62
N VAL D 227 18.28 21.80 -0.71
CA VAL D 227 17.25 21.82 0.33
C VAL D 227 17.31 20.48 1.08
N ASP D 228 16.53 20.36 2.14
CA ASP D 228 16.51 19.14 2.93
C ASP D 228 15.52 18.12 2.38
N THR D 229 15.87 16.85 2.54
CA THR D 229 14.98 15.74 2.21
C THR D 229 14.75 14.86 3.44
N GLY D 230 14.82 15.48 4.62
CA GLY D 230 14.59 14.76 5.85
C GLY D 230 15.82 14.28 6.58
N PHE D 231 17.01 14.77 6.22
CA PHE D 231 18.24 14.34 6.86
C PHE D 231 18.83 15.36 7.81
N GLY D 232 18.01 16.30 8.29
CA GLY D 232 18.53 17.40 9.09
C GLY D 232 19.17 18.47 8.24
N CYS D 233 19.17 19.68 8.77
CA CYS D 233 19.60 20.83 7.99
C CYS D 233 21.01 21.29 8.36
N MET D 234 22.00 20.53 7.92
CA MET D 234 23.39 20.79 8.27
C MET D 234 24.26 20.87 7.04
N ASP D 235 25.53 21.16 7.27
CA ASP D 235 26.53 21.04 6.22
C ASP D 235 26.97 19.59 6.10
N PHE D 236 27.23 19.16 4.86
CA PHE D 236 27.65 17.80 4.59
C PHE D 236 29.10 17.70 4.16
N GLY D 237 29.83 18.81 4.16
CA GLY D 237 31.26 18.75 3.96
C GLY D 237 32.01 18.69 5.27
N THR D 238 31.66 19.58 6.20
CA THR D 238 32.35 19.70 7.48
C THR D 238 31.98 18.56 8.43
N LEU D 239 30.93 17.82 8.14
CA LEU D 239 30.48 16.76 9.03
C LEU D 239 30.62 15.37 8.46
N GLN D 240 31.18 15.24 7.25
CA GLN D 240 31.37 13.94 6.61
C GLN D 240 32.84 13.69 6.39
N ALA D 241 33.48 13.01 7.35
CA ALA D 241 34.85 12.57 7.15
C ALA D 241 34.91 11.49 6.08
N ASN D 242 33.92 10.61 6.05
CA ASN D 242 33.87 9.62 4.98
C ASN D 242 33.41 10.20 3.67
N LYS D 243 32.40 11.09 3.72
CA LYS D 243 31.54 11.52 2.60
C LYS D 243 31.16 10.36 1.68
N SER D 244 30.87 9.21 2.28
CA SER D 244 30.59 7.97 1.57
C SER D 244 29.34 7.34 2.16
N ASP D 245 28.46 8.20 2.67
CA ASP D 245 27.14 7.77 3.10
C ASP D 245 26.08 8.77 2.64
N VAL D 246 26.49 9.79 1.88
CA VAL D 246 25.64 10.91 1.52
C VAL D 246 25.54 10.92 0.00
N PRO D 247 24.39 11.29 -0.58
CA PRO D 247 24.28 11.36 -2.04
C PRO D 247 25.19 12.41 -2.66
N ILE D 248 25.33 12.29 -3.98
CA ILE D 248 26.47 12.88 -4.69
C ILE D 248 26.35 14.39 -4.83
N ASP D 249 25.14 14.91 -5.01
CA ASP D 249 24.99 16.35 -5.16
C ASP D 249 25.04 17.07 -3.82
N ILE D 250 24.56 16.42 -2.77
CA ILE D 250 24.65 16.93 -1.41
C ILE D 250 25.88 16.38 -0.70
N CYS D 251 26.89 15.92 -1.44
CA CYS D 251 28.05 15.30 -0.81
C CYS D 251 28.95 16.32 -0.12
N ASN D 252 28.74 17.61 -0.34
CA ASN D 252 29.54 18.65 0.27
C ASN D 252 28.67 19.82 0.70
N SER D 253 27.36 19.72 0.51
CA SER D 253 26.48 20.86 0.52
C SER D 253 26.17 21.30 1.94
N THR D 254 25.25 22.26 2.05
CA THR D 254 24.74 22.75 3.32
C THR D 254 23.28 23.12 3.11
N CYS D 255 22.38 22.23 3.48
CA CYS D 255 20.96 22.49 3.25
C CYS D 255 20.40 23.24 4.44
N LYS D 256 19.51 24.19 4.17
CA LYS D 256 18.95 25.03 5.21
C LYS D 256 17.50 24.63 5.48
N TYR D 257 16.89 25.32 6.42
CA TYR D 257 15.47 25.23 6.71
C TYR D 257 14.98 26.67 6.82
N PRO D 258 13.73 26.96 6.49
CA PRO D 258 13.25 28.33 6.63
C PRO D 258 12.79 28.59 8.05
N ASP D 259 13.17 29.76 8.54
CA ASP D 259 12.96 30.13 9.94
C ASP D 259 11.57 30.74 10.07
N TYR D 260 10.55 29.89 9.92
CA TYR D 260 9.14 30.30 9.96
C TYR D 260 8.77 31.06 11.21
N LEU D 261 9.37 30.69 12.35
CA LEU D 261 9.19 31.45 13.57
C LEU D 261 9.82 32.83 13.46
N LYS D 262 11.08 32.87 13.03
CA LYS D 262 11.78 34.15 12.95
C LYS D 262 11.30 34.96 11.76
N MET D 263 10.79 34.30 10.72
CA MET D 263 10.15 35.06 9.65
C MET D 263 8.76 35.50 10.06
N ALA D 264 8.18 34.89 11.10
CA ALA D 264 6.99 35.46 11.71
C ALA D 264 7.34 36.43 12.83
N SER D 265 8.62 36.69 13.06
CA SER D 265 9.03 37.54 14.18
C SER D 265 9.20 39.00 13.82
N GLU D 266 9.41 39.33 12.54
CA GLU D 266 9.62 40.73 12.18
C GLU D 266 8.28 41.43 12.05
N PRO D 267 8.04 42.53 12.78
CA PRO D 267 6.74 43.21 12.70
C PRO D 267 6.59 44.12 11.50
N TYR D 268 7.55 44.15 10.57
CA TYR D 268 7.37 44.88 9.33
C TYR D 268 6.31 44.23 8.47
N GLY D 269 6.25 42.90 8.46
CA GLY D 269 5.35 42.17 7.59
C GLY D 269 5.75 42.21 6.13
N ASP D 270 7.03 42.43 5.84
CA ASP D 270 7.49 42.74 4.50
C ASP D 270 8.32 41.61 3.91
N SER D 271 8.80 40.70 4.75
CA SER D 271 9.50 39.53 4.27
C SER D 271 8.55 38.39 3.92
N LEU D 272 7.32 38.40 4.44
CA LEU D 272 6.28 37.49 3.99
C LEU D 272 4.99 38.26 3.79
N PHE D 273 4.44 38.16 2.58
CA PHE D 273 3.09 38.63 2.32
C PHE D 273 2.08 37.51 2.24
N PHE D 274 2.44 36.37 1.64
CA PHE D 274 1.55 35.22 1.57
C PHE D 274 2.34 33.94 1.35
N PHE D 275 1.83 32.84 1.89
CA PHE D 275 2.60 31.60 1.87
C PHE D 275 1.68 30.42 1.62
N LEU D 276 2.21 29.43 0.93
CA LEU D 276 1.64 28.10 0.89
C LEU D 276 2.77 27.09 0.98
N ARG D 277 2.45 25.87 1.39
CA ARG D 277 3.44 24.82 1.56
C ARG D 277 2.72 23.47 1.64
N ARG D 278 3.32 22.46 1.03
CA ARG D 278 2.72 21.13 1.00
C ARG D 278 3.78 20.04 0.84
N GLU D 279 3.77 19.05 1.73
CA GLU D 279 4.78 18.00 1.69
C GLU D 279 4.16 16.66 2.05
N GLN D 280 4.86 15.58 1.68
CA GLN D 280 4.43 14.21 1.97
C GLN D 280 5.65 13.30 1.91
N MET D 281 5.57 12.17 2.62
CA MET D 281 6.73 11.32 2.89
C MET D 281 6.29 10.01 3.53
N PHE D 282 6.91 8.91 3.09
CA PHE D 282 7.02 7.72 3.92
C PHE D 282 8.39 7.08 3.67
N VAL D 283 8.59 5.90 4.27
CA VAL D 283 9.88 5.21 4.26
C VAL D 283 9.71 3.78 3.74
N ARG D 284 10.67 3.33 2.92
CA ARG D 284 10.62 1.97 2.38
C ARG D 284 11.43 0.96 3.19
N HIS D 285 12.72 1.19 3.42
CA HIS D 285 13.57 0.16 4.03
C HIS D 285 14.35 0.76 5.19
N PHE D 286 15.11 -0.12 5.87
CA PHE D 286 15.89 0.16 7.07
C PHE D 286 17.24 -0.52 7.00
N PHE D 287 18.31 0.24 7.18
CA PHE D 287 19.66 -0.31 7.27
C PHE D 287 20.47 0.48 8.29
N ASN D 288 21.63 -0.04 8.65
CA ASN D 288 22.47 0.54 9.70
C ASN D 288 23.77 1.07 9.12
N ARG D 289 24.50 1.82 9.95
CA ARG D 289 25.80 2.33 9.53
C ARG D 289 26.85 1.23 9.60
N ALA D 290 28.09 1.56 9.24
CA ALA D 290 29.19 0.61 9.26
C ALA D 290 30.45 1.33 9.74
N GLY D 291 30.93 0.98 10.93
CA GLY D 291 32.11 1.61 11.47
C GLY D 291 32.27 1.28 12.94
N LYS D 292 33.33 1.87 13.52
CA LYS D 292 33.56 1.74 14.95
C LYS D 292 32.45 2.45 15.71
N LEU D 293 31.78 1.72 16.59
CA LEU D 293 30.73 2.29 17.42
C LEU D 293 31.33 3.31 18.37
N GLY D 294 31.00 4.59 18.17
CA GLY D 294 31.65 5.68 18.88
C GLY D 294 31.38 5.70 20.37
N GLU D 295 30.17 5.37 20.80
CA GLU D 295 29.84 5.22 22.19
C GLU D 295 29.18 3.86 22.41
N ALA D 296 29.22 3.37 23.65
CA ALA D 296 28.82 1.99 23.94
C ALA D 296 27.51 1.97 24.72
N VAL D 297 26.81 0.85 24.61
CA VAL D 297 25.56 0.64 25.35
C VAL D 297 25.87 -0.01 26.70
N PRO D 298 25.30 0.47 27.80
CA PRO D 298 25.54 -0.18 29.09
C PRO D 298 24.87 -1.54 29.15
N ASP D 299 25.59 -2.49 29.77
CA ASP D 299 25.18 -3.88 29.77
C ASP D 299 24.00 -4.15 30.70
N ASP D 300 23.59 -3.14 31.49
CA ASP D 300 22.47 -3.25 32.40
C ASP D 300 21.15 -3.59 31.72
N LEU D 301 21.02 -3.28 30.43
CA LEU D 301 19.75 -3.34 29.73
C LEU D 301 19.65 -4.52 28.77
N TYR D 302 20.63 -5.43 28.78
CA TYR D 302 20.55 -6.60 27.93
C TYR D 302 21.39 -7.71 28.54
N ILE D 303 21.23 -8.92 28.03
CA ILE D 303 22.13 -10.00 28.43
C ILE D 303 23.30 -10.02 27.46
N LYS D 304 24.51 -10.11 28.00
CA LYS D 304 25.65 -10.43 27.15
C LYS D 304 25.58 -11.89 26.72
N GLY D 305 25.91 -12.13 25.46
CA GLY D 305 25.97 -13.48 24.93
C GLY D 305 27.40 -13.86 24.60
N SER D 306 27.57 -15.08 24.09
CA SER D 306 28.86 -15.57 23.64
C SER D 306 28.67 -16.31 22.33
N GLY D 307 29.75 -16.90 21.83
CA GLY D 307 29.72 -17.55 20.53
C GLY D 307 29.54 -16.55 19.41
N ASN D 308 28.39 -16.60 18.76
CA ASN D 308 28.01 -15.60 17.77
C ASN D 308 27.67 -14.26 18.40
N THR D 309 27.42 -14.23 19.71
CA THR D 309 26.98 -13.06 20.43
C THR D 309 28.07 -12.58 21.39
N ALA D 310 29.27 -13.13 21.25
CA ALA D 310 30.41 -12.56 21.97
C ALA D 310 30.79 -11.21 21.38
N VAL D 311 30.50 -11.00 20.10
CA VAL D 311 30.62 -9.70 19.48
C VAL D 311 29.37 -8.89 19.78
N ILE D 312 29.44 -7.59 19.49
CA ILE D 312 28.29 -6.70 19.56
C ILE D 312 28.18 -6.00 18.22
N GLN D 313 27.06 -6.22 17.53
CA GLN D 313 26.91 -5.73 16.17
C GLN D 313 26.68 -4.22 16.15
N SER D 314 27.03 -3.63 15.01
CA SER D 314 26.70 -2.24 14.76
C SER D 314 25.20 -2.08 14.56
N SER D 315 24.66 -1.00 15.11
CA SER D 315 23.22 -0.79 15.15
C SER D 315 22.84 0.66 14.88
N ALA D 316 23.68 1.43 14.21
CA ALA D 316 23.38 2.83 13.94
C ALA D 316 22.47 2.88 12.71
N PHE D 317 21.18 2.68 12.96
CA PHE D 317 20.20 2.53 11.89
C PHE D 317 19.89 3.87 11.23
N PHE D 318 19.10 3.80 10.16
CA PHE D 318 18.55 4.95 9.46
C PHE D 318 17.37 4.50 8.63
N PRO D 319 16.45 5.41 8.27
CA PRO D 319 15.38 5.04 7.34
C PRO D 319 15.82 5.14 5.90
N THR D 320 14.90 4.90 4.97
CA THR D 320 15.11 5.18 3.55
C THR D 320 14.06 6.20 3.13
N PRO D 321 14.46 7.44 2.87
CA PRO D 321 13.50 8.46 2.42
C PRO D 321 12.91 8.10 1.06
N SER D 322 11.58 8.23 0.97
CA SER D 322 10.90 7.76 -0.23
C SER D 322 10.01 8.83 -0.85
N GLY D 323 9.33 9.63 -0.03
CA GLY D 323 8.24 10.46 -0.50
C GLY D 323 7.05 9.62 -0.90
N SER D 324 6.13 10.23 -1.66
CA SER D 324 4.86 9.55 -1.91
C SER D 324 4.32 9.73 -3.33
N ILE D 325 3.08 9.28 -3.52
CA ILE D 325 2.37 9.36 -4.80
C ILE D 325 2.08 10.83 -5.14
N VAL D 326 1.98 11.12 -6.43
CA VAL D 326 1.69 12.46 -6.91
C VAL D 326 0.33 12.43 -7.62
N THR D 327 -0.41 13.53 -7.54
CA THR D 327 -1.68 13.67 -8.25
C THR D 327 -1.56 14.83 -9.24
N SER D 328 -2.61 15.04 -10.03
CA SER D 328 -2.79 16.24 -10.83
C SER D 328 -3.63 17.26 -10.09
N GLU D 329 -3.90 16.99 -8.81
CA GLU D 329 -4.95 17.68 -8.08
C GLU D 329 -4.49 18.25 -6.75
N SER D 330 -3.31 17.87 -6.28
CA SER D 330 -2.75 18.39 -5.03
C SER D 330 -1.81 19.55 -5.27
N GLN D 331 -2.07 20.32 -6.32
CA GLN D 331 -1.14 21.33 -6.77
C GLN D 331 -1.30 22.61 -5.97
N LEU D 332 -0.20 23.33 -5.83
CA LEU D 332 -0.20 24.62 -5.15
C LEU D 332 -0.11 25.79 -6.12
N PHE D 333 -0.16 25.50 -7.42
CA PHE D 333 0.30 26.44 -8.43
C PHE D 333 -0.76 26.57 -9.50
N ASN D 334 -0.37 27.25 -10.60
CA ASN D 334 -1.10 27.39 -11.87
C ASN D 334 -2.57 27.78 -11.71
N LYS D 335 -2.87 28.62 -10.73
CA LYS D 335 -4.22 29.11 -10.49
C LYS D 335 -4.16 30.60 -10.17
N PRO D 336 -5.25 31.35 -10.32
CA PRO D 336 -5.26 32.72 -9.80
C PRO D 336 -5.29 32.73 -8.28
N TYR D 337 -4.43 33.57 -7.71
CA TYR D 337 -4.30 33.68 -6.25
C TYR D 337 -4.37 35.15 -5.90
N TRP D 338 -5.58 35.63 -5.64
CA TRP D 338 -5.75 37.03 -5.29
C TRP D 338 -5.44 37.24 -3.81
N LEU D 339 -4.88 38.41 -3.53
CA LEU D 339 -4.61 38.82 -2.17
C LEU D 339 -5.53 39.94 -1.76
N GLN D 340 -5.92 39.91 -0.50
CA GLN D 340 -6.83 40.88 0.09
C GLN D 340 -6.21 41.66 1.23
N ARG D 341 -5.25 41.09 1.94
CA ARG D 341 -4.48 41.72 3.01
C ARG D 341 -3.28 40.82 3.25
N ALA D 342 -2.08 41.38 3.19
CA ALA D 342 -0.91 40.56 3.44
C ALA D 342 -0.79 40.25 4.94
N GLN D 343 -0.04 39.19 5.25
CA GLN D 343 -0.07 38.55 6.55
C GLN D 343 0.63 39.37 7.64
N GLY D 344 1.25 40.49 7.31
CA GLY D 344 1.89 41.30 8.32
C GLY D 344 1.48 42.76 8.23
N HIS D 345 2.30 43.66 8.77
CA HIS D 345 1.97 45.07 8.77
C HIS D 345 2.11 45.72 7.41
N ASN D 346 2.91 45.15 6.50
CA ASN D 346 3.04 45.69 5.15
C ASN D 346 2.01 45.00 4.28
N ASN D 347 1.34 45.77 3.43
CA ASN D 347 0.24 45.25 2.64
C ASN D 347 0.67 44.87 1.23
N GLY D 348 1.59 43.92 1.10
CA GLY D 348 2.07 43.46 -0.19
C GLY D 348 3.02 44.44 -0.85
N ILE D 349 3.50 45.43 -0.10
CA ILE D 349 4.15 46.58 -0.71
C ILE D 349 5.63 46.33 -0.88
N CYS D 350 6.12 46.59 -2.09
CA CYS D 350 7.53 46.43 -2.44
C CYS D 350 8.29 47.65 -1.93
N TRP D 351 9.56 47.46 -1.61
CA TRP D 351 10.45 48.58 -1.37
C TRP D 351 11.74 48.37 -2.15
N GLY D 352 12.18 49.43 -2.83
CA GLY D 352 13.24 49.29 -3.79
C GLY D 352 12.83 48.60 -5.06
N ASN D 353 11.52 48.55 -5.36
CA ASN D 353 10.95 47.97 -6.58
C ASN D 353 11.33 46.50 -6.75
N GLN D 354 11.08 45.71 -5.71
CA GLN D 354 11.52 44.32 -5.73
C GLN D 354 10.70 43.49 -4.75
N LEU D 355 10.69 42.19 -5.01
CA LEU D 355 10.06 41.17 -4.18
C LEU D 355 11.03 40.00 -4.03
N PHE D 356 10.57 38.96 -3.35
CA PHE D 356 11.38 37.76 -3.15
C PHE D 356 10.41 36.57 -3.03
N VAL D 357 10.47 35.69 -4.01
CA VAL D 357 9.54 34.57 -4.09
C VAL D 357 10.33 33.27 -4.04
N THR D 358 9.81 32.29 -3.29
CA THR D 358 10.39 30.96 -3.24
C THR D 358 9.35 29.94 -3.62
N VAL D 359 9.75 29.02 -4.50
CA VAL D 359 8.95 27.91 -4.98
C VAL D 359 9.82 26.67 -4.92
N VAL D 360 9.24 25.56 -4.48
CA VAL D 360 9.90 24.27 -4.63
C VAL D 360 8.97 23.34 -5.39
N ASP D 361 9.56 22.50 -6.24
CA ASP D 361 8.88 21.38 -6.87
C ASP D 361 9.92 20.32 -7.18
N THR D 362 9.90 19.23 -6.41
CA THR D 362 10.60 18.03 -6.85
C THR D 362 9.67 17.19 -7.70
N THR D 363 8.42 17.61 -7.78
CA THR D 363 7.38 16.98 -8.56
C THR D 363 7.65 16.97 -10.05
N ARG D 364 8.34 17.99 -10.56
CA ARG D 364 8.70 18.03 -11.97
C ARG D 364 10.22 17.90 -12.11
N SER D 365 10.85 17.16 -11.20
CA SER D 365 12.30 17.15 -11.15
C SER D 365 12.89 15.85 -11.71
N THR D 366 12.17 15.19 -12.61
CA THR D 366 12.73 14.05 -13.31
C THR D 366 13.78 14.51 -14.31
N ASN D 367 14.56 13.55 -14.81
CA ASN D 367 15.75 13.85 -15.59
C ASN D 367 15.72 13.09 -16.91
N MET D 368 16.34 13.66 -17.93
CA MET D 368 16.47 13.02 -19.23
C MET D 368 17.67 12.07 -19.21
N THR D 369 17.81 11.25 -20.25
CA THR D 369 18.99 10.40 -20.40
C THR D 369 19.37 10.33 -21.86
N LEU D 370 20.65 10.52 -22.14
CA LEU D 370 21.19 10.60 -23.49
C LEU D 370 21.89 9.29 -23.83
N CYS D 371 21.99 8.98 -25.13
CA CYS D 371 22.81 7.86 -25.59
C CYS D 371 23.31 8.16 -27.00
N THR D 372 24.62 8.33 -27.14
CA THR D 372 25.27 8.43 -28.44
C THR D 372 26.31 7.34 -28.58
N GLU D 373 26.22 6.59 -29.68
CA GLU D 373 27.26 5.63 -30.01
C GLU D 373 28.47 6.34 -30.61
N VAL D 374 29.65 5.77 -30.37
CA VAL D 374 30.89 6.27 -30.94
C VAL D 374 31.16 5.64 -32.31
N THR D 375 31.09 4.31 -32.39
CA THR D 375 31.41 3.56 -33.59
C THR D 375 30.14 3.06 -34.27
N LYS D 376 30.33 2.23 -35.30
CA LYS D 376 29.24 1.57 -36.00
C LYS D 376 29.62 0.11 -36.20
N GLU D 377 28.65 -0.80 -36.05
CA GLU D 377 28.84 -2.22 -36.26
C GLU D 377 27.45 -2.81 -36.54
N GLY D 378 27.39 -4.11 -36.75
CA GLY D 378 26.14 -4.83 -36.76
C GLY D 378 26.07 -5.77 -35.59
N THR D 379 26.85 -5.47 -34.55
CA THR D 379 26.93 -6.29 -33.35
C THR D 379 26.91 -5.38 -32.13
N TYR D 380 26.05 -5.70 -31.17
CA TYR D 380 25.86 -4.85 -30.01
C TYR D 380 26.92 -5.12 -28.94
N LYS D 381 27.57 -4.05 -28.50
CA LYS D 381 28.39 -4.06 -27.30
C LYS D 381 28.12 -2.78 -26.52
N ASN D 382 28.21 -2.86 -25.20
CA ASN D 382 27.96 -1.69 -24.37
C ASN D 382 29.09 -0.68 -24.41
N ASP D 383 30.28 -1.08 -24.83
CA ASP D 383 31.42 -0.18 -24.92
C ASP D 383 31.46 0.59 -26.23
N ASN D 384 30.30 0.81 -26.85
CA ASN D 384 30.23 1.62 -28.05
C ASN D 384 29.51 2.94 -27.80
N PHE D 385 28.76 3.01 -26.70
CA PHE D 385 27.77 4.04 -26.48
C PHE D 385 28.19 4.99 -25.37
N LYS D 386 27.84 6.27 -25.52
CA LYS D 386 28.17 7.30 -24.56
C LYS D 386 26.88 7.93 -24.05
N GLU D 387 26.73 8.02 -22.72
CA GLU D 387 25.47 8.41 -22.10
C GLU D 387 25.65 9.65 -21.23
N TYR D 388 24.85 10.68 -21.50
CA TYR D 388 24.80 11.87 -20.65
C TYR D 388 23.44 11.96 -19.97
N VAL D 389 23.37 12.77 -18.91
CA VAL D 389 22.15 12.97 -18.13
C VAL D 389 22.01 14.46 -17.81
N ARG D 390 20.84 15.03 -18.09
CA ARG D 390 20.61 16.45 -17.88
C ARG D 390 19.44 16.64 -16.93
N HIS D 391 19.20 17.89 -16.56
CA HIS D 391 18.11 18.24 -15.67
C HIS D 391 17.60 19.62 -16.06
N VAL D 392 16.30 19.71 -16.37
CA VAL D 392 15.73 20.92 -16.97
C VAL D 392 14.60 21.45 -16.10
N GLU D 393 14.45 22.78 -16.13
CA GLU D 393 13.35 23.46 -15.43
C GLU D 393 12.92 24.67 -16.25
N GLU D 394 11.62 24.96 -16.25
CA GLU D 394 11.08 26.21 -16.77
C GLU D 394 10.16 26.85 -15.74
N TYR D 395 10.17 28.17 -15.71
CA TYR D 395 9.29 28.92 -14.82
C TYR D 395 8.64 30.03 -15.63
N ASP D 396 7.53 30.57 -15.11
CA ASP D 396 6.79 31.64 -15.76
C ASP D 396 5.94 32.35 -14.71
N LEU D 397 5.47 33.55 -15.07
CA LEU D 397 4.88 34.44 -14.09
C LEU D 397 3.84 35.32 -14.75
N GLN D 398 2.90 35.79 -13.93
CA GLN D 398 1.89 36.76 -14.36
C GLN D 398 1.35 37.47 -13.13
N PHE D 399 1.37 38.80 -13.16
CA PHE D 399 0.98 39.58 -11.99
C PHE D 399 0.26 40.85 -12.41
N VAL D 400 -0.41 41.45 -11.44
CA VAL D 400 -1.01 42.76 -11.62
C VAL D 400 -0.90 43.46 -10.28
N PHE D 401 -0.77 44.79 -10.32
CA PHE D 401 -0.56 45.59 -9.13
C PHE D 401 -1.56 46.73 -9.09
N GLN D 402 -1.31 47.67 -8.18
CA GLN D 402 -2.18 48.82 -7.98
C GLN D 402 -1.37 49.92 -7.32
N LEU D 403 -1.55 51.15 -7.79
CA LEU D 403 -0.82 52.30 -7.28
C LEU D 403 -1.44 52.77 -5.98
N CYS D 404 -0.62 52.91 -4.96
CA CYS D 404 -1.01 53.56 -3.73
C CYS D 404 -0.16 54.80 -3.54
N LYS D 405 -0.76 55.97 -3.76
CA LYS D 405 -0.03 57.21 -3.67
C LYS D 405 0.14 57.55 -2.20
N ILE D 406 1.30 58.06 -1.84
CA ILE D 406 1.63 58.29 -0.43
C ILE D 406 2.04 59.73 -0.24
N THR D 407 1.26 60.48 0.53
CA THR D 407 1.60 61.86 0.86
C THR D 407 2.71 61.86 1.89
N LEU D 408 3.38 63.00 2.03
CA LEU D 408 4.59 63.10 2.85
C LEU D 408 4.39 64.20 3.89
N THR D 409 4.23 63.79 5.15
CA THR D 409 4.01 64.74 6.24
C THR D 409 5.17 64.61 7.23
N ALA D 410 5.11 65.41 8.29
CA ALA D 410 6.19 65.46 9.27
C ALA D 410 6.25 64.20 10.12
N GLU D 411 5.11 63.75 10.62
CA GLU D 411 5.05 62.48 11.33
C GLU D 411 5.33 61.30 10.42
N ILE D 412 5.09 61.43 9.12
CA ILE D 412 5.47 60.40 8.16
C ILE D 412 6.97 60.38 7.94
N MET D 413 7.59 61.54 7.75
CA MET D 413 9.00 61.57 7.40
C MET D 413 9.89 61.22 8.59
N THR D 414 9.39 61.40 9.81
CA THR D 414 10.09 60.90 10.97
C THR D 414 9.99 59.39 11.09
N TYR D 415 8.89 58.82 10.60
CA TYR D 415 8.61 57.40 10.76
C TYR D 415 9.50 56.54 9.87
N ILE D 416 9.85 57.04 8.67
CA ILE D 416 10.51 56.20 7.69
C ILE D 416 12.01 56.05 7.96
N HIS D 417 12.69 57.13 8.39
CA HIS D 417 14.13 57.05 8.59
C HIS D 417 14.47 56.20 9.81
N THR D 418 13.55 56.09 10.75
CA THR D 418 13.68 55.10 11.82
C THR D 418 13.73 53.69 11.25
N MET D 419 12.96 53.42 10.19
CA MET D 419 13.10 52.17 9.48
C MET D 419 14.25 52.22 8.48
N ASP D 420 14.16 53.15 7.52
CA ASP D 420 15.13 53.19 6.44
C ASP D 420 15.37 54.63 5.97
N SER D 421 16.64 54.99 5.95
CA SER D 421 17.13 56.09 5.12
C SER D 421 17.01 55.82 3.64
N ASN D 422 17.08 54.55 3.24
CA ASN D 422 17.15 54.14 1.84
C ASN D 422 15.88 54.45 1.06
N ILE D 423 14.71 54.29 1.66
CA ILE D 423 13.47 54.50 0.93
C ILE D 423 13.13 55.99 0.88
N LEU D 424 13.85 56.80 1.65
CA LEU D 424 13.74 58.25 1.58
C LEU D 424 14.52 58.86 0.44
N GLU D 425 15.83 58.61 0.41
CA GLU D 425 16.84 59.28 -0.42
C GLU D 425 16.58 59.18 -1.91
N ASP D 426 15.80 58.17 -2.34
CA ASP D 426 15.44 57.99 -3.74
C ASP D 426 14.62 59.14 -4.31
N TRP D 427 13.91 59.88 -3.46
CA TRP D 427 13.01 60.92 -3.92
C TRP D 427 13.70 62.23 -4.22
N GLN D 428 15.02 62.32 -3.95
CA GLN D 428 15.86 63.47 -4.27
C GLN D 428 15.34 64.75 -3.59
N PHE D 429 14.82 64.59 -2.38
CA PHE D 429 14.07 65.64 -1.70
C PHE D 429 14.93 66.48 -0.78
N GLY D 430 15.97 65.92 -0.19
CA GLY D 430 16.67 66.58 0.90
C GLY D 430 17.20 65.55 1.86
N LEU D 431 17.78 66.03 2.97
CA LEU D 431 18.43 65.13 3.90
C LEU D 431 18.20 65.66 5.32
N THR D 432 18.00 64.72 6.24
CA THR D 432 17.87 65.02 7.66
C THR D 432 19.09 64.47 8.38
N PRO D 433 19.82 65.26 9.15
CA PRO D 433 21.01 64.75 9.85
C PRO D 433 20.61 63.79 10.96
N PRO D 434 21.22 62.61 11.03
CA PRO D 434 20.77 61.58 12.00
C PRO D 434 21.02 61.98 13.44
N PRO D 435 22.14 62.68 13.81
CA PRO D 435 22.06 63.44 15.06
C PRO D 435 21.72 64.90 14.81
N SER D 436 21.49 65.65 15.88
CA SER D 436 21.57 67.09 15.83
C SER D 436 22.87 67.51 16.47
N ALA D 437 23.72 66.52 16.70
CA ALA D 437 24.92 66.66 17.50
C ALA D 437 24.92 65.69 18.66
N SER D 438 26.06 65.64 19.34
CA SER D 438 26.23 64.82 20.53
C SER D 438 26.90 65.65 21.61
N LEU D 439 27.15 65.02 22.76
CA LEU D 439 27.72 65.74 23.89
C LEU D 439 29.23 65.55 23.99
N GLN D 440 29.85 64.93 23.00
CA GLN D 440 31.29 64.69 23.04
C GLN D 440 31.99 65.22 21.79
N ASP D 441 33.07 65.97 22.03
CA ASP D 441 33.94 66.45 20.94
C ASP D 441 34.68 65.31 20.25
N THR D 442 34.97 64.24 21.00
CA THR D 442 35.70 63.05 20.56
C THR D 442 37.08 63.37 20.00
N TYR D 443 37.86 64.16 20.76
CA TYR D 443 39.31 64.29 20.61
C TYR D 443 39.69 64.84 19.23
N ARG D 444 39.35 66.10 19.02
CA ARG D 444 39.64 66.76 17.74
C ARG D 444 41.14 67.02 17.64
N PHE D 445 41.72 66.71 16.47
CA PHE D 445 43.09 67.08 16.18
C PHE D 445 43.19 67.74 14.82
N VAL D 446 44.40 68.16 14.44
CA VAL D 446 44.64 68.68 13.10
C VAL D 446 45.95 68.08 12.58
N THR D 447 46.66 67.37 13.46
CA THR D 447 48.09 67.17 13.27
C THR D 447 48.43 65.94 12.44
N SER D 448 47.45 65.11 12.08
CA SER D 448 47.57 64.06 11.06
C SER D 448 48.63 62.97 11.31
N GLN D 449 48.39 62.13 12.31
CA GLN D 449 48.96 60.78 12.40
C GLN D 449 50.48 60.66 12.49
N ALA D 450 51.08 61.05 13.62
CA ALA D 450 52.54 60.97 13.70
C ALA D 450 53.09 60.13 14.86
N ILE D 451 52.31 59.85 15.90
CA ILE D 451 52.88 59.14 17.06
C ILE D 451 52.15 57.86 17.42
N THR D 452 50.86 57.93 17.73
CA THR D 452 50.11 56.80 18.30
C THR D 452 48.99 56.45 17.33
N CYS D 453 49.03 55.24 16.79
CA CYS D 453 48.10 54.82 15.76
C CYS D 453 46.75 54.47 16.37
N GLN D 454 45.68 55.01 15.79
CA GLN D 454 44.33 54.59 16.11
C GLN D 454 43.58 54.22 14.83
N LYS D 455 42.32 53.80 14.98
CA LYS D 455 41.55 53.30 13.85
C LYS D 455 40.93 54.46 13.08
N THR D 456 41.08 54.45 11.76
CA THR D 456 40.61 55.57 10.95
C THR D 456 39.37 55.21 10.13
N ALA D 457 39.23 53.91 9.79
CA ALA D 457 38.05 53.27 9.18
C ALA D 457 37.57 53.92 7.88
N PRO D 458 38.25 53.68 6.75
CA PRO D 458 37.76 54.20 5.47
C PRO D 458 36.55 53.42 4.99
N PRO D 459 35.40 54.07 4.84
CA PRO D 459 34.20 53.36 4.43
C PRO D 459 34.05 53.30 2.91
N LYS D 460 32.93 52.72 2.49
CA LYS D 460 32.52 52.72 1.10
C LYS D 460 31.00 52.66 1.12
N GLU D 461 30.31 53.29 0.17
CA GLU D 461 28.84 53.23 0.18
C GLU D 461 28.30 51.84 -0.15
N LYS D 462 28.93 51.18 -1.14
CA LYS D 462 28.83 49.75 -1.46
C LYS D 462 27.50 49.35 -2.08
N GLU D 463 26.51 50.26 -2.06
CA GLU D 463 25.29 50.39 -2.88
C GLU D 463 24.30 49.21 -2.82
N ASP D 464 24.68 48.09 -2.17
CA ASP D 464 23.81 46.95 -1.87
C ASP D 464 24.53 45.98 -0.95
N PRO D 465 23.85 45.43 0.05
CA PRO D 465 24.43 44.30 0.79
C PRO D 465 24.45 43.02 -0.03
N LEU D 466 23.57 42.91 -1.03
CA LEU D 466 23.40 41.72 -1.85
C LEU D 466 24.48 41.54 -2.89
N ASN D 467 25.50 42.40 -2.89
CA ASN D 467 26.54 42.38 -3.91
C ASN D 467 27.40 41.12 -3.85
N LYS D 468 27.36 40.37 -2.75
CA LYS D 468 28.11 39.14 -2.63
C LYS D 468 27.27 37.92 -2.96
N TYR D 469 25.96 38.08 -3.11
CA TYR D 469 25.06 36.95 -3.14
C TYR D 469 24.36 36.83 -4.48
N THR D 470 23.88 35.63 -4.79
CA THR D 470 23.32 35.31 -6.10
C THR D 470 21.87 34.86 -5.95
N PHE D 471 21.01 35.42 -6.79
CA PHE D 471 19.64 34.98 -6.91
C PHE D 471 19.33 34.95 -8.40
N TRP D 472 18.12 34.56 -8.76
CA TRP D 472 17.77 34.66 -10.17
C TRP D 472 17.00 35.95 -10.41
N GLU D 473 17.41 36.69 -11.44
CA GLU D 473 16.96 38.05 -11.66
C GLU D 473 16.10 38.15 -12.93
N VAL D 474 15.20 39.11 -12.93
CA VAL D 474 14.26 39.29 -14.05
C VAL D 474 13.94 40.78 -14.17
N ASN D 475 13.41 41.18 -15.33
CA ASN D 475 13.07 42.56 -15.61
C ASN D 475 11.56 42.71 -15.81
N LEU D 476 11.08 43.95 -15.62
CA LEU D 476 9.69 44.29 -15.89
C LEU D 476 9.61 45.62 -16.66
N LYS D 477 10.74 46.35 -16.73
CA LYS D 477 10.72 47.77 -17.05
C LYS D 477 10.28 48.07 -18.48
N GLU D 478 10.31 47.06 -19.36
CA GLU D 478 9.67 47.19 -20.66
C GLU D 478 8.62 46.13 -20.92
N LYS D 479 8.23 45.36 -19.90
CA LYS D 479 7.08 44.46 -20.02
C LYS D 479 5.82 45.12 -19.47
N PHE D 480 5.75 46.45 -19.52
CA PHE D 480 4.72 47.20 -18.84
C PHE D 480 3.41 47.15 -19.63
N SER D 481 2.30 47.13 -18.89
CA SER D 481 0.97 47.15 -19.48
C SER D 481 -0.01 47.68 -18.45
N ALA D 482 -0.85 48.62 -18.91
CA ALA D 482 -1.99 49.08 -18.14
C ALA D 482 -3.24 48.26 -18.36
N ASP D 483 -3.44 47.74 -19.57
CA ASP D 483 -4.63 46.95 -19.90
C ASP D 483 -4.47 45.57 -19.27
N LEU D 484 -5.60 44.90 -19.04
CA LEU D 484 -5.57 43.62 -18.33
C LEU D 484 -6.20 42.51 -19.17
N ASP D 485 -7.05 42.87 -20.12
CA ASP D 485 -7.95 41.88 -20.72
C ASP D 485 -7.34 41.18 -21.92
N GLN D 486 -6.10 41.52 -22.26
CA GLN D 486 -5.31 40.71 -23.18
C GLN D 486 -4.57 39.59 -22.45
N PHE D 487 -4.78 39.47 -21.14
CA PHE D 487 -3.97 38.68 -20.24
C PHE D 487 -4.88 37.87 -19.34
N PRO D 488 -4.66 36.54 -19.25
CA PRO D 488 -5.63 35.64 -18.61
C PRO D 488 -5.87 35.92 -17.14
N LEU D 489 -4.83 36.31 -16.39
CA LEU D 489 -5.03 36.75 -15.02
C LEU D 489 -5.80 38.06 -14.94
N GLY D 490 -5.51 39.01 -15.85
CA GLY D 490 -6.35 40.18 -15.94
C GLY D 490 -7.73 39.84 -16.45
N ARG D 491 -7.81 38.87 -17.37
CA ARG D 491 -9.10 38.27 -17.70
C ARG D 491 -9.70 37.52 -16.53
N LYS D 492 -8.88 36.92 -15.68
CA LYS D 492 -9.40 36.39 -14.42
C LYS D 492 -9.78 37.50 -13.46
N PHE D 493 -9.11 38.66 -13.54
CA PHE D 493 -9.30 39.67 -12.51
C PHE D 493 -10.61 40.43 -12.67
N LEU D 494 -10.93 40.86 -13.88
CA LEU D 494 -12.06 41.76 -14.05
C LEU D 494 -13.40 41.08 -13.86
N LEU D 495 -13.43 39.75 -13.75
CA LEU D 495 -14.62 39.06 -13.29
C LEU D 495 -14.66 38.95 -11.77
N GLN D 496 -13.51 39.05 -11.08
CA GLN D 496 -13.58 39.22 -9.63
C GLN D 496 -14.15 40.59 -9.29
N SER D 497 -13.69 41.62 -9.96
CA SER D 497 -14.12 42.99 -9.70
C SER D 497 -15.41 43.36 -10.42
N GLY D 498 -15.80 42.59 -11.44
CA GLY D 498 -17.03 42.86 -12.15
C GLY D 498 -17.01 44.12 -12.99
N LEU D 499 -15.87 44.48 -13.58
CA LEU D 499 -15.76 45.73 -14.30
C LEU D 499 -15.58 45.52 -15.80
N SER E 28 -71.24 -14.59 -16.57
CA SER E 28 -71.98 -13.56 -17.28
C SER E 28 -71.52 -13.45 -18.72
N VAL E 29 -70.75 -14.43 -19.16
CA VAL E 29 -70.33 -14.55 -20.56
C VAL E 29 -70.71 -15.95 -21.02
N TRP E 30 -70.38 -16.28 -22.28
CA TRP E 30 -70.73 -17.59 -22.82
C TRP E 30 -69.83 -18.71 -22.32
N ARG E 31 -68.81 -18.39 -21.54
CA ARG E 31 -67.96 -19.44 -21.03
C ARG E 31 -68.25 -19.71 -19.56
N PRO E 32 -67.87 -20.89 -19.07
CA PRO E 32 -67.72 -21.05 -17.60
C PRO E 32 -66.75 -20.04 -17.02
N SER E 33 -65.64 -19.78 -17.73
CA SER E 33 -64.68 -18.70 -17.47
C SER E 33 -64.12 -18.76 -16.05
N GLU E 34 -63.41 -19.85 -15.78
CA GLU E 34 -63.05 -20.19 -14.41
C GLU E 34 -61.63 -19.78 -14.04
N ALA E 35 -61.17 -18.62 -14.49
CA ALA E 35 -59.98 -18.04 -13.88
C ALA E 35 -60.33 -17.54 -12.48
N THR E 36 -59.35 -17.55 -11.59
CA THR E 36 -59.58 -17.12 -10.21
C THR E 36 -59.59 -15.61 -10.14
N VAL E 37 -60.03 -15.09 -8.99
CA VAL E 37 -60.22 -13.66 -8.80
C VAL E 37 -59.31 -13.22 -7.65
N TYR E 38 -58.93 -11.96 -7.66
CA TYR E 38 -58.14 -11.40 -6.57
C TYR E 38 -58.98 -10.46 -5.72
N LEU E 39 -58.75 -10.52 -4.43
CA LEU E 39 -59.46 -9.86 -3.37
C LEU E 39 -58.52 -8.97 -2.58
N PRO E 40 -59.04 -7.93 -1.94
CA PRO E 40 -58.32 -7.34 -0.81
C PRO E 40 -58.39 -8.28 0.38
N PRO E 41 -57.34 -8.34 1.19
CA PRO E 41 -57.37 -9.18 2.39
C PRO E 41 -58.36 -8.64 3.42
N VAL E 42 -58.74 -9.52 4.34
CA VAL E 42 -59.77 -9.25 5.34
C VAL E 42 -59.24 -8.21 6.31
N PRO E 43 -60.08 -7.30 6.81
CA PRO E 43 -59.63 -6.34 7.83
C PRO E 43 -59.28 -7.03 9.14
N VAL E 44 -58.01 -6.96 9.49
CA VAL E 44 -57.49 -7.56 10.72
C VAL E 44 -57.07 -6.42 11.64
N SER E 45 -57.26 -6.61 12.95
CA SER E 45 -56.66 -5.72 13.93
C SER E 45 -55.15 -5.70 13.78
N LYS E 46 -54.58 -4.51 13.68
CA LYS E 46 -53.21 -4.33 13.27
C LYS E 46 -52.34 -3.82 14.41
N VAL E 47 -51.06 -3.63 14.11
CA VAL E 47 -50.14 -3.01 15.04
C VAL E 47 -50.05 -1.52 14.72
N VAL E 48 -49.79 -0.71 15.74
CA VAL E 48 -49.48 0.71 15.57
C VAL E 48 -48.21 0.96 16.36
N SER E 49 -47.61 2.14 16.17
CA SER E 49 -46.37 2.46 16.87
C SER E 49 -46.63 2.75 18.34
N THR E 50 -45.55 2.95 19.08
CA THR E 50 -45.63 3.16 20.52
C THR E 50 -45.69 4.63 20.87
N ASP E 51 -46.20 5.44 19.96
CA ASP E 51 -46.01 6.88 20.02
C ASP E 51 -47.32 7.62 20.24
N GLU E 52 -48.44 6.92 20.16
CA GLU E 52 -49.74 7.55 20.12
C GLU E 52 -50.48 7.51 21.45
N TYR E 53 -49.98 6.78 22.43
CA TYR E 53 -50.69 6.54 23.68
C TYR E 53 -49.78 6.72 24.89
N VAL E 54 -48.55 7.15 24.66
CA VAL E 54 -47.61 7.39 25.74
C VAL E 54 -47.71 8.86 26.11
N SER E 55 -47.57 9.15 27.40
CA SER E 55 -47.56 10.52 27.89
C SER E 55 -46.15 10.85 28.35
N ARG E 56 -45.41 11.50 27.46
CA ARG E 56 -43.98 11.71 27.58
C ARG E 56 -43.67 12.67 28.73
N THR E 57 -42.65 12.35 29.52
CA THR E 57 -42.32 13.14 30.70
C THR E 57 -41.05 13.94 30.43
N SER E 58 -40.68 14.84 31.34
CA SER E 58 -39.52 15.70 31.16
C SER E 58 -38.54 15.50 32.31
N ILE E 59 -38.56 14.31 32.90
CA ILE E 59 -37.70 13.99 34.04
C ILE E 59 -36.73 12.88 33.62
N TYR E 60 -35.46 13.04 33.99
CA TYR E 60 -34.38 12.21 33.52
C TYR E 60 -33.52 11.75 34.69
N TYR E 61 -32.81 10.65 34.48
CA TYR E 61 -31.94 10.06 35.50
C TYR E 61 -30.70 9.45 34.87
N TYR E 62 -29.58 9.58 35.58
CA TYR E 62 -28.28 9.17 35.09
C TYR E 62 -28.03 7.68 35.33
N ALA E 63 -27.17 7.11 34.48
CA ALA E 63 -26.81 5.70 34.55
C ALA E 63 -25.31 5.61 34.81
N GLY E 64 -24.91 5.68 36.08
CA GLY E 64 -23.52 5.53 36.43
C GLY E 64 -23.08 4.07 36.45
N SER E 65 -22.06 3.78 35.65
CA SER E 65 -21.58 2.41 35.48
C SER E 65 -20.06 2.38 35.55
N SER E 66 -19.51 2.89 36.66
CA SER E 66 -18.08 2.99 36.96
C SER E 66 -17.31 1.70 36.68
N ARG E 67 -16.00 1.87 36.42
CA ARG E 67 -15.17 0.98 35.59
C ARG E 67 -15.24 -0.49 36.02
N LEU E 68 -15.18 -1.36 35.03
CA LEU E 68 -15.38 -2.78 35.19
C LEU E 68 -14.26 -3.53 34.48
N LEU E 69 -13.93 -4.71 35.00
CA LEU E 69 -12.67 -5.35 34.67
C LEU E 69 -12.94 -6.76 34.14
N ALA E 70 -12.03 -7.21 33.26
CA ALA E 70 -12.11 -8.54 32.65
C ALA E 70 -10.73 -8.96 32.14
N VAL E 71 -10.31 -10.19 32.45
CA VAL E 71 -8.99 -10.69 32.11
C VAL E 71 -9.12 -12.17 31.70
N GLY E 72 -8.13 -12.68 30.98
CA GLY E 72 -8.09 -14.08 30.64
C GLY E 72 -7.18 -14.32 29.46
N ASN E 73 -6.88 -15.60 29.24
CA ASN E 73 -5.94 -15.97 28.19
C ASN E 73 -6.65 -16.14 26.86
N PRO E 74 -6.26 -15.36 25.84
CA PRO E 74 -6.96 -15.42 24.55
C PRO E 74 -6.75 -16.70 23.75
N TYR E 75 -5.79 -17.54 24.14
CA TYR E 75 -5.62 -18.79 23.42
C TYR E 75 -6.68 -19.81 23.82
N PHE E 76 -6.90 -20.00 25.12
CA PHE E 76 -7.93 -20.88 25.63
C PHE E 76 -8.20 -20.49 27.08
N SER E 77 -9.33 -20.92 27.61
CA SER E 77 -9.57 -20.86 29.04
C SER E 77 -8.78 -21.99 29.68
N ILE E 78 -8.07 -21.67 30.75
CA ILE E 78 -7.26 -22.68 31.42
C ILE E 78 -8.02 -23.14 32.65
N LYS E 79 -7.85 -24.42 32.96
CA LYS E 79 -8.71 -25.08 33.93
C LYS E 79 -7.87 -25.89 34.90
N SER E 80 -8.54 -26.39 35.94
CA SER E 80 -7.93 -27.38 36.81
C SER E 80 -7.76 -28.70 36.05
N PRO E 81 -6.63 -29.38 36.22
CA PRO E 81 -6.53 -30.77 35.76
C PRO E 81 -7.23 -31.74 36.70
N ASN E 82 -7.43 -31.35 37.95
CA ASN E 82 -8.07 -32.23 38.92
C ASN E 82 -9.57 -32.22 38.73
N ASN E 83 -10.17 -31.04 38.84
CA ASN E 83 -11.56 -30.82 38.48
C ASN E 83 -11.67 -30.70 36.96
N ASN E 84 -12.89 -30.51 36.48
CA ASN E 84 -13.11 -30.19 35.08
C ASN E 84 -13.76 -28.83 34.87
N LYS E 85 -14.60 -28.38 35.80
CA LYS E 85 -15.31 -27.12 35.68
C LYS E 85 -14.77 -26.10 36.66
N LYS E 86 -13.47 -26.23 36.96
CA LYS E 86 -12.75 -25.21 37.73
C LYS E 86 -11.76 -24.55 36.79
N VAL E 87 -12.14 -23.41 36.24
CA VAL E 87 -11.23 -22.65 35.39
C VAL E 87 -10.24 -21.93 36.30
N LEU E 88 -9.14 -21.50 35.70
CA LEU E 88 -8.19 -20.65 36.40
C LEU E 88 -8.19 -19.24 35.87
N VAL E 89 -8.02 -19.05 34.57
CA VAL E 89 -8.37 -17.83 33.88
C VAL E 89 -9.32 -18.25 32.76
N PRO E 90 -10.21 -17.38 32.29
CA PRO E 90 -11.04 -17.72 31.14
C PRO E 90 -10.35 -17.41 29.83
N LYS E 91 -11.12 -17.54 28.75
CA LYS E 91 -10.66 -17.13 27.42
C LYS E 91 -11.37 -15.86 26.98
N VAL E 92 -10.64 -14.76 26.88
CA VAL E 92 -11.21 -13.48 26.45
C VAL E 92 -10.48 -13.00 25.20
N SER E 93 -11.24 -12.46 24.26
CA SER E 93 -10.66 -11.93 23.03
C SER E 93 -11.61 -10.91 22.40
N GLY E 94 -11.09 -10.10 21.49
CA GLY E 94 -11.89 -9.03 20.91
C GLY E 94 -12.96 -9.48 19.96
N LEU E 95 -12.77 -10.61 19.29
CA LEU E 95 -13.70 -11.06 18.27
C LEU E 95 -14.86 -11.87 18.85
N GLN E 96 -14.98 -11.92 20.17
CA GLN E 96 -16.16 -12.53 20.75
C GLN E 96 -17.27 -11.50 20.82
N TYR E 97 -18.50 -11.99 20.87
CA TYR E 97 -19.68 -11.12 20.91
C TYR E 97 -19.73 -10.48 22.28
N ARG E 98 -19.52 -9.17 22.30
CA ARG E 98 -19.47 -8.40 23.54
C ARG E 98 -20.85 -7.82 23.78
N VAL E 99 -21.74 -8.67 24.26
CA VAL E 99 -23.09 -8.27 24.62
C VAL E 99 -23.11 -7.95 26.11
N PHE E 100 -23.86 -6.93 26.49
CA PHE E 100 -23.91 -6.55 27.89
C PHE E 100 -25.37 -6.48 28.34
N ARG E 101 -25.65 -7.03 29.51
CA ARG E 101 -27.03 -7.05 29.99
C ARG E 101 -27.11 -6.09 31.18
N VAL E 102 -27.83 -5.01 30.98
CA VAL E 102 -28.05 -4.02 32.02
C VAL E 102 -29.29 -4.42 32.80
N ARG E 103 -29.29 -4.13 34.10
CA ARG E 103 -30.52 -4.27 34.86
C ARG E 103 -30.96 -2.94 35.45
N LEU E 104 -32.22 -2.62 35.24
CA LEU E 104 -32.80 -1.33 35.59
C LEU E 104 -33.74 -1.52 36.77
N PRO E 105 -33.95 -0.48 37.57
CA PRO E 105 -35.06 -0.52 38.53
C PRO E 105 -36.39 -0.21 37.86
N ASP E 106 -37.45 -0.61 38.53
CA ASP E 106 -38.81 -0.32 38.09
C ASP E 106 -39.13 1.12 38.48
N PRO E 107 -39.61 1.97 37.56
CA PRO E 107 -39.96 3.33 37.98
C PRO E 107 -41.19 3.42 38.87
N ASN E 108 -42.06 2.42 38.85
CA ASN E 108 -43.33 2.53 39.57
C ASN E 108 -43.17 2.37 41.08
N LYS E 109 -42.05 1.80 41.54
CA LYS E 109 -41.85 1.65 42.98
C LYS E 109 -41.27 2.89 43.64
N PHE E 110 -41.02 3.96 42.88
CA PHE E 110 -40.08 4.98 43.31
C PHE E 110 -40.68 5.97 44.27
N GLY E 111 -39.83 6.54 45.13
CA GLY E 111 -40.20 7.66 45.96
C GLY E 111 -40.02 8.98 45.24
N PHE E 112 -41.02 9.82 45.31
CA PHE E 112 -41.04 11.09 44.60
C PHE E 112 -41.12 12.26 45.60
N PRO E 113 -40.89 13.48 45.12
CA PRO E 113 -41.48 14.64 45.79
C PRO E 113 -42.94 14.87 45.42
N ASP E 114 -43.33 14.58 44.17
CA ASP E 114 -44.65 14.93 43.64
C ASP E 114 -45.26 13.77 42.88
N THR E 115 -46.57 13.60 43.04
CA THR E 115 -47.37 12.73 42.17
C THR E 115 -48.64 13.39 41.70
N SER E 116 -48.76 14.72 41.82
CA SER E 116 -49.94 15.44 41.34
C SER E 116 -50.12 15.36 39.84
N PHE E 117 -49.04 15.04 39.11
CA PHE E 117 -49.08 14.71 37.69
C PHE E 117 -49.49 13.27 37.42
N TYR E 118 -49.42 12.38 38.41
CA TYR E 118 -49.48 10.95 38.12
C TYR E 118 -50.48 10.24 39.02
N ASN E 119 -51.52 9.68 38.42
CA ASN E 119 -52.41 8.80 39.15
C ASN E 119 -51.96 7.36 38.97
N PRO E 120 -51.47 6.69 40.02
CA PRO E 120 -51.08 5.29 39.90
C PRO E 120 -52.23 4.32 39.74
N ASP E 121 -53.47 4.76 39.96
CA ASP E 121 -54.62 3.89 39.84
C ASP E 121 -54.90 3.53 38.39
N THR E 122 -54.65 4.46 37.47
CA THR E 122 -54.96 4.25 36.06
C THR E 122 -53.73 4.34 35.16
N GLN E 123 -52.60 4.81 35.67
CA GLN E 123 -51.43 5.04 34.83
C GLN E 123 -50.24 4.27 35.39
N ARG E 124 -49.34 3.87 34.48
CA ARG E 124 -48.16 3.11 34.84
C ARG E 124 -46.93 3.80 34.25
N LEU E 125 -45.78 3.58 34.88
CA LEU E 125 -44.53 4.21 34.48
C LEU E 125 -43.63 3.22 33.76
N VAL E 126 -42.97 3.71 32.71
CA VAL E 126 -42.10 2.93 31.83
C VAL E 126 -40.89 3.82 31.53
N TRP E 127 -39.76 3.19 31.22
CA TRP E 127 -38.54 3.90 30.84
C TRP E 127 -38.51 4.19 29.34
N ALA E 128 -37.63 5.10 28.97
CA ALA E 128 -37.29 5.37 27.57
C ALA E 128 -35.92 6.02 27.54
N CYS E 129 -34.97 5.39 26.84
CA CYS E 129 -33.62 5.93 26.75
C CYS E 129 -33.58 7.17 25.88
N VAL E 130 -32.67 8.09 26.22
CA VAL E 130 -32.41 9.23 25.34
C VAL E 130 -30.91 9.33 25.02
N GLY E 131 -30.05 8.84 25.91
CA GLY E 131 -28.64 9.16 25.84
C GLY E 131 -27.80 7.93 25.56
N LEU E 132 -26.78 8.14 24.70
CA LEU E 132 -25.98 7.04 24.16
C LEU E 132 -24.52 7.49 24.08
N GLU E 133 -23.62 6.59 24.51
CA GLU E 133 -22.18 6.78 24.45
C GLU E 133 -21.49 5.45 24.76
N ILE E 134 -20.41 5.17 24.03
CA ILE E 134 -19.52 4.04 24.34
C ILE E 134 -18.20 4.57 24.84
N GLY E 135 -17.98 4.46 26.15
CA GLY E 135 -16.67 4.75 26.70
C GLY E 135 -15.72 3.59 26.55
N ARG E 136 -14.53 3.90 26.06
CA ARG E 136 -13.51 2.89 25.83
C ARG E 136 -12.28 3.21 26.67
N GLY E 137 -11.44 2.20 26.89
CA GLY E 137 -10.31 2.37 27.77
C GLY E 137 -9.01 1.69 27.36
N GLN E 138 -8.76 1.57 26.06
CA GLN E 138 -7.55 0.86 25.65
C GLN E 138 -6.88 1.59 24.50
N PRO E 139 -5.56 1.57 24.43
CA PRO E 139 -4.87 1.97 23.19
C PRO E 139 -5.29 1.12 22.01
N LEU E 140 -5.26 1.75 20.85
CA LEU E 140 -5.81 1.18 19.62
C LEU E 140 -4.76 0.30 18.94
N GLY E 141 -5.15 -0.96 18.67
CA GLY E 141 -4.21 -1.95 18.16
C GLY E 141 -4.75 -3.36 18.28
N VAL E 142 -4.44 -4.22 17.31
CA VAL E 142 -5.13 -5.49 17.12
C VAL E 142 -4.16 -6.63 17.42
N GLY E 143 -4.67 -7.74 17.98
CA GLY E 143 -3.89 -8.95 18.12
C GLY E 143 -3.81 -9.75 16.84
N VAL E 144 -3.17 -10.92 16.95
CA VAL E 144 -2.83 -11.74 15.78
C VAL E 144 -2.63 -13.19 16.24
N SER E 145 -3.00 -14.14 15.38
CA SER E 145 -2.83 -15.57 15.67
C SER E 145 -2.79 -16.37 14.37
N GLY E 146 -2.64 -17.68 14.52
CA GLY E 146 -2.61 -18.62 13.41
C GLY E 146 -2.20 -20.00 13.88
N HIS E 147 -2.61 -21.04 13.15
CA HIS E 147 -2.47 -22.39 13.66
C HIS E 147 -1.02 -22.87 13.59
N PRO E 148 -0.51 -23.44 14.68
CA PRO E 148 0.87 -23.95 14.69
C PRO E 148 1.05 -25.26 13.94
N TYR E 149 -0.04 -25.93 13.58
CA TYR E 149 -0.02 -27.06 12.68
C TYR E 149 -1.01 -26.79 11.56
N LEU E 150 -0.89 -25.60 10.97
CA LEU E 150 -1.70 -25.25 9.82
C LEU E 150 -1.18 -25.98 8.58
N ASN E 151 -2.09 -26.56 7.82
CA ASN E 151 -1.71 -27.41 6.68
C ASN E 151 -1.75 -26.64 5.38
N LYS E 152 -0.70 -25.85 5.14
CA LYS E 152 -0.53 -25.19 3.85
C LYS E 152 0.21 -26.18 2.94
N PHE E 153 -0.33 -26.41 1.75
CA PHE E 153 0.37 -27.28 0.81
C PHE E 153 1.53 -26.54 0.17
N ASP E 154 1.24 -25.46 -0.55
CA ASP E 154 2.28 -24.70 -1.22
C ASP E 154 1.78 -23.26 -1.37
N ASP E 155 2.66 -22.37 -1.79
CA ASP E 155 2.29 -21.02 -2.21
C ASP E 155 1.70 -21.07 -3.61
N THR E 156 0.81 -20.12 -3.89
CA THR E 156 0.24 -20.01 -5.23
C THR E 156 0.23 -18.56 -5.71
N GLU E 157 1.01 -17.69 -5.08
CA GLU E 157 1.08 -16.30 -5.51
C GLU E 157 1.94 -16.18 -6.75
N THR E 158 3.13 -16.78 -6.71
CA THR E 158 4.05 -16.69 -7.83
C THR E 158 4.61 -18.05 -8.25
N SER E 159 4.68 -19.02 -7.34
CA SER E 159 5.37 -20.27 -7.62
C SER E 159 4.60 -21.44 -7.04
N ASN E 160 4.00 -22.24 -7.93
CA ASN E 160 3.59 -23.60 -7.57
C ASN E 160 3.92 -24.45 -8.80
N ARG E 161 5.14 -24.98 -8.84
CA ARG E 161 5.67 -25.62 -10.03
C ARG E 161 5.55 -27.13 -9.90
N TYR E 162 5.60 -27.80 -11.03
CA TYR E 162 5.37 -29.23 -11.02
C TYR E 162 6.71 -29.95 -10.98
N PRO E 163 6.79 -31.14 -10.36
CA PRO E 163 5.76 -31.95 -9.69
C PRO E 163 5.56 -31.58 -8.23
N ALA E 164 4.96 -32.51 -7.49
CA ALA E 164 4.81 -32.35 -6.06
C ALA E 164 6.06 -32.86 -5.33
N GLN E 165 6.25 -32.36 -4.12
CA GLN E 165 7.13 -33.00 -3.13
C GLN E 165 6.28 -33.26 -1.91
N PRO E 166 5.41 -34.28 -1.96
CA PRO E 166 4.42 -34.45 -0.89
C PRO E 166 4.98 -35.15 0.32
N GLY E 167 4.11 -35.41 1.29
CA GLY E 167 4.47 -36.20 2.45
C GLY E 167 3.22 -36.79 3.06
N SER E 168 3.44 -37.65 4.07
CA SER E 168 2.32 -38.17 4.83
C SER E 168 1.92 -37.21 5.94
N ASP E 169 2.65 -36.11 6.08
CA ASP E 169 2.36 -35.06 7.04
C ASP E 169 2.88 -33.72 6.50
N ASN E 170 2.01 -32.70 6.53
CA ASN E 170 2.38 -31.43 5.91
C ASN E 170 1.90 -30.20 6.68
N ARG E 171 1.78 -30.27 8.01
CA ARG E 171 1.26 -29.13 8.76
C ARG E 171 2.41 -28.24 9.24
N GLU E 172 2.10 -26.97 9.50
CA GLU E 172 3.12 -25.97 9.76
C GLU E 172 2.58 -24.86 10.66
N CYS E 173 3.51 -24.03 11.15
CA CYS E 173 3.21 -22.93 12.07
C CYS E 173 3.12 -21.62 11.29
N LEU E 174 1.90 -21.11 11.14
CA LEU E 174 1.69 -19.85 10.45
C LEU E 174 0.87 -18.90 11.32
N SER E 175 0.58 -17.73 10.77
CA SER E 175 -0.15 -16.68 11.47
C SER E 175 -0.88 -15.81 10.45
N MET E 176 -1.97 -15.18 10.86
CA MET E 176 -2.72 -14.29 9.98
C MET E 176 -3.41 -13.19 10.77
N ASP E 177 -3.84 -12.18 10.05
CA ASP E 177 -4.62 -11.05 10.55
C ASP E 177 -5.99 -11.00 9.86
N TYR E 178 -6.83 -10.07 10.29
CA TYR E 178 -8.28 -10.21 10.24
C TYR E 178 -8.93 -8.92 9.76
N LYS E 179 -10.25 -8.80 9.97
CA LYS E 179 -11.03 -7.68 9.46
C LYS E 179 -11.32 -6.69 10.56
N GLN E 180 -11.58 -5.44 10.18
CA GLN E 180 -11.60 -4.33 11.13
C GLN E 180 -13.04 -4.00 11.54
N THR E 181 -13.40 -4.41 12.76
CA THR E 181 -14.80 -4.37 13.18
C THR E 181 -15.03 -3.23 14.15
N GLN E 182 -15.99 -2.36 13.83
CA GLN E 182 -16.55 -1.40 14.77
C GLN E 182 -18.02 -1.18 14.42
N LEU E 183 -18.91 -1.53 15.35
CA LEU E 183 -20.34 -1.57 15.07
C LEU E 183 -21.11 -1.25 16.34
N CYS E 184 -22.39 -0.91 16.19
CA CYS E 184 -23.30 -0.71 17.30
C CYS E 184 -24.46 -1.67 17.20
N LEU E 185 -24.97 -2.09 18.35
CA LEU E 185 -26.11 -3.01 18.43
C LEU E 185 -26.82 -2.78 19.75
N ILE E 186 -28.09 -2.42 19.70
CA ILE E 186 -28.90 -2.22 20.89
C ILE E 186 -30.22 -2.96 20.75
N GLY E 187 -30.75 -3.43 21.86
CA GLY E 187 -32.06 -4.05 21.87
C GLY E 187 -32.37 -4.63 23.23
N CYS E 188 -33.60 -4.35 23.69
CA CYS E 188 -34.10 -4.90 24.95
C CYS E 188 -34.76 -6.26 24.76
N LYS E 189 -34.72 -6.80 23.54
CA LYS E 189 -35.02 -8.19 23.25
C LYS E 189 -33.70 -8.83 22.83
N PRO E 190 -33.48 -10.10 23.14
CA PRO E 190 -32.20 -10.73 22.81
C PRO E 190 -32.03 -10.90 21.31
N PRO E 191 -30.81 -10.70 20.80
CA PRO E 191 -30.58 -10.81 19.36
C PRO E 191 -30.18 -12.20 18.94
N THR E 192 -30.52 -12.54 17.70
CA THR E 192 -30.21 -13.85 17.15
C THR E 192 -28.94 -13.77 16.30
N GLY E 193 -28.37 -14.93 16.01
CA GLY E 193 -27.33 -15.03 15.01
C GLY E 193 -27.67 -16.16 14.07
N GLU E 194 -26.82 -16.36 13.07
CA GLU E 194 -27.04 -17.46 12.15
C GLU E 194 -25.72 -18.22 12.01
N HIS E 195 -25.84 -19.51 11.78
CA HIS E 195 -24.71 -20.41 11.69
C HIS E 195 -25.19 -21.65 10.96
N TRP E 196 -24.34 -22.16 10.08
CA TRP E 196 -24.75 -23.23 9.19
C TRP E 196 -24.60 -24.56 9.90
N GLY E 197 -25.71 -25.31 9.95
CA GLY E 197 -25.71 -26.61 10.59
C GLY E 197 -25.74 -27.71 9.55
N LYS E 198 -25.04 -28.79 9.87
CA LYS E 198 -24.92 -29.93 8.98
C LYS E 198 -26.26 -30.66 8.96
N GLY E 199 -27.09 -30.35 7.98
CA GLY E 199 -28.43 -30.89 7.89
C GLY E 199 -28.49 -32.04 6.90
N VAL E 200 -29.68 -32.61 6.79
CA VAL E 200 -29.88 -33.78 5.95
C VAL E 200 -30.59 -33.38 4.67
N ALA E 201 -30.34 -34.13 3.60
CA ALA E 201 -31.15 -34.12 2.40
C ALA E 201 -32.36 -35.04 2.59
N CYS E 202 -32.99 -35.43 1.49
CA CYS E 202 -34.07 -36.42 1.55
C CYS E 202 -33.47 -37.81 1.76
N ASN E 203 -34.33 -38.84 1.72
CA ASN E 203 -33.99 -40.12 2.28
C ASN E 203 -33.05 -40.93 1.39
N ASN E 204 -33.23 -40.87 0.07
CA ASN E 204 -32.51 -41.76 -0.83
C ASN E 204 -32.00 -40.95 -2.00
N ASN E 205 -30.74 -40.52 -1.91
CA ASN E 205 -30.14 -39.70 -2.96
C ASN E 205 -29.13 -40.49 -3.79
N ALA E 206 -29.25 -41.82 -3.78
CA ALA E 206 -28.50 -42.77 -4.64
C ALA E 206 -27.00 -42.86 -4.29
N ALA E 207 -26.59 -42.12 -3.24
CA ALA E 207 -25.28 -42.24 -2.59
C ALA E 207 -24.11 -42.04 -3.56
N ALA E 208 -24.28 -41.13 -4.52
CA ALA E 208 -23.27 -40.95 -5.56
C ALA E 208 -22.01 -40.29 -5.02
N THR E 209 -22.17 -39.19 -4.29
CA THR E 209 -21.03 -38.46 -3.74
C THR E 209 -21.43 -37.95 -2.37
N ASP E 210 -20.60 -38.20 -1.36
CA ASP E 210 -20.95 -37.91 0.03
C ASP E 210 -20.64 -36.45 0.38
N CYS E 211 -21.18 -35.55 -0.44
CA CYS E 211 -21.12 -34.13 -0.15
C CYS E 211 -22.43 -33.72 0.52
N PRO E 212 -22.43 -33.40 1.81
CA PRO E 212 -23.68 -33.13 2.51
C PRO E 212 -24.21 -31.75 2.17
N PRO E 213 -25.48 -31.62 1.86
CA PRO E 213 -26.11 -30.30 1.87
C PRO E 213 -26.33 -29.84 3.31
N LEU E 214 -26.32 -28.53 3.48
CA LEU E 214 -26.48 -27.96 4.81
C LEU E 214 -27.76 -27.14 4.84
N GLU E 215 -28.39 -27.14 6.01
CA GLU E 215 -29.63 -26.42 6.21
C GLU E 215 -29.45 -25.52 7.43
N LEU E 216 -29.69 -24.24 7.21
CA LEU E 216 -29.38 -23.21 8.20
C LEU E 216 -30.36 -23.27 9.35
N PHE E 217 -29.96 -22.70 10.48
CA PHE E 217 -30.87 -22.41 11.59
C PHE E 217 -30.22 -21.38 12.49
N ASN E 218 -31.05 -20.65 13.22
CA ASN E 218 -30.60 -19.51 14.01
C ASN E 218 -30.35 -19.90 15.46
N SER E 219 -30.19 -18.87 16.29
CA SER E 219 -29.87 -19.01 17.69
C SER E 219 -30.43 -17.81 18.44
N ILE E 220 -29.90 -17.58 19.63
CA ILE E 220 -29.86 -16.27 20.25
C ILE E 220 -28.42 -16.03 20.67
N ILE E 221 -27.86 -14.89 20.25
CA ILE E 221 -26.46 -14.61 20.54
C ILE E 221 -26.28 -14.37 22.03
N GLU E 222 -25.46 -15.20 22.66
CA GLU E 222 -25.08 -15.08 24.05
C GLU E 222 -23.63 -14.59 24.11
N ASP E 223 -23.16 -14.31 25.32
CA ASP E 223 -21.78 -13.92 25.49
C ASP E 223 -20.89 -15.15 25.38
N GLY E 224 -19.61 -14.93 25.07
CA GLY E 224 -18.73 -16.04 24.81
C GLY E 224 -18.94 -16.69 23.46
N ASP E 225 -19.67 -16.03 22.57
CA ASP E 225 -19.79 -16.45 21.18
C ASP E 225 -18.87 -15.59 20.34
N MET E 226 -18.12 -16.21 19.45
CA MET E 226 -17.22 -15.45 18.61
C MET E 226 -17.94 -15.02 17.34
N VAL E 227 -17.51 -13.89 16.78
CA VAL E 227 -18.11 -13.40 15.56
C VAL E 227 -17.48 -14.14 14.39
N ASP E 228 -18.12 -14.07 13.24
CA ASP E 228 -17.44 -14.46 12.03
C ASP E 228 -16.47 -13.36 11.62
N THR E 229 -15.22 -13.74 11.43
CA THR E 229 -14.18 -12.79 11.08
C THR E 229 -13.75 -12.97 9.62
N GLY E 230 -14.70 -13.24 8.74
CA GLY E 230 -14.40 -13.54 7.36
C GLY E 230 -14.26 -15.02 7.07
N PHE E 231 -14.62 -15.90 8.01
CA PHE E 231 -14.40 -17.32 7.86
C PHE E 231 -15.69 -18.13 7.87
N GLY E 232 -16.83 -17.48 7.70
CA GLY E 232 -18.08 -18.18 7.46
C GLY E 232 -18.78 -18.63 8.73
N CYS E 233 -20.00 -18.12 8.90
CA CYS E 233 -20.85 -18.44 10.05
C CYS E 233 -21.34 -19.88 9.91
N MET E 234 -20.69 -20.77 10.66
CA MET E 234 -20.93 -22.21 10.52
C MET E 234 -20.47 -22.89 11.78
N ASP E 235 -20.76 -24.18 11.87
CA ASP E 235 -20.52 -24.97 13.07
C ASP E 235 -19.23 -25.77 12.88
N PHE E 236 -18.10 -25.19 13.28
CA PHE E 236 -16.79 -25.75 13.00
C PHE E 236 -16.51 -27.06 13.70
N GLY E 237 -17.27 -27.40 14.74
CA GLY E 237 -17.17 -28.72 15.32
C GLY E 237 -17.75 -29.78 14.41
N THR E 238 -18.95 -29.52 13.88
CA THR E 238 -19.71 -30.50 13.12
C THR E 238 -19.29 -30.57 11.65
N LEU E 239 -18.35 -29.74 11.23
CA LEU E 239 -18.17 -29.64 9.79
C LEU E 239 -16.78 -30.00 9.30
N GLN E 240 -15.73 -29.58 10.00
CA GLN E 240 -14.36 -29.85 9.56
C GLN E 240 -13.66 -30.63 10.65
N ALA E 241 -13.55 -31.95 10.45
CA ALA E 241 -13.08 -32.86 11.48
C ALA E 241 -11.59 -32.75 11.76
N ASN E 242 -10.82 -32.16 10.85
CA ASN E 242 -9.38 -32.10 11.02
C ASN E 242 -8.96 -31.04 12.04
N LYS E 243 -9.74 -29.96 12.19
CA LYS E 243 -9.58 -28.93 13.22
C LYS E 243 -8.25 -28.18 13.13
N SER E 244 -7.51 -28.31 12.02
CA SER E 244 -6.19 -27.73 11.88
C SER E 244 -6.08 -27.05 10.52
N ASP E 245 -7.23 -26.90 9.85
CA ASP E 245 -7.32 -26.09 8.66
C ASP E 245 -7.57 -24.63 9.00
N VAL E 246 -7.95 -24.32 10.23
CA VAL E 246 -8.22 -22.97 10.70
C VAL E 246 -7.28 -22.73 11.88
N PRO E 247 -7.15 -21.51 12.39
CA PRO E 247 -6.41 -21.31 13.64
C PRO E 247 -7.08 -21.95 14.85
N ILE E 248 -6.40 -21.75 15.99
CA ILE E 248 -6.65 -22.51 17.21
C ILE E 248 -8.01 -22.21 17.79
N ASP E 249 -8.35 -20.93 17.92
CA ASP E 249 -9.49 -20.50 18.71
C ASP E 249 -10.83 -20.82 18.07
N ILE E 250 -10.84 -21.21 16.81
CA ILE E 250 -12.07 -21.21 16.03
C ILE E 250 -12.48 -22.60 15.55
N CYS E 251 -11.62 -23.61 15.67
CA CYS E 251 -12.01 -24.95 15.24
C CYS E 251 -13.03 -25.60 16.16
N ASN E 252 -13.06 -25.23 17.44
CA ASN E 252 -13.91 -25.93 18.39
C ASN E 252 -15.36 -25.43 18.33
N SER E 253 -15.58 -24.17 18.66
CA SER E 253 -16.93 -23.63 18.74
C SER E 253 -17.40 -23.21 17.35
N THR E 254 -18.52 -22.48 17.33
CA THR E 254 -19.07 -21.93 16.10
C THR E 254 -19.01 -20.42 16.16
N CYS E 255 -19.24 -19.79 15.02
CA CYS E 255 -19.33 -18.33 14.93
C CYS E 255 -20.61 -17.95 14.22
N LYS E 256 -21.08 -16.74 14.50
CA LYS E 256 -22.40 -16.30 14.04
C LYS E 256 -22.28 -14.98 13.30
N TYR E 257 -23.14 -14.79 12.31
CA TYR E 257 -23.53 -13.58 11.60
C TYR E 257 -24.97 -13.25 11.94
N PRO E 258 -25.21 -12.10 12.58
CA PRO E 258 -26.56 -11.81 13.08
C PRO E 258 -27.52 -11.43 11.96
N ASP E 259 -28.81 -11.60 12.25
CA ASP E 259 -29.87 -11.23 11.33
C ASP E 259 -30.06 -9.73 11.34
N TYR E 260 -30.30 -9.16 10.17
CA TYR E 260 -30.65 -7.75 10.02
C TYR E 260 -31.94 -7.57 9.24
N LEU E 261 -32.59 -8.65 8.86
CA LEU E 261 -33.76 -8.60 7.99
C LEU E 261 -35.02 -9.16 8.63
N LYS E 262 -34.95 -10.34 9.26
CA LYS E 262 -36.11 -10.84 9.99
C LYS E 262 -36.32 -10.03 11.27
N MET E 263 -35.22 -9.51 11.83
CA MET E 263 -35.33 -8.57 12.92
C MET E 263 -35.88 -7.24 12.43
N ALA E 264 -35.55 -6.84 11.21
CA ALA E 264 -36.19 -5.70 10.58
C ALA E 264 -37.64 -5.98 10.25
N SER E 265 -37.95 -7.19 9.82
CA SER E 265 -39.32 -7.60 9.57
C SER E 265 -39.99 -8.18 10.80
N GLU E 266 -39.33 -8.14 11.95
CA GLU E 266 -40.02 -8.38 13.21
C GLU E 266 -41.07 -7.30 13.41
N PRO E 267 -42.35 -7.65 13.54
CA PRO E 267 -43.41 -6.64 13.69
C PRO E 267 -43.33 -5.83 14.97
N TYR E 268 -42.51 -6.22 15.94
CA TYR E 268 -42.36 -5.46 17.17
C TYR E 268 -41.10 -4.60 17.18
N GLY E 269 -40.01 -5.09 16.61
CA GLY E 269 -38.78 -4.32 16.53
C GLY E 269 -38.12 -4.05 17.86
N ASP E 270 -38.02 -5.05 18.73
CA ASP E 270 -37.61 -4.81 20.11
C ASP E 270 -36.17 -5.22 20.39
N SER E 271 -35.58 -6.08 19.57
CA SER E 271 -34.17 -6.39 19.68
C SER E 271 -33.30 -5.44 18.87
N LEU E 272 -33.90 -4.51 18.13
CA LEU E 272 -33.18 -3.51 17.38
C LEU E 272 -33.89 -2.18 17.50
N PHE E 273 -33.13 -1.17 17.91
CA PHE E 273 -33.57 0.21 17.78
C PHE E 273 -32.57 1.07 17.02
N PHE E 274 -31.28 0.74 17.12
CA PHE E 274 -30.26 1.40 16.33
C PHE E 274 -29.00 0.54 16.20
N PHE E 275 -28.16 0.92 15.26
CA PHE E 275 -27.05 0.11 14.81
C PHE E 275 -26.05 0.98 14.09
N LEU E 276 -24.79 0.57 14.11
CA LEU E 276 -23.77 1.12 13.24
C LEU E 276 -23.13 -0.02 12.48
N ARG E 277 -22.33 0.32 11.47
CA ARG E 277 -21.60 -0.66 10.68
C ARG E 277 -20.43 0.02 9.97
N ARG E 278 -19.23 -0.43 10.33
CA ARG E 278 -17.98 0.06 9.76
C ARG E 278 -17.00 -1.09 9.68
N GLU E 279 -16.52 -1.42 8.48
CA GLU E 279 -15.66 -2.56 8.28
C GLU E 279 -14.91 -2.42 6.96
N GLN E 280 -13.62 -2.78 6.96
CA GLN E 280 -12.84 -2.76 5.75
C GLN E 280 -11.74 -3.81 5.82
N MET E 281 -11.40 -4.38 4.66
CA MET E 281 -10.38 -5.43 4.56
C MET E 281 -9.99 -5.60 3.10
N PHE E 282 -8.69 -5.81 2.87
CA PHE E 282 -8.21 -6.50 1.69
C PHE E 282 -7.36 -7.67 2.19
N VAL E 283 -7.06 -8.62 1.29
CA VAL E 283 -6.35 -9.83 1.73
C VAL E 283 -4.87 -9.73 1.34
N ARG E 284 -4.04 -10.53 2.00
CA ARG E 284 -2.61 -10.32 1.89
C ARG E 284 -1.91 -11.25 0.92
N HIS E 285 -1.93 -12.56 1.16
CA HIS E 285 -1.18 -13.48 0.30
C HIS E 285 -1.97 -14.75 0.03
N PHE E 286 -1.55 -15.51 -0.97
CA PHE E 286 -2.34 -16.60 -1.54
C PHE E 286 -1.59 -17.90 -1.34
N PHE E 287 -2.30 -18.94 -0.89
CA PHE E 287 -1.70 -20.25 -0.70
C PHE E 287 -2.72 -21.30 -1.14
N ASN E 288 -2.35 -22.58 -1.04
CA ASN E 288 -3.31 -23.62 -1.40
C ASN E 288 -3.28 -24.74 -0.37
N ARG E 289 -4.42 -25.41 -0.23
CA ARG E 289 -4.58 -26.48 0.73
C ARG E 289 -4.21 -27.83 0.11
N ALA E 290 -3.93 -28.79 0.98
CA ALA E 290 -3.68 -30.16 0.58
C ALA E 290 -4.98 -30.96 0.75
N GLY E 291 -4.91 -32.28 0.60
CA GLY E 291 -6.06 -33.14 0.80
C GLY E 291 -6.66 -33.65 -0.51
N LYS E 292 -7.36 -34.77 -0.41
CA LYS E 292 -7.92 -35.39 -1.60
C LYS E 292 -9.24 -34.70 -1.97
N LEU E 293 -9.31 -34.24 -3.21
CA LEU E 293 -10.50 -33.60 -3.72
C LEU E 293 -11.63 -34.61 -3.88
N GLY E 294 -12.80 -34.27 -3.35
CA GLY E 294 -13.98 -35.08 -3.55
C GLY E 294 -14.56 -34.92 -4.95
N GLU E 295 -14.21 -33.82 -5.60
CA GLU E 295 -14.82 -33.45 -6.87
C GLU E 295 -13.77 -33.44 -7.97
N ALA E 296 -13.82 -34.42 -8.86
CA ALA E 296 -12.83 -34.54 -9.92
C ALA E 296 -13.00 -33.44 -10.97
N VAL E 297 -11.92 -33.13 -11.68
CA VAL E 297 -11.96 -32.02 -12.62
C VAL E 297 -12.39 -32.53 -13.99
N PRO E 298 -13.28 -31.82 -14.69
CA PRO E 298 -13.60 -32.21 -16.06
C PRO E 298 -12.50 -31.82 -17.03
N ASP E 299 -12.15 -32.77 -17.90
CA ASP E 299 -10.97 -32.67 -18.74
C ASP E 299 -11.09 -31.60 -19.82
N ASP E 300 -12.32 -31.30 -20.25
CA ASP E 300 -12.59 -30.39 -21.36
C ASP E 300 -12.17 -28.96 -21.10
N LEU E 301 -11.86 -28.60 -19.85
CA LEU E 301 -11.42 -27.28 -19.46
C LEU E 301 -9.99 -26.99 -19.88
N TYR E 302 -9.27 -27.96 -20.42
CA TYR E 302 -7.83 -27.87 -20.60
C TYR E 302 -7.41 -28.97 -21.57
N ILE E 303 -6.10 -29.16 -21.68
CA ILE E 303 -5.50 -30.24 -22.45
C ILE E 303 -4.64 -31.06 -21.50
N LYS E 304 -4.89 -32.36 -21.44
CA LYS E 304 -4.14 -33.21 -20.54
C LYS E 304 -2.71 -33.41 -21.04
N GLY E 305 -1.76 -33.12 -20.16
CA GLY E 305 -0.36 -33.35 -20.44
C GLY E 305 0.11 -34.60 -19.72
N SER E 306 1.38 -34.91 -19.93
CA SER E 306 1.98 -36.11 -19.36
C SER E 306 3.35 -35.76 -18.78
N GLY E 307 4.00 -36.78 -18.21
CA GLY E 307 5.29 -36.59 -17.58
C GLY E 307 5.19 -35.76 -16.32
N ASN E 308 5.70 -34.53 -16.37
CA ASN E 308 5.53 -33.60 -15.28
C ASN E 308 4.11 -33.04 -15.20
N THR E 309 3.34 -33.12 -16.27
CA THR E 309 1.95 -32.71 -16.29
C THR E 309 1.02 -33.92 -16.29
N ALA E 310 1.59 -35.10 -16.10
CA ALA E 310 0.77 -36.25 -15.74
C ALA E 310 0.20 -36.07 -14.34
N VAL E 311 0.94 -35.40 -13.46
CA VAL E 311 0.41 -35.02 -12.16
C VAL E 311 -0.24 -33.64 -12.26
N ILE E 312 -1.37 -33.49 -11.56
CA ILE E 312 -1.93 -32.18 -11.28
C ILE E 312 -1.77 -31.92 -9.79
N GLN E 313 -1.54 -30.67 -9.44
CA GLN E 313 -1.48 -30.33 -8.03
C GLN E 313 -2.86 -29.97 -7.50
N SER E 314 -2.92 -29.70 -6.21
CA SER E 314 -4.18 -29.35 -5.58
C SER E 314 -4.60 -27.93 -5.99
N SER E 315 -5.84 -27.82 -6.44
CA SER E 315 -6.38 -26.55 -6.89
C SER E 315 -7.28 -25.96 -5.81
N ALA E 316 -7.01 -26.34 -4.56
CA ALA E 316 -7.76 -25.86 -3.41
C ALA E 316 -7.01 -24.66 -2.86
N PHE E 317 -7.08 -23.55 -3.57
CA PHE E 317 -6.35 -22.35 -3.20
C PHE E 317 -7.05 -21.64 -2.05
N PHE E 318 -6.27 -20.88 -1.28
CA PHE E 318 -6.88 -20.07 -0.24
C PHE E 318 -6.03 -18.83 0.01
N PRO E 319 -6.65 -17.66 0.15
CA PRO E 319 -5.89 -16.45 0.45
C PRO E 319 -5.59 -16.31 1.95
N THR E 320 -4.94 -15.20 2.28
CA THR E 320 -4.75 -14.78 3.66
C THR E 320 -5.34 -13.40 3.83
N PRO E 321 -6.38 -13.24 4.64
CA PRO E 321 -6.98 -11.92 4.85
C PRO E 321 -6.03 -11.02 5.63
N SER E 322 -6.18 -9.71 5.44
CA SER E 322 -5.21 -8.86 6.12
C SER E 322 -5.80 -7.74 6.97
N GLY E 323 -6.84 -7.07 6.49
CA GLY E 323 -7.22 -5.81 7.09
C GLY E 323 -6.30 -4.70 6.62
N SER E 324 -6.25 -3.61 7.38
CA SER E 324 -5.54 -2.43 6.92
C SER E 324 -5.17 -1.52 8.09
N ILE E 325 -4.81 -0.29 7.75
CA ILE E 325 -4.58 0.78 8.71
C ILE E 325 -5.85 1.05 9.52
N VAL E 326 -5.68 1.40 10.78
CA VAL E 326 -6.77 1.88 11.62
C VAL E 326 -6.43 3.30 12.05
N THR E 327 -7.45 4.15 12.15
CA THR E 327 -7.25 5.57 12.43
C THR E 327 -7.99 5.96 13.71
N SER E 328 -7.76 7.19 14.15
CA SER E 328 -8.57 7.81 15.18
C SER E 328 -9.88 8.36 14.62
N GLU E 329 -9.99 8.42 13.29
CA GLU E 329 -11.20 8.88 12.62
C GLU E 329 -12.11 7.72 12.26
N SER E 330 -11.58 6.51 12.23
CA SER E 330 -12.35 5.29 12.09
C SER E 330 -12.99 4.91 13.41
N GLN E 331 -12.72 5.68 14.46
CA GLN E 331 -13.31 5.45 15.77
C GLN E 331 -14.77 5.86 15.76
N LEU E 332 -15.59 5.06 16.44
CA LEU E 332 -17.01 5.33 16.57
C LEU E 332 -17.44 5.53 18.00
N PHE E 333 -16.54 5.33 18.95
CA PHE E 333 -16.87 5.34 20.37
C PHE E 333 -16.32 6.61 20.98
N ASN E 334 -16.52 6.73 22.30
CA ASN E 334 -16.06 7.87 23.10
C ASN E 334 -16.61 9.19 22.58
N LYS E 335 -17.87 9.16 22.16
CA LYS E 335 -18.56 10.27 21.54
C LYS E 335 -20.04 10.10 21.82
N PRO E 336 -20.77 11.20 22.02
CA PRO E 336 -22.19 11.08 22.36
C PRO E 336 -23.04 10.81 21.13
N TYR E 337 -24.21 10.22 21.36
CA TYR E 337 -25.19 9.99 20.31
C TYR E 337 -26.55 10.40 20.83
N TRP E 338 -27.35 10.96 19.94
CA TRP E 338 -28.70 11.41 20.30
C TRP E 338 -29.61 11.01 19.15
N LEU E 339 -30.20 9.82 19.27
CA LEU E 339 -31.00 9.24 18.19
C LEU E 339 -32.31 10.01 18.08
N GLN E 340 -32.56 10.55 16.89
CA GLN E 340 -33.81 11.27 16.66
C GLN E 340 -34.98 10.27 16.58
N ARG E 341 -34.74 9.10 16.01
CA ARG E 341 -35.85 8.17 15.77
C ARG E 341 -35.32 6.75 15.71
N ALA E 342 -35.87 5.89 16.56
CA ALA E 342 -35.57 4.46 16.52
C ALA E 342 -36.20 3.82 15.28
N GLN E 343 -35.71 2.63 14.95
CA GLN E 343 -36.06 2.01 13.68
C GLN E 343 -37.47 1.42 13.66
N GLY E 344 -37.97 0.93 14.79
CA GLY E 344 -39.19 0.18 14.81
C GLY E 344 -40.40 1.01 15.21
N HIS E 345 -41.55 0.32 15.28
CA HIS E 345 -42.75 0.88 15.89
C HIS E 345 -42.51 1.23 17.35
N ASN E 346 -41.72 0.41 18.04
CA ASN E 346 -41.13 0.84 19.30
C ASN E 346 -40.11 1.92 19.02
N ASN E 347 -40.46 3.17 19.33
CA ASN E 347 -39.53 4.28 19.13
C ASN E 347 -38.78 4.61 20.40
N GLY E 348 -38.14 3.61 21.01
CA GLY E 348 -37.23 3.81 22.12
C GLY E 348 -37.70 3.27 23.45
N ILE E 349 -38.81 2.54 23.50
CA ILE E 349 -39.32 2.06 24.78
C ILE E 349 -38.72 0.70 25.10
N CYS E 350 -37.96 0.65 26.19
CA CYS E 350 -37.42 -0.61 26.70
C CYS E 350 -38.45 -1.23 27.62
N TRP E 351 -38.33 -2.52 27.86
CA TRP E 351 -39.25 -3.22 28.74
C TRP E 351 -38.50 -4.27 29.55
N GLY E 352 -39.13 -4.69 30.65
CA GLY E 352 -38.55 -5.67 31.52
C GLY E 352 -37.42 -5.16 32.38
N ASN E 353 -37.17 -3.85 32.39
CA ASN E 353 -36.13 -3.18 33.16
C ASN E 353 -34.74 -3.73 32.83
N GLN E 354 -34.55 -4.01 31.55
CA GLN E 354 -33.30 -4.57 31.07
C GLN E 354 -33.16 -4.30 29.58
N LEU E 355 -31.93 -4.39 29.10
CA LEU E 355 -31.62 -4.24 27.69
C LEU E 355 -30.30 -4.95 27.44
N PHE E 356 -30.14 -5.41 26.21
CA PHE E 356 -28.99 -6.21 25.82
C PHE E 356 -28.26 -5.45 24.72
N VAL E 357 -27.26 -4.68 25.13
CA VAL E 357 -26.49 -3.84 24.22
C VAL E 357 -25.25 -4.61 23.81
N THR E 358 -24.85 -4.46 22.55
CA THR E 358 -23.73 -5.21 22.01
C THR E 358 -22.86 -4.28 21.17
N VAL E 359 -21.56 -4.43 21.30
CA VAL E 359 -20.57 -3.72 20.51
C VAL E 359 -19.56 -4.78 20.06
N VAL E 360 -19.01 -4.62 18.85
CA VAL E 360 -17.91 -5.46 18.41
C VAL E 360 -16.75 -4.58 17.98
N ASP E 361 -15.61 -4.74 18.64
CA ASP E 361 -14.40 -4.03 18.32
C ASP E 361 -13.24 -5.01 18.38
N THR E 362 -12.58 -5.22 17.25
CA THR E 362 -11.29 -5.87 17.23
C THR E 362 -10.16 -4.86 17.12
N THR E 363 -10.50 -3.58 17.00
CA THR E 363 -9.52 -2.56 16.67
C THR E 363 -8.60 -2.23 17.83
N ARG E 364 -9.08 -2.31 19.06
CA ARG E 364 -8.23 -2.10 20.23
C ARG E 364 -7.95 -3.43 20.91
N SER E 365 -7.76 -4.49 20.12
CA SER E 365 -7.63 -5.83 20.68
C SER E 365 -6.21 -6.37 20.60
N THR E 366 -5.21 -5.53 20.85
CA THR E 366 -3.86 -6.04 20.98
C THR E 366 -3.71 -6.82 22.29
N ASN E 367 -2.86 -7.83 22.26
CA ASN E 367 -2.76 -8.80 23.34
C ASN E 367 -1.43 -8.60 24.05
N MET E 368 -1.40 -8.90 25.34
CA MET E 368 -0.22 -8.64 26.14
C MET E 368 0.53 -9.93 26.44
N THR E 369 1.86 -9.80 26.58
CA THR E 369 2.73 -10.96 26.76
C THR E 369 3.52 -10.83 28.05
N LEU E 370 4.02 -11.96 28.54
CA LEU E 370 4.78 -12.03 29.78
C LEU E 370 5.98 -12.95 29.58
N CYS E 371 7.02 -12.72 30.38
CA CYS E 371 8.20 -13.57 30.38
C CYS E 371 8.85 -13.50 31.76
N THR E 372 9.23 -14.67 32.28
CA THR E 372 9.89 -14.75 33.58
C THR E 372 11.10 -15.68 33.52
N GLU E 373 11.69 -15.98 34.66
CA GLU E 373 12.97 -16.68 34.70
C GLU E 373 12.93 -17.77 35.76
N VAL E 374 13.95 -18.63 35.72
CA VAL E 374 14.20 -19.58 36.79
C VAL E 374 15.63 -19.55 37.31
N THR E 375 16.60 -19.08 36.53
CA THR E 375 18.01 -19.16 36.91
C THR E 375 18.65 -17.78 36.86
N LYS E 376 19.63 -17.58 37.75
CA LYS E 376 20.54 -16.44 37.63
C LYS E 376 21.86 -16.91 37.02
N GLU E 377 22.24 -16.31 35.90
CA GLU E 377 23.46 -16.69 35.20
C GLU E 377 24.20 -15.44 34.75
N GLY E 378 25.32 -15.65 34.08
CA GLY E 378 26.05 -14.56 33.47
C GLY E 378 25.55 -14.26 32.07
N THR E 379 25.60 -15.25 31.19
CA THR E 379 25.15 -15.08 29.82
C THR E 379 23.71 -15.57 29.70
N TYR E 380 23.19 -15.61 28.48
CA TYR E 380 21.81 -16.00 28.19
C TYR E 380 21.74 -17.52 28.04
N LYS E 381 20.67 -18.12 28.56
CA LYS E 381 20.32 -19.50 28.26
C LYS E 381 18.87 -19.59 27.82
N ASN E 382 18.61 -20.49 26.87
CA ASN E 382 17.34 -20.52 26.16
C ASN E 382 16.22 -21.07 27.03
N ASP E 383 16.46 -22.19 27.69
CA ASP E 383 15.44 -22.96 28.40
C ASP E 383 14.91 -22.28 29.66
N ASN E 384 15.59 -21.23 30.14
CA ASN E 384 15.32 -20.69 31.47
C ASN E 384 14.18 -19.69 31.50
N PHE E 385 13.32 -19.68 30.49
CA PHE E 385 12.37 -18.58 30.35
C PHE E 385 10.98 -19.12 30.04
N LYS E 386 10.05 -18.85 30.95
CA LYS E 386 8.65 -19.27 30.81
C LYS E 386 7.81 -18.05 30.46
N GLU E 387 6.87 -18.23 29.54
CA GLU E 387 6.14 -17.11 28.98
C GLU E 387 4.64 -17.27 29.21
N TYR E 388 3.96 -16.13 29.16
CA TYR E 388 2.51 -16.08 29.34
C TYR E 388 1.97 -15.02 28.40
N VAL E 389 0.83 -15.29 27.78
CA VAL E 389 0.19 -14.35 26.87
C VAL E 389 -1.23 -14.07 27.36
N ARG E 390 -1.57 -12.79 27.42
CA ARG E 390 -2.87 -12.37 27.93
C ARG E 390 -3.46 -11.34 27.00
N HIS E 391 -4.69 -10.92 27.30
CA HIS E 391 -5.27 -9.72 26.72
C HIS E 391 -6.31 -9.21 27.71
N VAL E 392 -6.15 -7.96 28.12
CA VAL E 392 -6.93 -7.40 29.21
C VAL E 392 -7.91 -6.38 28.64
N GLU E 393 -9.13 -6.37 29.17
CA GLU E 393 -10.22 -5.58 28.64
C GLU E 393 -10.89 -4.80 29.77
N GLU E 394 -11.29 -3.56 29.46
CA GLU E 394 -11.73 -2.60 30.46
C GLU E 394 -12.93 -1.87 29.90
N TYR E 395 -13.93 -1.61 30.74
CA TYR E 395 -15.13 -0.95 30.23
C TYR E 395 -15.76 -0.01 31.25
N ASP E 396 -16.49 0.97 30.72
CA ASP E 396 -17.24 1.98 31.43
C ASP E 396 -18.20 2.63 30.44
N LEU E 397 -19.48 2.66 30.80
CA LEU E 397 -20.53 3.00 29.86
C LEU E 397 -21.54 3.91 30.53
N GLN E 398 -21.74 5.09 29.96
CA GLN E 398 -22.54 6.11 30.64
C GLN E 398 -23.71 6.53 29.78
N PHE E 399 -24.89 6.58 30.40
CA PHE E 399 -26.13 6.81 29.68
C PHE E 399 -27.10 7.61 30.55
N VAL E 400 -28.25 7.93 29.96
CA VAL E 400 -29.31 8.71 30.61
C VAL E 400 -30.63 8.33 29.94
N PHE E 401 -31.72 8.34 30.71
CA PHE E 401 -33.02 7.89 30.26
C PHE E 401 -34.08 8.98 30.42
N GLN E 402 -35.29 8.65 30.02
CA GLN E 402 -36.45 9.49 30.29
C GLN E 402 -37.61 8.58 30.65
N LEU E 403 -38.27 8.87 31.76
CA LEU E 403 -39.43 8.09 32.17
C LEU E 403 -40.62 8.42 31.30
N CYS E 404 -41.58 7.52 31.27
CA CYS E 404 -42.84 7.80 30.61
C CYS E 404 -43.96 7.15 31.38
N LYS E 405 -44.88 7.98 31.86
CA LYS E 405 -46.15 7.51 32.38
C LYS E 405 -47.08 7.29 31.21
N ILE E 406 -47.90 6.26 31.30
CA ILE E 406 -48.85 5.92 30.23
C ILE E 406 -50.21 5.78 30.87
N THR E 407 -51.15 6.62 30.46
CA THR E 407 -52.54 6.41 30.86
C THR E 407 -53.13 5.26 30.05
N LEU E 408 -53.77 4.34 30.74
CA LEU E 408 -54.13 3.03 30.20
C LEU E 408 -55.64 2.98 29.96
N THR E 409 -56.04 2.78 28.70
CA THR E 409 -57.46 2.61 28.37
C THR E 409 -57.70 1.17 27.94
N ALA E 410 -58.95 0.80 27.71
CA ALA E 410 -59.37 -0.60 27.64
C ALA E 410 -58.82 -1.30 26.41
N GLU E 411 -58.91 -0.65 25.25
CA GLU E 411 -58.36 -1.19 24.00
C GLU E 411 -56.85 -1.32 24.03
N ILE E 412 -56.18 -0.56 24.89
CA ILE E 412 -54.73 -0.64 24.97
C ILE E 412 -54.32 -1.82 25.85
N MET E 413 -55.15 -2.16 26.86
CA MET E 413 -54.95 -3.36 27.65
C MET E 413 -54.92 -4.61 26.80
N THR E 414 -55.87 -4.74 25.87
CA THR E 414 -55.84 -5.81 24.88
C THR E 414 -54.60 -5.70 24.02
N TYR E 415 -54.25 -4.48 23.63
CA TYR E 415 -53.17 -4.23 22.68
C TYR E 415 -51.82 -4.68 23.21
N ILE E 416 -51.64 -4.67 24.53
CA ILE E 416 -50.43 -5.26 25.09
C ILE E 416 -50.66 -6.72 25.43
N HIS E 417 -51.86 -7.09 25.87
CA HIS E 417 -52.16 -8.50 26.17
C HIS E 417 -52.02 -9.37 24.93
N THR E 418 -52.39 -8.83 23.78
CA THR E 418 -52.02 -9.44 22.52
C THR E 418 -50.52 -9.43 22.28
N MET E 419 -49.84 -8.33 22.61
CA MET E 419 -48.42 -8.25 22.36
C MET E 419 -47.66 -9.10 23.38
N ASP E 420 -47.75 -8.75 24.65
CA ASP E 420 -47.15 -9.55 25.71
C ASP E 420 -48.00 -9.39 26.95
N SER E 421 -48.65 -10.47 27.37
CA SER E 421 -49.45 -10.46 28.57
C SER E 421 -48.59 -10.52 29.83
N ASN E 422 -47.32 -10.89 29.70
CA ASN E 422 -46.44 -11.15 30.82
C ASN E 422 -46.08 -9.93 31.63
N ILE E 423 -45.88 -8.76 31.00
CA ILE E 423 -45.46 -7.58 31.75
C ILE E 423 -46.65 -6.98 32.48
N LEU E 424 -47.86 -7.30 32.02
CA LEU E 424 -49.05 -6.96 32.78
C LEU E 424 -49.14 -7.73 34.08
N GLU E 425 -48.81 -9.02 34.06
CA GLU E 425 -48.59 -9.81 35.26
C GLU E 425 -47.49 -9.22 36.12
N ASP E 426 -46.47 -8.64 35.50
CA ASP E 426 -45.46 -7.88 36.21
C ASP E 426 -45.95 -6.52 36.64
N TRP E 427 -46.79 -5.87 35.84
CA TRP E 427 -47.43 -4.63 36.25
C TRP E 427 -48.43 -4.84 37.37
N GLN E 428 -49.08 -6.00 37.40
CA GLN E 428 -50.16 -6.34 38.35
C GLN E 428 -51.30 -5.31 38.28
N PHE E 429 -51.54 -4.76 37.09
CA PHE E 429 -52.51 -3.68 36.94
C PHE E 429 -53.93 -4.24 36.92
N GLY E 430 -54.21 -5.11 35.96
CA GLY E 430 -55.48 -5.82 35.95
C GLY E 430 -55.31 -7.19 36.57
N LEU E 431 -56.36 -7.73 37.18
CA LEU E 431 -56.30 -9.04 37.83
C LEU E 431 -56.65 -10.13 36.81
N THR E 432 -55.97 -10.09 35.66
CA THR E 432 -56.22 -11.08 34.62
C THR E 432 -55.73 -12.51 34.92
N PRO E 433 -54.74 -12.79 35.77
CA PRO E 433 -54.59 -14.18 36.24
C PRO E 433 -55.33 -14.42 37.54
N PRO E 434 -56.22 -15.41 37.58
CA PRO E 434 -56.75 -15.90 38.86
C PRO E 434 -55.71 -16.56 39.73
N PRO E 435 -54.91 -17.62 39.25
CA PRO E 435 -54.33 -18.57 40.23
C PRO E 435 -53.22 -18.02 41.11
N SER E 436 -52.78 -16.79 40.86
CA SER E 436 -51.89 -16.13 41.80
C SER E 436 -52.56 -15.83 43.13
N ALA E 437 -53.88 -15.69 43.13
CA ALA E 437 -54.63 -15.48 44.34
C ALA E 437 -54.97 -16.74 45.10
N SER E 438 -55.68 -17.67 44.47
CA SER E 438 -56.26 -18.83 45.15
C SER E 438 -55.84 -20.13 44.47
N LEU E 439 -56.30 -21.23 45.06
CA LEU E 439 -55.94 -22.58 44.65
C LEU E 439 -56.95 -23.55 45.26
N GLN E 440 -57.12 -24.70 44.62
CA GLN E 440 -58.05 -25.72 45.09
C GLN E 440 -57.36 -26.69 46.07
N ASP E 441 -56.82 -26.09 47.14
CA ASP E 441 -56.37 -26.78 48.36
C ASP E 441 -55.29 -27.83 48.08
N THR E 442 -54.11 -27.32 47.72
CA THR E 442 -52.92 -28.13 47.96
C THR E 442 -52.85 -28.43 49.45
N TYR E 443 -53.05 -29.69 49.80
CA TYR E 443 -53.31 -30.04 51.19
C TYR E 443 -52.01 -30.06 51.97
N ARG E 444 -52.12 -29.90 53.28
CA ARG E 444 -50.98 -29.56 54.13
C ARG E 444 -50.85 -30.66 55.18
N PHE E 445 -49.62 -31.08 55.45
CA PHE E 445 -49.38 -32.11 56.44
C PHE E 445 -49.56 -31.55 57.85
N VAL E 446 -49.92 -32.45 58.78
CA VAL E 446 -49.95 -32.11 60.19
C VAL E 446 -48.97 -33.05 60.88
N THR E 447 -48.66 -34.17 60.22
CA THR E 447 -47.71 -35.16 60.72
C THR E 447 -46.77 -35.50 59.56
N SER E 448 -45.60 -34.87 59.55
CA SER E 448 -44.57 -35.21 58.59
C SER E 448 -43.65 -36.28 59.18
N GLN E 449 -42.49 -36.46 58.52
CA GLN E 449 -41.33 -37.28 58.95
C GLN E 449 -41.68 -38.72 59.34
N ALA E 450 -42.12 -39.51 58.36
CA ALA E 450 -42.24 -40.95 58.47
C ALA E 450 -41.94 -41.59 57.11
N ILE E 451 -42.10 -42.90 57.02
CA ILE E 451 -41.89 -43.61 55.74
C ILE E 451 -43.26 -43.63 55.06
N THR E 452 -43.60 -42.49 54.45
CA THR E 452 -44.74 -42.38 53.54
C THR E 452 -44.36 -41.77 52.21
N CYS E 453 -43.66 -40.65 52.23
CA CYS E 453 -43.35 -39.85 51.06
C CYS E 453 -42.04 -39.10 51.34
N GLN E 454 -41.78 -38.06 50.55
CA GLN E 454 -40.48 -37.42 50.54
C GLN E 454 -40.56 -35.95 50.94
N LYS E 455 -39.44 -35.42 51.43
CA LYS E 455 -39.25 -33.99 51.63
C LYS E 455 -38.78 -33.38 50.31
N THR E 456 -39.27 -32.19 50.01
CA THR E 456 -39.03 -31.59 48.71
C THR E 456 -38.19 -30.33 48.84
N ALA E 457 -38.00 -29.65 47.72
CA ALA E 457 -37.09 -28.53 47.59
C ALA E 457 -37.88 -27.27 47.21
N PRO E 458 -37.49 -26.11 47.73
CA PRO E 458 -38.06 -24.82 47.27
C PRO E 458 -37.93 -24.66 45.76
N PRO E 459 -38.93 -24.08 45.10
CA PRO E 459 -39.16 -24.38 43.68
C PRO E 459 -38.27 -23.63 42.70
N LYS E 460 -37.30 -22.82 43.17
CA LYS E 460 -36.42 -21.96 42.36
C LYS E 460 -37.23 -21.05 41.44
N GLU E 461 -37.86 -20.01 41.99
CA GLU E 461 -38.97 -19.32 41.29
C GLU E 461 -38.59 -18.30 40.23
N LYS E 462 -37.37 -18.34 39.68
CA LYS E 462 -37.03 -17.34 38.66
C LYS E 462 -37.77 -17.60 37.34
N GLU E 463 -37.94 -18.88 36.96
CA GLU E 463 -38.51 -19.40 35.70
C GLU E 463 -38.12 -18.64 34.43
N ASP E 464 -36.87 -18.20 34.33
CA ASP E 464 -36.54 -17.55 33.07
C ASP E 464 -35.79 -18.52 32.16
N PRO E 465 -35.98 -18.43 30.84
CA PRO E 465 -35.24 -19.33 29.93
C PRO E 465 -33.83 -18.89 29.65
N LEU E 466 -33.49 -17.64 29.94
CA LEU E 466 -32.20 -17.05 29.61
C LEU E 466 -31.04 -17.62 30.41
N ASN E 467 -31.31 -18.18 31.60
CA ASN E 467 -30.31 -18.72 32.53
C ASN E 467 -29.43 -19.79 31.90
N LYS E 468 -29.99 -20.55 30.96
CA LYS E 468 -29.25 -21.39 30.04
C LYS E 468 -28.11 -20.67 29.36
N TYR E 469 -28.36 -19.48 28.85
CA TYR E 469 -27.38 -18.75 28.06
C TYR E 469 -26.34 -18.12 28.97
N THR E 470 -25.28 -17.57 28.36
CA THR E 470 -24.16 -16.99 29.07
C THR E 470 -24.15 -15.50 28.80
N PHE E 471 -24.09 -14.70 29.86
CA PHE E 471 -24.07 -13.24 29.77
C PHE E 471 -22.98 -12.68 30.66
N TRP E 472 -22.65 -11.41 30.42
CA TRP E 472 -21.92 -10.61 31.40
C TRP E 472 -22.86 -9.48 31.82
N GLU E 473 -23.69 -9.78 32.81
CA GLU E 473 -24.76 -8.88 33.19
C GLU E 473 -24.23 -7.80 34.12
N VAL E 474 -24.65 -6.56 33.88
CA VAL E 474 -24.44 -5.50 34.85
C VAL E 474 -25.78 -5.08 35.44
N ASN E 475 -25.72 -4.39 36.57
CA ASN E 475 -26.91 -3.89 37.25
C ASN E 475 -26.72 -2.43 37.58
N LEU E 476 -27.82 -1.71 37.75
CA LEU E 476 -27.77 -0.25 37.77
C LEU E 476 -28.78 0.34 38.75
N LYS E 477 -29.38 -0.48 39.62
CA LYS E 477 -30.54 -0.04 40.40
C LYS E 477 -30.21 1.01 41.44
N GLU E 478 -29.09 0.86 42.15
CA GLU E 478 -28.62 1.88 43.08
C GLU E 478 -27.58 2.77 42.42
N LYS E 479 -27.73 2.98 41.12
CA LYS E 479 -26.83 3.82 40.36
C LYS E 479 -27.55 4.96 39.64
N PHE E 480 -28.65 5.47 40.19
CA PHE E 480 -29.46 6.47 39.52
C PHE E 480 -29.34 7.82 40.23
N SER E 481 -29.39 8.88 39.43
CA SER E 481 -29.27 10.24 39.93
C SER E 481 -29.82 11.19 38.89
N ALA E 482 -30.42 12.28 39.36
CA ALA E 482 -31.01 13.27 38.47
C ALA E 482 -30.18 14.53 38.29
N ASP E 483 -29.04 14.65 38.97
CA ASP E 483 -28.21 15.85 38.86
C ASP E 483 -27.30 15.72 37.64
N LEU E 484 -27.90 15.79 36.45
CA LEU E 484 -27.22 15.37 35.22
C LEU E 484 -26.16 16.37 34.78
N ASP E 485 -26.17 17.58 35.35
CA ASP E 485 -25.18 18.59 35.03
C ASP E 485 -23.78 18.26 35.54
N GLN E 486 -23.63 17.20 36.34
CA GLN E 486 -22.34 16.80 36.88
C GLN E 486 -21.72 15.65 36.10
N PHE E 487 -22.26 15.35 34.92
CA PHE E 487 -21.85 14.17 34.17
C PHE E 487 -21.56 14.56 32.74
N PRO E 488 -20.52 13.96 32.13
CA PRO E 488 -20.06 14.45 30.82
C PRO E 488 -21.08 14.37 29.71
N LEU E 489 -21.85 13.28 29.64
CA LEU E 489 -22.92 13.20 28.68
C LEU E 489 -24.01 14.23 28.97
N GLY E 490 -24.27 14.52 30.24
CA GLY E 490 -25.23 15.55 30.60
C GLY E 490 -24.81 16.93 30.18
N ARG E 491 -23.50 17.20 30.17
CA ARG E 491 -23.01 18.44 29.56
C ARG E 491 -23.29 18.46 28.06
N LYS E 492 -23.13 17.31 27.40
CA LYS E 492 -23.33 17.26 25.96
C LYS E 492 -24.81 17.38 25.58
N PHE E 493 -25.71 17.11 26.50
CA PHE E 493 -27.12 17.15 26.15
C PHE E 493 -27.66 18.57 26.02
N LEU E 494 -27.33 19.42 27.00
CA LEU E 494 -28.05 20.67 27.19
C LEU E 494 -27.79 21.67 26.07
N LEU E 495 -26.57 21.68 25.53
CA LEU E 495 -26.32 22.47 24.34
C LEU E 495 -26.91 21.82 23.11
N GLN E 496 -26.88 20.48 23.05
CA GLN E 496 -27.52 19.76 21.96
C GLN E 496 -29.03 19.96 21.99
N SER E 497 -29.62 19.93 23.17
CA SER E 497 -31.04 20.27 23.32
C SER E 497 -31.31 21.75 23.05
N GLY E 498 -30.50 22.63 23.64
CA GLY E 498 -30.75 24.05 23.55
C GLY E 498 -31.98 24.46 24.32
N LEU E 499 -32.09 23.98 25.55
CA LEU E 499 -33.21 24.33 26.42
C LEU E 499 -32.69 24.95 27.72
N LYS F 46 -45.00 10.22 -33.34
CA LYS F 46 -44.51 11.25 -32.43
C LYS F 46 -44.11 10.64 -31.10
N VAL F 47 -42.83 10.76 -30.74
CA VAL F 47 -42.34 10.14 -29.52
C VAL F 47 -42.68 11.02 -28.33
N VAL F 48 -43.36 10.44 -27.35
CA VAL F 48 -43.89 11.15 -26.18
C VAL F 48 -43.67 10.27 -24.96
N SER F 49 -43.26 10.89 -23.85
CA SER F 49 -43.00 10.17 -22.61
C SER F 49 -44.29 9.67 -21.97
N THR F 50 -44.14 9.05 -20.80
CA THR F 50 -45.29 8.55 -20.05
C THR F 50 -45.79 9.57 -19.04
N ASP F 51 -45.72 10.85 -19.37
CA ASP F 51 -46.11 11.93 -18.48
C ASP F 51 -47.17 12.83 -19.08
N GLU F 52 -47.70 12.48 -20.25
CA GLU F 52 -48.50 13.41 -21.02
C GLU F 52 -49.91 12.92 -21.31
N TYR F 53 -50.25 11.69 -20.89
CA TYR F 53 -51.58 11.17 -21.12
C TYR F 53 -52.15 10.39 -19.95
N VAL F 54 -51.49 10.37 -18.80
CA VAL F 54 -51.88 9.52 -17.69
C VAL F 54 -52.34 10.37 -16.52
N SER F 55 -53.04 9.73 -15.59
CA SER F 55 -53.55 10.38 -14.40
C SER F 55 -52.89 9.75 -13.18
N ARG F 56 -52.28 10.60 -12.35
CA ARG F 56 -51.56 10.12 -11.19
C ARG F 56 -52.49 9.99 -9.99
N THR F 57 -52.70 8.75 -9.56
CA THR F 57 -53.56 8.48 -8.42
C THR F 57 -52.82 8.76 -7.11
N SER F 58 -53.45 8.41 -6.01
CA SER F 58 -52.89 8.55 -4.68
C SER F 58 -53.07 7.27 -3.89
N ILE F 59 -52.88 6.13 -4.56
CA ILE F 59 -52.97 4.83 -3.94
C ILE F 59 -51.66 4.09 -4.20
N TYR F 60 -51.12 3.49 -3.15
CA TYR F 60 -49.77 2.94 -3.16
C TYR F 60 -49.78 1.57 -2.49
N TYR F 61 -49.12 0.60 -3.13
CA TYR F 61 -49.19 -0.81 -2.72
C TYR F 61 -47.79 -1.37 -2.58
N TYR F 62 -47.62 -2.31 -1.67
CA TYR F 62 -46.32 -2.83 -1.30
C TYR F 62 -46.04 -4.16 -1.98
N ALA F 63 -44.75 -4.42 -2.27
CA ALA F 63 -44.26 -5.77 -2.55
C ALA F 63 -43.01 -6.02 -1.74
N GLY F 64 -42.82 -7.27 -1.34
CA GLY F 64 -41.63 -7.69 -0.64
C GLY F 64 -41.37 -9.17 -0.81
N SER F 65 -40.12 -9.55 -1.06
CA SER F 65 -39.79 -10.95 -1.31
C SER F 65 -39.24 -11.62 -0.05
N SER F 66 -39.46 -12.92 0.05
CA SER F 66 -38.99 -13.71 1.17
C SER F 66 -37.61 -14.29 0.86
N ARG F 67 -37.20 -15.27 1.67
CA ARG F 67 -35.86 -15.85 1.65
C ARG F 67 -35.62 -16.62 0.36
N LEU F 68 -34.62 -16.18 -0.41
CA LEU F 68 -34.21 -16.93 -1.60
C LEU F 68 -33.26 -18.06 -1.21
N LEU F 69 -33.56 -19.26 -1.70
CA LEU F 69 -32.72 -20.42 -1.44
C LEU F 69 -31.95 -20.78 -2.71
N ALA F 70 -30.63 -20.61 -2.61
CA ALA F 70 -29.70 -20.98 -3.68
C ALA F 70 -28.31 -21.13 -3.08
N VAL F 71 -27.80 -22.36 -3.04
CA VAL F 71 -26.44 -22.67 -2.60
C VAL F 71 -25.88 -23.70 -3.57
N GLY F 72 -24.69 -23.43 -4.10
CA GLY F 72 -24.11 -24.36 -5.04
C GLY F 72 -22.60 -24.34 -5.01
N ASN F 73 -22.02 -25.12 -5.91
CA ASN F 73 -20.58 -25.20 -6.02
C ASN F 73 -20.05 -23.95 -6.71
N PRO F 74 -18.90 -23.44 -6.26
CA PRO F 74 -18.32 -22.26 -6.94
C PRO F 74 -17.82 -22.54 -8.34
N TYR F 75 -17.16 -23.67 -8.59
CA TYR F 75 -16.42 -23.87 -9.82
C TYR F 75 -17.30 -24.34 -10.98
N PHE F 76 -18.04 -25.43 -10.81
CA PHE F 76 -18.82 -26.01 -11.89
C PHE F 76 -20.00 -26.77 -11.32
N SER F 77 -20.94 -27.09 -12.20
CA SER F 77 -22.08 -27.95 -11.88
C SER F 77 -21.73 -29.38 -12.23
N ILE F 78 -21.72 -30.27 -11.24
CA ILE F 78 -21.53 -31.69 -11.49
C ILE F 78 -22.83 -32.25 -12.05
N LYS F 79 -22.73 -33.24 -12.91
CA LYS F 79 -23.87 -33.96 -13.42
C LYS F 79 -23.79 -35.40 -12.97
N SER F 80 -24.78 -36.19 -13.33
CA SER F 80 -24.65 -37.62 -13.15
C SER F 80 -23.69 -38.16 -14.19
N PRO F 81 -22.87 -39.16 -13.84
CA PRO F 81 -22.08 -39.85 -14.87
C PRO F 81 -22.95 -40.67 -15.80
N ASN F 82 -24.14 -41.04 -15.36
CA ASN F 82 -25.09 -41.76 -16.19
C ASN F 82 -25.97 -40.85 -17.02
N ASN F 83 -26.06 -39.56 -16.68
CA ASN F 83 -27.03 -38.69 -17.32
C ASN F 83 -26.61 -37.24 -17.20
N ASN F 84 -26.64 -36.53 -18.33
CA ASN F 84 -26.20 -35.14 -18.35
C ASN F 84 -27.26 -34.18 -17.81
N LYS F 85 -28.51 -34.60 -17.70
CA LYS F 85 -29.58 -33.73 -17.22
C LYS F 85 -29.86 -33.94 -15.74
N LYS F 86 -28.99 -34.64 -15.03
CA LYS F 86 -29.17 -34.92 -13.62
C LYS F 86 -27.99 -34.32 -12.84
N VAL F 87 -28.15 -33.05 -12.45
CA VAL F 87 -27.17 -32.43 -11.57
C VAL F 87 -27.55 -32.72 -10.12
N LEU F 88 -26.57 -32.54 -9.23
CA LEU F 88 -26.82 -32.61 -7.80
C LEU F 88 -26.48 -31.29 -7.12
N VAL F 89 -25.45 -30.61 -7.61
CA VAL F 89 -25.11 -29.26 -7.17
C VAL F 89 -24.95 -28.42 -8.43
N PRO F 90 -25.32 -27.14 -8.41
CA PRO F 90 -25.07 -26.27 -9.56
C PRO F 90 -23.75 -25.51 -9.39
N LYS F 91 -23.39 -24.82 -10.46
CA LYS F 91 -22.34 -23.80 -10.41
C LYS F 91 -23.03 -22.50 -9.99
N VAL F 92 -22.59 -21.93 -8.88
CA VAL F 92 -23.02 -20.59 -8.49
C VAL F 92 -21.79 -19.71 -8.31
N SER F 93 -21.94 -18.43 -8.64
CA SER F 93 -20.96 -17.39 -8.37
C SER F 93 -21.65 -16.04 -8.47
N GLY F 94 -21.07 -15.03 -7.84
CA GLY F 94 -21.55 -13.68 -8.03
C GLY F 94 -21.09 -13.08 -9.35
N LEU F 95 -20.08 -13.69 -9.97
CA LEU F 95 -19.55 -13.25 -11.26
C LEU F 95 -20.47 -13.65 -12.40
N GLN F 96 -21.47 -14.49 -12.12
CA GLN F 96 -22.56 -14.69 -13.06
C GLN F 96 -23.42 -13.44 -13.08
N TYR F 97 -23.99 -13.16 -14.26
CA TYR F 97 -24.98 -12.09 -14.41
C TYR F 97 -26.22 -12.55 -13.67
N ARG F 98 -26.53 -11.86 -12.57
CA ARG F 98 -27.63 -12.26 -11.70
C ARG F 98 -28.90 -11.55 -12.13
N VAL F 99 -29.58 -12.09 -13.14
CA VAL F 99 -30.64 -11.39 -13.85
C VAL F 99 -31.96 -12.02 -13.44
N PHE F 100 -32.78 -11.28 -12.72
CA PHE F 100 -34.01 -11.86 -12.23
C PHE F 100 -35.22 -11.12 -12.78
N ARG F 101 -36.37 -11.79 -12.69
CA ARG F 101 -37.61 -11.29 -13.26
C ARG F 101 -38.75 -11.56 -12.29
N VAL F 102 -39.71 -10.63 -12.21
CA VAL F 102 -40.79 -10.74 -11.26
C VAL F 102 -42.04 -11.26 -11.97
N ARG F 103 -42.99 -11.77 -11.18
CA ARG F 103 -44.36 -11.99 -11.63
C ARG F 103 -45.30 -11.17 -10.77
N LEU F 104 -45.99 -10.24 -11.40
CA LEU F 104 -46.97 -9.34 -10.82
C LEU F 104 -48.33 -9.53 -11.49
N PRO F 105 -49.41 -9.51 -10.72
CA PRO F 105 -50.73 -9.80 -11.31
C PRO F 105 -51.35 -8.61 -12.02
N ASP F 106 -52.31 -8.93 -12.87
CA ASP F 106 -53.14 -7.94 -13.53
C ASP F 106 -53.94 -7.15 -12.49
N PRO F 107 -53.75 -5.83 -12.42
CA PRO F 107 -54.54 -5.03 -11.46
C PRO F 107 -56.00 -4.89 -11.85
N ASN F 108 -56.36 -5.23 -13.08
CA ASN F 108 -57.75 -5.18 -13.50
C ASN F 108 -58.54 -6.42 -13.08
N LYS F 109 -57.90 -7.37 -12.42
CA LYS F 109 -58.52 -8.60 -11.96
C LYS F 109 -59.11 -8.48 -10.56
N PHE F 110 -59.49 -7.29 -10.14
CA PHE F 110 -59.71 -7.04 -8.72
C PHE F 110 -61.13 -6.58 -8.44
N GLY F 111 -61.44 -6.53 -7.15
CA GLY F 111 -62.73 -6.04 -6.69
C GLY F 111 -62.62 -5.12 -5.49
N PHE F 112 -63.12 -3.88 -5.64
CA PHE F 112 -63.12 -2.87 -4.60
C PHE F 112 -64.43 -2.09 -4.64
N PRO F 113 -64.93 -1.58 -3.49
CA PRO F 113 -66.23 -0.91 -3.48
C PRO F 113 -66.23 0.41 -4.25
N ASP F 114 -65.08 1.05 -4.34
CA ASP F 114 -64.96 2.29 -5.10
C ASP F 114 -64.68 1.93 -6.56
N THR F 115 -65.43 2.57 -7.45
CA THR F 115 -65.13 2.64 -8.86
C THR F 115 -65.48 4.01 -9.43
N SER F 116 -65.62 5.01 -8.55
CA SER F 116 -65.81 6.38 -8.98
C SER F 116 -64.59 6.90 -9.72
N PHE F 117 -63.40 6.49 -9.27
CA PHE F 117 -62.17 6.75 -9.99
C PHE F 117 -62.11 5.96 -11.28
N TYR F 118 -62.80 4.82 -11.34
CA TYR F 118 -62.60 3.88 -12.45
C TYR F 118 -63.85 3.74 -13.31
N ASN F 119 -63.85 4.46 -14.42
CA ASN F 119 -64.77 4.14 -15.49
C ASN F 119 -64.31 2.85 -16.16
N PRO F 120 -65.05 1.75 -16.08
CA PRO F 120 -64.60 0.48 -16.66
C PRO F 120 -64.79 0.39 -18.17
N ASP F 121 -65.34 1.42 -18.80
CA ASP F 121 -65.52 1.39 -20.24
C ASP F 121 -64.21 1.65 -20.95
N THR F 122 -63.62 2.81 -20.72
CA THR F 122 -62.38 3.20 -21.37
C THR F 122 -61.14 3.02 -20.52
N GLN F 123 -61.19 3.31 -19.22
CA GLN F 123 -59.97 3.40 -18.44
C GLN F 123 -59.39 2.02 -18.15
N ARG F 124 -58.09 2.01 -17.84
CA ARG F 124 -57.34 0.79 -17.63
C ARG F 124 -56.34 1.05 -16.50
N LEU F 125 -55.61 0.00 -16.10
CA LEU F 125 -54.70 0.05 -14.97
C LEU F 125 -53.35 -0.55 -15.33
N VAL F 126 -52.30 0.25 -15.19
CA VAL F 126 -50.94 -0.20 -15.41
C VAL F 126 -50.13 0.03 -14.13
N TRP F 127 -49.26 -0.93 -13.82
CA TRP F 127 -48.42 -0.83 -12.65
C TRP F 127 -47.17 0.01 -12.92
N ALA F 128 -46.72 0.72 -11.90
CA ALA F 128 -45.48 1.48 -11.93
C ALA F 128 -44.78 1.40 -10.57
N CYS F 129 -43.46 1.29 -10.62
CA CYS F 129 -42.64 1.16 -9.41
C CYS F 129 -42.08 2.52 -9.01
N VAL F 130 -42.17 2.81 -7.72
CA VAL F 130 -41.74 4.12 -7.21
C VAL F 130 -40.73 3.92 -6.08
N GLY F 131 -40.64 2.70 -5.54
CA GLY F 131 -39.74 2.42 -4.44
C GLY F 131 -39.15 1.03 -4.54
N LEU F 132 -37.97 0.87 -3.96
CA LEU F 132 -37.26 -0.40 -4.03
C LEU F 132 -36.27 -0.50 -2.88
N GLU F 133 -35.89 -1.74 -2.57
CA GLU F 133 -34.63 -2.02 -1.91
C GLU F 133 -34.24 -3.47 -2.16
N ILE F 134 -32.94 -3.69 -2.27
CA ILE F 134 -32.34 -5.01 -2.29
C ILE F 134 -32.02 -5.41 -0.86
N GLY F 135 -32.30 -6.67 -0.51
CA GLY F 135 -31.78 -7.24 0.71
C GLY F 135 -30.75 -8.33 0.46
N ARG F 136 -29.63 -8.21 1.18
CA ARG F 136 -28.54 -9.18 1.09
C ARG F 136 -28.20 -9.65 2.49
N GLY F 137 -27.75 -10.91 2.59
CA GLY F 137 -27.60 -11.52 3.89
C GLY F 137 -26.31 -12.27 4.13
N GLN F 138 -25.18 -11.71 3.74
CA GLN F 138 -23.91 -12.41 3.91
C GLN F 138 -22.89 -11.49 4.56
N PRO F 139 -21.94 -12.06 5.30
CA PRO F 139 -20.75 -11.29 5.63
C PRO F 139 -19.89 -11.11 4.39
N LEU F 140 -19.04 -10.09 4.45
CA LEU F 140 -18.25 -9.74 3.28
C LEU F 140 -17.07 -10.69 3.15
N GLY F 141 -16.82 -11.16 1.93
CA GLY F 141 -15.68 -12.04 1.67
C GLY F 141 -15.53 -12.36 0.21
N VAL F 142 -14.31 -12.23 -0.32
CA VAL F 142 -14.05 -12.41 -1.73
C VAL F 142 -13.27 -13.71 -1.92
N GLY F 143 -13.63 -14.48 -2.94
CA GLY F 143 -12.88 -15.67 -3.26
C GLY F 143 -11.92 -15.43 -4.40
N VAL F 144 -10.97 -16.35 -4.60
CA VAL F 144 -10.01 -16.26 -5.68
C VAL F 144 -10.08 -17.55 -6.49
N SER F 145 -9.58 -17.47 -7.73
CA SER F 145 -9.61 -18.63 -8.63
C SER F 145 -8.33 -18.65 -9.45
N GLY F 146 -8.15 -19.73 -10.21
CA GLY F 146 -6.99 -19.86 -11.06
C GLY F 146 -6.95 -21.16 -11.83
N HIS F 147 -6.43 -21.11 -13.06
CA HIS F 147 -6.26 -22.31 -13.84
C HIS F 147 -5.09 -23.12 -13.29
N PRO F 148 -5.24 -24.45 -13.19
CA PRO F 148 -4.14 -25.28 -12.69
C PRO F 148 -3.04 -25.53 -13.71
N TYR F 149 -3.18 -25.01 -14.92
CA TYR F 149 -2.19 -25.15 -15.98
C TYR F 149 -2.00 -23.81 -16.67
N LEU F 150 -1.80 -22.76 -15.87
CA LEU F 150 -1.80 -21.39 -16.36
C LEU F 150 -0.66 -21.11 -17.34
N ASN F 151 -0.89 -20.17 -18.22
CA ASN F 151 0.07 -19.80 -19.26
C ASN F 151 1.06 -18.74 -18.78
N LYS F 152 1.70 -19.02 -17.66
CA LYS F 152 2.82 -18.21 -17.19
C LYS F 152 4.09 -18.89 -17.67
N PHE F 153 4.82 -18.21 -18.55
CA PHE F 153 6.16 -18.71 -18.85
C PHE F 153 7.13 -18.26 -17.76
N ASP F 154 7.30 -16.95 -17.62
CA ASP F 154 8.18 -16.37 -16.60
C ASP F 154 7.46 -15.25 -15.87
N ASP F 155 8.18 -14.50 -15.05
CA ASP F 155 7.72 -13.22 -14.56
C ASP F 155 8.50 -12.12 -15.27
N THR F 156 7.81 -11.03 -15.58
CA THR F 156 8.42 -9.96 -16.35
C THR F 156 8.18 -8.61 -15.68
N GLU F 157 8.33 -8.58 -14.36
CA GLU F 157 8.30 -7.33 -13.61
C GLU F 157 9.68 -6.78 -13.31
N THR F 158 10.62 -7.63 -12.91
CA THR F 158 11.87 -7.19 -12.31
C THR F 158 13.10 -7.54 -13.13
N SER F 159 13.15 -8.73 -13.72
CA SER F 159 14.39 -9.18 -14.37
C SER F 159 14.10 -10.25 -15.39
N ASN F 160 15.08 -10.51 -16.26
CA ASN F 160 15.17 -11.71 -17.09
C ASN F 160 16.65 -11.97 -17.31
N ARG F 161 17.17 -12.99 -16.62
CA ARG F 161 18.44 -13.57 -17.00
C ARG F 161 18.24 -14.41 -18.25
N TYR F 162 19.02 -14.12 -19.28
CA TYR F 162 18.90 -14.80 -20.56
C TYR F 162 19.24 -16.29 -20.48
N PRO F 163 18.74 -17.11 -21.42
CA PRO F 163 17.65 -16.90 -22.37
C PRO F 163 16.43 -17.78 -22.15
N ALA F 164 15.37 -17.50 -22.90
CA ALA F 164 14.23 -18.41 -22.95
C ALA F 164 14.64 -19.74 -23.57
N GLN F 165 14.03 -20.80 -23.07
CA GLN F 165 14.45 -22.16 -23.41
C GLN F 165 13.37 -22.82 -24.24
N PRO F 166 13.71 -23.74 -25.15
CA PRO F 166 12.68 -24.48 -25.89
C PRO F 166 12.01 -25.51 -25.00
N GLY F 167 10.83 -25.94 -25.43
CA GLY F 167 10.03 -26.89 -24.68
C GLY F 167 8.57 -26.81 -25.04
N SER F 168 7.86 -27.93 -24.97
CA SER F 168 6.48 -27.99 -25.41
C SER F 168 5.49 -28.13 -24.26
N ASP F 169 5.95 -28.13 -23.02
CA ASP F 169 5.06 -28.42 -21.90
C ASP F 169 5.62 -27.79 -20.64
N ASN F 170 5.06 -26.64 -20.23
CA ASN F 170 5.59 -25.91 -19.08
C ASN F 170 4.55 -25.26 -18.18
N ARG F 171 3.36 -25.83 -18.02
CA ARG F 171 2.29 -25.15 -17.31
C ARG F 171 2.26 -25.52 -15.83
N GLU F 172 1.55 -24.70 -15.03
CA GLU F 172 1.52 -24.89 -13.58
C GLU F 172 0.26 -24.23 -13.02
N CYS F 173 -0.03 -24.57 -11.76
CA CYS F 173 -1.13 -23.96 -11.01
C CYS F 173 -0.70 -22.63 -10.41
N LEU F 174 -1.51 -21.60 -10.65
CA LEU F 174 -1.45 -20.37 -9.86
C LEU F 174 -2.88 -19.89 -9.66
N SER F 175 -3.04 -18.84 -8.84
CA SER F 175 -4.36 -18.36 -8.47
C SER F 175 -4.31 -16.85 -8.21
N MET F 176 -5.44 -16.17 -8.47
CA MET F 176 -5.49 -14.72 -8.36
C MET F 176 -6.95 -14.25 -8.32
N ASP F 177 -7.17 -13.12 -7.66
CA ASP F 177 -8.46 -12.44 -7.62
C ASP F 177 -8.78 -11.77 -8.97
N TYR F 178 -9.87 -11.01 -8.97
CA TYR F 178 -10.44 -10.45 -10.19
C TYR F 178 -10.79 -8.97 -9.98
N LYS F 179 -11.54 -8.44 -10.94
CA LYS F 179 -12.04 -7.07 -10.84
C LYS F 179 -13.18 -7.01 -9.84
N GLN F 180 -13.16 -6.01 -8.96
CA GLN F 180 -14.24 -5.82 -8.01
C GLN F 180 -15.29 -4.89 -8.60
N THR F 181 -16.53 -5.01 -8.12
CA THR F 181 -17.60 -4.10 -8.52
C THR F 181 -18.77 -4.17 -7.57
N GLN F 182 -19.68 -3.23 -7.77
CA GLN F 182 -21.05 -3.27 -7.27
C GLN F 182 -21.88 -2.52 -8.30
N LEU F 183 -23.01 -3.09 -8.71
CA LEU F 183 -23.77 -2.52 -9.82
C LEU F 183 -25.18 -3.09 -9.80
N CYS F 184 -26.06 -2.44 -10.55
CA CYS F 184 -27.42 -2.93 -10.76
C CYS F 184 -28.00 -2.21 -11.98
N LEU F 185 -29.17 -2.66 -12.42
CA LEU F 185 -29.92 -2.01 -13.49
C LEU F 185 -31.37 -2.49 -13.44
N ILE F 186 -32.27 -1.61 -13.84
CA ILE F 186 -33.69 -1.93 -13.92
C ILE F 186 -34.29 -1.40 -15.22
N GLY F 187 -35.08 -2.23 -15.90
CA GLY F 187 -35.91 -1.79 -17.00
C GLY F 187 -36.93 -2.84 -17.32
N CYS F 188 -38.08 -2.39 -17.86
CA CYS F 188 -39.19 -3.30 -18.13
C CYS F 188 -39.04 -4.06 -19.44
N LYS F 189 -37.91 -3.91 -20.12
CA LYS F 189 -37.44 -4.84 -21.13
C LYS F 189 -36.16 -5.44 -20.61
N PRO F 190 -35.84 -6.69 -20.98
CA PRO F 190 -34.64 -7.34 -20.45
C PRO F 190 -33.39 -6.67 -20.97
N PRO F 191 -32.34 -6.58 -20.14
CA PRO F 191 -31.17 -5.79 -20.50
C PRO F 191 -30.26 -6.49 -21.50
N THR F 192 -29.58 -5.66 -22.28
CA THR F 192 -28.79 -6.15 -23.40
C THR F 192 -27.34 -6.30 -23.01
N GLY F 193 -26.50 -6.63 -23.99
CA GLY F 193 -25.08 -6.71 -23.75
C GLY F 193 -24.25 -7.18 -24.91
N GLU F 194 -23.13 -6.50 -25.13
CA GLU F 194 -22.25 -6.94 -26.20
C GLU F 194 -21.23 -7.93 -25.68
N HIS F 195 -20.66 -8.67 -26.62
CA HIS F 195 -19.55 -9.59 -26.36
C HIS F 195 -18.88 -9.86 -27.68
N TRP F 196 -17.57 -10.03 -27.65
CA TRP F 196 -16.78 -10.16 -28.86
C TRP F 196 -16.61 -11.62 -29.24
N GLY F 197 -16.52 -11.87 -30.53
CA GLY F 197 -16.39 -13.22 -31.03
C GLY F 197 -15.62 -13.22 -32.33
N LYS F 198 -15.85 -14.27 -33.12
CA LYS F 198 -15.18 -14.41 -34.40
C LYS F 198 -15.91 -13.64 -35.48
N GLY F 199 -15.52 -13.87 -36.72
CA GLY F 199 -16.26 -13.37 -37.87
C GLY F 199 -16.07 -14.32 -39.03
N VAL F 200 -16.64 -13.95 -40.17
CA VAL F 200 -16.28 -14.63 -41.42
C VAL F 200 -14.90 -14.12 -41.82
N ALA F 201 -14.10 -15.00 -42.44
CA ALA F 201 -12.67 -14.71 -42.61
C ALA F 201 -12.42 -13.53 -43.54
N CYS F 202 -12.57 -13.76 -44.84
CA CYS F 202 -12.64 -12.81 -45.96
C CYS F 202 -12.79 -13.57 -47.26
N ASN F 203 -12.85 -12.84 -48.37
CA ASN F 203 -12.44 -13.41 -49.63
C ASN F 203 -10.94 -13.69 -49.60
N ASN F 204 -10.49 -14.55 -50.50
CA ASN F 204 -9.11 -15.02 -50.49
C ASN F 204 -8.22 -14.19 -51.41
N ASN F 205 -8.52 -12.89 -51.53
CA ASN F 205 -7.67 -11.98 -52.30
C ASN F 205 -6.31 -11.81 -51.65
N ALA F 206 -6.29 -11.67 -50.33
CA ALA F 206 -5.04 -11.57 -49.59
C ALA F 206 -4.40 -12.95 -49.45
N ALA F 207 -3.12 -13.02 -49.84
CA ALA F 207 -2.35 -14.25 -49.74
C ALA F 207 -1.16 -14.02 -48.80
N ALA F 208 -1.36 -13.14 -47.81
CA ALA F 208 -0.29 -12.72 -46.94
C ALA F 208 -0.05 -13.70 -45.79
N THR F 209 -1.04 -13.88 -44.92
CA THR F 209 -0.84 -14.62 -43.68
C THR F 209 -2.18 -15.17 -43.20
N ASP F 210 -2.17 -15.73 -41.99
CA ASP F 210 -3.36 -16.25 -41.32
C ASP F 210 -3.49 -15.56 -39.98
N CYS F 211 -4.42 -14.61 -39.89
CA CYS F 211 -4.82 -14.08 -38.59
C CYS F 211 -6.33 -13.92 -38.61
N PRO F 212 -7.03 -14.41 -37.57
CA PRO F 212 -8.47 -14.65 -37.71
C PRO F 212 -9.26 -13.36 -37.60
N PRO F 213 -10.47 -13.33 -38.14
CA PRO F 213 -11.34 -12.17 -38.00
C PRO F 213 -12.00 -12.13 -36.63
N LEU F 214 -12.94 -11.19 -36.49
CA LEU F 214 -13.52 -10.87 -35.20
C LEU F 214 -14.80 -10.06 -35.36
N GLU F 215 -15.67 -10.13 -34.36
CA GLU F 215 -16.83 -9.25 -34.28
C GLU F 215 -17.37 -9.24 -32.86
N LEU F 216 -17.92 -8.10 -32.45
CA LEU F 216 -18.71 -8.03 -31.25
C LEU F 216 -20.12 -8.51 -31.56
N PHE F 217 -20.83 -8.96 -30.54
CA PHE F 217 -22.15 -9.52 -30.77
C PHE F 217 -23.11 -8.99 -29.72
N ASN F 218 -24.13 -8.31 -30.19
CA ASN F 218 -25.07 -7.57 -29.35
C ASN F 218 -26.21 -8.49 -28.95
N SER F 219 -26.37 -8.73 -27.65
CA SER F 219 -27.34 -9.72 -27.19
C SER F 219 -27.98 -9.30 -25.88
N ILE F 220 -29.25 -9.66 -25.69
CA ILE F 220 -29.89 -9.57 -24.38
C ILE F 220 -29.33 -10.67 -23.52
N ILE F 221 -28.73 -10.29 -22.40
CA ILE F 221 -28.07 -11.24 -21.52
C ILE F 221 -29.14 -11.85 -20.62
N GLU F 222 -29.01 -13.14 -20.31
CA GLU F 222 -29.89 -13.81 -19.38
C GLU F 222 -29.15 -14.10 -18.06
N ASP F 223 -29.88 -14.71 -17.13
CA ASP F 223 -29.30 -15.10 -15.84
C ASP F 223 -28.22 -16.16 -16.03
N GLY F 224 -27.16 -16.06 -15.23
CA GLY F 224 -26.10 -17.05 -15.20
C GLY F 224 -24.90 -16.73 -16.05
N ASP F 225 -25.03 -15.84 -17.03
CA ASP F 225 -23.95 -15.57 -17.95
C ASP F 225 -22.84 -14.79 -17.26
N MET F 226 -21.64 -14.80 -17.85
CA MET F 226 -20.48 -14.31 -17.13
C MET F 226 -20.12 -12.88 -17.51
N VAL F 227 -19.74 -12.09 -16.50
CA VAL F 227 -19.26 -10.74 -16.74
C VAL F 227 -17.80 -10.80 -17.18
N ASP F 228 -17.42 -9.83 -18.03
CA ASP F 228 -16.01 -9.64 -18.31
C ASP F 228 -15.31 -9.05 -17.09
N THR F 229 -14.04 -9.47 -16.90
CA THR F 229 -13.28 -9.01 -15.73
C THR F 229 -12.00 -8.28 -16.12
N GLY F 230 -11.82 -7.96 -17.40
CA GLY F 230 -10.65 -7.23 -17.85
C GLY F 230 -9.96 -7.81 -19.06
N PHE F 231 -10.30 -9.04 -19.47
CA PHE F 231 -9.72 -9.67 -20.64
C PHE F 231 -10.57 -9.44 -21.88
N GLY F 232 -11.36 -8.36 -21.89
CA GLY F 232 -12.35 -8.15 -22.93
C GLY F 232 -13.60 -8.97 -22.69
N CYS F 233 -14.72 -8.44 -23.20
CA CYS F 233 -15.97 -9.19 -23.20
C CYS F 233 -16.03 -10.10 -24.43
N MET F 234 -15.67 -11.36 -24.22
CA MET F 234 -15.35 -12.22 -25.34
C MET F 234 -15.56 -13.70 -25.02
N ASP F 235 -15.42 -14.51 -26.05
CA ASP F 235 -15.50 -15.96 -25.95
C ASP F 235 -14.13 -16.50 -25.58
N PHE F 236 -14.13 -17.52 -24.73
CA PHE F 236 -12.90 -18.17 -24.31
C PHE F 236 -12.69 -19.50 -25.01
N GLY F 237 -13.73 -20.06 -25.64
CA GLY F 237 -13.58 -21.30 -26.36
C GLY F 237 -13.15 -21.13 -27.80
N THR F 238 -13.73 -20.18 -28.51
CA THR F 238 -13.43 -19.94 -29.91
C THR F 238 -12.25 -19.02 -30.13
N LEU F 239 -12.20 -17.91 -29.41
CA LEU F 239 -11.11 -16.96 -29.60
C LEU F 239 -9.82 -17.47 -29.00
N GLN F 240 -9.89 -18.10 -27.84
CA GLN F 240 -8.72 -18.81 -27.37
C GLN F 240 -8.73 -20.24 -27.91
N ALA F 241 -7.65 -20.93 -27.69
CA ALA F 241 -7.56 -22.30 -28.16
C ALA F 241 -6.88 -23.23 -27.17
N ASN F 242 -6.21 -22.69 -26.15
CA ASN F 242 -5.63 -23.57 -25.16
C ASN F 242 -6.54 -23.79 -23.97
N LYS F 243 -7.39 -22.78 -23.67
CA LYS F 243 -8.24 -22.72 -22.46
C LYS F 243 -7.39 -22.77 -21.19
N SER F 244 -6.12 -22.39 -21.30
CA SER F 244 -5.19 -22.48 -20.19
C SER F 244 -4.65 -21.10 -19.85
N ASP F 245 -5.01 -20.09 -20.64
CA ASP F 245 -4.82 -18.71 -20.24
C ASP F 245 -5.84 -18.30 -19.21
N VAL F 246 -6.96 -19.01 -19.11
CA VAL F 246 -8.16 -18.62 -18.38
C VAL F 246 -8.40 -19.65 -17.28
N PRO F 247 -8.87 -19.25 -16.10
CA PRO F 247 -9.31 -20.22 -15.10
C PRO F 247 -10.50 -21.04 -15.58
N ILE F 248 -10.61 -22.24 -15.00
CA ILE F 248 -11.46 -23.32 -15.51
C ILE F 248 -12.93 -22.95 -15.55
N ASP F 249 -13.42 -22.23 -14.54
CA ASP F 249 -14.80 -21.78 -14.46
C ASP F 249 -15.18 -20.81 -15.57
N ILE F 250 -14.20 -20.12 -16.15
CA ILE F 250 -14.46 -19.12 -17.16
C ILE F 250 -13.68 -19.41 -18.43
N CYS F 251 -12.90 -20.49 -18.43
CA CYS F 251 -12.23 -20.90 -19.66
C CYS F 251 -13.18 -21.49 -20.69
N ASN F 252 -14.39 -21.86 -20.29
CA ASN F 252 -15.37 -22.45 -21.20
C ASN F 252 -16.59 -21.54 -21.29
N SER F 253 -16.34 -20.24 -21.43
CA SER F 253 -17.44 -19.29 -21.36
C SER F 253 -17.38 -18.25 -22.48
N THR F 254 -18.44 -17.44 -22.59
CA THR F 254 -18.53 -16.33 -23.53
C THR F 254 -18.95 -15.13 -22.67
N CYS F 255 -17.98 -14.40 -22.13
CA CYS F 255 -18.31 -13.34 -21.18
C CYS F 255 -18.77 -12.11 -21.94
N LYS F 256 -19.69 -11.35 -21.34
CA LYS F 256 -20.28 -10.20 -21.98
C LYS F 256 -20.00 -8.93 -21.18
N TYR F 257 -20.36 -7.80 -21.76
CA TYR F 257 -20.41 -6.50 -21.11
C TYR F 257 -21.73 -5.87 -21.54
N PRO F 258 -22.46 -5.22 -20.63
CA PRO F 258 -23.79 -4.71 -20.98
C PRO F 258 -23.71 -3.50 -21.90
N ASP F 259 -24.64 -3.43 -22.85
CA ASP F 259 -24.67 -2.29 -23.76
C ASP F 259 -25.67 -1.26 -23.29
N TYR F 260 -25.36 -0.58 -22.19
CA TYR F 260 -26.03 0.64 -21.77
C TYR F 260 -26.00 1.73 -22.84
N LEU F 261 -25.00 1.72 -23.72
CA LEU F 261 -24.88 2.75 -24.75
C LEU F 261 -26.02 2.68 -25.75
N LYS F 262 -26.26 1.51 -26.34
CA LYS F 262 -27.37 1.43 -27.27
C LYS F 262 -28.71 1.47 -26.54
N MET F 263 -28.70 1.08 -25.26
CA MET F 263 -29.89 1.25 -24.45
C MET F 263 -30.11 2.70 -24.09
N ALA F 264 -29.06 3.51 -24.12
CA ALA F 264 -29.23 4.95 -24.01
C ALA F 264 -29.80 5.53 -25.30
N SER F 265 -29.31 5.08 -26.45
CA SER F 265 -29.82 5.55 -27.74
C SER F 265 -31.06 4.78 -28.18
N GLU F 266 -31.55 3.87 -27.33
CA GLU F 266 -32.91 3.37 -27.47
C GLU F 266 -33.88 4.54 -27.36
N PRO F 267 -34.93 4.57 -28.19
CA PRO F 267 -35.85 5.72 -28.17
C PRO F 267 -36.59 5.93 -26.85
N TYR F 268 -37.31 4.92 -26.36
CA TYR F 268 -38.14 5.13 -25.19
C TYR F 268 -37.35 4.97 -23.89
N GLY F 269 -36.42 4.04 -23.84
CA GLY F 269 -35.79 3.69 -22.58
C GLY F 269 -36.69 2.79 -21.77
N ASP F 270 -36.98 1.61 -22.28
CA ASP F 270 -37.89 0.65 -21.66
C ASP F 270 -37.11 -0.55 -21.14
N SER F 271 -35.87 -0.72 -21.61
CA SER F 271 -34.96 -1.68 -21.01
C SER F 271 -34.14 -1.03 -19.90
N LEU F 272 -34.32 0.27 -19.66
CA LEU F 272 -33.57 0.99 -18.64
C LEU F 272 -34.54 1.92 -17.92
N PHE F 273 -34.61 1.77 -16.61
CA PHE F 273 -35.15 2.83 -15.77
C PHE F 273 -34.04 3.52 -15.01
N PHE F 274 -33.24 2.74 -14.29
CA PHE F 274 -32.13 3.23 -13.48
C PHE F 274 -31.01 2.20 -13.50
N PHE F 275 -29.80 2.62 -13.11
CA PHE F 275 -28.65 1.74 -13.11
C PHE F 275 -27.61 2.30 -12.17
N LEU F 276 -26.75 1.42 -11.64
CA LEU F 276 -25.66 1.82 -10.77
C LEU F 276 -24.39 1.09 -11.19
N ARG F 277 -23.25 1.61 -10.71
CA ARG F 277 -21.94 1.08 -11.01
C ARG F 277 -20.92 1.70 -10.07
N ARG F 278 -19.98 0.89 -9.59
CA ARG F 278 -18.79 1.36 -8.88
C ARG F 278 -17.72 0.30 -8.97
N GLU F 279 -16.54 0.68 -9.50
CA GLU F 279 -15.53 -0.28 -9.91
C GLU F 279 -14.15 0.34 -9.72
N GLN F 280 -13.18 -0.50 -9.40
CA GLN F 280 -11.78 -0.05 -9.30
C GLN F 280 -10.87 -1.24 -9.48
N MET F 281 -9.61 -0.96 -9.79
CA MET F 281 -8.68 -1.97 -10.26
C MET F 281 -7.26 -1.40 -10.20
N PHE F 282 -6.29 -2.33 -10.21
CA PHE F 282 -4.86 -2.09 -10.42
C PHE F 282 -4.17 -3.43 -10.56
N VAL F 283 -2.94 -3.42 -11.08
CA VAL F 283 -2.26 -4.66 -11.40
C VAL F 283 -1.68 -5.29 -10.14
N ARG F 284 -1.43 -6.59 -10.20
CA ARG F 284 -0.64 -7.23 -9.17
C ARG F 284 0.76 -7.55 -9.66
N HIS F 285 0.90 -8.29 -10.76
CA HIS F 285 2.20 -8.68 -11.29
C HIS F 285 2.13 -8.74 -12.81
N PHE F 286 3.27 -9.07 -13.43
CA PHE F 286 3.45 -9.15 -14.87
C PHE F 286 4.02 -10.52 -15.21
N PHE F 287 3.37 -11.24 -16.11
CA PHE F 287 3.90 -12.53 -16.56
C PHE F 287 3.82 -12.58 -18.08
N ASN F 288 4.18 -13.72 -18.65
CA ASN F 288 4.22 -13.82 -20.10
C ASN F 288 3.61 -15.14 -20.52
N ARG F 289 3.06 -15.14 -21.74
CA ARG F 289 2.54 -16.35 -22.36
C ARG F 289 3.70 -17.26 -22.79
N ALA F 290 3.35 -18.47 -23.22
CA ALA F 290 4.35 -19.43 -23.70
C ALA F 290 3.81 -20.11 -24.95
N GLY F 291 4.16 -19.56 -26.11
CA GLY F 291 3.79 -20.14 -27.39
C GLY F 291 4.59 -19.46 -28.48
N LYS F 292 4.38 -19.93 -29.71
CA LYS F 292 4.98 -19.27 -30.86
C LYS F 292 4.28 -17.93 -31.08
N LEU F 293 5.03 -16.84 -30.96
CA LEU F 293 4.49 -15.54 -31.36
C LEU F 293 4.33 -15.53 -32.87
N GLY F 294 3.09 -15.39 -33.32
CA GLY F 294 2.79 -15.45 -34.74
C GLY F 294 3.30 -14.24 -35.49
N GLU F 295 3.42 -13.13 -34.79
CA GLU F 295 3.90 -11.89 -35.40
C GLU F 295 5.37 -11.70 -35.04
N ALA F 296 6.17 -11.32 -36.04
CA ALA F 296 7.54 -10.95 -35.79
C ALA F 296 7.65 -9.46 -35.51
N VAL F 297 8.80 -9.07 -34.99
CA VAL F 297 9.04 -7.66 -34.66
C VAL F 297 10.04 -7.10 -35.67
N PRO F 298 9.80 -5.89 -36.18
CA PRO F 298 10.78 -5.28 -37.10
C PRO F 298 12.12 -5.01 -36.42
N ASP F 299 13.18 -5.03 -37.22
CA ASP F 299 14.52 -5.21 -36.69
C ASP F 299 15.23 -3.89 -36.40
N ASP F 300 15.07 -2.87 -37.25
CA ASP F 300 15.82 -1.64 -37.10
C ASP F 300 15.31 -0.77 -35.95
N LEU F 301 14.19 -1.14 -35.37
CA LEU F 301 13.64 -0.52 -34.17
C LEU F 301 14.54 -0.72 -32.96
N TYR F 302 15.40 -1.73 -32.97
CA TYR F 302 16.28 -2.05 -31.86
C TYR F 302 17.57 -2.58 -32.45
N ILE F 303 18.47 -3.05 -31.59
CA ILE F 303 19.67 -3.74 -32.04
C ILE F 303 19.69 -5.13 -31.44
N LYS F 304 19.94 -6.14 -32.27
CA LYS F 304 19.97 -7.51 -31.79
C LYS F 304 21.34 -7.81 -31.17
N GLY F 305 21.33 -8.73 -30.21
CA GLY F 305 22.56 -9.20 -29.60
C GLY F 305 23.01 -10.52 -30.18
N SER F 306 24.11 -11.07 -29.67
CA SER F 306 24.71 -12.26 -30.27
C SER F 306 25.03 -13.27 -29.18
N GLY F 307 25.45 -14.46 -29.61
CA GLY F 307 25.87 -15.53 -28.74
C GLY F 307 24.77 -16.08 -27.86
N ASN F 308 24.90 -15.86 -26.55
CA ASN F 308 23.81 -16.21 -25.63
C ASN F 308 22.63 -15.27 -25.82
N THR F 309 22.89 -14.05 -26.28
CA THR F 309 21.86 -13.04 -26.52
C THR F 309 21.44 -13.00 -27.98
N ALA F 310 21.84 -14.01 -28.76
CA ALA F 310 21.48 -14.10 -30.16
C ALA F 310 20.01 -14.39 -30.37
N VAL F 311 19.43 -15.21 -29.50
CA VAL F 311 18.01 -15.55 -29.56
C VAL F 311 17.22 -14.35 -29.05
N ILE F 312 16.21 -13.96 -29.81
CA ILE F 312 15.28 -12.91 -29.41
C ILE F 312 14.16 -13.60 -28.65
N GLN F 313 13.96 -13.20 -27.39
CA GLN F 313 12.88 -13.78 -26.61
C GLN F 313 11.56 -13.14 -27.04
N SER F 314 10.46 -13.82 -26.75
CA SER F 314 9.13 -13.35 -27.12
C SER F 314 8.72 -12.17 -26.24
N SER F 315 7.66 -11.50 -26.65
CA SER F 315 7.16 -10.33 -25.93
C SER F 315 5.68 -10.48 -25.63
N ALA F 316 5.25 -11.72 -25.38
CA ALA F 316 3.85 -12.06 -25.16
C ALA F 316 3.52 -11.89 -23.68
N PHE F 317 3.76 -10.70 -23.16
CA PHE F 317 3.53 -10.36 -21.76
C PHE F 317 2.04 -10.32 -21.47
N PHE F 318 1.70 -10.56 -20.20
CA PHE F 318 0.32 -10.33 -19.78
C PHE F 318 0.33 -9.97 -18.30
N PRO F 319 -0.50 -9.02 -17.91
CA PRO F 319 -0.56 -8.64 -16.48
C PRO F 319 -1.47 -9.57 -15.69
N THR F 320 -1.64 -9.29 -14.41
CA THR F 320 -2.58 -10.06 -13.59
C THR F 320 -3.21 -9.10 -12.57
N PRO F 321 -4.51 -9.21 -12.33
CA PRO F 321 -5.24 -8.10 -11.71
C PRO F 321 -5.16 -8.10 -10.19
N SER F 322 -5.77 -7.05 -9.63
CA SER F 322 -5.98 -6.89 -8.20
C SER F 322 -7.05 -5.83 -7.97
N GLY F 323 -8.09 -6.21 -7.23
CA GLY F 323 -9.04 -5.22 -6.76
C GLY F 323 -8.49 -4.54 -5.52
N SER F 324 -9.06 -3.38 -5.18
CA SER F 324 -8.52 -2.65 -4.05
C SER F 324 -9.15 -3.14 -2.76
N ILE F 325 -8.82 -2.48 -1.65
CA ILE F 325 -9.55 -2.69 -0.42
C ILE F 325 -10.95 -2.14 -0.59
N VAL F 326 -11.92 -2.84 -0.02
CA VAL F 326 -13.31 -2.41 -0.01
C VAL F 326 -13.64 -2.06 1.44
N THR F 327 -14.56 -1.13 1.61
CA THR F 327 -15.05 -0.77 2.94
C THR F 327 -16.57 -0.83 2.97
N SER F 328 -17.13 -0.71 4.18
CA SER F 328 -18.57 -0.64 4.34
C SER F 328 -19.11 0.73 3.97
N GLU F 329 -18.26 1.76 3.89
CA GLU F 329 -18.67 3.02 3.30
C GLU F 329 -18.82 2.94 1.79
N SER F 330 -18.22 1.94 1.16
CA SER F 330 -18.37 1.74 -0.27
C SER F 330 -19.56 0.87 -0.62
N GLN F 331 -20.48 0.69 0.33
CA GLN F 331 -21.64 -0.16 0.09
C GLN F 331 -22.65 0.55 -0.81
N LEU F 332 -23.06 -0.16 -1.85
CA LEU F 332 -24.13 0.30 -2.72
C LEU F 332 -25.51 -0.16 -2.29
N PHE F 333 -25.64 -1.38 -1.78
CA PHE F 333 -26.94 -2.02 -1.63
C PHE F 333 -27.64 -1.52 -0.37
N ASN F 334 -28.83 -2.08 -0.11
CA ASN F 334 -29.55 -1.99 1.15
C ASN F 334 -29.95 -0.56 1.50
N LYS F 335 -30.19 0.25 0.49
CA LYS F 335 -30.61 1.63 0.67
C LYS F 335 -31.73 1.94 -0.32
N PRO F 336 -32.54 2.97 -0.05
CA PRO F 336 -33.56 3.35 -1.02
C PRO F 336 -33.05 4.36 -2.05
N TYR F 337 -33.45 4.13 -3.29
CA TYR F 337 -33.07 4.99 -4.41
C TYR F 337 -34.35 5.43 -5.09
N TRP F 338 -34.82 6.62 -4.76
CA TRP F 338 -36.19 7.02 -5.06
C TRP F 338 -36.34 7.39 -6.53
N LEU F 339 -37.43 6.91 -7.13
CA LEU F 339 -37.82 7.42 -8.44
C LEU F 339 -38.39 8.82 -8.30
N GLN F 340 -37.68 9.78 -8.86
CA GLN F 340 -38.17 11.14 -9.01
C GLN F 340 -37.98 11.65 -10.42
N ARG F 341 -37.04 11.07 -11.16
CA ARG F 341 -36.70 11.52 -12.52
C ARG F 341 -36.01 10.33 -13.19
N ALA F 342 -36.67 9.73 -14.18
CA ALA F 342 -36.05 8.66 -14.93
C ALA F 342 -35.29 9.23 -16.12
N GLN F 343 -34.54 8.35 -16.79
CA GLN F 343 -33.70 8.79 -17.89
C GLN F 343 -34.45 8.87 -19.22
N GLY F 344 -35.49 8.07 -19.41
CA GLY F 344 -36.14 7.96 -20.69
C GLY F 344 -37.60 8.37 -20.66
N HIS F 345 -38.34 7.82 -21.63
CA HIS F 345 -39.75 8.16 -21.81
C HIS F 345 -40.68 7.35 -20.92
N ASN F 346 -40.31 6.13 -20.57
CA ASN F 346 -41.10 5.28 -19.68
C ASN F 346 -40.73 5.63 -18.24
N ASN F 347 -41.63 6.32 -17.56
CA ASN F 347 -41.33 6.76 -16.19
C ASN F 347 -41.78 5.72 -15.17
N GLY F 348 -40.99 4.66 -15.01
CA GLY F 348 -41.27 3.63 -14.03
C GLY F 348 -42.31 2.63 -14.46
N ILE F 349 -42.83 2.75 -15.69
CA ILE F 349 -43.97 1.95 -16.10
C ILE F 349 -43.50 0.56 -16.48
N CYS F 350 -43.81 -0.43 -15.66
CA CYS F 350 -43.53 -1.81 -15.99
C CYS F 350 -44.63 -2.25 -16.97
N TRP F 351 -44.23 -2.47 -18.21
CA TRP F 351 -45.16 -3.03 -19.17
C TRP F 351 -45.20 -4.53 -19.02
N GLY F 352 -46.38 -5.11 -19.28
CA GLY F 352 -46.57 -6.54 -19.15
C GLY F 352 -46.61 -7.04 -17.73
N ASN F 353 -46.65 -6.15 -16.74
CA ASN F 353 -46.59 -6.46 -15.31
C ASN F 353 -45.37 -7.32 -14.98
N GLN F 354 -44.23 -6.87 -15.49
CA GLN F 354 -42.99 -7.62 -15.36
C GLN F 354 -41.84 -6.63 -15.34
N LEU F 355 -40.73 -7.07 -14.75
CA LEU F 355 -39.53 -6.29 -14.62
C LEU F 355 -38.32 -7.21 -14.72
N PHE F 356 -37.19 -6.62 -15.06
CA PHE F 356 -35.97 -7.36 -15.38
C PHE F 356 -34.84 -6.77 -14.58
N VAL F 357 -34.57 -7.35 -13.42
CA VAL F 357 -33.63 -6.78 -12.46
C VAL F 357 -32.33 -7.55 -12.55
N THR F 358 -31.22 -6.86 -12.33
CA THR F 358 -29.90 -7.48 -12.35
C THR F 358 -29.00 -6.80 -11.33
N VAL F 359 -27.92 -7.48 -10.98
CA VAL F 359 -26.98 -7.06 -9.96
C VAL F 359 -25.72 -7.91 -10.11
N VAL F 360 -24.54 -7.31 -9.88
CA VAL F 360 -23.30 -8.06 -9.77
C VAL F 360 -22.53 -7.52 -8.57
N ASP F 361 -22.23 -8.41 -7.63
CA ASP F 361 -21.46 -8.07 -6.44
C ASP F 361 -20.23 -8.96 -6.36
N THR F 362 -19.14 -8.40 -5.81
CA THR F 362 -17.90 -9.16 -5.61
C THR F 362 -17.44 -9.26 -4.16
N THR F 363 -18.01 -8.49 -3.23
CA THR F 363 -17.48 -8.53 -1.87
C THR F 363 -18.03 -9.69 -1.05
N ARG F 364 -19.03 -10.39 -1.55
CA ARG F 364 -19.55 -11.56 -0.87
C ARG F 364 -19.27 -12.79 -1.72
N SER F 365 -18.09 -12.83 -2.34
CA SER F 365 -17.81 -13.86 -3.33
C SER F 365 -16.83 -14.90 -2.82
N THR F 366 -16.73 -15.05 -1.50
CA THR F 366 -15.92 -16.14 -0.97
C THR F 366 -16.71 -17.44 -1.04
N ASN F 367 -16.00 -18.54 -0.80
CA ASN F 367 -16.58 -19.89 -0.89
C ASN F 367 -16.20 -20.65 0.37
N MET F 368 -17.20 -21.15 1.08
CA MET F 368 -16.93 -21.98 2.24
C MET F 368 -16.74 -23.43 1.81
N THR F 369 -15.80 -24.11 2.46
CA THR F 369 -15.44 -25.46 2.09
C THR F 369 -15.57 -26.38 3.29
N LEU F 370 -15.55 -27.69 3.01
CA LEU F 370 -15.59 -28.74 4.01
C LEU F 370 -14.25 -29.44 4.05
N CYS F 371 -13.98 -30.13 5.15
CA CYS F 371 -12.83 -31.02 5.23
C CYS F 371 -13.18 -32.17 6.16
N THR F 372 -13.68 -33.27 5.59
CA THR F 372 -14.04 -34.45 6.37
C THR F 372 -13.14 -35.61 5.97
N GLU F 373 -13.09 -36.61 6.84
CA GLU F 373 -12.20 -37.75 6.68
C GLU F 373 -12.96 -38.88 6.00
N VAL F 374 -12.29 -40.04 5.91
CA VAL F 374 -12.95 -41.31 5.63
C VAL F 374 -12.77 -42.29 6.78
N THR F 375 -11.61 -42.27 7.45
CA THR F 375 -11.28 -43.21 8.51
C THR F 375 -10.93 -42.46 9.79
N LYS F 376 -11.31 -43.02 10.93
CA LYS F 376 -10.90 -42.51 12.22
C LYS F 376 -9.48 -42.97 12.52
N GLU F 377 -8.61 -42.04 12.92
CA GLU F 377 -7.19 -42.31 13.07
C GLU F 377 -6.71 -41.93 14.47
N GLY F 378 -5.40 -42.08 14.67
CA GLY F 378 -4.77 -41.65 15.90
C GLY F 378 -3.65 -40.65 15.66
N THR F 379 -3.07 -40.68 14.48
CA THR F 379 -2.01 -39.74 14.09
C THR F 379 -2.38 -39.11 12.75
N TYR F 380 -1.53 -38.20 12.30
CA TYR F 380 -1.84 -37.39 11.14
C TYR F 380 -1.34 -38.04 9.85
N LYS F 381 -2.28 -38.49 9.03
CA LYS F 381 -1.99 -39.00 7.71
C LYS F 381 -2.64 -38.05 6.71
N ASN F 382 -2.06 -37.95 5.52
CA ASN F 382 -2.59 -37.03 4.52
C ASN F 382 -3.66 -37.64 3.61
N ASP F 383 -3.74 -38.96 3.50
CA ASP F 383 -4.68 -39.62 2.62
C ASP F 383 -6.09 -39.69 3.19
N ASN F 384 -6.27 -39.32 4.46
CA ASN F 384 -7.53 -39.59 5.13
C ASN F 384 -8.64 -38.61 4.79
N PHE F 385 -8.34 -37.35 4.51
CA PHE F 385 -9.37 -36.33 4.53
C PHE F 385 -9.77 -35.89 3.13
N LYS F 386 -11.03 -35.48 3.00
CA LYS F 386 -11.66 -35.15 1.73
C LYS F 386 -12.42 -33.84 1.87
N GLU F 387 -12.37 -33.00 0.84
CA GLU F 387 -12.97 -31.68 0.87
C GLU F 387 -14.18 -31.60 -0.05
N TYR F 388 -15.10 -30.69 0.27
CA TYR F 388 -16.17 -30.25 -0.60
C TYR F 388 -16.38 -28.76 -0.38
N VAL F 389 -16.48 -28.00 -1.47
CA VAL F 389 -16.59 -26.55 -1.39
C VAL F 389 -17.95 -26.12 -1.94
N ARG F 390 -18.53 -25.10 -1.32
CA ARG F 390 -19.82 -24.58 -1.70
C ARG F 390 -19.77 -23.07 -1.77
N HIS F 391 -20.90 -22.47 -2.15
CA HIS F 391 -21.03 -21.03 -2.23
C HIS F 391 -22.50 -20.65 -2.04
N VAL F 392 -22.73 -19.62 -1.24
CA VAL F 392 -24.05 -19.31 -0.68
C VAL F 392 -24.59 -18.03 -1.31
N GLU F 393 -25.91 -17.92 -1.45
CA GLU F 393 -26.52 -16.73 -2.01
C GLU F 393 -27.94 -16.55 -1.44
N GLU F 394 -28.31 -15.30 -1.18
CA GLU F 394 -29.61 -14.94 -0.65
C GLU F 394 -30.01 -13.59 -1.19
N TYR F 395 -31.18 -13.51 -1.83
CA TYR F 395 -31.66 -12.25 -2.37
C TYR F 395 -33.03 -11.88 -1.80
N ASP F 396 -33.18 -10.62 -1.42
CA ASP F 396 -34.44 -10.15 -0.87
C ASP F 396 -34.82 -8.83 -1.52
N LEU F 397 -36.05 -8.72 -2.01
CA LEU F 397 -36.41 -7.61 -2.88
C LEU F 397 -37.77 -7.06 -2.47
N GLN F 398 -37.80 -5.78 -2.15
CA GLN F 398 -38.94 -5.17 -1.49
C GLN F 398 -39.25 -3.84 -2.17
N PHE F 399 -40.52 -3.64 -2.51
CA PHE F 399 -40.86 -2.56 -3.43
C PHE F 399 -42.12 -1.82 -2.99
N VAL F 400 -42.26 -0.61 -3.54
CA VAL F 400 -43.37 0.30 -3.29
C VAL F 400 -43.87 0.76 -4.65
N PHE F 401 -45.19 0.87 -4.81
CA PHE F 401 -45.79 1.11 -6.11
C PHE F 401 -46.81 2.24 -6.07
N GLN F 402 -47.41 2.49 -7.23
CA GLN F 402 -48.59 3.33 -7.36
C GLN F 402 -49.31 2.93 -8.63
N LEU F 403 -50.55 2.49 -8.50
CA LEU F 403 -51.38 2.22 -9.67
C LEU F 403 -51.83 3.54 -10.26
N CYS F 404 -52.01 3.57 -11.58
CA CYS F 404 -52.47 4.76 -12.26
C CYS F 404 -53.52 4.39 -13.30
N LYS F 405 -54.65 5.08 -13.24
CA LYS F 405 -55.72 4.89 -14.20
C LYS F 405 -55.35 5.58 -15.51
N ILE F 406 -55.43 4.83 -16.60
CA ILE F 406 -55.14 5.35 -17.93
C ILE F 406 -56.44 5.30 -18.73
N THR F 407 -57.05 6.46 -18.97
CA THR F 407 -58.21 6.53 -19.83
C THR F 407 -57.78 6.29 -21.27
N LEU F 408 -58.62 5.59 -22.04
CA LEU F 408 -58.29 5.21 -23.41
C LEU F 408 -59.20 6.00 -24.34
N THR F 409 -58.60 6.88 -25.12
CA THR F 409 -59.32 7.56 -26.18
C THR F 409 -59.11 6.79 -27.47
N ALA F 410 -59.59 7.33 -28.59
CA ALA F 410 -59.35 6.71 -29.89
C ALA F 410 -57.97 6.99 -30.43
N GLU F 411 -57.16 7.78 -29.72
CA GLU F 411 -55.88 8.20 -30.26
C GLU F 411 -54.72 7.48 -29.58
N ILE F 412 -54.78 7.35 -28.24
CA ILE F 412 -53.69 6.71 -27.53
C ILE F 412 -53.66 5.20 -27.79
N MET F 413 -54.82 4.61 -28.10
CA MET F 413 -54.89 3.20 -28.48
C MET F 413 -54.11 2.91 -29.75
N THR F 414 -54.09 3.85 -30.69
CA THR F 414 -53.28 3.66 -31.88
C THR F 414 -51.82 3.92 -31.60
N TYR F 415 -51.52 4.78 -30.62
CA TYR F 415 -50.13 5.07 -30.29
C TYR F 415 -49.45 3.86 -29.67
N ILE F 416 -50.16 3.14 -28.79
CA ILE F 416 -49.60 1.93 -28.22
C ILE F 416 -49.61 0.81 -29.25
N HIS F 417 -50.56 0.87 -30.19
CA HIS F 417 -50.58 -0.04 -31.33
C HIS F 417 -49.32 0.11 -32.18
N THR F 418 -48.79 1.33 -32.27
CA THR F 418 -47.49 1.52 -32.91
C THR F 418 -46.34 0.93 -32.11
N MET F 419 -46.31 1.10 -30.78
CA MET F 419 -45.23 0.53 -29.98
C MET F 419 -45.26 -0.99 -30.02
N ASP F 420 -46.34 -1.59 -29.50
CA ASP F 420 -46.47 -3.04 -29.49
C ASP F 420 -47.94 -3.39 -29.32
N SER F 421 -48.40 -4.32 -30.16
CA SER F 421 -49.80 -4.66 -30.17
C SER F 421 -50.20 -5.61 -29.04
N ASN F 422 -49.22 -6.14 -28.30
CA ASN F 422 -49.49 -7.13 -27.27
C ASN F 422 -50.31 -6.59 -26.12
N ILE F 423 -49.90 -5.46 -25.54
CA ILE F 423 -50.57 -4.92 -24.36
C ILE F 423 -51.98 -4.47 -24.71
N LEU F 424 -52.16 -4.01 -25.95
CA LEU F 424 -53.47 -3.77 -26.55
C LEU F 424 -54.36 -4.99 -26.51
N GLU F 425 -53.88 -6.15 -26.96
CA GLU F 425 -54.68 -7.36 -26.81
C GLU F 425 -54.50 -8.01 -25.45
N ASP F 426 -53.56 -7.54 -24.63
CA ASP F 426 -53.64 -7.86 -23.20
C ASP F 426 -54.75 -7.07 -22.54
N TRP F 427 -55.16 -5.97 -23.16
CA TRP F 427 -56.39 -5.33 -22.78
C TRP F 427 -57.55 -5.76 -23.67
N GLN F 428 -57.26 -6.64 -24.64
CA GLN F 428 -58.25 -7.33 -25.46
C GLN F 428 -59.06 -6.35 -26.31
N PHE F 429 -58.46 -5.20 -26.61
CA PHE F 429 -59.20 -4.12 -27.22
C PHE F 429 -59.32 -4.26 -28.73
N GLY F 430 -58.36 -4.91 -29.39
CA GLY F 430 -58.47 -5.16 -30.81
C GLY F 430 -59.01 -6.55 -31.08
N LEU F 431 -60.32 -6.67 -31.27
CA LEU F 431 -60.95 -7.96 -31.49
C LEU F 431 -61.60 -7.97 -32.88
N THR F 432 -61.78 -9.18 -33.40
CA THR F 432 -62.50 -9.44 -34.63
C THR F 432 -63.53 -10.51 -34.35
N PRO F 433 -64.75 -10.36 -34.87
CA PRO F 433 -65.80 -11.36 -34.63
C PRO F 433 -65.52 -12.64 -35.39
N PRO F 434 -65.32 -13.76 -34.70
CA PRO F 434 -64.82 -14.97 -35.36
C PRO F 434 -65.95 -15.74 -36.03
N PRO F 435 -65.84 -15.97 -37.33
CA PRO F 435 -66.81 -16.85 -38.00
C PRO F 435 -66.42 -18.31 -37.91
N SER F 436 -67.18 -19.19 -38.56
CA SER F 436 -66.84 -20.60 -38.62
C SER F 436 -67.54 -21.45 -37.58
N ALA F 437 -68.78 -21.11 -37.26
CA ALA F 437 -69.55 -21.85 -36.28
C ALA F 437 -70.04 -23.19 -36.76
N SER F 438 -70.25 -23.32 -38.06
CA SER F 438 -70.91 -24.49 -38.65
C SER F 438 -69.99 -25.71 -38.60
N LEU F 439 -70.12 -26.48 -37.54
CA LEU F 439 -69.41 -27.74 -37.40
C LEU F 439 -70.39 -28.85 -37.07
N GLN F 440 -70.32 -29.96 -37.80
CA GLN F 440 -71.14 -31.13 -37.50
C GLN F 440 -70.33 -32.41 -37.36
N ASP F 441 -69.25 -32.40 -36.59
CA ASP F 441 -68.59 -33.63 -36.16
C ASP F 441 -69.46 -34.21 -35.06
N THR F 442 -70.50 -34.95 -35.46
CA THR F 442 -71.60 -35.25 -34.55
C THR F 442 -71.82 -36.75 -34.56
N TYR F 443 -71.10 -37.45 -33.69
CA TYR F 443 -71.22 -38.88 -33.44
C TYR F 443 -71.44 -39.08 -31.94
N ARG F 444 -71.72 -40.32 -31.56
CA ARG F 444 -71.79 -40.62 -30.13
C ARG F 444 -70.59 -41.46 -29.70
N PHE F 445 -69.89 -42.05 -30.66
CA PHE F 445 -68.88 -43.06 -30.38
C PHE F 445 -67.58 -42.73 -31.08
N VAL F 446 -66.47 -43.26 -30.54
CA VAL F 446 -65.15 -42.97 -31.04
C VAL F 446 -64.39 -44.22 -31.48
N THR F 447 -64.80 -45.40 -31.07
CA THR F 447 -64.11 -46.65 -31.38
C THR F 447 -64.90 -47.35 -32.47
N SER F 448 -64.57 -47.08 -33.72
CA SER F 448 -65.34 -47.58 -34.85
C SER F 448 -64.36 -48.15 -35.87
N GLN F 449 -64.87 -48.50 -37.07
CA GLN F 449 -64.12 -49.25 -38.07
C GLN F 449 -63.94 -48.47 -39.36
N ALA F 450 -64.25 -47.17 -39.35
CA ALA F 450 -64.15 -46.32 -40.53
C ALA F 450 -63.36 -45.07 -40.19
N ILE F 451 -62.16 -45.26 -39.64
CA ILE F 451 -61.42 -44.24 -38.90
C ILE F 451 -61.05 -43.07 -39.80
N THR F 452 -60.96 -41.88 -39.20
CA THR F 452 -60.48 -40.68 -39.86
C THR F 452 -59.17 -40.16 -39.31
N CYS F 453 -58.56 -40.91 -38.37
CA CYS F 453 -57.21 -40.65 -37.83
C CYS F 453 -57.12 -39.27 -37.16
N GLN F 454 -57.87 -39.15 -36.06
CA GLN F 454 -58.06 -37.86 -35.40
C GLN F 454 -56.78 -37.40 -34.69
N LYS F 455 -56.62 -36.08 -34.63
CA LYS F 455 -55.43 -35.42 -34.10
C LYS F 455 -55.85 -34.32 -33.14
N THR F 456 -55.12 -34.16 -32.04
CA THR F 456 -55.53 -33.29 -30.93
C THR F 456 -54.28 -32.73 -30.26
N ALA F 457 -54.44 -32.26 -29.01
CA ALA F 457 -53.48 -31.55 -28.14
C ALA F 457 -52.99 -30.25 -28.76
N PRO F 458 -53.80 -29.19 -28.76
CA PRO F 458 -53.33 -27.92 -29.32
C PRO F 458 -52.28 -27.28 -28.44
N PRO F 459 -51.12 -26.93 -29.00
CA PRO F 459 -50.07 -26.25 -28.22
C PRO F 459 -50.16 -24.73 -28.31
N LYS F 460 -51.35 -24.23 -28.65
CA LYS F 460 -51.72 -22.84 -28.95
C LYS F 460 -51.12 -21.72 -28.08
N GLU F 461 -50.95 -21.85 -26.72
CA GLU F 461 -50.38 -20.71 -25.98
C GLU F 461 -48.88 -20.49 -26.13
N LYS F 462 -48.24 -21.12 -27.11
CA LYS F 462 -46.83 -20.86 -27.38
C LYS F 462 -46.71 -19.47 -28.00
N GLU F 463 -46.48 -18.47 -27.14
CA GLU F 463 -46.24 -17.10 -27.58
C GLU F 463 -45.07 -16.44 -26.88
N ASP F 464 -44.55 -17.02 -25.80
CA ASP F 464 -43.49 -16.39 -25.02
C ASP F 464 -42.15 -16.47 -25.75
N PRO F 465 -41.37 -15.39 -25.80
CA PRO F 465 -40.02 -15.51 -26.35
C PRO F 465 -38.99 -15.94 -25.33
N LEU F 466 -39.35 -15.95 -24.04
CA LEU F 466 -38.40 -16.16 -22.95
C LEU F 466 -38.05 -17.62 -22.72
N ASN F 467 -38.62 -18.53 -23.50
CA ASN F 467 -38.42 -19.96 -23.32
C ASN F 467 -36.98 -20.41 -23.60
N LYS F 468 -36.26 -19.69 -24.44
CA LYS F 468 -34.86 -20.01 -24.73
C LYS F 468 -33.92 -19.52 -23.65
N TYR F 469 -34.40 -18.73 -22.70
CA TYR F 469 -33.55 -17.96 -21.82
C TYR F 469 -33.85 -18.29 -20.36
N THR F 470 -32.86 -18.90 -19.72
CA THR F 470 -33.00 -19.40 -18.36
C THR F 470 -32.80 -18.26 -17.39
N PHE F 471 -33.88 -17.82 -16.76
CA PHE F 471 -33.82 -16.83 -15.71
C PHE F 471 -33.96 -17.52 -14.36
N TRP F 472 -33.78 -16.76 -13.29
CA TRP F 472 -34.31 -17.11 -11.99
C TRP F 472 -35.40 -16.08 -11.69
N GLU F 473 -36.50 -16.55 -11.12
CA GLU F 473 -37.75 -15.79 -11.16
C GLU F 473 -38.28 -15.56 -9.77
N VAL F 474 -39.38 -14.81 -9.69
CA VAL F 474 -40.16 -14.67 -8.47
C VAL F 474 -41.61 -14.39 -8.84
N ASN F 475 -42.51 -15.20 -8.30
CA ASN F 475 -43.95 -14.90 -8.36
C ASN F 475 -44.33 -14.30 -7.02
N LEU F 476 -44.50 -12.98 -7.00
CA LEU F 476 -44.81 -12.26 -5.77
C LEU F 476 -46.26 -11.85 -5.70
N LYS F 477 -47.14 -12.58 -6.39
CA LYS F 477 -48.42 -12.03 -6.82
C LYS F 477 -49.42 -11.86 -5.68
N GLU F 478 -49.53 -12.83 -4.79
CA GLU F 478 -50.50 -12.75 -3.69
C GLU F 478 -49.84 -12.34 -2.39
N LYS F 479 -48.70 -11.66 -2.47
CA LYS F 479 -47.96 -11.24 -1.28
C LYS F 479 -48.23 -9.78 -0.95
N PHE F 480 -49.45 -9.29 -1.17
CA PHE F 480 -49.69 -7.86 -1.27
C PHE F 480 -50.65 -7.39 -0.19
N SER F 481 -50.46 -6.13 0.19
CA SER F 481 -51.40 -5.37 1.01
C SER F 481 -51.11 -3.90 0.78
N ALA F 482 -51.75 -3.06 1.58
CA ALA F 482 -51.59 -1.62 1.48
C ALA F 482 -51.14 -0.93 2.75
N ASP F 483 -50.90 -1.66 3.84
CA ASP F 483 -50.71 -1.06 5.15
C ASP F 483 -49.20 -0.85 5.35
N LEU F 484 -48.69 0.24 4.77
CA LEU F 484 -47.25 0.48 4.68
C LEU F 484 -46.61 0.75 6.03
N ASP F 485 -47.41 1.14 7.03
CA ASP F 485 -46.96 1.20 8.40
C ASP F 485 -46.57 -0.16 8.96
N GLN F 486 -47.08 -1.23 8.38
CA GLN F 486 -46.70 -2.58 8.77
C GLN F 486 -45.61 -3.14 7.89
N PHE F 487 -44.82 -2.27 7.26
CA PHE F 487 -43.73 -2.70 6.42
C PHE F 487 -42.52 -1.82 6.70
N PRO F 488 -41.31 -2.39 6.75
CA PRO F 488 -40.13 -1.62 7.16
C PRO F 488 -39.57 -0.71 6.07
N LEU F 489 -40.34 -0.49 5.01
CA LEU F 489 -39.94 0.42 3.94
C LEU F 489 -40.98 1.49 3.65
N GLY F 490 -42.27 1.16 3.75
CA GLY F 490 -43.30 2.18 3.57
C GLY F 490 -43.28 3.22 4.66
N ARG F 491 -42.96 2.80 5.89
CA ARG F 491 -42.67 3.74 6.97
C ARG F 491 -41.55 4.69 6.58
N LYS F 492 -40.48 4.15 5.99
CA LYS F 492 -39.40 4.99 5.49
C LYS F 492 -39.83 5.80 4.28
N PHE F 493 -40.74 5.26 3.48
CA PHE F 493 -41.22 5.99 2.32
C PHE F 493 -42.06 7.20 2.70
N LEU F 494 -42.96 7.04 3.67
CA LEU F 494 -43.91 8.12 3.96
C LEU F 494 -43.22 9.32 4.58
N LEU F 495 -42.24 9.09 5.45
CA LEU F 495 -41.44 10.20 5.97
C LEU F 495 -40.60 10.83 4.87
N GLN F 496 -40.18 10.02 3.90
CA GLN F 496 -39.49 10.57 2.73
C GLN F 496 -40.45 11.35 1.83
N SER F 497 -41.67 10.85 1.66
CA SER F 497 -42.63 11.43 0.72
C SER F 497 -43.28 12.70 1.23
N GLY F 498 -42.85 13.25 2.37
CA GLY F 498 -43.53 14.40 2.94
C GLY F 498 -44.83 14.05 3.62
N LEU F 499 -44.97 12.80 4.07
CA LEU F 499 -46.18 12.38 4.77
C LEU F 499 -45.82 11.86 6.16
N SER G 28 15.45 81.22 -24.37
CA SER G 28 16.84 81.17 -24.77
C SER G 28 16.99 80.44 -26.11
N VAL G 29 17.88 79.47 -26.16
CA VAL G 29 17.95 78.53 -27.27
C VAL G 29 17.03 77.37 -26.90
N TRP G 30 16.60 77.35 -25.63
CA TRP G 30 15.69 76.36 -25.05
C TRP G 30 16.23 74.94 -25.23
N ARG G 31 17.34 74.70 -24.51
CA ARG G 31 17.99 73.40 -24.43
C ARG G 31 17.00 72.34 -24.02
N PRO G 32 16.74 71.37 -24.91
CA PRO G 32 15.58 70.49 -24.75
C PRO G 32 15.80 69.43 -23.69
N SER G 33 14.79 68.58 -23.57
CA SER G 33 14.68 67.62 -22.48
C SER G 33 15.61 66.44 -22.73
N GLU G 34 15.88 65.69 -21.66
CA GLU G 34 16.62 64.44 -21.73
C GLU G 34 16.20 63.62 -20.52
N ALA G 35 15.55 62.49 -20.77
CA ALA G 35 15.07 61.60 -19.72
C ALA G 35 14.98 60.18 -20.25
N THR G 36 14.64 59.25 -19.34
CA THR G 36 14.42 57.85 -19.69
C THR G 36 13.00 57.42 -19.37
N VAL G 37 12.06 58.36 -19.27
CA VAL G 37 10.72 58.07 -18.79
C VAL G 37 9.92 57.32 -19.85
N TYR G 38 9.30 56.23 -19.42
CA TYR G 38 8.39 55.48 -20.27
C TYR G 38 6.95 55.83 -19.91
N LEU G 39 6.21 56.32 -20.89
CA LEU G 39 4.79 56.57 -20.80
C LEU G 39 4.14 55.34 -21.40
N PRO G 40 2.92 54.99 -20.97
CA PRO G 40 2.19 53.91 -21.66
C PRO G 40 1.70 54.36 -23.02
N PRO G 41 2.39 53.95 -24.08
CA PRO G 41 2.27 54.64 -25.37
C PRO G 41 1.25 54.04 -26.31
N VAL G 42 1.24 54.60 -27.53
CA VAL G 42 0.81 54.03 -28.82
C VAL G 42 -0.48 53.23 -28.79
N PRO G 43 -1.65 53.89 -28.82
CA PRO G 43 -2.93 53.18 -28.99
C PRO G 43 -2.98 52.30 -30.24
N VAL G 44 -3.25 51.01 -30.04
CA VAL G 44 -3.15 50.01 -31.09
C VAL G 44 -4.41 49.16 -31.02
N SER G 45 -4.59 48.29 -32.02
CA SER G 45 -5.69 47.32 -32.10
C SER G 45 -5.74 46.40 -30.88
N LYS G 46 -6.94 46.15 -30.38
CA LYS G 46 -7.12 45.31 -29.20
C LYS G 46 -7.87 44.04 -29.55
N VAL G 47 -7.39 42.93 -29.02
CA VAL G 47 -8.07 41.64 -29.13
C VAL G 47 -9.22 41.65 -28.13
N VAL G 48 -10.44 41.67 -28.63
CA VAL G 48 -11.62 41.77 -27.79
C VAL G 48 -12.33 40.42 -27.78
N SER G 49 -13.36 40.33 -26.94
CA SER G 49 -14.15 39.10 -26.83
C SER G 49 -15.05 38.91 -28.04
N THR G 50 -15.82 37.82 -28.02
CA THR G 50 -16.62 37.40 -29.16
C THR G 50 -18.10 37.29 -28.84
N ASP G 51 -18.68 38.25 -28.11
CA ASP G 51 -20.10 38.20 -27.77
C ASP G 51 -20.77 39.55 -27.96
N GLU G 52 -19.98 40.62 -28.05
CA GLU G 52 -20.47 42.00 -28.09
C GLU G 52 -21.20 42.31 -29.37
N TYR G 53 -20.56 42.06 -30.50
CA TYR G 53 -21.10 42.20 -31.83
C TYR G 53 -21.96 41.02 -32.25
N VAL G 54 -22.14 40.04 -31.36
CA VAL G 54 -22.86 38.82 -31.64
C VAL G 54 -24.22 38.89 -30.99
N SER G 55 -25.25 38.57 -31.75
CA SER G 55 -26.59 38.38 -31.21
C SER G 55 -26.86 36.91 -30.99
N ARG G 56 -26.91 36.51 -29.72
CA ARG G 56 -27.16 35.13 -29.38
C ARG G 56 -28.65 34.81 -29.48
N THR G 57 -28.94 33.65 -30.03
CA THR G 57 -30.30 33.24 -30.35
C THR G 57 -30.77 32.19 -29.36
N SER G 58 -31.97 31.67 -29.60
CA SER G 58 -32.54 30.64 -28.73
C SER G 58 -32.91 29.42 -29.56
N ILE G 59 -32.17 29.18 -30.63
CA ILE G 59 -32.43 28.05 -31.52
C ILE G 59 -31.20 27.14 -31.47
N TYR G 60 -31.45 25.85 -31.27
CA TYR G 60 -30.40 24.89 -31.00
C TYR G 60 -30.62 23.63 -31.84
N TYR G 61 -29.51 22.94 -32.14
CA TYR G 61 -29.54 21.78 -33.03
C TYR G 61 -28.65 20.69 -32.45
N TYR G 62 -29.10 19.45 -32.55
CA TYR G 62 -28.34 18.32 -32.02
C TYR G 62 -27.40 17.76 -33.08
N ALA G 63 -26.24 17.31 -32.63
CA ALA G 63 -25.41 16.40 -33.40
C ALA G 63 -24.93 15.29 -32.47
N GLY G 64 -24.81 14.10 -33.03
CA GLY G 64 -24.27 12.99 -32.27
C GLY G 64 -23.10 12.36 -32.99
N SER G 65 -22.94 11.06 -32.81
CA SER G 65 -21.93 10.31 -33.57
C SER G 65 -22.47 8.90 -33.75
N SER G 66 -21.96 8.21 -34.75
CA SER G 66 -22.18 6.77 -34.78
C SER G 66 -21.23 6.11 -33.79
N ARG G 67 -21.43 4.82 -33.57
CA ARG G 67 -20.64 4.11 -32.57
C ARG G 67 -19.25 3.84 -33.15
N LEU G 68 -18.40 4.87 -33.09
CA LEU G 68 -17.06 4.78 -33.63
C LEU G 68 -16.21 3.79 -32.83
N LEU G 69 -15.69 2.81 -33.54
CA LEU G 69 -14.84 1.81 -32.92
C LEU G 69 -13.58 1.68 -33.78
N ALA G 70 -12.50 1.27 -33.15
CA ALA G 70 -11.22 1.19 -33.83
C ALA G 70 -10.42 0.04 -33.23
N VAL G 71 -9.76 -0.73 -34.08
CA VAL G 71 -9.06 -1.93 -33.66
C VAL G 71 -7.80 -2.08 -34.52
N GLY G 72 -6.72 -2.53 -33.90
CA GLY G 72 -5.50 -2.83 -34.62
C GLY G 72 -4.50 -3.46 -33.69
N ASN G 73 -3.26 -3.48 -34.13
CA ASN G 73 -2.25 -4.05 -33.24
C ASN G 73 -1.89 -3.05 -32.16
N PRO G 74 -1.74 -3.50 -30.91
CA PRO G 74 -1.31 -2.59 -29.84
C PRO G 74 0.12 -2.11 -29.98
N TYR G 75 0.95 -2.79 -30.76
CA TYR G 75 2.39 -2.59 -30.72
C TYR G 75 2.94 -1.89 -31.94
N PHE G 76 2.77 -2.48 -33.13
CA PHE G 76 3.32 -1.88 -34.33
C PHE G 76 2.44 -2.23 -35.50
N SER G 77 2.52 -1.40 -36.54
CA SER G 77 1.86 -1.70 -37.78
C SER G 77 2.70 -2.70 -38.56
N ILE G 78 2.04 -3.64 -39.21
CA ILE G 78 2.72 -4.65 -40.01
C ILE G 78 2.40 -4.37 -41.47
N LYS G 79 3.41 -3.95 -42.21
CA LYS G 79 3.25 -3.71 -43.62
C LYS G 79 3.36 -5.02 -44.37
N SER G 80 2.97 -4.99 -45.60
CA SER G 80 2.90 -6.28 -46.27
C SER G 80 4.26 -6.68 -46.83
N PRO G 81 4.62 -7.94 -46.75
CA PRO G 81 5.58 -8.48 -47.71
C PRO G 81 4.85 -8.89 -48.99
N ASN G 82 5.21 -8.34 -50.14
CA ASN G 82 6.40 -7.50 -50.33
C ASN G 82 6.17 -6.01 -50.16
N ASN G 83 4.94 -5.56 -50.43
CA ASN G 83 4.67 -4.14 -50.55
C ASN G 83 4.66 -3.46 -49.19
N ASN G 84 5.76 -2.78 -48.88
CA ASN G 84 5.92 -2.05 -47.62
C ASN G 84 5.32 -0.66 -47.69
N LYS G 85 4.41 -0.40 -48.63
CA LYS G 85 3.56 0.77 -48.59
C LYS G 85 2.14 0.43 -48.19
N LYS G 86 1.83 -0.86 -48.01
CA LYS G 86 0.51 -1.31 -47.62
C LYS G 86 0.61 -2.07 -46.31
N VAL G 87 -0.11 -1.59 -45.30
CA VAL G 87 -0.14 -2.20 -43.98
C VAL G 87 -1.05 -3.43 -44.06
N LEU G 88 -0.91 -4.32 -43.08
CA LEU G 88 -1.81 -5.44 -42.91
C LEU G 88 -2.67 -5.27 -41.65
N VAL G 89 -2.04 -5.05 -40.50
CA VAL G 89 -2.77 -4.75 -39.27
C VAL G 89 -2.16 -3.49 -38.66
N PRO G 90 -2.95 -2.46 -38.39
CA PRO G 90 -2.38 -1.17 -38.00
C PRO G 90 -1.97 -1.12 -36.54
N LYS G 91 -1.04 -0.22 -36.26
CA LYS G 91 -0.66 0.06 -34.87
C LYS G 91 -1.73 0.93 -34.25
N VAL G 92 -2.31 0.46 -33.15
CA VAL G 92 -3.19 1.29 -32.34
C VAL G 92 -2.67 1.28 -30.91
N SER G 93 -3.28 2.09 -30.07
CA SER G 93 -3.11 2.02 -28.63
C SER G 93 -4.32 2.70 -27.99
N GLY G 94 -4.21 2.96 -26.70
CA GLY G 94 -5.04 3.94 -26.04
C GLY G 94 -4.26 5.18 -25.65
N LEU G 95 -3.03 5.34 -26.13
CA LEU G 95 -2.11 6.32 -25.60
C LEU G 95 -1.67 7.36 -26.63
N GLN G 96 -1.76 7.05 -27.92
CA GLN G 96 -1.49 8.07 -28.94
C GLN G 96 -2.57 9.14 -28.91
N TYR G 97 -2.26 10.28 -29.52
CA TYR G 97 -3.18 11.41 -29.55
C TYR G 97 -4.37 11.06 -30.43
N ARG G 98 -5.50 10.78 -29.78
CA ARG G 98 -6.74 10.51 -30.49
C ARG G 98 -7.41 11.82 -30.89
N VAL G 99 -7.09 12.32 -32.07
CA VAL G 99 -7.46 13.68 -32.47
C VAL G 99 -8.52 13.57 -33.56
N PHE G 100 -9.53 14.44 -33.50
CA PHE G 100 -10.71 14.29 -34.34
C PHE G 100 -11.01 15.60 -35.06
N ARG G 101 -10.94 15.58 -36.38
CA ARG G 101 -11.36 16.72 -37.19
C ARG G 101 -12.84 16.54 -37.48
N VAL G 102 -13.65 17.50 -37.09
CA VAL G 102 -15.06 17.36 -37.33
C VAL G 102 -15.44 18.21 -38.53
N ARG G 103 -16.63 17.96 -39.07
CA ARG G 103 -17.18 18.70 -40.18
C ARG G 103 -18.48 19.36 -39.76
N LEU G 104 -18.78 20.50 -40.37
CA LEU G 104 -20.01 21.20 -40.11
C LEU G 104 -20.66 21.57 -41.43
N PRO G 105 -21.99 21.58 -41.50
CA PRO G 105 -22.66 22.01 -42.73
C PRO G 105 -22.65 23.53 -42.87
N ASP G 106 -23.18 23.99 -43.99
CA ASP G 106 -23.29 25.42 -44.24
C ASP G 106 -24.55 25.96 -43.60
N PRO G 107 -24.43 26.83 -42.58
CA PRO G 107 -25.62 27.43 -41.96
C PRO G 107 -26.38 28.37 -42.88
N ASN G 108 -25.71 28.96 -43.87
CA ASN G 108 -26.33 29.91 -44.77
C ASN G 108 -27.17 29.26 -45.86
N LYS G 109 -27.26 27.92 -45.89
CA LYS G 109 -27.88 27.21 -47.00
C LYS G 109 -29.15 26.47 -46.63
N PHE G 110 -29.64 26.58 -45.39
CA PHE G 110 -30.87 25.87 -45.04
C PHE G 110 -32.12 26.72 -45.27
N GLY G 111 -32.12 27.94 -44.71
CA GLY G 111 -33.33 28.72 -44.63
C GLY G 111 -33.84 29.18 -45.99
N PHE G 112 -35.14 28.99 -46.21
CA PHE G 112 -35.83 29.59 -47.33
C PHE G 112 -35.80 31.12 -47.20
N PRO G 113 -35.91 31.86 -48.31
CA PRO G 113 -35.79 33.34 -48.24
C PRO G 113 -36.84 33.98 -47.35
N ASP G 114 -36.36 34.54 -46.24
CA ASP G 114 -37.19 35.09 -45.17
C ASP G 114 -36.72 36.51 -44.85
N THR G 115 -37.56 37.49 -45.16
CA THR G 115 -37.15 38.88 -45.08
C THR G 115 -37.02 39.37 -43.64
N SER G 116 -38.04 39.18 -42.83
CA SER G 116 -38.06 39.75 -41.48
C SER G 116 -37.13 39.01 -40.53
N PHE G 117 -36.78 37.76 -40.85
CA PHE G 117 -35.88 36.99 -40.00
C PHE G 117 -34.46 37.54 -40.08
N TYR G 118 -33.92 37.63 -41.29
CA TYR G 118 -32.62 38.27 -41.49
C TYR G 118 -32.50 38.70 -42.94
N ASN G 119 -31.38 39.36 -43.24
CA ASN G 119 -31.03 39.72 -44.61
C ASN G 119 -29.72 39.04 -44.96
N PRO G 120 -29.70 38.11 -45.91
CA PRO G 120 -28.45 37.45 -46.30
C PRO G 120 -27.46 38.39 -46.95
N ASP G 121 -27.93 39.50 -47.51
CA ASP G 121 -27.07 40.55 -48.02
C ASP G 121 -26.23 41.18 -46.92
N THR G 122 -26.79 41.35 -45.72
CA THR G 122 -26.09 42.00 -44.62
C THR G 122 -25.77 41.06 -43.48
N GLN G 123 -26.67 40.16 -43.13
CA GLN G 123 -26.46 39.37 -41.94
C GLN G 123 -25.88 38.00 -42.29
N ARG G 124 -25.13 37.45 -41.35
CA ARG G 124 -24.47 36.16 -41.56
C ARG G 124 -24.96 35.20 -40.49
N LEU G 125 -24.86 33.90 -40.78
CA LEU G 125 -25.22 32.86 -39.85
C LEU G 125 -23.96 32.10 -39.48
N VAL G 126 -23.65 32.04 -38.19
CA VAL G 126 -22.42 31.44 -37.69
C VAL G 126 -22.79 30.44 -36.60
N TRP G 127 -22.19 29.24 -36.68
CA TRP G 127 -22.39 28.23 -35.66
C TRP G 127 -21.81 28.62 -34.30
N ALA G 128 -22.29 27.97 -33.25
CA ALA G 128 -21.63 27.92 -31.96
C ALA G 128 -21.84 26.52 -31.41
N CYS G 129 -21.56 26.34 -30.12
CA CYS G 129 -21.76 25.06 -29.48
C CYS G 129 -22.07 25.31 -28.01
N VAL G 130 -23.11 24.66 -27.50
CA VAL G 130 -23.49 24.84 -26.11
C VAL G 130 -23.63 23.49 -25.45
N GLY G 131 -23.31 22.43 -26.18
CA GLY G 131 -23.53 21.09 -25.65
C GLY G 131 -22.53 20.10 -26.19
N LEU G 132 -22.16 19.17 -25.31
CA LEU G 132 -21.14 18.18 -25.56
C LEU G 132 -21.33 17.02 -24.59
N GLU G 133 -21.27 15.81 -25.12
CA GLU G 133 -21.24 14.63 -24.26
C GLU G 133 -20.31 13.60 -24.89
N ILE G 134 -19.39 13.09 -24.08
CA ILE G 134 -18.41 12.09 -24.51
C ILE G 134 -19.09 10.72 -24.38
N GLY G 135 -19.00 9.94 -25.45
CA GLY G 135 -19.38 8.54 -25.37
C GLY G 135 -18.19 7.61 -25.41
N ARG G 136 -18.19 6.65 -24.48
CA ARG G 136 -17.13 5.65 -24.41
C ARG G 136 -17.75 4.27 -24.31
N GLY G 137 -17.33 3.38 -25.21
CA GLY G 137 -17.93 2.07 -25.26
C GLY G 137 -17.17 1.00 -24.50
N GLN G 138 -15.88 1.21 -24.32
CA GLN G 138 -15.07 0.16 -23.72
C GLN G 138 -15.23 0.14 -22.21
N PRO G 139 -15.28 -1.04 -21.61
CA PRO G 139 -15.11 -1.15 -20.17
C PRO G 139 -13.71 -0.77 -19.73
N LEU G 140 -13.57 -0.60 -18.41
CA LEU G 140 -12.31 -0.22 -17.81
C LEU G 140 -11.27 -1.33 -17.98
N GLY G 141 -10.05 -0.94 -18.32
CA GLY G 141 -8.99 -1.90 -18.53
C GLY G 141 -7.67 -1.22 -18.81
N VAL G 142 -6.59 -1.92 -18.48
CA VAL G 142 -5.23 -1.42 -18.67
C VAL G 142 -4.37 -2.51 -19.29
N GLY G 143 -3.34 -2.08 -20.02
CA GLY G 143 -2.41 -3.01 -20.63
C GLY G 143 -0.99 -2.49 -20.52
N VAL G 144 -0.04 -3.36 -20.89
CA VAL G 144 1.38 -3.10 -20.67
C VAL G 144 2.11 -3.01 -22.01
N SER G 145 3.38 -2.62 -21.93
CA SER G 145 4.28 -2.64 -23.08
C SER G 145 5.71 -2.73 -22.53
N GLY G 146 6.54 -3.53 -23.19
CA GLY G 146 7.88 -3.83 -22.71
C GLY G 146 8.93 -3.89 -23.79
N HIS G 147 9.96 -4.69 -23.56
CA HIS G 147 11.15 -4.74 -24.40
C HIS G 147 11.94 -6.00 -24.10
N PRO G 148 12.27 -6.80 -25.11
CA PRO G 148 13.04 -8.03 -24.87
C PRO G 148 14.54 -7.88 -25.01
N TYR G 149 15.04 -6.75 -25.51
CA TYR G 149 16.47 -6.45 -25.48
C TYR G 149 16.67 -5.20 -24.64
N LEU G 150 15.96 -5.14 -23.52
CA LEU G 150 15.93 -3.96 -22.69
C LEU G 150 17.22 -3.76 -21.91
N ASN G 151 17.75 -2.55 -21.99
CA ASN G 151 18.96 -2.17 -21.28
C ASN G 151 18.64 -2.02 -19.80
N LYS G 152 19.18 -2.91 -18.97
CA LYS G 152 19.21 -2.74 -17.53
C LYS G 152 20.54 -3.28 -17.05
N PHE G 153 21.25 -2.49 -16.25
CA PHE G 153 22.47 -3.02 -15.64
C PHE G 153 22.15 -3.88 -14.42
N ASP G 154 21.56 -3.26 -13.40
CA ASP G 154 21.33 -3.93 -12.13
C ASP G 154 20.08 -3.38 -11.46
N ASP G 155 19.76 -3.97 -10.32
CA ASP G 155 18.76 -3.44 -9.40
C ASP G 155 19.47 -2.69 -8.27
N THR G 156 18.80 -1.66 -7.75
CA THR G 156 19.43 -0.79 -6.76
C THR G 156 18.51 -0.44 -5.60
N GLU G 157 17.38 -1.10 -5.46
CA GLU G 157 16.45 -0.76 -4.41
C GLU G 157 16.75 -1.49 -3.10
N THR G 158 17.49 -2.59 -3.17
CA THR G 158 17.85 -3.35 -1.98
C THR G 158 19.36 -3.36 -1.71
N SER G 159 20.15 -3.84 -2.66
CA SER G 159 21.59 -3.97 -2.47
C SER G 159 22.28 -4.10 -3.83
N ASN G 160 23.56 -3.75 -3.88
CA ASN G 160 24.39 -3.95 -5.06
C ASN G 160 25.85 -4.10 -4.62
N ARG G 161 26.31 -5.35 -4.53
CA ARG G 161 27.66 -5.65 -4.05
C ARG G 161 28.73 -5.25 -5.08
N TYR G 162 29.98 -5.50 -4.70
CA TYR G 162 31.19 -5.25 -5.43
C TYR G 162 32.00 -6.54 -5.56
N PRO G 163 32.88 -6.67 -6.57
CA PRO G 163 33.36 -5.82 -7.67
C PRO G 163 32.57 -5.92 -8.97
N ALA G 164 33.19 -5.46 -10.05
CA ALA G 164 32.53 -5.36 -11.34
C ALA G 164 32.59 -6.67 -12.12
N GLN G 165 31.43 -7.11 -12.59
CA GLN G 165 31.25 -8.28 -13.43
C GLN G 165 31.52 -8.12 -14.94
N PRO G 166 31.21 -6.99 -15.56
CA PRO G 166 30.50 -7.02 -16.85
C PRO G 166 31.35 -7.49 -18.03
N GLY G 167 30.64 -7.84 -19.10
CA GLY G 167 31.26 -8.28 -20.34
C GLY G 167 30.95 -7.37 -21.51
N SER G 168 30.44 -7.95 -22.60
CA SER G 168 30.18 -7.18 -23.82
C SER G 168 28.85 -6.44 -23.77
N ASP G 169 27.75 -7.19 -23.66
CA ASP G 169 26.41 -6.62 -23.63
C ASP G 169 25.49 -7.47 -22.75
N ASN G 170 24.62 -6.78 -22.03
CA ASN G 170 23.78 -7.41 -21.00
C ASN G 170 22.35 -6.88 -21.02
N ARG G 171 21.78 -6.75 -22.21
CA ARG G 171 20.38 -6.34 -22.33
C ARG G 171 19.46 -7.52 -22.03
N GLU G 172 18.32 -7.22 -21.42
CA GLU G 172 17.42 -8.21 -20.86
C GLU G 172 16.00 -8.00 -21.38
N CYS G 173 15.05 -8.77 -20.84
CA CYS G 173 13.64 -8.62 -21.20
C CYS G 173 12.84 -8.15 -20.00
N LEU G 174 12.22 -6.98 -20.12
CA LEU G 174 11.26 -6.58 -19.11
C LEU G 174 10.04 -5.94 -19.77
N SER G 175 8.93 -6.05 -19.06
CA SER G 175 7.75 -5.26 -19.33
C SER G 175 7.65 -4.17 -18.28
N MET G 176 6.87 -3.15 -18.59
CA MET G 176 6.56 -2.11 -17.62
C MET G 176 5.22 -1.50 -17.98
N ASP G 177 4.75 -0.64 -17.10
CA ASP G 177 3.54 0.12 -17.36
C ASP G 177 3.75 1.56 -16.92
N TYR G 178 2.75 2.39 -17.17
CA TYR G 178 2.95 3.80 -17.42
C TYR G 178 1.95 4.65 -16.65
N LYS G 179 1.88 5.91 -17.08
CA LYS G 179 1.15 6.96 -16.40
C LYS G 179 -0.36 6.71 -16.45
N GLN G 180 -1.05 7.06 -15.36
CA GLN G 180 -2.51 7.11 -15.38
C GLN G 180 -2.97 8.53 -15.72
N THR G 181 -3.80 8.66 -16.75
CA THR G 181 -4.27 9.99 -17.12
C THR G 181 -5.69 9.95 -17.67
N GLN G 182 -6.30 11.14 -17.69
CA GLN G 182 -7.50 11.47 -18.43
C GLN G 182 -7.39 12.93 -18.81
N LEU G 183 -7.65 13.26 -20.08
CA LEU G 183 -7.44 14.61 -20.54
C LEU G 183 -8.33 14.88 -21.75
N CYS G 184 -8.49 16.17 -22.06
CA CYS G 184 -9.36 16.59 -23.15
C CYS G 184 -9.03 18.02 -23.52
N LEU G 185 -9.51 18.45 -24.70
CA LEU G 185 -9.32 19.81 -25.18
C LEU G 185 -10.41 20.12 -26.21
N ILE G 186 -10.88 21.37 -26.18
CA ILE G 186 -11.80 21.87 -27.19
C ILE G 186 -11.18 23.13 -27.79
N GLY G 187 -11.17 23.22 -29.12
CA GLY G 187 -10.68 24.41 -29.80
C GLY G 187 -10.84 24.37 -31.31
N CYS G 188 -11.34 25.47 -31.88
CA CYS G 188 -11.64 25.56 -33.31
C CYS G 188 -10.39 25.62 -34.16
N LYS G 189 -9.43 26.48 -33.83
CA LYS G 189 -8.12 26.41 -34.43
C LYS G 189 -7.42 25.14 -33.99
N PRO G 190 -6.59 24.56 -34.85
CA PRO G 190 -5.80 23.41 -34.43
C PRO G 190 -4.73 23.83 -33.44
N PRO G 191 -4.46 23.00 -32.44
CA PRO G 191 -3.42 23.35 -31.46
C PRO G 191 -2.05 22.81 -31.82
N THR G 192 -1.04 23.31 -31.11
CA THR G 192 0.33 22.88 -31.29
C THR G 192 0.69 21.84 -30.23
N GLY G 193 1.95 21.48 -30.14
CA GLY G 193 2.45 20.70 -29.02
C GLY G 193 3.96 20.55 -29.11
N GLU G 194 4.62 20.85 -28.01
CA GLU G 194 6.07 21.01 -27.99
C GLU G 194 6.73 19.66 -27.75
N HIS G 195 8.00 19.60 -28.15
CA HIS G 195 8.83 18.42 -27.91
C HIS G 195 10.28 18.82 -28.02
N TRP G 196 11.14 17.98 -27.49
CA TRP G 196 12.57 18.25 -27.46
C TRP G 196 13.27 17.49 -28.58
N GLY G 197 14.39 18.04 -29.03
CA GLY G 197 15.20 17.36 -30.02
C GLY G 197 16.57 18.00 -30.11
N LYS G 198 17.48 17.27 -30.75
CA LYS G 198 18.85 17.73 -30.92
C LYS G 198 18.89 18.97 -31.82
N GLY G 199 19.87 19.82 -31.56
CA GLY G 199 20.02 21.02 -32.35
C GLY G 199 21.44 21.24 -32.84
N VAL G 200 21.68 22.39 -33.44
CA VAL G 200 22.98 22.75 -33.97
C VAL G 200 23.74 23.53 -32.91
N ALA G 201 24.92 23.05 -32.58
CA ALA G 201 25.76 23.65 -31.55
C ALA G 201 26.86 24.49 -32.21
N CYS G 202 27.54 25.27 -31.40
CA CYS G 202 28.68 26.07 -31.82
C CYS G 202 29.87 25.14 -32.01
N ASN G 203 30.58 25.30 -33.12
CA ASN G 203 31.80 24.56 -33.37
C ASN G 203 33.03 25.43 -33.19
N ASN G 204 32.87 26.59 -32.58
CA ASN G 204 33.98 27.51 -32.38
C ASN G 204 34.60 27.29 -31.00
N ASN G 205 33.91 26.55 -30.15
CA ASN G 205 34.44 26.18 -28.85
C ASN G 205 35.18 24.85 -28.93
N ALA G 206 36.25 24.71 -28.15
CA ALA G 206 36.96 23.44 -28.05
C ALA G 206 36.30 22.61 -26.95
N ALA G 207 35.20 21.96 -27.33
CA ALA G 207 34.33 21.28 -26.40
C ALA G 207 35.01 20.00 -25.90
N ALA G 208 35.53 20.05 -24.67
CA ALA G 208 36.02 18.86 -24.01
C ALA G 208 34.89 17.88 -23.71
N THR G 209 33.70 18.37 -23.41
CA THR G 209 32.50 17.56 -23.41
C THR G 209 32.11 17.24 -24.85
N ASP G 210 31.38 16.14 -25.02
CA ASP G 210 30.92 15.74 -26.34
C ASP G 210 29.40 15.62 -26.38
N CYS G 211 28.72 16.28 -25.46
CA CYS G 211 27.28 16.23 -25.39
C CYS G 211 26.65 17.14 -26.44
N PRO G 212 25.69 16.62 -27.19
CA PRO G 212 24.97 17.46 -28.15
C PRO G 212 23.94 18.31 -27.43
N PRO G 213 23.54 19.45 -28.01
CA PRO G 213 22.56 20.30 -27.36
C PRO G 213 21.15 19.77 -27.60
N LEU G 214 20.19 20.38 -26.91
CA LEU G 214 18.81 19.94 -26.95
C LEU G 214 17.92 21.16 -27.13
N GLU G 215 17.06 21.12 -28.12
CA GLU G 215 16.18 22.26 -28.37
C GLU G 215 14.73 21.80 -28.32
N LEU G 216 13.89 22.67 -27.77
CA LEU G 216 12.45 22.47 -27.77
C LEU G 216 11.94 22.80 -29.16
N PHE G 217 11.12 21.91 -29.70
CA PHE G 217 10.53 22.13 -31.00
C PHE G 217 9.01 22.09 -30.83
N ASN G 218 8.39 23.24 -31.03
CA ASN G 218 6.98 23.46 -30.74
C ASN G 218 6.18 22.95 -31.94
N SER G 219 6.05 21.63 -32.02
CA SER G 219 5.45 20.97 -33.17
C SER G 219 3.93 21.15 -33.16
N ILE G 220 3.29 20.73 -34.25
CA ILE G 220 1.84 20.74 -34.36
C ILE G 220 1.35 19.31 -34.28
N ILE G 221 0.46 19.04 -33.33
CA ILE G 221 0.05 17.68 -33.00
C ILE G 221 -0.85 17.10 -34.09
N GLU G 222 -0.46 15.94 -34.63
CA GLU G 222 -1.27 15.26 -35.62
C GLU G 222 -2.22 14.31 -34.89
N ASP G 223 -2.89 13.44 -35.64
CA ASP G 223 -3.65 12.38 -35.00
C ASP G 223 -2.83 11.10 -34.98
N GLY G 224 -2.86 10.39 -33.85
CA GLY G 224 -2.14 9.16 -33.69
C GLY G 224 -0.68 9.31 -33.32
N ASP G 225 -0.18 10.54 -33.19
CA ASP G 225 1.15 10.71 -32.63
C ASP G 225 1.09 10.63 -31.11
N MET G 226 2.26 10.70 -30.48
CA MET G 226 2.40 10.17 -29.13
C MET G 226 2.46 11.30 -28.09
N VAL G 227 1.76 11.08 -26.98
CA VAL G 227 1.78 11.96 -25.82
C VAL G 227 2.96 11.54 -24.95
N ASP G 228 3.39 12.45 -24.07
CA ASP G 228 4.49 12.14 -23.16
C ASP G 228 4.09 11.08 -22.15
N THR G 229 5.09 10.36 -21.65
CA THR G 229 4.87 9.24 -20.75
C THR G 229 5.69 9.45 -19.48
N GLY G 230 6.71 10.30 -19.55
CA GLY G 230 7.55 10.59 -18.42
C GLY G 230 9.00 10.18 -18.55
N PHE G 231 9.53 10.08 -19.76
CA PHE G 231 10.93 9.78 -19.98
C PHE G 231 11.62 10.88 -20.78
N GLY G 232 11.26 12.13 -20.56
CA GLY G 232 11.71 13.22 -21.39
C GLY G 232 10.87 13.38 -22.63
N CYS G 233 10.53 14.64 -22.94
CA CYS G 233 9.63 14.93 -24.06
C CYS G 233 10.45 15.15 -25.34
N MET G 234 11.26 14.15 -25.63
CA MET G 234 12.30 14.22 -26.64
C MET G 234 11.97 13.31 -27.81
N ASP G 235 12.78 13.40 -28.86
CA ASP G 235 12.76 12.41 -29.92
C ASP G 235 13.45 11.16 -29.40
N PHE G 236 13.06 9.99 -29.91
CA PHE G 236 13.71 8.76 -29.50
C PHE G 236 14.35 8.03 -30.67
N GLY G 237 14.14 8.51 -31.89
CA GLY G 237 14.84 7.97 -33.03
C GLY G 237 16.25 8.49 -33.11
N THR G 238 16.40 9.82 -33.10
CA THR G 238 17.71 10.44 -33.22
C THR G 238 18.46 10.58 -31.90
N LEU G 239 17.85 10.22 -30.78
CA LEU G 239 18.46 10.47 -29.49
C LEU G 239 18.74 9.20 -28.69
N GLN G 240 18.11 8.08 -29.02
CA GLN G 240 18.45 6.80 -28.39
C GLN G 240 19.16 5.95 -29.45
N ALA G 241 20.48 6.10 -29.50
CA ALA G 241 21.28 5.37 -30.48
C ALA G 241 21.29 3.87 -30.21
N ASN G 242 21.18 3.48 -28.94
CA ASN G 242 21.06 2.08 -28.59
C ASN G 242 19.77 1.44 -29.10
N LYS G 243 18.68 2.21 -29.14
CA LYS G 243 17.35 1.79 -29.61
C LYS G 243 16.77 0.61 -28.84
N SER G 244 17.36 0.27 -27.70
CA SER G 244 17.06 -0.95 -26.96
C SER G 244 17.02 -0.62 -25.48
N ASP G 245 16.67 0.63 -25.17
CA ASP G 245 16.52 1.10 -23.82
C ASP G 245 15.17 1.73 -23.58
N VAL G 246 14.52 2.21 -24.63
CA VAL G 246 13.23 2.90 -24.58
C VAL G 246 12.31 1.94 -25.35
N PRO G 247 11.02 1.86 -25.04
CA PRO G 247 10.16 0.89 -25.74
C PRO G 247 10.08 1.14 -27.25
N ILE G 248 9.91 0.03 -27.97
CA ILE G 248 9.86 -0.01 -29.42
C ILE G 248 8.77 0.85 -30.01
N ASP G 249 7.64 0.98 -29.31
CA ASP G 249 6.51 1.72 -29.80
C ASP G 249 6.80 3.22 -29.88
N ILE G 250 7.70 3.71 -29.04
CA ILE G 250 7.98 5.13 -28.92
C ILE G 250 9.38 5.43 -29.43
N CYS G 251 10.21 4.40 -29.58
CA CYS G 251 11.59 4.57 -30.00
C CYS G 251 11.72 5.06 -31.44
N ASN G 252 10.71 4.87 -32.27
CA ASN G 252 10.71 5.42 -33.61
C ASN G 252 9.62 6.47 -33.71
N SER G 253 9.39 7.18 -32.62
CA SER G 253 8.42 8.26 -32.59
C SER G 253 8.92 9.31 -31.61
N THR G 254 8.03 10.23 -31.26
CA THR G 254 8.38 11.36 -30.38
C THR G 254 7.13 11.67 -29.55
N CYS G 255 7.33 11.78 -28.24
CA CYS G 255 6.23 11.99 -27.31
C CYS G 255 6.08 13.49 -27.04
N LYS G 256 4.84 13.92 -26.74
CA LYS G 256 4.54 15.33 -26.67
C LYS G 256 3.76 15.68 -25.40
N TYR G 257 3.74 16.98 -25.07
CA TYR G 257 3.06 17.59 -23.94
C TYR G 257 2.45 18.89 -24.44
N PRO G 258 1.43 19.45 -23.80
CA PRO G 258 0.91 20.74 -24.23
C PRO G 258 1.53 21.90 -23.44
N ASP G 259 1.75 23.00 -24.14
CA ASP G 259 2.28 24.22 -23.56
C ASP G 259 1.10 25.12 -23.24
N TYR G 260 0.46 24.84 -22.11
CA TYR G 260 -0.78 25.48 -21.71
C TYR G 260 -0.63 26.98 -21.57
N LEU G 261 0.52 27.45 -21.08
CA LEU G 261 0.79 28.87 -20.95
C LEU G 261 1.04 29.54 -22.29
N LYS G 262 1.69 28.87 -23.22
CA LYS G 262 1.75 29.39 -24.57
C LYS G 262 0.44 29.16 -25.29
N MET G 263 -0.32 28.14 -24.88
CA MET G 263 -1.70 28.05 -25.29
C MET G 263 -2.53 29.11 -24.58
N ALA G 264 -2.07 29.59 -23.43
CA ALA G 264 -2.71 30.75 -22.83
C ALA G 264 -2.22 32.05 -23.45
N SER G 265 -1.12 32.01 -24.20
CA SER G 265 -0.61 33.23 -24.82
C SER G 265 -1.05 33.38 -26.26
N GLU G 266 -2.14 32.73 -26.66
CA GLU G 266 -2.75 33.05 -27.94
C GLU G 266 -3.75 34.18 -27.72
N PRO G 267 -3.76 35.20 -28.62
CA PRO G 267 -4.63 36.36 -28.42
C PRO G 267 -6.11 36.04 -28.43
N TYR G 268 -6.57 35.37 -29.48
CA TYR G 268 -7.98 35.07 -29.63
C TYR G 268 -8.43 33.93 -28.73
N GLY G 269 -7.65 32.86 -28.64
CA GLY G 269 -8.05 31.68 -27.90
C GLY G 269 -8.95 30.77 -28.70
N ASP G 270 -8.49 30.33 -29.87
CA ASP G 270 -9.30 29.54 -30.79
C ASP G 270 -8.84 28.10 -30.86
N SER G 271 -7.65 27.84 -30.33
CA SER G 271 -7.24 26.46 -30.13
C SER G 271 -7.65 25.93 -28.76
N LEU G 272 -8.01 26.80 -27.83
CA LEU G 272 -8.53 26.40 -26.53
C LEU G 272 -9.91 27.01 -26.34
N PHE G 273 -10.90 26.15 -26.15
CA PHE G 273 -12.19 26.56 -25.61
C PHE G 273 -12.42 26.03 -24.21
N PHE G 274 -12.03 24.77 -23.95
CA PHE G 274 -12.03 24.20 -22.62
C PHE G 274 -11.09 23.01 -22.59
N PHE G 275 -10.55 22.70 -21.41
CA PHE G 275 -9.71 21.55 -21.21
C PHE G 275 -9.92 21.06 -19.79
N LEU G 276 -9.52 19.82 -19.54
CA LEU G 276 -9.30 19.28 -18.20
C LEU G 276 -8.19 18.25 -18.26
N ARG G 277 -7.64 17.92 -17.09
CA ARG G 277 -6.68 16.84 -17.00
C ARG G 277 -6.72 16.23 -15.60
N ARG G 278 -6.69 14.91 -15.54
CA ARG G 278 -6.76 14.19 -14.28
C ARG G 278 -5.74 13.06 -14.29
N GLU G 279 -4.75 13.15 -13.40
CA GLU G 279 -3.56 12.33 -13.47
C GLU G 279 -3.08 11.95 -12.07
N GLN G 280 -2.51 10.75 -11.96
CA GLN G 280 -1.94 10.24 -10.72
C GLN G 280 -0.87 9.21 -11.06
N MET G 281 0.18 9.17 -10.24
CA MET G 281 1.34 8.33 -10.52
C MET G 281 2.20 8.15 -9.27
N PHE G 282 2.70 6.94 -9.06
CA PHE G 282 3.85 6.73 -8.19
C PHE G 282 4.74 5.67 -8.81
N VAL G 283 5.95 5.60 -8.31
CA VAL G 283 7.00 4.79 -8.90
C VAL G 283 7.22 3.52 -8.08
N ARG G 284 7.28 2.38 -8.76
CA ARG G 284 7.53 1.11 -8.10
C ARG G 284 8.99 0.69 -8.10
N HIS G 285 9.65 0.62 -9.25
CA HIS G 285 10.96 -0.01 -9.31
C HIS G 285 12.01 1.00 -9.78
N PHE G 286 13.26 0.55 -9.71
CA PHE G 286 14.45 1.37 -9.90
C PHE G 286 15.53 0.52 -10.52
N PHE G 287 16.07 0.97 -11.65
CA PHE G 287 17.06 0.19 -12.39
C PHE G 287 18.03 1.15 -13.06
N ASN G 288 19.17 0.63 -13.50
CA ASN G 288 20.22 1.47 -14.02
C ASN G 288 20.78 0.92 -15.32
N ARG G 289 21.59 1.74 -15.97
CA ARG G 289 22.17 1.42 -17.27
C ARG G 289 23.65 1.11 -17.14
N ALA G 290 24.24 0.71 -18.26
CA ALA G 290 25.65 0.36 -18.35
C ALA G 290 26.29 1.10 -19.51
N GLY G 291 27.51 0.69 -19.85
CA GLY G 291 28.22 1.26 -20.97
C GLY G 291 29.12 2.41 -20.55
N LYS G 292 29.81 2.94 -21.54
CA LYS G 292 30.73 4.05 -21.31
C LYS G 292 29.93 5.30 -20.99
N LEU G 293 29.92 5.68 -19.72
CA LEU G 293 29.17 6.86 -19.31
C LEU G 293 29.89 8.11 -19.81
N GLY G 294 29.11 9.15 -20.11
CA GLY G 294 29.61 10.35 -20.76
C GLY G 294 30.69 11.11 -20.03
N GLU G 295 30.40 11.58 -18.82
CA GLU G 295 31.38 12.29 -18.01
C GLU G 295 31.71 11.45 -16.79
N ALA G 296 32.96 11.54 -16.34
CA ALA G 296 33.41 10.77 -15.19
C ALA G 296 33.14 11.51 -13.89
N VAL G 297 33.39 10.82 -12.79
CA VAL G 297 33.17 11.42 -11.46
C VAL G 297 34.45 12.15 -11.03
N PRO G 298 34.34 13.33 -10.41
CA PRO G 298 35.52 13.95 -9.80
C PRO G 298 35.90 13.22 -8.52
N ASP G 299 37.18 12.85 -8.47
CA ASP G 299 37.74 11.98 -7.43
C ASP G 299 37.69 12.60 -6.03
N ASP G 300 37.63 13.92 -5.92
CA ASP G 300 37.83 14.62 -4.67
C ASP G 300 36.53 14.85 -3.89
N LEU G 301 35.50 14.06 -4.15
CA LEU G 301 34.28 14.13 -3.37
C LEU G 301 33.96 12.82 -2.66
N TYR G 302 34.92 11.91 -2.57
CA TYR G 302 34.72 10.63 -1.91
C TYR G 302 36.08 10.08 -1.52
N ILE G 303 36.07 8.89 -0.94
CA ILE G 303 37.27 8.12 -0.69
C ILE G 303 37.22 6.89 -1.59
N LYS G 304 38.38 6.42 -2.03
CA LYS G 304 38.43 5.27 -2.91
C LYS G 304 38.72 4.01 -2.09
N GLY G 305 38.83 2.88 -2.77
CA GLY G 305 39.14 1.64 -2.08
C GLY G 305 39.59 0.57 -3.05
N SER G 306 39.67 -0.66 -2.54
CA SER G 306 40.14 -1.78 -3.35
C SER G 306 39.61 -3.08 -2.75
N GLY G 307 40.17 -4.18 -3.23
CA GLY G 307 39.65 -5.49 -2.89
C GLY G 307 38.51 -5.78 -3.83
N ASN G 308 37.30 -5.63 -3.34
CA ASN G 308 36.14 -5.57 -4.22
C ASN G 308 35.80 -4.13 -4.59
N THR G 309 36.31 -3.15 -3.85
CA THR G 309 35.91 -1.75 -4.00
C THR G 309 36.84 -1.00 -4.93
N ALA G 310 37.43 -1.68 -5.92
CA ALA G 310 38.53 -1.11 -6.69
C ALA G 310 38.04 -0.06 -7.70
N VAL G 311 37.21 -0.47 -8.65
CA VAL G 311 36.79 0.41 -9.74
C VAL G 311 35.41 0.99 -9.43
N ILE G 312 35.09 2.12 -10.07
CA ILE G 312 33.82 2.79 -9.82
C ILE G 312 32.74 2.11 -10.65
N GLN G 313 31.51 2.15 -10.16
CA GLN G 313 30.38 1.59 -10.90
C GLN G 313 29.53 2.70 -11.50
N SER G 314 28.89 2.40 -12.62
CA SER G 314 28.15 3.41 -13.38
C SER G 314 26.89 3.85 -12.64
N SER G 315 26.73 5.16 -12.49
CA SER G 315 25.58 5.74 -11.82
C SER G 315 24.49 6.14 -12.80
N ALA G 316 24.40 5.46 -13.94
CA ALA G 316 23.44 5.77 -14.99
C ALA G 316 22.10 5.14 -14.62
N PHE G 317 21.39 5.73 -13.67
CA PHE G 317 20.12 5.21 -13.21
C PHE G 317 18.99 5.70 -14.08
N PHE G 318 17.77 5.29 -13.72
CA PHE G 318 16.50 5.77 -14.26
C PHE G 318 15.38 5.23 -13.38
N PRO G 319 14.31 5.99 -13.16
CA PRO G 319 13.18 5.44 -12.41
C PRO G 319 12.21 4.70 -13.30
N THR G 320 11.20 4.05 -12.70
CA THR G 320 10.18 3.33 -13.45
C THR G 320 8.79 3.76 -12.98
N PRO G 321 7.98 4.32 -13.87
CA PRO G 321 6.61 4.70 -13.49
C PRO G 321 5.74 3.48 -13.23
N SER G 322 4.77 3.67 -12.34
CA SER G 322 3.81 2.61 -12.07
C SER G 322 2.39 3.11 -11.96
N GLY G 323 2.13 4.40 -12.20
CA GLY G 323 0.79 4.94 -12.17
C GLY G 323 0.18 4.90 -10.78
N SER G 324 -1.07 4.47 -10.74
CA SER G 324 -1.83 4.31 -9.51
C SER G 324 -2.90 3.26 -9.77
N ILE G 325 -3.88 3.17 -8.87
CA ILE G 325 -5.01 2.28 -9.14
C ILE G 325 -5.86 2.90 -10.24
N VAL G 326 -6.52 2.04 -11.00
CA VAL G 326 -7.40 2.49 -12.07
C VAL G 326 -8.83 2.30 -11.57
N THR G 327 -9.44 3.39 -11.14
CA THR G 327 -10.76 3.38 -10.54
C THR G 327 -11.78 3.96 -11.51
N SER G 328 -13.04 3.62 -11.28
CA SER G 328 -14.13 4.29 -11.98
C SER G 328 -14.75 5.38 -11.13
N GLU G 329 -14.32 5.54 -9.88
CA GLU G 329 -14.99 6.44 -8.96
C GLU G 329 -14.62 7.90 -9.21
N SER G 330 -13.72 8.17 -10.14
CA SER G 330 -13.34 9.52 -10.52
C SER G 330 -13.21 9.63 -12.03
N GLN G 331 -14.12 8.96 -12.75
CA GLN G 331 -14.17 9.09 -14.19
C GLN G 331 -14.64 10.48 -14.57
N LEU G 332 -14.23 10.94 -15.75
CA LEU G 332 -14.71 12.20 -16.27
C LEU G 332 -15.59 12.03 -17.49
N PHE G 333 -15.65 10.83 -18.07
CA PHE G 333 -16.49 10.56 -19.22
C PHE G 333 -17.94 10.43 -18.79
N ASN G 334 -18.81 10.36 -19.79
CA ASN G 334 -20.25 10.16 -19.67
C ASN G 334 -20.93 11.25 -18.86
N LYS G 335 -20.41 12.47 -18.90
CA LYS G 335 -20.91 13.57 -18.11
C LYS G 335 -21.14 14.79 -18.98
N PRO G 336 -22.27 15.48 -18.82
CA PRO G 336 -22.50 16.71 -19.57
C PRO G 336 -21.70 17.86 -18.96
N TYR G 337 -21.23 18.75 -19.83
CA TYR G 337 -20.49 19.92 -19.38
C TYR G 337 -21.07 21.13 -20.14
N TRP G 338 -21.94 21.85 -19.46
CA TRP G 338 -22.56 23.04 -20.03
C TRP G 338 -21.66 24.24 -19.74
N LEU G 339 -20.95 24.71 -20.75
CA LEU G 339 -20.00 25.80 -20.55
C LEU G 339 -20.79 27.09 -20.37
N GLN G 340 -20.66 27.68 -19.19
CA GLN G 340 -21.36 28.92 -18.89
C GLN G 340 -20.64 30.10 -19.53
N ARG G 341 -19.31 30.05 -19.54
CA ARG G 341 -18.50 31.18 -19.99
C ARG G 341 -17.11 30.62 -20.34
N ALA G 342 -16.69 30.81 -21.59
CA ALA G 342 -15.36 30.37 -21.98
C ALA G 342 -14.30 31.32 -21.43
N GLN G 343 -13.11 30.76 -21.19
CA GLN G 343 -12.10 31.44 -20.39
C GLN G 343 -11.42 32.57 -21.18
N GLY G 344 -11.42 32.50 -22.50
CA GLY G 344 -10.74 33.50 -23.30
C GLY G 344 -11.68 34.43 -24.05
N HIS G 345 -11.20 34.98 -25.17
CA HIS G 345 -12.01 35.87 -25.99
C HIS G 345 -12.99 35.14 -26.88
N ASN G 346 -12.57 34.06 -27.52
CA ASN G 346 -13.48 33.22 -28.30
C ASN G 346 -14.40 32.46 -27.36
N ASN G 347 -15.66 32.88 -27.30
CA ASN G 347 -16.60 32.26 -26.36
C ASN G 347 -17.32 31.08 -26.99
N GLY G 348 -16.57 30.11 -27.49
CA GLY G 348 -17.12 28.88 -28.00
C GLY G 348 -17.60 28.94 -29.44
N ILE G 349 -17.06 29.86 -30.24
CA ILE G 349 -17.56 30.02 -31.61
C ILE G 349 -16.54 29.46 -32.58
N CYS G 350 -17.00 28.58 -33.47
CA CYS G 350 -16.14 27.89 -34.42
C CYS G 350 -15.99 28.77 -35.65
N TRP G 351 -14.89 28.59 -36.36
CA TRP G 351 -14.65 29.35 -37.57
C TRP G 351 -14.24 28.42 -38.70
N GLY G 352 -14.77 28.70 -39.89
CA GLY G 352 -14.57 27.81 -41.01
C GLY G 352 -15.27 26.48 -40.88
N ASN G 353 -16.29 26.39 -40.02
CA ASN G 353 -17.17 25.22 -39.87
C ASN G 353 -16.39 23.97 -39.45
N GLN G 354 -15.66 24.10 -38.36
CA GLN G 354 -14.73 23.04 -37.97
C GLN G 354 -14.52 23.10 -36.47
N LEU G 355 -13.92 22.03 -35.95
CA LEU G 355 -13.49 21.91 -34.57
C LEU G 355 -12.57 20.71 -34.47
N PHE G 356 -11.56 20.80 -33.62
CA PHE G 356 -10.62 19.70 -33.43
C PHE G 356 -10.56 19.38 -31.94
N VAL G 357 -10.87 18.14 -31.60
CA VAL G 357 -10.95 17.69 -30.22
C VAL G 357 -10.07 16.45 -30.06
N THR G 358 -9.60 16.22 -28.83
CA THR G 358 -8.77 15.07 -28.55
C THR G 358 -9.00 14.56 -27.13
N VAL G 359 -8.55 13.33 -26.90
CA VAL G 359 -8.64 12.68 -25.61
C VAL G 359 -7.53 11.64 -25.53
N VAL G 360 -6.88 11.55 -24.36
CA VAL G 360 -5.95 10.47 -24.04
C VAL G 360 -6.38 9.90 -22.68
N ASP G 361 -6.63 8.60 -22.64
CA ASP G 361 -7.10 7.91 -21.44
C ASP G 361 -6.36 6.59 -21.31
N THR G 362 -6.04 6.20 -20.09
CA THR G 362 -5.38 4.94 -19.80
C THR G 362 -6.29 3.98 -19.04
N THR G 363 -7.46 4.45 -18.63
CA THR G 363 -8.40 3.60 -17.91
C THR G 363 -9.09 2.59 -18.81
N ARG G 364 -9.01 2.76 -20.12
CA ARG G 364 -9.67 1.89 -21.09
C ARG G 364 -8.64 1.23 -22.01
N SER G 365 -7.48 0.88 -21.46
CA SER G 365 -6.35 0.49 -22.29
C SER G 365 -5.96 -0.98 -22.14
N THR G 366 -6.93 -1.88 -22.03
CA THR G 366 -6.63 -3.29 -21.88
C THR G 366 -6.12 -3.89 -23.18
N ASN G 367 -5.63 -5.13 -23.10
CA ASN G 367 -4.98 -5.79 -24.21
C ASN G 367 -5.81 -6.97 -24.67
N MET G 368 -5.88 -7.16 -25.98
CA MET G 368 -6.69 -8.22 -26.59
C MET G 368 -5.77 -9.22 -27.27
N THR G 369 -5.42 -10.28 -26.56
CA THR G 369 -4.55 -11.32 -27.10
C THR G 369 -5.40 -12.33 -27.88
N LEU G 370 -4.74 -13.31 -28.48
CA LEU G 370 -5.43 -14.24 -29.37
C LEU G 370 -4.66 -15.56 -29.42
N CYS G 371 -5.36 -16.64 -29.08
CA CYS G 371 -4.77 -17.97 -29.01
C CYS G 371 -5.29 -18.82 -30.16
N THR G 372 -4.39 -19.24 -31.04
CA THR G 372 -4.73 -19.98 -32.26
C THR G 372 -3.95 -21.28 -32.32
N GLU G 373 -4.61 -22.39 -31.98
CA GLU G 373 -4.03 -23.71 -32.12
C GLU G 373 -3.98 -24.09 -33.59
N VAL G 374 -2.79 -24.43 -34.08
CA VAL G 374 -2.64 -24.80 -35.48
C VAL G 374 -2.77 -26.31 -35.69
N THR G 375 -2.61 -27.13 -34.66
CA THR G 375 -2.71 -28.57 -34.78
C THR G 375 -3.35 -29.14 -33.53
N LYS G 376 -4.52 -29.75 -33.70
CA LYS G 376 -5.26 -30.37 -32.60
C LYS G 376 -4.53 -31.62 -32.13
N GLU G 377 -4.31 -31.71 -30.82
CA GLU G 377 -3.86 -32.94 -30.18
C GLU G 377 -4.25 -32.89 -28.72
N GLY G 378 -4.67 -34.05 -28.18
CA GLY G 378 -5.03 -34.17 -26.78
C GLY G 378 -3.89 -34.11 -25.78
N THR G 379 -2.65 -34.01 -26.25
CA THR G 379 -1.50 -33.82 -25.39
C THR G 379 -0.81 -32.52 -25.78
N TYR G 380 -0.38 -31.77 -24.78
CA TYR G 380 -0.03 -30.36 -24.96
C TYR G 380 1.33 -30.21 -25.62
N LYS G 381 1.39 -29.36 -26.64
CA LYS G 381 2.64 -28.85 -27.20
C LYS G 381 2.56 -27.34 -27.25
N ASN G 382 3.64 -26.67 -26.84
CA ASN G 382 3.72 -25.22 -26.92
C ASN G 382 3.60 -24.72 -28.36
N ASP G 383 4.10 -25.50 -29.32
CA ASP G 383 4.22 -25.05 -30.70
C ASP G 383 3.02 -25.44 -31.55
N ASN G 384 1.84 -25.57 -30.96
CA ASN G 384 0.61 -25.60 -31.72
C ASN G 384 0.06 -24.21 -31.94
N PHE G 385 0.64 -23.20 -31.29
CA PHE G 385 -0.09 -21.97 -31.02
C PHE G 385 0.64 -20.77 -31.61
N LYS G 386 0.03 -20.19 -32.65
CA LYS G 386 0.46 -18.92 -33.22
C LYS G 386 -0.29 -17.84 -32.45
N GLU G 387 0.33 -17.36 -31.37
CA GLU G 387 -0.33 -16.41 -30.48
C GLU G 387 -0.31 -15.03 -31.12
N TYR G 388 -1.51 -14.47 -31.33
CA TYR G 388 -1.65 -13.14 -31.90
C TYR G 388 -2.16 -12.18 -30.82
N VAL G 389 -2.15 -10.88 -31.13
CA VAL G 389 -2.65 -9.86 -30.21
C VAL G 389 -3.33 -8.76 -31.02
N ARG G 390 -4.40 -8.18 -30.47
CA ARG G 390 -5.08 -7.04 -31.05
C ARG G 390 -5.32 -6.02 -29.95
N HIS G 391 -5.92 -4.90 -30.31
CA HIS G 391 -6.29 -3.88 -29.34
C HIS G 391 -7.41 -3.04 -29.90
N VAL G 392 -8.49 -2.90 -29.13
CA VAL G 392 -9.75 -2.33 -29.61
C VAL G 392 -10.06 -1.11 -28.76
N GLU G 393 -10.84 -0.18 -29.32
CA GLU G 393 -11.27 1.01 -28.60
C GLU G 393 -12.58 1.51 -29.20
N GLU G 394 -13.50 1.92 -28.33
CA GLU G 394 -14.84 2.35 -28.73
C GLU G 394 -15.14 3.75 -28.22
N TYR G 395 -15.61 4.60 -29.13
CA TYR G 395 -15.69 6.05 -28.94
C TYR G 395 -17.05 6.54 -29.43
N ASP G 396 -17.49 7.70 -28.90
CA ASP G 396 -18.67 8.41 -29.41
C ASP G 396 -18.70 9.85 -28.88
N LEU G 397 -19.48 10.71 -29.52
CA LEU G 397 -19.63 12.10 -29.09
C LEU G 397 -21.05 12.58 -29.33
N GLN G 398 -21.48 13.52 -28.49
CA GLN G 398 -22.75 14.23 -28.67
C GLN G 398 -22.48 15.72 -28.73
N PHE G 399 -23.41 16.47 -29.30
CA PHE G 399 -23.20 17.88 -29.57
C PHE G 399 -24.52 18.61 -29.67
N VAL G 400 -24.54 19.81 -29.10
CA VAL G 400 -25.69 20.71 -29.15
C VAL G 400 -25.13 22.09 -29.47
N PHE G 401 -25.75 22.80 -30.41
CA PHE G 401 -25.23 24.03 -30.94
C PHE G 401 -26.16 25.20 -30.65
N GLN G 402 -25.80 26.35 -31.22
CA GLN G 402 -26.64 27.54 -31.22
C GLN G 402 -26.19 28.41 -32.39
N LEU G 403 -27.12 28.78 -33.24
CA LEU G 403 -26.81 29.65 -34.36
C LEU G 403 -26.75 31.08 -33.84
N CYS G 404 -25.95 31.92 -34.50
CA CYS G 404 -25.79 33.31 -34.10
C CYS G 404 -25.71 34.19 -35.33
N LYS G 405 -26.22 35.41 -35.21
CA LYS G 405 -26.37 36.32 -36.32
C LYS G 405 -25.31 37.39 -36.28
N ILE G 406 -24.55 37.52 -37.36
CA ILE G 406 -23.54 38.55 -37.47
C ILE G 406 -23.90 39.49 -38.61
N THR G 407 -24.21 40.72 -38.26
CA THR G 407 -24.44 41.80 -39.23
C THR G 407 -23.07 42.34 -39.60
N LEU G 408 -22.76 42.31 -40.89
CA LEU G 408 -21.39 42.58 -41.34
C LEU G 408 -21.21 44.09 -41.46
N THR G 409 -20.92 44.74 -40.33
CA THR G 409 -20.73 46.18 -40.33
C THR G 409 -19.26 46.48 -40.64
N ALA G 410 -18.96 47.77 -40.85
CA ALA G 410 -17.61 48.19 -41.18
C ALA G 410 -16.63 47.96 -40.03
N GLU G 411 -17.08 48.19 -38.80
CA GLU G 411 -16.21 47.97 -37.64
C GLU G 411 -15.90 46.48 -37.48
N ILE G 412 -16.87 45.63 -37.81
CA ILE G 412 -16.64 44.20 -37.77
C ILE G 412 -15.78 43.76 -38.95
N MET G 413 -16.08 44.25 -40.16
CA MET G 413 -15.41 43.74 -41.35
C MET G 413 -13.94 44.13 -41.42
N THR G 414 -13.55 45.21 -40.74
CA THR G 414 -12.13 45.46 -40.55
C THR G 414 -11.54 44.67 -39.40
N TYR G 415 -12.38 44.22 -38.46
CA TYR G 415 -11.85 43.50 -37.31
C TYR G 415 -11.55 42.05 -37.68
N ILE G 416 -12.30 41.50 -38.64
CA ILE G 416 -12.27 40.07 -38.86
C ILE G 416 -11.37 39.68 -40.03
N HIS G 417 -11.46 40.41 -41.14
CA HIS G 417 -10.58 40.18 -42.28
C HIS G 417 -9.11 40.34 -41.89
N THR G 418 -8.81 41.35 -41.09
CA THR G 418 -7.50 41.47 -40.47
C THR G 418 -7.19 40.33 -39.53
N MET G 419 -8.18 39.88 -38.74
CA MET G 419 -7.99 38.70 -37.91
C MET G 419 -7.80 37.46 -38.76
N ASP G 420 -8.73 37.21 -39.68
CA ASP G 420 -8.62 36.07 -40.57
C ASP G 420 -9.42 36.35 -41.83
N SER G 421 -8.73 36.39 -42.95
CA SER G 421 -9.40 36.61 -44.23
C SER G 421 -10.11 35.36 -44.70
N ASN G 422 -9.74 34.20 -44.14
CA ASN G 422 -10.25 32.92 -44.61
C ASN G 422 -11.70 32.67 -44.23
N ILE G 423 -12.19 33.31 -43.18
CA ILE G 423 -13.63 33.27 -42.90
C ILE G 423 -14.37 34.40 -43.59
N LEU G 424 -13.73 35.10 -44.52
CA LEU G 424 -14.39 35.92 -45.52
C LEU G 424 -14.38 35.29 -46.91
N GLU G 425 -13.44 34.39 -47.19
CA GLU G 425 -13.34 33.85 -48.54
C GLU G 425 -14.46 32.85 -48.82
N ASP G 426 -14.88 32.12 -47.79
CA ASP G 426 -16.13 31.35 -47.86
C ASP G 426 -17.35 32.25 -47.88
N TRP G 427 -17.20 33.51 -47.50
CA TRP G 427 -18.29 34.47 -47.53
C TRP G 427 -18.30 35.32 -48.78
N GLN G 428 -17.11 35.47 -49.41
CA GLN G 428 -16.85 36.18 -50.69
C GLN G 428 -17.57 37.53 -50.81
N PHE G 429 -17.62 38.27 -49.71
CA PHE G 429 -18.13 39.64 -49.77
C PHE G 429 -17.02 40.52 -50.35
N GLY G 430 -17.27 41.02 -51.54
CA GLY G 430 -16.38 41.96 -52.20
C GLY G 430 -15.05 41.36 -52.59
N LEU G 431 -15.04 40.10 -53.02
CA LEU G 431 -13.83 39.43 -53.46
C LEU G 431 -14.00 38.97 -54.91
N THR G 432 -13.08 39.40 -55.77
CA THR G 432 -13.09 39.13 -57.21
C THR G 432 -12.74 37.68 -57.63
N PRO G 433 -11.78 36.96 -57.02
CA PRO G 433 -11.55 35.55 -57.45
C PRO G 433 -12.71 34.58 -57.24
N PRO G 434 -13.52 34.60 -56.16
CA PRO G 434 -14.53 33.52 -56.00
C PRO G 434 -15.67 33.54 -57.01
N PRO G 435 -15.98 34.69 -57.68
CA PRO G 435 -16.72 34.58 -58.95
C PRO G 435 -16.01 33.73 -59.99
N SER G 436 -14.80 34.15 -60.38
CA SER G 436 -14.06 33.48 -61.43
C SER G 436 -14.71 33.57 -62.79
N ALA G 437 -15.27 32.44 -63.24
CA ALA G 437 -15.90 32.35 -64.54
C ALA G 437 -16.75 31.10 -64.60
N SER G 438 -16.68 30.38 -65.73
CA SER G 438 -17.23 29.03 -65.78
C SER G 438 -16.47 28.13 -64.80
N LEU G 439 -17.24 27.37 -64.02
CA LEU G 439 -16.64 26.60 -62.93
C LEU G 439 -16.15 25.26 -63.48
N GLN G 440 -15.84 24.35 -62.57
CA GLN G 440 -15.19 23.10 -62.92
C GLN G 440 -16.11 22.18 -63.70
N ASP G 441 -15.55 21.59 -64.76
CA ASP G 441 -16.31 20.84 -65.76
C ASP G 441 -15.80 19.42 -65.81
N THR G 442 -16.62 18.50 -65.31
CA THR G 442 -16.16 17.14 -65.06
C THR G 442 -16.46 16.23 -66.24
N TYR G 443 -15.79 15.08 -66.27
CA TYR G 443 -16.01 14.04 -67.25
C TYR G 443 -16.94 12.97 -66.71
N ARG G 444 -17.03 11.87 -67.44
CA ARG G 444 -17.31 10.57 -66.85
C ARG G 444 -16.02 9.76 -66.92
N PHE G 445 -15.82 8.88 -65.95
CA PHE G 445 -14.51 8.26 -65.75
C PHE G 445 -14.22 7.25 -66.85
N VAL G 446 -13.12 7.48 -67.58
CA VAL G 446 -12.61 6.55 -68.59
C VAL G 446 -11.24 6.10 -68.12
N THR G 447 -11.02 4.79 -68.11
CA THR G 447 -9.83 4.19 -67.50
C THR G 447 -8.54 4.49 -68.26
N SER G 448 -8.42 4.10 -69.52
CA SER G 448 -7.16 4.18 -70.24
C SER G 448 -6.95 5.54 -70.93
N GLN G 449 -7.89 5.93 -71.79
CA GLN G 449 -7.77 7.17 -72.54
C GLN G 449 -8.24 8.33 -71.67
N ALA G 450 -8.43 9.52 -72.28
CA ALA G 450 -8.57 10.80 -71.59
C ALA G 450 -7.36 11.03 -70.68
N ILE G 451 -6.23 11.30 -71.35
CA ILE G 451 -4.84 11.13 -70.91
C ILE G 451 -4.51 11.70 -69.53
N THR G 452 -5.34 12.61 -69.00
CA THR G 452 -5.20 13.09 -67.65
C THR G 452 -5.42 11.96 -66.63
N CYS G 453 -4.94 12.19 -65.41
CA CYS G 453 -4.89 11.17 -64.39
C CYS G 453 -5.50 11.74 -63.11
N GLN G 454 -5.29 11.05 -61.99
CA GLN G 454 -5.86 11.40 -60.71
C GLN G 454 -4.95 12.32 -59.89
N LYS G 455 -4.14 13.13 -60.56
CA LYS G 455 -3.05 13.85 -59.91
C LYS G 455 -3.54 15.15 -59.29
N THR G 456 -2.68 15.75 -58.47
CA THR G 456 -2.96 16.99 -57.75
C THR G 456 -2.25 18.19 -58.38
N ALA G 457 -1.64 18.02 -59.54
CA ALA G 457 -1.21 19.16 -60.34
C ALA G 457 -2.37 19.99 -60.89
N PRO G 458 -3.58 19.45 -61.10
CA PRO G 458 -4.75 20.32 -61.13
C PRO G 458 -4.85 21.15 -59.84
N PRO G 459 -5.30 22.40 -59.95
CA PRO G 459 -5.24 23.31 -58.80
C PRO G 459 -6.26 22.94 -57.74
N LYS G 460 -5.83 23.12 -56.48
CA LYS G 460 -6.63 22.73 -55.33
C LYS G 460 -7.65 23.81 -55.04
N GLU G 461 -8.92 23.45 -54.84
CA GLU G 461 -9.90 24.43 -54.32
C GLU G 461 -9.67 24.79 -52.87
N LYS G 462 -8.90 24.00 -52.13
CA LYS G 462 -8.60 24.24 -50.73
C LYS G 462 -7.18 23.77 -50.49
N GLU G 463 -6.28 24.70 -50.18
CA GLU G 463 -4.88 24.41 -49.89
C GLU G 463 -4.53 24.94 -48.51
N ASP G 464 -3.92 24.08 -47.69
CA ASP G 464 -3.47 24.43 -46.35
C ASP G 464 -2.46 23.38 -45.93
N PRO G 465 -1.46 23.74 -45.12
CA PRO G 465 -0.55 22.71 -44.59
C PRO G 465 -1.21 21.73 -43.63
N LEU G 466 -2.42 21.99 -43.16
CA LEU G 466 -3.16 20.98 -42.41
C LEU G 466 -3.49 19.77 -43.26
N ASN G 467 -3.60 19.94 -44.58
CA ASN G 467 -3.75 18.81 -45.48
C ASN G 467 -2.53 17.92 -45.50
N LYS G 468 -1.35 18.47 -45.16
CA LYS G 468 -0.16 17.63 -45.06
C LYS G 468 -0.22 16.75 -43.83
N TYR G 469 -1.03 17.11 -42.85
CA TYR G 469 -1.20 16.25 -41.68
C TYR G 469 -2.48 15.43 -41.79
N THR G 470 -2.55 14.35 -41.03
CA THR G 470 -3.62 13.37 -41.14
C THR G 470 -4.40 13.30 -39.83
N PHE G 471 -5.73 13.39 -39.94
CA PHE G 471 -6.58 13.42 -38.76
C PHE G 471 -7.67 12.37 -38.84
N TRP G 472 -8.62 12.43 -37.91
CA TRP G 472 -9.84 11.64 -37.96
C TRP G 472 -10.94 12.56 -38.44
N GLU G 473 -11.37 12.37 -39.68
CA GLU G 473 -12.33 13.27 -40.29
C GLU G 473 -13.75 12.80 -39.99
N VAL G 474 -14.51 13.66 -39.33
CA VAL G 474 -15.80 13.27 -38.75
C VAL G 474 -16.87 14.17 -39.35
N ASN G 475 -17.77 13.58 -40.14
CA ASN G 475 -18.77 14.35 -40.89
C ASN G 475 -20.02 14.58 -40.04
N LEU G 476 -20.44 15.84 -39.94
CA LEU G 476 -21.68 16.18 -39.26
C LEU G 476 -22.52 17.12 -40.12
N LYS G 477 -22.30 17.10 -41.44
CA LYS G 477 -23.13 17.89 -42.33
C LYS G 477 -24.50 17.27 -42.59
N GLU G 478 -24.80 16.15 -41.95
CA GLU G 478 -26.04 15.43 -42.15
C GLU G 478 -26.70 15.00 -40.85
N LYS G 479 -26.04 15.13 -39.71
CA LYS G 479 -26.56 14.67 -38.43
C LYS G 479 -27.26 15.77 -37.65
N PHE G 480 -27.88 16.71 -38.33
CA PHE G 480 -28.50 17.82 -37.63
C PHE G 480 -29.97 17.54 -37.41
N SER G 481 -30.50 18.09 -36.32
CA SER G 481 -31.89 17.86 -35.96
C SER G 481 -32.37 19.03 -35.12
N ALA G 482 -33.56 19.53 -35.44
CA ALA G 482 -34.15 20.63 -34.69
C ALA G 482 -34.83 20.18 -33.41
N ASP G 483 -35.47 19.01 -33.42
CA ASP G 483 -36.12 18.46 -32.25
C ASP G 483 -35.09 17.70 -31.43
N LEU G 484 -35.00 18.03 -30.15
CA LEU G 484 -33.87 17.62 -29.32
C LEU G 484 -34.25 16.69 -28.18
N ASP G 485 -35.53 16.64 -27.80
CA ASP G 485 -36.01 15.86 -26.68
C ASP G 485 -35.90 14.35 -26.89
N GLN G 486 -35.72 13.91 -28.13
CA GLN G 486 -35.60 12.50 -28.45
C GLN G 486 -34.19 11.97 -28.24
N PHE G 487 -33.32 12.73 -27.59
CA PHE G 487 -31.96 12.36 -27.28
C PHE G 487 -31.73 12.52 -25.77
N PRO G 488 -30.88 11.69 -25.18
CA PRO G 488 -30.75 11.70 -23.70
C PRO G 488 -30.04 12.92 -23.15
N LEU G 489 -29.55 13.82 -23.99
CA LEU G 489 -28.98 15.07 -23.51
C LEU G 489 -29.88 16.27 -23.77
N GLY G 490 -30.80 16.15 -24.73
CA GLY G 490 -31.77 17.19 -24.99
C GLY G 490 -32.73 17.31 -23.83
N ARG G 491 -33.16 16.15 -23.30
CA ARG G 491 -33.89 16.15 -22.04
C ARG G 491 -33.03 16.64 -20.88
N LYS G 492 -31.73 16.33 -20.92
CA LYS G 492 -30.80 16.84 -19.92
C LYS G 492 -30.54 18.33 -20.09
N PHE G 493 -30.87 18.90 -21.25
CA PHE G 493 -30.73 20.32 -21.48
C PHE G 493 -31.91 21.13 -20.99
N LEU G 494 -33.13 20.65 -21.23
CA LEU G 494 -34.32 21.38 -20.83
C LEU G 494 -34.46 21.47 -19.32
N LEU G 495 -33.96 20.47 -18.58
CA LEU G 495 -33.85 20.63 -17.15
C LEU G 495 -32.71 21.59 -16.81
N GLN G 496 -31.62 21.55 -17.58
CA GLN G 496 -30.51 22.47 -17.38
C GLN G 496 -30.88 23.89 -17.75
N SER G 497 -31.56 24.08 -18.89
CA SER G 497 -32.01 25.40 -19.28
C SER G 497 -33.24 25.85 -18.52
N GLY G 498 -33.90 24.94 -17.79
CA GLY G 498 -35.13 25.26 -17.11
C GLY G 498 -36.27 25.45 -18.08
N LEU G 499 -36.31 24.61 -19.10
CA LEU G 499 -37.33 24.74 -20.15
C LEU G 499 -37.93 23.39 -20.51
#